data_8UIN
#
_entry.id   8UIN
#
_cell.length_a   1.00
_cell.length_b   1.00
_cell.length_c   1.00
_cell.angle_alpha   90.00
_cell.angle_beta   90.00
_cell.angle_gamma   90.00
#
_symmetry.space_group_name_H-M   'P 1'
#
loop_
_entity.id
_entity.type
_entity.pdbx_description
1 polymer Albicin
2 polymer 'Complement factor B Bb fragment'
3 polymer 'Complement C3 beta chain'
4 polymer "Complement C3b alpha' chain"
5 branched 2-acetamido-2-deoxy-beta-D-glucopyranose-(1-4)-2-acetamido-2-deoxy-beta-D-glucopyranose
6 non-polymer 2-acetamido-2-deoxy-beta-D-glucopyranose
#
loop_
_entity_poly.entity_id
_entity_poly.type
_entity_poly.pdbx_seq_one_letter_code
_entity_poly.pdbx_strand_id
1 'polypeptide(L)'
;ANNHIRTVLKLFRTIDLDDSKKSFYLTAAKYGIQTQLREPIIRIVGGYLPSTKLSEACVKNMISEVYEIEGDFYSKFSYA
CEDHAPYSVECLEDARDDYLTQLVELFKETKKCLRE
;
C,D
2 'polypeptide(L)'
;KIVLDPSGSMNIYLVLDGSDSIGASNFTGAKKCLVNLIEKVASYGVKPRYGLVTYATYPKIWVKVSEADSSNADWVTKQL
NEINYEDHKLKSGTNTKKALQAVYSMMSWPDDVPPEGWNRTRHVIILMTDGLHNMGGDPITVIDEIRDLLYIGKDRKNPR
EDYLDVYVFGVGPLVNQVNINALASKKDNEQHVFKVKDMENLEDVFYQMIDESQSLSLCGMVWEHRKG
;
J,X
3 'polypeptide(L)'
;SPMYSIITPNILRLESEETMVLEAHDAQGDVPVTVTVHDFPGKKLVLSSEKTVLTPATNHMGNVTFTIPANREFKSEKGR
NKFVTVQATFGTQVVEKVVLVSLQSGYLFIQTDKTIYTPGSTVLYRIFTVNHKLLPVGRTVMVNIENPEGIPVKQDSLSS
QNQLGVLPLSWDIPELVNMGQWKIRAYYENSPQQVFSTEFEVKEYVLPSFEVIVEPTEKFYYIYNEKGLEVTITARFLYG
KKVEGTAFVIFGIQDGEQRISLPESLKRIPIEDGSGEVVLSRKVLLDGVQNPRAEDLVGKSLYVSATVILHSGSDMVQAE
RSGIPIVTSPYQIHFTKTPKYFKPGMPFDLMVFVTNPDGSPAYRVPVAVQGEDTVQSLTQGDGVAKLSINTHPSQKPLSI
TVRTKKQELSEAEQATRTMQALPYSTVGNSNNYLHLSVLRTELRPGETLNVNFLLRMDRAHEAKIRYYTYLIMNKGRLLK
AGRQVREPGQDLVVLPLSITTDFIPSFRLVAYYTLIGASGQREVVADSVWVDVKDSCVGSLVVKSGQSEDRQPVPGQQMT
LKIEGDHGARVVLVAVDKGVFVLNKKNKLTQSKIWDVVEKADIGCTPGSGKDYAGVFSDAGLTFTSSSGQQTAQRAELQC
PQ
;
A,G
4 'polypeptide(L)'
;SNLDEDIIAEENIVSRSEFPESWLWNVEDLKEPPKNGISTKLMNIFLKDSITTWEILAVSMSDKKGICVADPFEVTVMQD
FFIDLRLPYSVVRNEQVEIRAVLYNYRQNQELKVRVELLHNPAFCSLATTKRRHQQTVTIPPKSSLSVPYVIVPLKTGLQ
EVEVKAAVYHHFISDGVRKSLKVVPEGIRMNKTVAVRTLDPERLGREGVQKEDIPPADLSDQVPDTESETRILLQGTPVA
QMTEDAVDAERLKHLIVTPSGCGEQNMIGMTPTVIAVHYLDETEQWEKFGLEKRQGALELIKKGYTQQLAFRQPSSAFAA
FVKRAPSTWLTAYVVKVFSLAVNLIAIDSQVLCGAVKWLILEKQKPDGVFQEDAPVIHQEMIGGLRNNNEKDMALTAFVL
ISLQEAKDICEEQVNSLPGSITKAGDFLEANYMNLQRSYTVAIAGYALAQMGRLKGPLLNKFLTTAKDKNRWEDPGKQLY
NVEATSYALLALLQLKDFDFVPPVVRWLNEQRYYGGGYGSTQATFMVFQALAQYQKDAPDHQELNLDVSLQLPSRSSKIT
HRIHWESASLLRSEETKENEGFTVTAEGKGQGTLSVVTMYHAKAKDQLTCNKFDLKVTIKPAPETEKRPQDAKNTMILEI
CTRYRGDQDATMSILDISMMTGFAPDTDDLKQLANGVDRYISKYELDKAFSDRNTLIIYLDKVSHSEDDCLAFKVHQYFN
VELIQPGAVKVYAYYNLEESCTRFYHPEKEDGKLNKLCRDELCRCAEENCFIQKSDDKVTLEERLDKACEPGVDYVYKTR
LVKVQLSNDFDEYIMAIEQTIKSGSDEVQVGQQRTFISPIKCREALKLEEKKHYLMWGLSSDFWGEKPNLSYIIGKDTWV
EHWPEEDECQDEENQKQCQDLGAFTESMVVFGCPN
;
B,H
#
# COMPACT_ATOMS: atom_id res chain seq x y z
N ALA A 1 -16.94 -23.31 -27.43
CA ALA A 1 -16.65 -22.91 -28.80
C ALA A 1 -15.54 -23.76 -29.40
N ASN A 2 -15.86 -24.53 -30.41
CA ASN A 2 -14.86 -25.35 -31.07
C ASN A 2 -14.84 -25.18 -32.58
N ASN A 3 -16.00 -24.99 -33.21
CA ASN A 3 -16.03 -24.76 -34.64
C ASN A 3 -15.40 -23.42 -34.99
N HIS A 4 -15.59 -22.41 -34.15
CA HIS A 4 -15.01 -21.10 -34.41
C HIS A 4 -13.49 -21.16 -34.40
N ILE A 5 -12.91 -21.88 -33.44
CA ILE A 5 -11.45 -21.99 -33.38
C ILE A 5 -10.93 -22.69 -34.62
N ARG A 6 -11.61 -23.75 -35.05
CA ARG A 6 -11.18 -24.45 -36.26
C ARG A 6 -11.26 -23.54 -37.47
N THR A 7 -12.31 -22.72 -37.56
CA THR A 7 -12.41 -21.77 -38.67
C THR A 7 -11.27 -20.76 -38.65
N VAL A 8 -10.95 -20.21 -37.48
CA VAL A 8 -9.89 -19.21 -37.40
C VAL A 8 -8.54 -19.84 -37.74
N LEU A 9 -8.28 -21.06 -37.25
CA LEU A 9 -7.02 -21.72 -37.58
C LEU A 9 -6.95 -22.04 -39.07
N LYS A 10 -8.08 -22.41 -39.66
CA LYS A 10 -8.10 -22.66 -41.10
C LYS A 10 -7.77 -21.39 -41.87
N LEU A 11 -8.27 -20.24 -41.40
CA LEU A 11 -7.99 -18.99 -42.09
C LEU A 11 -6.54 -18.55 -41.92
N PHE A 12 -5.95 -18.78 -40.74
CA PHE A 12 -4.52 -18.47 -40.58
C PHE A 12 -3.59 -19.49 -41.19
N ARG A 13 -4.06 -20.68 -41.54
CA ARG A 13 -3.21 -21.57 -42.33
C ARG A 13 -3.19 -21.20 -43.81
N THR A 14 -4.03 -20.24 -44.22
CA THR A 14 -3.98 -19.73 -45.58
C THR A 14 -2.86 -18.72 -45.79
N ILE A 15 -2.25 -18.22 -44.71
CA ILE A 15 -1.13 -17.30 -44.87
C ILE A 15 0.05 -18.05 -45.49
N ASP A 16 0.74 -17.39 -46.41
CA ASP A 16 1.84 -18.04 -47.13
C ASP A 16 2.94 -17.01 -47.32
N LEU A 17 3.90 -17.01 -46.40
CA LEU A 17 5.06 -16.13 -46.49
C LEU A 17 6.15 -16.84 -47.27
N ASP A 18 6.71 -16.14 -48.27
CA ASP A 18 7.73 -16.76 -49.11
C ASP A 18 8.92 -17.19 -48.26
N ASP A 19 9.35 -18.43 -48.45
CA ASP A 19 10.45 -18.96 -47.66
C ASP A 19 11.81 -18.41 -48.11
N SER A 20 11.85 -17.70 -49.23
CA SER A 20 13.11 -17.15 -49.72
C SER A 20 13.70 -16.12 -48.77
N LYS A 21 12.87 -15.47 -47.96
CA LYS A 21 13.37 -14.44 -47.06
C LYS A 21 14.23 -15.06 -45.96
N LYS A 22 14.88 -14.20 -45.19
CA LYS A 22 15.82 -14.66 -44.18
C LYS A 22 15.12 -15.52 -43.14
N SER A 23 15.84 -16.53 -42.65
CA SER A 23 15.25 -17.49 -41.71
C SER A 23 14.90 -16.82 -40.39
N PHE A 24 15.84 -16.10 -39.80
CA PHE A 24 15.57 -15.46 -38.51
C PHE A 24 14.53 -14.35 -38.65
N TYR A 25 14.56 -13.62 -39.78
CA TYR A 25 13.49 -12.67 -40.04
C TYR A 25 12.14 -13.35 -40.13
N LEU A 26 12.09 -14.48 -40.84
CA LEU A 26 10.82 -15.18 -40.99
C LEU A 26 10.29 -15.63 -39.64
N THR A 27 11.17 -16.17 -38.80
CA THR A 27 10.75 -16.57 -37.46
C THR A 27 10.26 -15.38 -36.65
N ALA A 28 10.96 -14.24 -36.73
CA ALA A 28 10.55 -13.07 -35.96
C ALA A 28 9.18 -12.57 -36.40
N ALA A 29 8.95 -12.47 -37.71
CA ALA A 29 7.66 -12.00 -38.19
C ALA A 29 6.55 -12.98 -37.85
N LYS A 30 6.79 -14.27 -38.02
CA LYS A 30 5.76 -15.26 -37.69
C LYS A 30 5.45 -15.23 -36.20
N TYR A 31 6.47 -15.11 -35.36
CA TYR A 31 6.22 -15.05 -33.92
C TYR A 31 5.42 -13.81 -33.57
N GLY A 32 5.74 -12.67 -34.19
CA GLY A 32 5.00 -11.45 -33.90
C GLY A 32 3.54 -11.58 -34.26
N ILE A 33 3.25 -12.08 -35.46
CA ILE A 33 1.86 -12.20 -35.87
C ILE A 33 1.15 -13.25 -35.02
N GLN A 34 1.84 -14.32 -34.64
CA GLN A 34 1.20 -15.37 -33.85
C GLN A 34 0.88 -14.88 -32.44
N THR A 35 1.71 -14.04 -31.85
CA THR A 35 1.47 -13.60 -30.49
C THR A 35 0.66 -12.32 -30.39
N GLN A 36 0.46 -11.59 -31.49
CA GLN A 36 -0.33 -10.37 -31.43
C GLN A 36 -1.59 -10.37 -32.25
N LEU A 37 -1.80 -11.35 -33.12
CA LEU A 37 -3.00 -11.39 -33.95
C LEU A 37 -3.63 -12.77 -34.01
N ARG A 38 -3.06 -13.77 -33.34
CA ARG A 38 -3.69 -15.08 -33.25
C ARG A 38 -4.16 -15.38 -31.84
N GLU A 39 -3.27 -15.33 -30.86
CA GLU A 39 -3.65 -15.68 -29.49
C GLU A 39 -4.78 -14.82 -28.95
N PRO A 40 -4.74 -13.49 -29.04
CA PRO A 40 -5.87 -12.72 -28.51
C PRO A 40 -7.18 -13.00 -29.21
N ILE A 41 -7.20 -13.08 -30.54
CA ILE A 41 -8.49 -13.30 -31.18
C ILE A 41 -8.95 -14.75 -31.01
N ILE A 42 -8.02 -15.70 -30.91
CA ILE A 42 -8.45 -17.08 -30.67
C ILE A 42 -9.05 -17.20 -29.28
N ARG A 43 -8.48 -16.50 -28.30
CA ARG A 43 -9.07 -16.47 -26.97
C ARG A 43 -10.44 -15.78 -27.01
N ILE A 44 -10.55 -14.70 -27.78
CA ILE A 44 -11.81 -13.97 -27.85
C ILE A 44 -12.90 -14.85 -28.46
N VAL A 45 -12.59 -15.50 -29.58
CA VAL A 45 -13.60 -16.26 -30.31
C VAL A 45 -13.82 -17.63 -29.73
N GLY A 46 -12.98 -18.07 -28.79
CA GLY A 46 -13.28 -19.30 -28.10
C GLY A 46 -14.31 -19.18 -27.00
N GLY A 47 -14.81 -17.97 -26.76
CA GLY A 47 -15.80 -17.75 -25.72
C GLY A 47 -17.16 -17.38 -26.29
N TYR A 48 -17.57 -18.05 -27.36
CA TYR A 48 -18.87 -17.82 -27.98
C TYR A 48 -19.69 -19.10 -27.91
N LEU A 49 -20.98 -18.96 -27.64
CA LEU A 49 -21.87 -20.08 -27.74
C LEU A 49 -22.00 -20.50 -29.20
N PRO A 50 -22.20 -21.79 -29.47
CA PRO A 50 -22.15 -22.27 -30.86
C PRO A 50 -23.17 -21.63 -31.79
N SER A 51 -24.22 -21.02 -31.26
CA SER A 51 -25.24 -20.41 -32.11
C SER A 51 -24.69 -19.22 -32.89
N THR A 52 -23.78 -18.46 -32.29
CA THR A 52 -23.29 -17.24 -32.92
C THR A 52 -22.53 -17.57 -34.21
N LYS A 53 -22.71 -16.73 -35.21
CA LYS A 53 -22.04 -16.88 -36.50
C LYS A 53 -20.90 -15.88 -36.63
N LEU A 54 -19.88 -16.25 -37.39
CA LEU A 54 -18.70 -15.42 -37.62
C LEU A 54 -18.82 -14.68 -38.94
N SER A 55 -18.05 -13.61 -39.07
CA SER A 55 -17.96 -12.82 -40.29
C SER A 55 -16.55 -13.00 -40.84
N GLU A 56 -16.40 -13.92 -41.79
CA GLU A 56 -15.09 -14.21 -42.35
C GLU A 56 -14.53 -13.08 -43.19
N ALA A 57 -15.35 -12.11 -43.58
CA ALA A 57 -14.83 -10.95 -44.31
C ALA A 57 -13.84 -10.17 -43.46
N CYS A 58 -14.12 -10.05 -42.16
CA CYS A 58 -13.20 -9.35 -41.27
C CYS A 58 -11.86 -10.08 -41.19
N VAL A 59 -11.88 -11.40 -41.14
CA VAL A 59 -10.61 -12.13 -41.07
C VAL A 59 -9.88 -12.07 -42.42
N LYS A 60 -10.63 -12.04 -43.53
CA LYS A 60 -9.97 -11.85 -44.82
C LYS A 60 -9.29 -10.49 -44.89
N ASN A 61 -9.94 -9.45 -44.38
CA ASN A 61 -9.29 -8.15 -44.28
C ASN A 61 -8.10 -8.20 -43.33
N MET A 62 -8.21 -8.99 -42.26
CA MET A 62 -7.08 -9.23 -41.37
C MET A 62 -5.88 -9.69 -42.16
N ILE A 63 -6.08 -10.73 -42.98
CA ILE A 63 -4.99 -11.33 -43.73
C ILE A 63 -4.43 -10.34 -44.75
N SER A 64 -5.30 -9.63 -45.48
CA SER A 64 -4.80 -8.69 -46.47
C SER A 64 -3.98 -7.59 -45.82
N GLU A 65 -4.48 -7.04 -44.72
CA GLU A 65 -3.76 -5.93 -44.09
C GLU A 65 -2.48 -6.41 -43.44
N VAL A 66 -2.45 -7.66 -42.94
CA VAL A 66 -1.20 -8.13 -42.34
C VAL A 66 -0.19 -8.45 -43.42
N TYR A 67 -0.64 -8.86 -44.62
CA TYR A 67 0.29 -8.94 -45.74
C TYR A 67 0.90 -7.58 -46.04
N GLU A 68 0.08 -6.53 -46.04
CA GLU A 68 0.61 -5.19 -46.24
C GLU A 68 1.60 -4.82 -45.15
N ILE A 69 1.30 -5.16 -43.90
CA ILE A 69 2.16 -4.82 -42.78
C ILE A 69 3.50 -5.53 -42.91
N GLU A 70 3.49 -6.82 -43.26
CA GLU A 70 4.75 -7.54 -43.42
C GLU A 70 5.55 -7.01 -44.60
N GLY A 71 4.85 -6.60 -45.67
CA GLY A 71 5.55 -5.96 -46.76
C GLY A 71 6.26 -4.69 -46.32
N ASP A 72 5.59 -3.90 -45.49
CA ASP A 72 6.22 -2.70 -44.94
C ASP A 72 7.42 -3.07 -44.07
N PHE A 73 7.30 -4.13 -43.28
CA PHE A 73 8.42 -4.56 -42.44
C PHE A 73 9.62 -4.96 -43.28
N TYR A 74 9.38 -5.72 -44.34
CA TYR A 74 10.48 -6.13 -45.20
C TYR A 74 11.07 -4.94 -45.96
N SER A 75 10.25 -3.95 -46.29
CA SER A 75 10.78 -2.74 -46.91
C SER A 75 11.70 -1.99 -45.95
N LYS A 76 11.30 -1.85 -44.70
CA LYS A 76 12.16 -1.22 -43.71
C LYS A 76 13.35 -2.09 -43.35
N PHE A 77 13.29 -3.38 -43.66
CA PHE A 77 14.39 -4.29 -43.37
C PHE A 77 15.66 -3.88 -44.12
N SER A 78 15.52 -3.50 -45.40
CA SER A 78 16.68 -3.20 -46.24
C SER A 78 16.67 -1.78 -46.78
N TYR A 79 15.55 -1.31 -47.34
CA TYR A 79 15.54 -0.05 -48.06
C TYR A 79 15.71 1.13 -47.11
N ALA A 80 14.72 1.34 -46.24
CA ALA A 80 14.77 2.45 -45.30
C ALA A 80 15.80 2.24 -44.20
N CYS A 81 16.39 1.05 -44.11
CA CYS A 81 17.36 0.74 -43.06
C CYS A 81 18.69 1.38 -43.42
N GLU A 82 18.72 2.70 -43.53
CA GLU A 82 19.94 3.40 -43.88
C GLU A 82 20.90 3.48 -42.71
N ASP A 83 20.38 3.73 -41.50
CA ASP A 83 21.26 3.90 -40.34
C ASP A 83 21.98 2.60 -39.99
N HIS A 84 21.27 1.48 -40.04
CA HIS A 84 21.85 0.18 -39.68
C HIS A 84 22.27 -0.58 -40.92
N ALA A 85 23.09 -1.59 -40.71
CA ALA A 85 23.58 -2.40 -41.83
C ALA A 85 22.42 -3.17 -42.46
N PRO A 86 22.40 -3.29 -43.79
CA PRO A 86 21.34 -4.07 -44.44
C PRO A 86 21.39 -5.53 -44.02
N TYR A 87 20.21 -6.13 -43.85
CA TYR A 87 20.08 -7.54 -43.48
C TYR A 87 20.88 -7.86 -42.20
N SER A 88 20.79 -6.97 -41.22
CA SER A 88 21.47 -7.17 -39.95
C SER A 88 20.44 -7.40 -38.85
N VAL A 89 20.78 -8.25 -37.89
CA VAL A 89 19.87 -8.55 -36.80
C VAL A 89 19.56 -7.30 -36.00
N GLU A 90 20.52 -6.38 -35.90
CA GLU A 90 20.28 -5.12 -35.20
C GLU A 90 19.21 -4.29 -35.90
N CYS A 91 19.24 -4.25 -37.23
CA CYS A 91 18.18 -3.54 -37.97
C CYS A 91 16.83 -4.19 -37.75
N LEU A 92 16.78 -5.51 -37.71
CA LEU A 92 15.54 -6.21 -37.42
C LEU A 92 15.02 -5.84 -36.04
N GLU A 93 15.91 -5.79 -35.06
CA GLU A 93 15.50 -5.38 -33.71
C GLU A 93 15.00 -3.94 -33.71
N ASP A 94 15.61 -3.08 -34.52
CA ASP A 94 15.16 -1.70 -34.59
C ASP A 94 13.74 -1.61 -35.15
N ALA A 95 13.46 -2.32 -36.24
CA ALA A 95 12.17 -2.19 -36.89
C ALA A 95 11.06 -3.03 -36.23
N ARG A 96 11.43 -3.98 -35.38
CA ARG A 96 10.42 -4.79 -34.70
C ARG A 96 9.46 -3.93 -33.88
N ASP A 97 9.95 -2.80 -33.35
CA ASP A 97 9.11 -1.94 -32.52
C ASP A 97 7.89 -1.46 -33.27
N ASP A 98 8.09 -0.73 -34.37
CA ASP A 98 6.92 -0.19 -35.06
C ASP A 98 6.16 -1.29 -35.79
N TYR A 99 6.83 -2.40 -36.16
CA TYR A 99 6.08 -3.52 -36.72
C TYR A 99 5.03 -4.01 -35.74
N LEU A 100 5.45 -4.33 -34.52
CA LEU A 100 4.50 -4.80 -33.52
C LEU A 100 3.48 -3.73 -33.15
N THR A 101 3.90 -2.46 -33.14
CA THR A 101 2.97 -1.39 -32.80
C THR A 101 1.83 -1.31 -33.81
N GLN A 102 2.15 -1.29 -35.10
CA GLN A 102 1.09 -1.21 -36.09
C GLN A 102 0.27 -2.51 -36.14
N LEU A 103 0.88 -3.66 -35.82
CA LEU A 103 0.10 -4.88 -35.76
C LEU A 103 -0.94 -4.84 -34.65
N VAL A 104 -0.54 -4.40 -33.45
CA VAL A 104 -1.51 -4.35 -32.37
C VAL A 104 -2.55 -3.26 -32.63
N GLU A 105 -2.15 -2.20 -33.34
CA GLU A 105 -3.14 -1.20 -33.74
C GLU A 105 -4.18 -1.82 -34.68
N LEU A 106 -3.73 -2.65 -35.61
CA LEU A 106 -4.66 -3.40 -36.45
C LEU A 106 -5.61 -4.23 -35.60
N PHE A 107 -5.08 -4.97 -34.63
CA PHE A 107 -5.93 -5.86 -33.84
C PHE A 107 -6.96 -5.05 -33.05
N LYS A 108 -6.53 -3.94 -32.45
CA LYS A 108 -7.46 -3.11 -31.69
C LYS A 108 -8.54 -2.52 -32.59
N GLU A 109 -8.17 -2.14 -33.82
CA GLU A 109 -9.17 -1.61 -34.76
C GLU A 109 -10.17 -2.68 -35.17
N THR A 110 -9.70 -3.91 -35.38
CA THR A 110 -10.51 -4.96 -35.96
C THR A 110 -11.30 -5.78 -34.94
N LYS A 111 -11.14 -5.50 -33.64
CA LYS A 111 -11.85 -6.30 -32.64
C LYS A 111 -13.35 -6.05 -32.70
N LYS A 112 -13.77 -4.84 -33.07
CA LYS A 112 -15.18 -4.48 -33.02
C LYS A 112 -16.01 -5.12 -34.13
N CYS A 113 -15.39 -5.80 -35.11
CA CYS A 113 -16.14 -6.36 -36.22
C CYS A 113 -16.13 -7.89 -36.24
N LEU A 114 -15.66 -8.54 -35.19
CA LEU A 114 -15.62 -10.00 -35.18
C LEU A 114 -17.01 -10.59 -35.27
N ARG A 115 -17.96 -10.04 -34.51
CA ARG A 115 -19.32 -10.55 -34.47
C ARG A 115 -20.22 -9.69 -35.35
N GLU A 116 -20.92 -10.32 -36.27
CA GLU A 116 -21.82 -9.61 -37.17
C GLU A 116 -23.26 -9.74 -36.70
N ALA B 1 -14.65 -32.30 -16.78
CA ALA B 1 -15.32 -33.02 -17.86
C ALA B 1 -16.82 -32.81 -17.79
N ASN B 2 -17.56 -33.80 -18.26
CA ASN B 2 -19.01 -33.72 -18.19
C ASN B 2 -19.65 -34.96 -17.58
N ASN B 3 -19.12 -36.15 -17.88
CA ASN B 3 -19.67 -37.36 -17.29
C ASN B 3 -19.48 -37.37 -15.78
N HIS B 4 -18.34 -36.86 -15.30
CA HIS B 4 -18.08 -36.81 -13.88
C HIS B 4 -19.10 -35.91 -13.17
N ILE B 5 -19.43 -34.78 -13.78
CA ILE B 5 -20.43 -33.89 -13.19
C ILE B 5 -21.78 -34.57 -13.13
N ARG B 6 -22.13 -35.33 -14.17
CA ARG B 6 -23.39 -36.06 -14.15
C ARG B 6 -23.41 -37.08 -13.01
N THR B 7 -22.30 -37.79 -12.81
CA THR B 7 -22.24 -38.75 -11.70
C THR B 7 -22.37 -38.04 -10.36
N VAL B 8 -21.70 -36.90 -10.19
CA VAL B 8 -21.78 -36.18 -8.92
C VAL B 8 -23.21 -35.70 -8.67
N LEU B 9 -23.87 -35.19 -9.72
CA LEU B 9 -25.27 -34.79 -9.57
C LEU B 9 -26.15 -35.96 -9.22
N LYS B 10 -25.89 -37.13 -9.81
CA LYS B 10 -26.69 -38.31 -9.47
C LYS B 10 -26.50 -38.69 -8.01
N LEU B 11 -25.28 -38.59 -7.50
CA LEU B 11 -25.06 -38.86 -6.08
C LEU B 11 -25.76 -37.83 -5.19
N PHE B 12 -25.68 -36.55 -5.55
CA PHE B 12 -26.29 -35.52 -4.71
C PHE B 12 -27.79 -35.37 -4.89
N ARG B 13 -28.40 -36.08 -5.84
CA ARG B 13 -29.84 -36.10 -5.93
C ARG B 13 -30.45 -37.28 -5.16
N THR B 14 -29.63 -38.08 -4.51
CA THR B 14 -30.09 -39.17 -3.66
C THR B 14 -30.23 -38.77 -2.20
N ILE B 15 -29.97 -37.50 -1.87
CA ILE B 15 -30.09 -37.05 -0.49
C ILE B 15 -31.57 -36.86 -0.18
N ASP B 16 -32.04 -37.55 0.85
CA ASP B 16 -33.46 -37.54 1.23
C ASP B 16 -33.60 -36.81 2.56
N LEU B 17 -34.36 -35.72 2.56
CA LEU B 17 -34.60 -34.92 3.74
C LEU B 17 -36.08 -34.91 4.06
N ASP B 18 -36.41 -34.87 5.34
CA ASP B 18 -37.79 -34.87 5.79
C ASP B 18 -38.51 -33.61 5.32
N ASP B 19 -39.71 -33.80 4.79
CA ASP B 19 -40.60 -32.67 4.54
C ASP B 19 -41.32 -32.21 5.81
N SER B 20 -41.47 -33.09 6.79
CA SER B 20 -42.23 -32.75 7.98
C SER B 20 -41.54 -31.67 8.81
N LYS B 21 -40.22 -31.58 8.71
CA LYS B 21 -39.51 -30.55 9.44
C LYS B 21 -39.83 -29.17 8.89
N LYS B 22 -39.50 -28.14 9.67
CA LYS B 22 -39.89 -26.79 9.34
C LYS B 22 -39.30 -26.35 8.01
N SER B 23 -40.08 -25.56 7.28
CA SER B 23 -39.67 -25.14 5.94
C SER B 23 -38.40 -24.30 5.98
N PHE B 24 -38.31 -23.36 6.92
CA PHE B 24 -37.14 -22.49 6.97
C PHE B 24 -35.90 -23.28 7.37
N TYR B 25 -36.04 -24.24 8.29
CA TYR B 25 -34.91 -25.10 8.62
C TYR B 25 -34.48 -25.92 7.40
N LEU B 26 -35.44 -26.49 6.69
CA LEU B 26 -35.11 -27.31 5.53
C LEU B 26 -34.37 -26.49 4.48
N THR B 27 -34.85 -25.28 4.23
CA THR B 27 -34.17 -24.41 3.27
C THR B 27 -32.77 -24.05 3.74
N ALA B 28 -32.60 -23.75 5.03
CA ALA B 28 -31.28 -23.40 5.53
C ALA B 28 -30.31 -24.57 5.40
N ALA B 29 -30.73 -25.77 5.77
CA ALA B 29 -29.85 -26.93 5.68
C ALA B 29 -29.51 -27.25 4.22
N LYS B 30 -30.50 -27.20 3.34
CA LYS B 30 -30.24 -27.48 1.93
C LYS B 30 -29.30 -26.44 1.34
N TYR B 31 -29.50 -25.17 1.67
CA TYR B 31 -28.61 -24.14 1.14
C TYR B 31 -27.20 -24.34 1.65
N GLY B 32 -27.04 -24.70 2.93
CA GLY B 32 -25.72 -24.93 3.47
C GLY B 32 -25.01 -26.07 2.76
N ILE B 33 -25.71 -27.19 2.58
CA ILE B 33 -25.07 -28.32 1.91
C ILE B 33 -24.76 -27.98 0.46
N GLN B 34 -25.64 -27.23 -0.21
CA GLN B 34 -25.40 -26.91 -1.61
C GLN B 34 -24.22 -25.97 -1.77
N THR B 35 -24.05 -25.01 -0.87
CA THR B 35 -22.98 -24.04 -1.03
C THR B 35 -21.67 -24.45 -0.37
N GLN B 36 -21.65 -25.52 0.43
CA GLN B 36 -20.40 -25.92 1.05
C GLN B 36 -19.97 -27.35 0.75
N LEU B 37 -20.80 -28.16 0.10
CA LEU B 37 -20.42 -29.51 -0.27
C LEU B 37 -20.80 -29.86 -1.69
N ARG B 38 -21.38 -28.94 -2.44
CA ARG B 38 -21.65 -29.19 -3.86
C ARG B 38 -20.86 -28.25 -4.77
N GLU B 39 -20.93 -26.95 -4.53
CA GLU B 39 -20.27 -26.02 -5.45
C GLU B 39 -18.76 -26.22 -5.51
N PRO B 40 -18.02 -26.25 -4.39
CA PRO B 40 -16.58 -26.53 -4.51
C PRO B 40 -16.29 -27.91 -5.07
N ILE B 41 -17.08 -28.93 -4.70
CA ILE B 41 -16.80 -30.27 -5.20
C ILE B 41 -17.10 -30.36 -6.69
N ILE B 42 -18.14 -29.67 -7.16
CA ILE B 42 -18.45 -29.71 -8.58
C ILE B 42 -17.39 -28.93 -9.37
N ARG B 43 -16.89 -27.83 -8.79
CA ARG B 43 -15.82 -27.10 -9.45
C ARG B 43 -14.55 -27.94 -9.55
N ILE B 44 -14.22 -28.67 -8.48
CA ILE B 44 -13.03 -29.52 -8.52
C ILE B 44 -13.21 -30.64 -9.53
N VAL B 45 -14.38 -31.28 -9.53
CA VAL B 45 -14.60 -32.43 -10.38
C VAL B 45 -14.63 -32.02 -11.85
N GLY B 46 -15.20 -30.87 -12.18
CA GLY B 46 -15.33 -30.47 -13.57
C GLY B 46 -14.01 -30.32 -14.30
N GLY B 47 -12.93 -30.05 -13.58
CA GLY B 47 -11.64 -29.89 -14.22
C GLY B 47 -10.80 -31.15 -14.27
N TYR B 48 -11.37 -32.22 -14.82
CA TYR B 48 -10.66 -33.48 -14.98
C TYR B 48 -10.72 -33.91 -16.44
N LEU B 49 -9.68 -34.62 -16.88
CA LEU B 49 -9.72 -35.22 -18.20
C LEU B 49 -10.77 -36.33 -18.23
N PRO B 50 -11.41 -36.54 -19.38
CA PRO B 50 -12.43 -37.59 -19.46
C PRO B 50 -11.92 -38.97 -19.12
N SER B 51 -10.63 -39.25 -19.37
CA SER B 51 -10.09 -40.57 -19.10
C SER B 51 -9.91 -40.83 -17.61
N THR B 52 -9.85 -39.79 -16.79
CA THR B 52 -9.63 -39.98 -15.36
C THR B 52 -10.81 -40.70 -14.72
N LYS B 53 -10.52 -41.63 -13.82
CA LYS B 53 -11.55 -42.39 -13.13
C LYS B 53 -11.87 -41.76 -11.80
N LEU B 54 -13.14 -41.83 -11.40
CA LEU B 54 -13.64 -41.20 -10.19
C LEU B 54 -14.11 -42.27 -9.21
N SER B 55 -13.72 -42.12 -7.95
CA SER B 55 -14.17 -43.05 -6.91
C SER B 55 -15.55 -42.65 -6.42
N GLU B 56 -16.29 -43.63 -5.90
CA GLU B 56 -17.64 -43.39 -5.40
C GLU B 56 -17.91 -43.97 -4.03
N ALA B 57 -17.10 -44.92 -3.55
CA ALA B 57 -17.38 -45.56 -2.27
C ALA B 57 -17.37 -44.54 -1.14
N CYS B 58 -16.30 -43.76 -1.03
CA CYS B 58 -16.26 -42.75 0.01
C CYS B 58 -17.16 -41.56 -0.29
N VAL B 59 -17.62 -41.38 -1.53
CA VAL B 59 -18.66 -40.38 -1.77
C VAL B 59 -19.99 -40.85 -1.19
N LYS B 60 -20.30 -42.13 -1.31
CA LYS B 60 -21.46 -42.67 -0.61
C LYS B 60 -21.27 -42.58 0.90
N ASN B 61 -20.04 -42.78 1.37
CA ASN B 61 -19.74 -42.56 2.78
C ASN B 61 -20.01 -41.12 3.18
N MET B 62 -19.62 -40.18 2.31
CA MET B 62 -19.94 -38.77 2.50
C MET B 62 -21.43 -38.56 2.66
N ILE B 63 -22.22 -39.20 1.81
CA ILE B 63 -23.68 -39.03 1.90
C ILE B 63 -24.21 -39.58 3.21
N SER B 64 -23.73 -40.74 3.64
CA SER B 64 -24.19 -41.30 4.91
C SER B 64 -23.87 -40.37 6.07
N GLU B 65 -22.63 -39.87 6.12
CA GLU B 65 -22.27 -39.02 7.24
C GLU B 65 -22.91 -37.63 7.14
N VAL B 66 -23.24 -37.15 5.95
CA VAL B 66 -23.96 -35.88 5.91
C VAL B 66 -25.39 -36.07 6.37
N TYR B 67 -26.00 -37.23 6.07
CA TYR B 67 -27.28 -37.56 6.72
C TYR B 67 -27.16 -37.48 8.22
N GLU B 68 -26.15 -38.14 8.79
CA GLU B 68 -26.11 -38.18 10.26
C GLU B 68 -25.82 -36.80 10.85
N ILE B 69 -24.99 -35.99 10.18
CA ILE B 69 -24.71 -34.66 10.73
C ILE B 69 -25.91 -33.74 10.60
N GLU B 70 -26.69 -33.86 9.51
CA GLU B 70 -27.90 -33.06 9.44
C GLU B 70 -28.92 -33.53 10.47
N GLY B 71 -28.95 -34.83 10.77
CA GLY B 71 -29.79 -35.30 11.86
C GLY B 71 -29.39 -34.70 13.19
N ASP B 72 -28.09 -34.62 13.46
CA ASP B 72 -27.64 -33.98 14.69
C ASP B 72 -27.96 -32.49 14.71
N PHE B 73 -27.86 -31.82 13.56
CA PHE B 73 -28.25 -30.41 13.51
C PHE B 73 -29.73 -30.23 13.82
N TYR B 74 -30.58 -31.10 13.26
CA TYR B 74 -32.01 -31.04 13.58
C TYR B 74 -32.25 -31.34 15.04
N SER B 75 -31.45 -32.23 15.63
CA SER B 75 -31.57 -32.52 17.06
C SER B 75 -31.25 -31.29 17.89
N LYS B 76 -30.17 -30.59 17.53
CA LYS B 76 -29.82 -29.36 18.25
C LYS B 76 -30.87 -28.27 18.04
N PHE B 77 -31.51 -28.26 16.87
CA PHE B 77 -32.50 -27.23 16.57
C PHE B 77 -33.82 -27.49 17.27
N SER B 78 -34.17 -28.76 17.45
CA SER B 78 -35.52 -29.11 17.91
C SER B 78 -35.68 -28.97 19.42
N TYR B 79 -34.95 -29.78 20.17
CA TYR B 79 -35.11 -29.85 21.62
C TYR B 79 -33.89 -29.42 22.41
N ALA B 80 -32.69 -29.56 21.85
CA ALA B 80 -31.49 -29.09 22.52
C ALA B 80 -31.30 -27.60 22.40
N CYS B 81 -32.37 -26.90 22.02
CA CYS B 81 -32.39 -25.44 21.95
C CYS B 81 -32.80 -24.90 23.33
N GLU B 82 -31.83 -24.91 24.24
CA GLU B 82 -32.10 -24.39 25.58
C GLU B 82 -32.10 -22.86 25.61
N ASP B 83 -31.25 -22.22 24.81
CA ASP B 83 -31.09 -20.77 24.90
C ASP B 83 -32.39 -20.04 24.54
N HIS B 84 -33.10 -20.50 23.52
CA HIS B 84 -34.39 -19.90 23.18
C HIS B 84 -35.47 -20.96 23.06
N ALA B 85 -36.65 -20.56 22.61
CA ALA B 85 -37.77 -21.48 22.52
C ALA B 85 -37.48 -22.54 21.47
N PRO B 86 -38.02 -23.75 21.64
CA PRO B 86 -37.84 -24.79 20.63
C PRO B 86 -38.44 -24.36 19.29
N TYR B 87 -37.78 -24.76 18.22
CA TYR B 87 -38.20 -24.47 16.84
C TYR B 87 -38.21 -22.97 16.55
N SER B 88 -37.44 -22.19 17.28
CA SER B 88 -37.35 -20.76 17.01
C SER B 88 -36.16 -20.47 16.10
N VAL B 89 -36.32 -19.43 15.27
CA VAL B 89 -35.29 -19.10 14.30
C VAL B 89 -34.01 -18.63 14.97
N GLU B 90 -34.09 -18.13 16.20
CA GLU B 90 -32.90 -17.61 16.87
C GLU B 90 -31.86 -18.70 17.09
N CYS B 91 -32.26 -19.82 17.70
CA CYS B 91 -31.28 -20.87 17.91
C CYS B 91 -30.99 -21.66 16.65
N LEU B 92 -31.88 -21.62 15.65
CA LEU B 92 -31.51 -22.13 14.33
C LEU B 92 -30.33 -21.37 13.78
N GLU B 93 -30.39 -20.03 13.83
CA GLU B 93 -29.26 -19.23 13.40
C GLU B 93 -28.04 -19.47 14.28
N ASP B 94 -28.25 -19.71 15.56
CA ASP B 94 -27.13 -19.98 16.46
C ASP B 94 -26.40 -21.27 16.06
N ALA B 95 -27.16 -22.33 15.75
CA ALA B 95 -26.54 -23.60 15.41
C ALA B 95 -26.06 -23.66 13.96
N ARG B 96 -26.52 -22.74 13.11
CA ARG B 96 -26.00 -22.68 11.75
C ARG B 96 -24.48 -22.52 11.74
N ASP B 97 -23.93 -21.83 12.74
CA ASP B 97 -22.49 -21.59 12.80
C ASP B 97 -21.72 -22.90 12.84
N ASP B 98 -21.95 -23.72 13.88
CA ASP B 98 -21.15 -24.94 13.97
C ASP B 98 -21.57 -25.96 12.92
N TYR B 99 -22.81 -25.88 12.42
CA TYR B 99 -23.19 -26.74 11.31
C TYR B 99 -22.31 -26.47 10.09
N LEU B 100 -22.20 -25.21 9.69
CA LEU B 100 -21.37 -24.87 8.54
C LEU B 100 -19.90 -25.13 8.80
N THR B 101 -19.44 -24.88 10.03
CA THR B 101 -18.04 -25.15 10.35
C THR B 101 -17.72 -26.63 10.20
N GLN B 102 -18.58 -27.48 10.74
CA GLN B 102 -18.38 -28.92 10.60
C GLN B 102 -18.41 -29.33 9.13
N LEU B 103 -19.33 -28.75 8.36
CA LEU B 103 -19.42 -29.13 6.95
C LEU B 103 -18.15 -28.77 6.18
N VAL B 104 -17.61 -27.58 6.43
CA VAL B 104 -16.41 -27.17 5.69
C VAL B 104 -15.21 -28.00 6.12
N GLU B 105 -15.11 -28.33 7.41
CA GLU B 105 -14.02 -29.20 7.84
C GLU B 105 -14.16 -30.59 7.23
N LEU B 106 -15.40 -31.06 7.08
CA LEU B 106 -15.65 -32.32 6.41
C LEU B 106 -15.16 -32.28 4.96
N PHE B 107 -15.46 -31.19 4.26
CA PHE B 107 -15.01 -31.09 2.87
C PHE B 107 -13.50 -31.05 2.77
N LYS B 108 -12.86 -30.29 3.67
CA LYS B 108 -11.39 -30.23 3.67
C LYS B 108 -10.79 -31.61 3.92
N GLU B 109 -11.43 -32.41 4.78
CA GLU B 109 -10.94 -33.76 5.02
C GLU B 109 -11.19 -34.68 3.83
N THR B 110 -12.35 -34.53 3.17
CA THR B 110 -12.75 -35.46 2.12
C THR B 110 -12.23 -35.09 0.74
N LYS B 111 -11.52 -33.95 0.60
CA LYS B 111 -10.97 -33.59 -0.69
C LYS B 111 -10.02 -34.64 -1.28
N LYS B 112 -9.71 -35.70 -0.53
CA LYS B 112 -8.77 -36.71 -1.00
C LYS B 112 -9.43 -37.89 -1.70
N CYS B 113 -10.76 -37.95 -1.74
CA CYS B 113 -11.44 -38.98 -2.53
C CYS B 113 -11.40 -38.70 -4.02
N LEU B 114 -11.45 -37.42 -4.40
CA LEU B 114 -11.75 -37.08 -5.78
C LEU B 114 -10.75 -37.65 -6.76
N ARG B 115 -9.53 -37.92 -6.31
CA ARG B 115 -8.54 -38.65 -7.08
C ARG B 115 -8.07 -39.85 -6.27
N GLU B 116 -8.04 -41.02 -6.90
CA GLU B 116 -7.63 -42.24 -6.22
C GLU B 116 -6.14 -42.21 -5.86
N LYS C 1 25.71 -5.89 -54.62
CA LYS C 1 24.96 -7.08 -55.01
C LYS C 1 25.42 -7.63 -56.35
N ILE C 2 25.48 -6.76 -57.36
CA ILE C 2 25.90 -7.15 -58.70
C ILE C 2 26.88 -6.10 -59.21
N VAL C 3 27.71 -6.52 -60.16
CA VAL C 3 28.60 -5.59 -60.86
C VAL C 3 27.80 -4.97 -62.00
N LEU C 4 27.63 -3.65 -61.95
CA LEU C 4 26.83 -2.92 -62.94
C LEU C 4 27.63 -1.69 -63.36
N ASP C 5 28.38 -1.82 -64.45
CA ASP C 5 29.17 -0.71 -64.97
C ASP C 5 29.42 -0.91 -66.45
N PRO C 6 29.04 0.05 -67.29
CA PRO C 6 29.32 -0.08 -68.74
C PRO C 6 30.81 -0.18 -69.06
N SER C 7 31.67 0.39 -68.21
CA SER C 7 33.10 0.36 -68.44
C SER C 7 33.74 -0.98 -68.09
N GLY C 8 33.00 -1.89 -67.46
CA GLY C 8 33.52 -3.20 -67.09
C GLY C 8 32.83 -4.30 -67.87
N SER C 9 33.54 -5.39 -68.09
CA SER C 9 33.00 -6.55 -68.81
C SER C 9 32.44 -7.53 -67.79
N MET C 10 31.12 -7.77 -67.85
CA MET C 10 30.45 -8.70 -66.97
C MET C 10 29.84 -9.83 -67.79
N ASN C 11 29.63 -10.97 -67.15
CA ASN C 11 29.03 -12.12 -67.79
C ASN C 11 27.79 -12.55 -67.01
N ILE C 12 26.67 -12.70 -67.71
CA ILE C 12 25.42 -13.17 -67.12
C ILE C 12 24.98 -14.41 -67.87
N TYR C 13 24.75 -15.49 -67.13
CA TYR C 13 24.37 -16.77 -67.71
C TYR C 13 22.94 -17.11 -67.28
N LEU C 14 22.07 -17.36 -68.26
CA LEU C 14 20.68 -17.70 -68.00
C LEU C 14 20.48 -19.19 -68.24
N VAL C 15 19.90 -19.88 -67.25
CA VAL C 15 19.61 -21.30 -67.36
C VAL C 15 18.16 -21.53 -66.97
N LEU C 16 17.45 -22.33 -67.76
CA LEU C 16 16.05 -22.66 -67.54
C LEU C 16 15.89 -24.16 -67.43
N ASP C 17 15.14 -24.61 -66.44
CA ASP C 17 14.88 -26.03 -66.26
C ASP C 17 13.76 -26.51 -67.17
N GLY C 18 13.93 -27.71 -67.72
CA GLY C 18 12.94 -28.32 -68.57
C GLY C 18 12.11 -29.37 -67.85
N SER C 19 12.12 -29.32 -66.52
CA SER C 19 11.42 -30.32 -65.73
C SER C 19 9.92 -30.26 -65.98
N ASP C 20 9.28 -31.43 -65.94
CA ASP C 20 7.84 -31.50 -66.12
C ASP C 20 7.08 -31.11 -64.86
N SER C 21 7.75 -31.01 -63.72
CA SER C 21 7.07 -30.66 -62.48
C SER C 21 6.64 -29.20 -62.46
N ILE C 22 7.42 -28.31 -63.06
CA ILE C 22 7.09 -26.88 -63.02
C ILE C 22 5.84 -26.58 -63.82
N GLY C 23 5.67 -27.25 -64.97
CA GLY C 23 4.56 -26.96 -65.86
C GLY C 23 4.82 -25.71 -66.69
N ALA C 24 3.95 -25.51 -67.69
CA ALA C 24 4.10 -24.36 -68.58
C ALA C 24 3.67 -23.06 -67.91
N SER C 25 2.74 -23.12 -66.95
CA SER C 25 2.22 -21.91 -66.34
C SER C 25 3.31 -21.10 -65.65
N ASN C 26 4.17 -21.78 -64.90
CA ASN C 26 5.30 -21.10 -64.27
C ASN C 26 6.45 -20.86 -65.24
N PHE C 27 6.56 -21.67 -66.29
CA PHE C 27 7.59 -21.44 -67.30
C PHE C 27 7.37 -20.11 -68.02
N THR C 28 6.12 -19.78 -68.32
CA THR C 28 5.82 -18.49 -68.93
C THR C 28 6.21 -17.34 -68.01
N GLY C 29 5.93 -17.47 -66.71
CA GLY C 29 6.34 -16.44 -65.77
C GLY C 29 7.84 -16.30 -65.68
N ALA C 30 8.56 -17.43 -65.70
CA ALA C 30 10.01 -17.38 -65.69
C ALA C 30 10.56 -16.69 -66.93
N LYS C 31 9.98 -16.99 -68.09
CA LYS C 31 10.41 -16.31 -69.32
C LYS C 31 10.12 -14.83 -69.25
N LYS C 32 8.95 -14.46 -68.71
CA LYS C 32 8.61 -13.04 -68.62
C LYS C 32 9.54 -12.29 -67.69
N CYS C 33 9.87 -12.89 -66.53
CA CYS C 33 10.78 -12.20 -65.62
C CYS C 33 12.20 -12.16 -66.16
N LEU C 34 12.62 -13.18 -66.91
CA LEU C 34 13.92 -13.11 -67.57
C LEU C 34 13.95 -11.99 -68.60
N VAL C 35 12.88 -11.84 -69.37
CA VAL C 35 12.79 -10.74 -70.33
C VAL C 35 12.85 -9.39 -69.61
N ASN C 36 12.12 -9.28 -68.50
CA ASN C 36 12.16 -8.05 -67.73
C ASN C 36 13.56 -7.75 -67.23
N LEU C 37 14.27 -8.77 -66.74
CA LEU C 37 15.61 -8.55 -66.22
C LEU C 37 16.58 -8.13 -67.31
N ILE C 38 16.53 -8.80 -68.47
CA ILE C 38 17.43 -8.44 -69.56
C ILE C 38 17.13 -7.03 -70.05
N GLU C 39 15.85 -6.67 -70.15
CA GLU C 39 15.49 -5.34 -70.60
C GLU C 39 15.94 -4.28 -69.60
N LYS C 40 15.80 -4.56 -68.30
CA LYS C 40 16.18 -3.59 -67.28
C LYS C 40 17.69 -3.39 -67.23
N VAL C 41 18.45 -4.48 -67.20
CA VAL C 41 19.90 -4.34 -67.10
C VAL C 41 20.46 -3.75 -68.39
N ALA C 42 19.87 -4.09 -69.54
CA ALA C 42 20.33 -3.50 -70.79
C ALA C 42 19.97 -2.03 -70.91
N SER C 43 19.04 -1.54 -70.07
CA SER C 43 18.61 -0.15 -70.15
C SER C 43 19.66 0.83 -69.64
N TYR C 44 20.70 0.35 -68.98
CA TYR C 44 21.76 1.23 -68.49
C TYR C 44 22.89 1.42 -69.49
N GLY C 45 22.76 0.86 -70.70
CA GLY C 45 23.75 1.04 -71.73
C GLY C 45 24.90 0.05 -71.69
N VAL C 46 24.94 -0.85 -70.71
CA VAL C 46 25.99 -1.85 -70.66
C VAL C 46 25.67 -3.00 -71.60
N LYS C 47 26.72 -3.66 -72.08
CA LYS C 47 26.60 -4.77 -73.01
C LYS C 47 27.39 -5.97 -72.49
N PRO C 48 26.90 -6.62 -71.44
CA PRO C 48 27.60 -7.80 -70.93
C PRO C 48 27.44 -8.98 -71.87
N ARG C 49 28.32 -9.96 -71.72
CA ARG C 49 28.24 -11.20 -72.48
C ARG C 49 27.18 -12.10 -71.85
N TYR C 50 26.26 -12.60 -72.66
CA TYR C 50 25.12 -13.35 -72.15
C TYR C 50 25.23 -14.82 -72.55
N GLY C 51 24.17 -15.59 -72.27
CA GLY C 51 24.13 -16.99 -72.61
C GLY C 51 22.88 -17.67 -72.07
N LEU C 52 22.27 -18.53 -72.87
CA LEU C 52 21.05 -19.23 -72.49
C LEU C 52 21.27 -20.72 -72.62
N VAL C 53 20.91 -21.47 -71.57
CA VAL C 53 21.02 -22.92 -71.57
C VAL C 53 19.76 -23.50 -70.94
N THR C 54 18.97 -24.23 -71.73
CA THR C 54 17.77 -24.88 -71.24
C THR C 54 18.03 -26.37 -71.11
N TYR C 55 17.63 -26.94 -69.96
CA TYR C 55 17.96 -28.31 -69.61
C TYR C 55 16.78 -28.99 -68.95
N ALA C 56 16.55 -30.26 -69.33
CA ALA C 56 15.79 -31.16 -68.50
C ALA C 56 16.64 -32.34 -68.05
N THR C 57 17.18 -33.12 -68.98
CA THR C 57 18.16 -34.16 -68.70
C THR C 57 19.48 -33.91 -69.40
N TYR C 58 19.46 -33.70 -70.71
CA TYR C 58 20.64 -33.30 -71.46
C TYR C 58 20.59 -31.79 -71.69
N PRO C 59 21.58 -31.03 -71.22
CA PRO C 59 21.49 -29.57 -71.31
C PRO C 59 21.64 -29.06 -72.74
N LYS C 60 20.57 -28.50 -73.29
CA LYS C 60 20.63 -27.90 -74.62
C LYS C 60 21.31 -26.54 -74.53
N ILE C 61 22.22 -26.28 -75.47
CA ILE C 61 22.97 -25.02 -75.51
C ILE C 61 22.36 -24.15 -76.60
N TRP C 62 21.83 -22.99 -76.20
CA TRP C 62 21.22 -22.06 -77.13
C TRP C 62 22.14 -20.90 -77.49
N VAL C 63 22.62 -20.18 -76.48
CA VAL C 63 23.48 -19.02 -76.68
C VAL C 63 24.78 -19.26 -75.93
N LYS C 64 25.90 -19.12 -76.63
CA LYS C 64 27.23 -19.30 -76.05
C LYS C 64 27.84 -17.94 -75.75
N VAL C 65 28.56 -17.87 -74.62
CA VAL C 65 29.21 -16.62 -74.23
C VAL C 65 30.29 -16.24 -75.23
N SER C 66 30.88 -17.22 -75.91
CA SER C 66 31.94 -16.94 -76.87
C SER C 66 31.42 -16.32 -78.16
N GLU C 67 30.11 -16.29 -78.37
CA GLU C 67 29.56 -15.70 -79.59
C GLU C 67 29.85 -14.19 -79.62
N ALA C 68 30.28 -13.71 -80.78
CA ALA C 68 30.60 -12.30 -80.94
C ALA C 68 29.36 -11.43 -80.81
N ASP C 69 28.23 -11.90 -81.35
CA ASP C 69 26.99 -11.15 -81.33
C ASP C 69 26.22 -11.32 -80.03
N SER C 70 26.72 -12.13 -79.10
CA SER C 70 26.01 -12.38 -77.86
C SER C 70 25.82 -11.13 -77.01
N SER C 71 26.66 -10.12 -77.20
CA SER C 71 26.51 -8.88 -76.43
C SER C 71 25.28 -8.10 -76.84
N ASN C 72 24.68 -8.41 -77.98
CA ASN C 72 23.48 -7.70 -78.43
C ASN C 72 22.29 -8.11 -77.57
N ALA C 73 21.61 -7.12 -77.00
CA ALA C 73 20.43 -7.41 -76.18
C ALA C 73 19.28 -7.91 -77.04
N ASP C 74 19.13 -7.36 -78.25
CA ASP C 74 18.00 -7.73 -79.10
C ASP C 74 18.05 -9.21 -79.48
N TRP C 75 19.23 -9.70 -79.86
CA TRP C 75 19.36 -11.11 -80.24
C TRP C 75 18.94 -12.02 -79.10
N VAL C 76 19.44 -11.76 -77.90
CA VAL C 76 19.11 -12.61 -76.76
C VAL C 76 17.63 -12.52 -76.42
N THR C 77 17.07 -11.30 -76.47
CA THR C 77 15.68 -11.14 -76.04
C THR C 77 14.72 -11.72 -77.05
N LYS C 78 15.12 -11.85 -78.32
CA LYS C 78 14.24 -12.54 -79.26
C LYS C 78 14.52 -14.03 -79.32
N GLN C 79 15.68 -14.47 -78.84
CA GLN C 79 15.88 -15.90 -78.64
C GLN C 79 15.12 -16.38 -77.40
N LEU C 80 14.84 -15.48 -76.46
CA LEU C 80 14.10 -15.86 -75.26
C LEU C 80 12.70 -16.37 -75.61
N ASN C 81 12.01 -15.67 -76.51
CA ASN C 81 10.67 -16.10 -76.90
C ASN C 81 10.70 -17.30 -77.84
N GLU C 82 11.85 -17.59 -78.46
CA GLU C 82 11.95 -18.73 -79.36
C GLU C 82 11.75 -20.04 -78.61
N ILE C 83 12.34 -20.16 -77.42
CA ILE C 83 12.24 -21.41 -76.67
C ILE C 83 10.84 -21.56 -76.10
N ASN C 84 10.42 -22.81 -75.92
CA ASN C 84 9.11 -23.12 -75.34
C ASN C 84 9.26 -24.24 -74.33
N TYR C 85 8.27 -24.34 -73.44
CA TYR C 85 8.29 -25.37 -72.40
C TYR C 85 8.21 -26.78 -73.00
N GLU C 86 7.62 -26.91 -74.19
CA GLU C 86 7.43 -28.22 -74.80
C GLU C 86 8.65 -28.71 -75.58
N ASP C 87 9.73 -27.93 -75.61
CA ASP C 87 10.92 -28.35 -76.35
C ASP C 87 11.50 -29.64 -75.76
N HIS C 88 11.56 -29.74 -74.43
CA HIS C 88 12.09 -30.91 -73.76
C HIS C 88 10.93 -31.83 -73.39
N LYS C 89 10.41 -32.52 -74.41
CA LYS C 89 9.30 -33.45 -74.23
C LYS C 89 9.75 -34.89 -74.09
N LEU C 90 10.77 -35.31 -74.84
CA LEU C 90 11.25 -36.68 -74.71
C LEU C 90 11.86 -36.93 -73.35
N LYS C 91 12.63 -35.97 -72.83
CA LYS C 91 13.26 -36.09 -71.52
C LYS C 91 12.53 -35.22 -70.52
N SER C 92 12.17 -35.81 -69.38
CA SER C 92 11.43 -35.11 -68.33
C SER C 92 12.22 -35.11 -67.02
N GLY C 93 13.54 -35.23 -67.10
CA GLY C 93 14.37 -35.23 -65.91
C GLY C 93 14.63 -33.85 -65.38
N THR C 94 15.38 -33.80 -64.28
CA THR C 94 15.75 -32.55 -63.63
C THR C 94 17.24 -32.60 -63.29
N ASN C 95 18.05 -32.98 -64.27
CA ASN C 95 19.48 -33.20 -64.05
C ASN C 95 20.18 -31.85 -63.91
N THR C 96 20.22 -31.34 -62.68
CA THR C 96 20.92 -30.08 -62.42
C THR C 96 22.43 -30.25 -62.59
N LYS C 97 22.96 -31.42 -62.23
CA LYS C 97 24.41 -31.63 -62.32
C LYS C 97 24.89 -31.53 -63.76
N LYS C 98 24.15 -32.13 -64.71
CA LYS C 98 24.56 -32.05 -66.10
C LYS C 98 24.49 -30.63 -66.62
N ALA C 99 23.45 -29.88 -66.23
CA ALA C 99 23.32 -28.50 -66.67
C ALA C 99 24.47 -27.65 -66.15
N LEU C 100 24.81 -27.80 -64.87
CA LEU C 100 25.92 -27.03 -64.32
C LEU C 100 27.25 -27.47 -64.93
N GLN C 101 27.38 -28.75 -65.28
CA GLN C 101 28.58 -29.19 -65.99
C GLN C 101 28.66 -28.54 -67.37
N ALA C 102 27.52 -28.40 -68.05
CA ALA C 102 27.51 -27.70 -69.33
C ALA C 102 27.88 -26.24 -69.16
N VAL C 103 27.40 -25.61 -68.08
CA VAL C 103 27.80 -24.23 -67.79
C VAL C 103 29.30 -24.15 -67.54
N TYR C 104 29.84 -25.13 -66.83
CA TYR C 104 31.28 -25.22 -66.61
C TYR C 104 32.03 -25.30 -67.93
N SER C 105 31.57 -26.15 -68.84
CA SER C 105 32.22 -26.29 -70.14
C SER C 105 32.13 -24.98 -70.93
N MET C 106 30.98 -24.32 -70.88
CA MET C 106 30.81 -23.05 -71.60
C MET C 106 31.74 -21.98 -71.05
N MET C 107 31.91 -21.94 -69.73
CA MET C 107 32.74 -20.93 -69.09
C MET C 107 34.23 -21.31 -69.08
N SER C 108 34.57 -22.48 -69.61
CA SER C 108 35.97 -22.90 -69.64
C SER C 108 36.75 -22.02 -70.62
N TRP C 109 37.89 -21.50 -70.17
CA TRP C 109 38.71 -20.63 -71.00
C TRP C 109 39.58 -21.45 -71.94
N TRP C 118 40.84 -12.16 -68.02
CA TRP C 118 39.92 -13.16 -67.47
C TRP C 118 39.80 -13.01 -65.96
N ASN C 119 40.88 -12.55 -65.33
CA ASN C 119 40.90 -12.40 -63.88
C ASN C 119 40.16 -11.17 -63.40
N ARG C 120 39.79 -10.25 -64.31
CA ARG C 120 39.07 -9.04 -63.95
C ARG C 120 37.69 -8.98 -64.58
N THR C 121 37.13 -10.13 -64.95
CA THR C 121 35.82 -10.22 -65.58
C THR C 121 34.83 -10.79 -64.59
N ARG C 122 33.88 -9.97 -64.14
CA ARG C 122 32.88 -10.43 -63.19
C ARG C 122 31.92 -11.43 -63.86
N HIS C 123 31.56 -12.45 -63.11
CA HIS C 123 30.65 -13.50 -63.59
C HIS C 123 29.42 -13.56 -62.70
N VAL C 124 28.25 -13.62 -63.33
CA VAL C 124 26.97 -13.69 -62.62
C VAL C 124 26.20 -14.89 -63.16
N ILE C 125 25.69 -15.72 -62.25
CA ILE C 125 24.90 -16.89 -62.59
C ILE C 125 23.51 -16.70 -62.00
N ILE C 126 22.49 -16.87 -62.83
CA ILE C 126 21.10 -16.85 -62.38
C ILE C 126 20.44 -18.15 -62.82
N LEU C 127 19.72 -18.79 -61.90
CA LEU C 127 19.18 -20.12 -62.12
C LEU C 127 17.71 -20.16 -61.71
N MET C 128 16.94 -20.99 -62.41
CA MET C 128 15.53 -21.21 -62.11
C MET C 128 15.28 -22.71 -62.05
N THR C 129 15.08 -23.23 -60.84
CA THR C 129 14.79 -24.65 -60.68
C THR C 129 14.06 -24.84 -59.37
N ASP C 130 13.07 -25.74 -59.37
CA ASP C 130 12.32 -26.05 -58.15
C ASP C 130 13.13 -26.82 -57.12
N GLY C 131 14.32 -27.29 -57.48
CA GLY C 131 15.19 -28.00 -56.56
C GLY C 131 15.03 -29.51 -56.57
N LEU C 132 13.79 -29.99 -56.66
CA LEU C 132 13.53 -31.42 -56.69
C LEU C 132 14.12 -32.03 -57.96
N HIS C 133 15.24 -32.75 -57.82
CA HIS C 133 15.97 -33.29 -58.96
C HIS C 133 16.07 -34.80 -58.84
N ASN C 134 15.67 -35.51 -59.90
CA ASN C 134 15.80 -36.96 -59.92
C ASN C 134 17.20 -37.37 -60.40
N MET C 135 17.56 -36.96 -61.61
CA MET C 135 18.89 -37.28 -62.15
C MET C 135 19.94 -36.44 -61.46
N GLY C 136 21.17 -36.94 -61.48
CA GLY C 136 22.29 -36.22 -60.90
C GLY C 136 22.23 -36.21 -59.39
N GLY C 137 23.09 -35.37 -58.80
CA GLY C 137 23.19 -35.23 -57.36
C GLY C 137 23.21 -33.78 -56.95
N ASP C 138 23.96 -33.51 -55.90
CA ASP C 138 24.04 -32.16 -55.34
C ASP C 138 24.87 -31.28 -56.25
N PRO C 139 24.34 -30.13 -56.70
CA PRO C 139 25.12 -29.23 -57.57
C PRO C 139 26.32 -28.60 -56.89
N ILE C 140 26.56 -28.90 -55.61
CA ILE C 140 27.64 -28.24 -54.87
C ILE C 140 29.00 -28.58 -55.47
N THR C 141 29.15 -29.79 -56.02
CA THR C 141 30.43 -30.18 -56.61
C THR C 141 30.82 -29.27 -57.77
N VAL C 142 29.89 -29.05 -58.69
CA VAL C 142 30.18 -28.20 -59.85
C VAL C 142 30.37 -26.76 -59.40
N ILE C 143 29.63 -26.32 -58.39
CA ILE C 143 29.82 -24.97 -57.87
C ILE C 143 31.23 -24.80 -57.31
N ASP C 144 31.70 -25.80 -56.57
CA ASP C 144 33.06 -25.75 -56.03
C ASP C 144 34.09 -25.77 -57.17
N GLU C 145 33.85 -26.57 -58.20
CA GLU C 145 34.78 -26.60 -59.33
C GLU C 145 34.85 -25.24 -60.03
N ILE C 146 33.70 -24.61 -60.24
CA ILE C 146 33.68 -23.30 -60.88
C ILE C 146 34.34 -22.26 -59.98
N ARG C 147 34.14 -22.38 -58.66
CA ARG C 147 34.81 -21.49 -57.73
C ARG C 147 36.32 -21.63 -57.80
N ASP C 148 36.80 -22.87 -57.91
CA ASP C 148 38.24 -23.10 -58.04
C ASP C 148 38.78 -22.66 -59.39
N LEU C 149 37.94 -22.62 -60.42
CA LEU C 149 38.41 -22.18 -61.74
C LEU C 149 38.86 -20.73 -61.69
N LEU C 150 38.11 -19.86 -61.02
CA LEU C 150 38.42 -18.45 -60.95
C LEU C 150 39.39 -18.10 -59.83
N TYR C 151 39.92 -19.11 -59.14
CA TYR C 151 40.84 -18.92 -58.01
C TYR C 151 40.18 -18.09 -56.90
N ILE C 152 39.07 -18.62 -56.39
CA ILE C 152 38.31 -17.99 -55.33
C ILE C 152 38.53 -18.77 -54.04
N GLY C 153 38.80 -18.05 -52.96
CA GLY C 153 39.10 -18.69 -51.69
C GLY C 153 40.41 -19.46 -51.70
N LYS C 154 41.43 -18.93 -52.38
CA LYS C 154 42.73 -19.56 -52.43
C LYS C 154 43.86 -18.69 -51.90
N ASP C 155 43.65 -17.38 -51.76
CA ASP C 155 44.65 -16.46 -51.25
C ASP C 155 44.08 -15.71 -50.05
N ARG C 156 44.85 -15.68 -48.96
CA ARG C 156 44.41 -15.00 -47.75
C ARG C 156 44.39 -13.49 -47.90
N LYS C 157 45.04 -12.93 -48.93
CA LYS C 157 45.05 -11.50 -49.16
C LYS C 157 44.18 -11.06 -50.33
N ASN C 158 43.82 -11.98 -51.23
CA ASN C 158 43.00 -11.68 -52.40
C ASN C 158 41.86 -12.69 -52.46
N PRO C 159 40.79 -12.48 -51.68
CA PRO C 159 39.68 -13.43 -51.72
C PRO C 159 38.92 -13.45 -53.05
N ARG C 160 38.75 -12.29 -53.68
CA ARG C 160 38.11 -12.20 -54.99
C ARG C 160 36.72 -12.85 -54.96
N GLU C 161 35.93 -12.46 -53.96
CA GLU C 161 34.59 -13.00 -53.79
C GLU C 161 33.53 -12.22 -54.55
N ASP C 162 33.88 -11.07 -55.12
CA ASP C 162 32.93 -10.22 -55.83
C ASP C 162 32.90 -10.50 -57.33
N TYR C 163 33.65 -11.49 -57.80
CA TYR C 163 33.66 -11.83 -59.22
C TYR C 163 32.65 -12.90 -59.60
N LEU C 164 32.25 -13.75 -58.66
CA LEU C 164 31.30 -14.82 -58.92
C LEU C 164 30.14 -14.70 -57.94
N ASP C 165 28.98 -14.33 -58.46
CA ASP C 165 27.75 -14.21 -57.66
C ASP C 165 26.66 -15.04 -58.32
N VAL C 166 26.21 -16.09 -57.64
CA VAL C 166 25.20 -17.00 -58.18
C VAL C 166 23.85 -16.68 -57.56
N TYR C 167 22.82 -16.67 -58.39
CA TYR C 167 21.46 -16.43 -57.96
C TYR C 167 20.56 -17.58 -58.40
N VAL C 168 19.52 -17.84 -57.62
CA VAL C 168 18.55 -18.87 -57.95
C VAL C 168 17.15 -18.34 -57.69
N PHE C 169 16.22 -18.69 -58.56
CA PHE C 169 14.81 -18.37 -58.41
C PHE C 169 14.03 -19.65 -58.17
N GLY C 170 13.26 -19.68 -57.07
CA GLY C 170 12.51 -20.86 -56.72
C GLY C 170 11.18 -20.96 -57.44
N VAL C 171 11.22 -20.99 -58.76
CA VAL C 171 10.00 -21.05 -59.56
C VAL C 171 9.50 -22.49 -59.61
N GLY C 172 8.26 -22.70 -59.18
CA GLY C 172 7.67 -24.01 -59.16
C GLY C 172 6.59 -24.15 -58.10
N PRO C 173 5.68 -25.10 -58.28
CA PRO C 173 4.62 -25.31 -57.30
C PRO C 173 5.07 -25.96 -56.00
N LEU C 174 5.76 -27.09 -56.07
CA LEU C 174 6.28 -27.79 -54.90
C LEU C 174 7.81 -27.61 -54.92
N VAL C 175 8.31 -26.78 -54.01
CA VAL C 175 9.72 -26.42 -53.96
C VAL C 175 10.30 -26.83 -52.62
N ASN C 176 11.46 -27.47 -52.65
CA ASN C 176 12.22 -27.82 -51.45
C ASN C 176 13.24 -26.73 -51.21
N GLN C 177 13.13 -26.05 -50.08
CA GLN C 177 13.98 -24.88 -49.85
C GLN C 177 15.39 -25.25 -49.39
N VAL C 178 15.62 -26.47 -48.91
CA VAL C 178 16.93 -26.81 -48.36
C VAL C 178 18.00 -26.75 -49.45
N ASN C 179 17.77 -27.44 -50.57
CA ASN C 179 18.77 -27.46 -51.62
C ASN C 179 18.83 -26.14 -52.39
N ILE C 180 17.71 -25.42 -52.47
CA ILE C 180 17.73 -24.10 -53.09
C ILE C 180 18.60 -23.15 -52.29
N ASN C 181 18.46 -23.17 -50.96
CA ASN C 181 19.30 -22.33 -50.12
C ASN C 181 20.75 -22.79 -50.17
N ALA C 182 20.98 -24.10 -50.22
CA ALA C 182 22.35 -24.61 -50.29
C ALA C 182 23.05 -24.19 -51.57
N LEU C 183 22.33 -24.27 -52.71
CA LEU C 183 22.95 -23.96 -53.99
C LEU C 183 23.37 -22.51 -54.08
N ALA C 184 22.51 -21.59 -53.64
CA ALA C 184 22.83 -20.18 -53.71
C ALA C 184 23.95 -19.83 -52.75
N SER C 185 24.85 -18.95 -53.20
CA SER C 185 25.91 -18.48 -52.33
C SER C 185 25.34 -17.65 -51.20
N LYS C 186 25.98 -17.73 -50.03
CA LYS C 186 25.58 -16.95 -48.86
C LYS C 186 26.71 -15.98 -48.56
N LYS C 187 26.57 -14.75 -49.01
CA LYS C 187 27.56 -13.71 -48.85
C LYS C 187 27.21 -12.83 -47.65
N ASP C 188 27.94 -11.74 -47.48
CA ASP C 188 27.71 -10.83 -46.38
C ASP C 188 26.66 -9.81 -46.77
N ASN C 189 25.52 -9.84 -46.06
CA ASN C 189 24.46 -8.85 -46.23
C ASN C 189 23.95 -8.79 -47.67
N GLU C 190 23.69 -9.96 -48.25
CA GLU C 190 23.15 -10.05 -49.60
C GLU C 190 22.17 -11.21 -49.69
N GLN C 191 21.24 -11.11 -50.63
CA GLN C 191 20.22 -12.12 -50.86
C GLN C 191 20.40 -12.74 -52.24
N HIS C 192 20.06 -14.03 -52.34
CA HIS C 192 20.31 -14.74 -53.59
C HIS C 192 19.19 -15.72 -53.96
N VAL C 193 18.10 -15.76 -53.21
CA VAL C 193 16.98 -16.66 -53.50
C VAL C 193 15.70 -15.85 -53.56
N PHE C 194 14.76 -16.29 -54.38
CA PHE C 194 13.51 -15.56 -54.56
C PHE C 194 12.39 -16.57 -54.82
N LYS C 195 11.16 -16.03 -54.91
CA LYS C 195 9.95 -16.85 -54.90
C LYS C 195 9.16 -16.60 -56.18
N VAL C 196 8.21 -17.52 -56.46
CA VAL C 196 7.38 -17.43 -57.65
C VAL C 196 6.58 -16.14 -57.65
N LYS C 197 6.07 -15.73 -56.50
CA LYS C 197 5.20 -14.56 -56.39
C LYS C 197 5.88 -13.26 -56.81
N ASP C 198 7.15 -13.31 -57.24
CA ASP C 198 7.86 -12.15 -57.72
C ASP C 198 7.68 -11.88 -59.21
N MET C 199 6.90 -12.71 -59.91
CA MET C 199 6.62 -12.46 -61.32
C MET C 199 5.89 -11.13 -61.51
N GLU C 200 4.82 -10.93 -60.76
CA GLU C 200 4.18 -9.62 -60.71
C GLU C 200 5.01 -8.71 -59.81
N ASN C 201 5.11 -7.45 -60.20
CA ASN C 201 5.96 -6.48 -59.48
C ASN C 201 7.41 -6.95 -59.46
N LEU C 202 8.02 -6.98 -60.65
CA LEU C 202 9.43 -7.31 -60.73
C LEU C 202 10.31 -6.26 -60.08
N GLU C 203 9.80 -5.05 -59.82
CA GLU C 203 10.64 -4.00 -59.25
C GLU C 203 11.19 -4.39 -57.87
N ASP C 204 10.41 -5.13 -57.08
CA ASP C 204 10.85 -5.49 -55.73
C ASP C 204 12.11 -6.35 -55.78
N VAL C 205 12.06 -7.44 -56.56
CA VAL C 205 13.23 -8.30 -56.69
C VAL C 205 14.35 -7.58 -57.43
N PHE C 206 14.00 -6.70 -58.38
CA PHE C 206 15.01 -6.02 -59.17
C PHE C 206 15.82 -5.04 -58.33
N TYR C 207 15.20 -4.45 -57.31
CA TYR C 207 15.92 -3.49 -56.48
C TYR C 207 17.08 -4.15 -55.76
N GLN C 208 16.88 -5.37 -55.27
CA GLN C 208 18.02 -6.14 -54.77
C GLN C 208 18.94 -6.56 -55.90
N MET C 209 18.39 -6.79 -57.09
CA MET C 209 19.18 -7.34 -58.19
C MET C 209 20.24 -6.36 -58.66
N ILE C 210 19.92 -5.08 -58.72
CA ILE C 210 20.80 -4.06 -59.28
C ILE C 210 21.12 -3.03 -58.22
N ASP C 211 22.40 -2.66 -58.12
CA ASP C 211 22.87 -1.61 -57.23
C ASP C 211 23.62 -0.56 -58.04
N GLU C 212 23.69 0.65 -57.51
CA GLU C 212 24.37 1.76 -58.17
C GLU C 212 25.56 2.18 -57.33
N SER C 213 26.68 1.50 -57.52
CA SER C 213 27.93 1.90 -56.87
C SER C 213 28.56 3.09 -57.57
N GLN C 214 28.48 3.14 -58.91
CA GLN C 214 29.02 4.25 -59.67
C GLN C 214 28.11 4.71 -60.80
N SER C 215 26.89 4.18 -60.88
CA SER C 215 25.97 4.52 -61.96
C SER C 215 25.09 5.72 -61.64
N LEU C 216 25.29 6.37 -60.48
CA LEU C 216 24.47 7.52 -60.12
C LEU C 216 24.84 8.75 -60.94
N SER C 217 26.04 8.80 -61.52
CA SER C 217 26.44 9.97 -62.30
C SER C 217 25.58 10.14 -63.54
N LEU C 218 25.26 9.04 -64.22
CA LEU C 218 24.46 9.11 -65.43
C LEU C 218 22.98 9.30 -65.08
N CYS C 219 22.14 9.37 -66.11
CA CYS C 219 20.71 9.60 -65.93
C CYS C 219 19.93 8.70 -66.87
N GLY C 220 18.65 8.53 -66.55
CA GLY C 220 17.77 7.71 -67.34
C GLY C 220 17.28 6.47 -66.60
N MET C 221 17.18 6.58 -65.28
CA MET C 221 16.78 5.46 -64.43
C MET C 221 15.59 5.86 -63.58
N VAL C 222 14.76 4.87 -63.24
CA VAL C 222 13.54 5.09 -62.48
C VAL C 222 13.15 3.78 -61.78
N TRP C 223 12.67 3.91 -60.55
CA TRP C 223 12.26 2.78 -59.73
C TRP C 223 10.75 2.79 -59.57
N GLU C 224 10.13 1.60 -59.60
CA GLU C 224 8.67 1.50 -59.53
C GLU C 224 8.19 0.54 -58.45
N HIS C 225 9.02 0.23 -57.45
CA HIS C 225 8.56 -0.60 -56.34
C HIS C 225 7.56 0.17 -55.49
N ARG C 226 6.50 -0.51 -55.08
CA ARG C 226 5.52 0.14 -54.22
C ARG C 226 6.05 0.38 -52.82
N LYS C 227 7.14 -0.29 -52.43
CA LYS C 227 7.66 -0.15 -51.08
C LYS C 227 8.15 1.26 -50.81
N GLY C 228 8.39 2.05 -51.85
CA GLY C 228 8.82 3.43 -51.68
C GLY C 228 8.34 4.35 -52.79
N SER D 1 8.44 34.74 55.84
CA SER D 1 7.76 33.48 56.11
C SER D 1 7.59 32.66 54.84
N PRO D 2 7.79 31.34 54.94
CA PRO D 2 7.59 30.48 53.77
C PRO D 2 6.14 30.54 53.31
N MET D 3 5.96 30.48 51.99
CA MET D 3 4.64 30.52 51.39
C MET D 3 4.19 29.13 50.99
N TYR D 4 2.93 28.82 51.23
CA TYR D 4 2.32 27.55 50.87
C TYR D 4 1.41 27.76 49.67
N SER D 5 1.55 26.91 48.66
CA SER D 5 0.81 27.05 47.42
C SER D 5 0.02 25.79 47.15
N ILE D 6 -1.26 25.95 46.85
CA ILE D 6 -2.15 24.85 46.52
C ILE D 6 -2.71 25.08 45.12
N ILE D 7 -2.58 24.09 44.27
CA ILE D 7 -3.01 24.19 42.88
C ILE D 7 -4.04 23.09 42.61
N THR D 8 -5.24 23.50 42.18
CA THR D 8 -6.33 22.58 41.92
C THR D 8 -6.96 22.94 40.58
N PRO D 9 -7.60 21.96 39.91
CA PRO D 9 -8.32 22.30 38.69
C PRO D 9 -9.40 23.34 38.94
N ASN D 10 -9.56 24.25 37.98
CA ASN D 10 -10.50 25.34 38.11
C ASN D 10 -11.95 24.87 38.12
N ILE D 11 -12.23 23.69 37.59
CA ILE D 11 -13.58 23.13 37.58
C ILE D 11 -13.51 21.71 38.11
N LEU D 12 -14.37 21.40 39.07
CA LEU D 12 -14.39 20.08 39.69
C LEU D 12 -15.52 19.25 39.11
N ARG D 13 -15.34 17.93 39.11
CA ARG D 13 -16.30 17.01 38.55
C ARG D 13 -16.75 16.01 39.61
N LEU D 14 -18.05 15.74 39.64
CA LEU D 14 -18.60 14.79 40.60
C LEU D 14 -18.22 13.36 40.23
N GLU D 15 -17.89 12.56 41.25
CA GLU D 15 -17.55 11.15 41.07
C GLU D 15 -16.39 10.97 40.10
N SER D 16 -15.24 11.52 40.50
CA SER D 16 -14.02 11.37 39.71
C SER D 16 -12.82 11.61 40.60
N GLU D 17 -11.67 11.12 40.16
CA GLU D 17 -10.42 11.31 40.90
C GLU D 17 -9.78 12.61 40.43
N GLU D 18 -9.80 13.62 41.29
CA GLU D 18 -9.28 14.94 40.98
C GLU D 18 -8.10 15.22 41.90
N THR D 19 -6.97 15.57 41.31
CA THR D 19 -5.75 15.79 42.09
C THR D 19 -5.67 17.23 42.58
N MET D 20 -4.92 17.42 43.66
CA MET D 20 -4.68 18.73 44.27
C MET D 20 -3.19 18.78 44.64
N VAL D 21 -2.36 19.32 43.75
CA VAL D 21 -0.94 19.37 44.02
C VAL D 21 -0.66 20.33 45.17
N LEU D 22 0.02 19.84 46.19
CA LEU D 22 0.43 20.64 47.33
C LEU D 22 1.93 20.89 47.26
N GLU D 23 2.32 22.16 47.26
CA GLU D 23 3.72 22.55 47.17
C GLU D 23 4.00 23.68 48.14
N ALA D 24 5.18 23.65 48.75
CA ALA D 24 5.61 24.67 49.69
C ALA D 24 6.95 25.22 49.25
N HIS D 25 7.11 26.54 49.34
CA HIS D 25 8.33 27.22 48.96
C HIS D 25 9.05 27.69 50.22
N ASP D 26 10.36 27.43 50.28
CA ASP D 26 11.21 27.81 51.41
C ASP D 26 10.76 27.17 52.72
N ALA D 27 10.07 26.04 52.64
CA ALA D 27 9.62 25.36 53.84
C ALA D 27 10.79 24.77 54.60
N GLN D 28 10.64 24.66 55.91
CA GLN D 28 11.67 24.11 56.79
C GLN D 28 11.12 22.88 57.49
N GLY D 29 11.78 21.74 57.30
CA GLY D 29 11.37 20.52 57.95
C GLY D 29 10.08 19.94 57.38
N ASP D 30 9.58 18.93 58.08
CA ASP D 30 8.34 18.28 57.70
C ASP D 30 7.16 19.14 58.11
N VAL D 31 6.26 19.41 57.17
CA VAL D 31 5.08 20.22 57.39
C VAL D 31 3.85 19.40 57.03
N PRO D 32 3.22 18.73 58.00
CA PRO D 32 1.99 18.00 57.72
C PRO D 32 0.86 18.95 57.36
N VAL D 33 -0.05 18.48 56.51
CA VAL D 33 -1.20 19.26 56.09
C VAL D 33 -2.36 18.32 55.81
N THR D 34 -3.55 18.70 56.27
CA THR D 34 -4.77 17.96 56.01
C THR D 34 -5.69 18.84 55.17
N VAL D 35 -6.15 18.31 54.05
CA VAL D 35 -7.02 19.03 53.14
C VAL D 35 -8.47 18.63 53.42
N THR D 36 -9.35 19.62 53.51
CA THR D 36 -10.76 19.40 53.76
C THR D 36 -11.60 20.16 52.74
N VAL D 37 -12.76 19.61 52.43
CA VAL D 37 -13.68 20.17 51.46
C VAL D 37 -15.02 20.42 52.15
N HIS D 38 -15.55 21.62 51.97
CA HIS D 38 -16.83 22.00 52.55
C HIS D 38 -17.73 22.61 51.48
N ASP D 39 -19.03 22.36 51.60
CA ASP D 39 -20.00 22.93 50.68
C ASP D 39 -20.10 24.43 50.86
N PHE D 40 -20.51 25.12 49.79
CA PHE D 40 -20.67 26.60 49.81
C PHE D 40 -22.06 26.97 49.27
N PRO D 41 -22.95 27.55 50.10
CA PRO D 41 -22.61 27.98 51.46
C PRO D 41 -22.74 26.85 52.49
N GLY D 42 -22.67 27.20 53.78
CA GLY D 42 -22.76 26.22 54.83
C GLY D 42 -21.48 25.45 55.07
N LYS D 43 -21.63 24.37 55.85
CA LYS D 43 -20.54 23.45 56.14
C LYS D 43 -21.17 22.06 56.28
N LYS D 44 -21.17 21.29 55.20
CA LYS D 44 -21.77 19.97 55.19
C LYS D 44 -20.76 18.85 55.38
N LEU D 45 -19.46 19.16 55.35
CA LEU D 45 -18.40 18.17 55.59
C LEU D 45 -18.47 17.03 54.57
N VAL D 46 -18.32 17.40 53.29
CA VAL D 46 -18.45 16.41 52.22
C VAL D 46 -17.27 15.44 52.24
N LEU D 47 -16.05 15.95 52.43
CA LEU D 47 -14.87 15.09 52.48
C LEU D 47 -13.73 15.87 53.11
N SER D 48 -13.04 15.25 54.08
CA SER D 48 -11.91 15.86 54.76
C SER D 48 -10.78 14.87 54.94
N SER D 49 -10.72 13.84 54.10
CA SER D 49 -9.76 12.78 54.23
C SER D 49 -8.54 13.06 53.36
N GLU D 50 -7.66 12.07 53.25
CA GLU D 50 -6.46 12.14 52.42
C GLU D 50 -5.54 13.28 52.87
N LYS D 51 -5.06 13.16 54.10
CA LYS D 51 -4.04 14.06 54.63
C LYS D 51 -2.65 13.52 54.28
N THR D 52 -1.71 14.44 54.11
CA THR D 52 -0.36 14.08 53.70
C THR D 52 0.64 15.00 54.38
N VAL D 53 1.79 14.44 54.74
CA VAL D 53 2.89 15.20 55.32
C VAL D 53 3.86 15.54 54.21
N LEU D 54 4.66 16.58 54.44
CA LEU D 54 5.66 17.02 53.47
C LEU D 54 7.05 16.67 53.97
N THR D 55 7.97 16.49 53.01
CA THR D 55 9.34 16.12 53.32
C THR D 55 10.29 17.00 52.52
N PRO D 56 11.29 17.60 53.18
CA PRO D 56 12.29 18.37 52.43
C PRO D 56 13.09 17.52 51.47
N ALA D 57 13.18 16.21 51.70
CA ALA D 57 13.88 15.33 50.77
C ALA D 57 13.20 15.32 49.41
N THR D 58 11.87 15.30 49.39
CA THR D 58 11.10 15.30 48.15
C THR D 58 10.78 16.73 47.68
N ASN D 59 11.61 17.70 48.06
CA ASN D 59 11.47 19.11 47.66
C ASN D 59 10.13 19.69 48.08
N HIS D 60 9.58 19.20 49.19
CA HIS D 60 8.31 19.68 49.74
C HIS D 60 7.20 19.60 48.69
N MET D 61 7.04 18.41 48.12
CA MET D 61 6.10 18.17 47.04
C MET D 61 5.17 17.03 47.41
N GLY D 62 3.92 17.13 46.99
CA GLY D 62 2.94 16.09 47.29
C GLY D 62 1.57 16.38 46.72
N ASN D 63 0.89 15.33 46.26
CA ASN D 63 -0.42 15.46 45.66
C ASN D 63 -1.40 14.53 46.34
N VAL D 64 -2.59 15.02 46.64
CA VAL D 64 -3.63 14.24 47.31
C VAL D 64 -4.72 13.91 46.30
N THR D 65 -5.16 12.66 46.29
CA THR D 65 -6.17 12.19 45.36
C THR D 65 -7.38 11.69 46.12
N PHE D 66 -8.56 12.13 45.71
CA PHE D 66 -9.81 11.75 46.36
C PHE D 66 -10.93 11.84 45.32
N THR D 67 -12.17 11.81 45.81
CA THR D 67 -13.33 11.93 44.95
C THR D 67 -14.46 12.58 45.73
N ILE D 68 -15.03 13.64 45.19
CA ILE D 68 -16.16 14.32 45.82
C ILE D 68 -17.39 13.42 45.74
N PRO D 69 -18.03 13.12 46.86
CA PRO D 69 -19.24 12.28 46.81
C PRO D 69 -20.39 12.97 46.13
N ALA D 70 -21.24 12.18 45.50
CA ALA D 70 -22.45 12.68 44.85
C ALA D 70 -23.62 12.53 45.83
N ASN D 71 -24.17 13.66 46.27
CA ASN D 71 -25.26 13.69 47.22
C ASN D 71 -26.48 14.38 46.61
N ARG D 72 -27.62 14.24 47.29
CA ARG D 72 -28.85 14.86 46.83
C ARG D 72 -28.81 16.37 46.93
N GLU D 73 -27.97 16.93 47.81
CA GLU D 73 -27.89 18.37 47.96
C GLU D 73 -27.39 19.03 46.68
N PHE D 74 -26.36 18.44 46.05
CA PHE D 74 -25.90 18.94 44.76
C PHE D 74 -26.96 18.77 43.70
N LYS D 75 -27.65 17.62 43.70
CA LYS D 75 -28.70 17.33 42.74
C LYS D 75 -30.00 18.06 43.03
N SER D 76 -30.13 18.68 44.21
CA SER D 76 -31.34 19.41 44.53
C SER D 76 -31.51 20.61 43.60
N GLU D 77 -30.42 21.33 43.32
CA GLU D 77 -30.44 22.48 42.43
C GLU D 77 -29.63 22.15 41.18
N LYS D 78 -30.26 22.29 40.02
CA LYS D 78 -29.61 22.01 38.74
C LYS D 78 -29.62 23.18 37.77
N GLY D 79 -30.34 24.27 38.07
CA GLY D 79 -30.44 25.41 37.19
C GLY D 79 -29.54 26.57 37.52
N ARG D 80 -28.79 26.51 38.63
CA ARG D 80 -27.91 27.60 39.03
C ARG D 80 -26.54 27.05 39.37
N ASN D 81 -25.53 27.91 39.23
CA ASN D 81 -24.15 27.50 39.51
C ASN D 81 -23.97 27.22 40.99
N LYS D 82 -23.19 26.18 41.29
CA LYS D 82 -22.90 25.78 42.66
C LYS D 82 -21.40 25.74 42.87
N PHE D 83 -20.97 25.99 44.11
CA PHE D 83 -19.55 26.04 44.44
C PHE D 83 -19.30 25.28 45.72
N VAL D 84 -18.05 24.86 45.89
CA VAL D 84 -17.59 24.21 47.11
C VAL D 84 -16.31 24.89 47.57
N THR D 85 -15.97 24.68 48.83
CA THR D 85 -14.78 25.26 49.43
C THR D 85 -13.78 24.16 49.75
N VAL D 86 -12.56 24.31 49.23
CA VAL D 86 -11.45 23.43 49.60
C VAL D 86 -10.54 24.21 50.55
N GLN D 87 -10.24 23.60 51.68
CA GLN D 87 -9.44 24.22 52.72
C GLN D 87 -8.27 23.33 53.08
N ALA D 88 -7.11 23.93 53.27
CA ALA D 88 -5.91 23.20 53.64
C ALA D 88 -5.32 23.79 54.91
N THR D 89 -4.88 22.92 55.82
CA THR D 89 -4.34 23.32 57.11
C THR D 89 -2.84 23.00 57.11
N PHE D 90 -2.04 23.96 56.64
CA PHE D 90 -0.59 23.82 56.60
C PHE D 90 -0.05 24.09 58.00
N GLY D 91 -0.25 23.11 58.89
CA GLY D 91 0.17 23.26 60.27
C GLY D 91 -0.61 24.35 60.98
N THR D 92 0.06 25.46 61.29
CA THR D 92 -0.58 26.59 61.93
C THR D 92 -1.12 27.61 60.93
N GLN D 93 -0.91 27.39 59.63
CA GLN D 93 -1.38 28.28 58.59
C GLN D 93 -2.58 27.65 57.88
N VAL D 94 -3.57 28.48 57.57
CA VAL D 94 -4.80 28.01 56.96
C VAL D 94 -5.01 28.75 55.64
N VAL D 95 -5.32 27.99 54.59
CA VAL D 95 -5.60 28.55 53.27
C VAL D 95 -6.83 27.86 52.71
N GLU D 96 -7.70 28.63 52.08
CA GLU D 96 -8.94 28.09 51.53
C GLU D 96 -9.39 28.93 50.35
N LYS D 97 -9.78 28.26 49.28
CA LYS D 97 -10.18 28.90 48.03
C LYS D 97 -11.44 28.23 47.50
N VAL D 98 -12.41 29.04 47.09
CA VAL D 98 -13.65 28.53 46.52
C VAL D 98 -13.40 28.12 45.07
N VAL D 99 -14.20 27.18 44.59
CA VAL D 99 -14.02 26.66 43.23
C VAL D 99 -15.37 26.20 42.72
N LEU D 100 -15.61 26.41 41.42
CA LEU D 100 -16.85 25.98 40.79
C LEU D 100 -16.88 24.46 40.65
N VAL D 101 -18.07 23.90 40.77
CA VAL D 101 -18.29 22.46 40.61
C VAL D 101 -19.33 22.26 39.52
N SER D 102 -18.98 21.45 38.53
CA SER D 102 -19.88 21.15 37.43
C SER D 102 -20.63 19.85 37.71
N LEU D 103 -21.51 19.48 36.78
CA LEU D 103 -22.29 18.26 36.91
C LEU D 103 -21.87 17.17 35.92
N GLN D 104 -20.98 17.48 34.98
CA GLN D 104 -20.52 16.48 34.03
C GLN D 104 -19.75 15.40 34.76
N SER D 105 -20.09 14.13 34.49
CA SER D 105 -19.46 13.00 35.17
C SER D 105 -19.16 11.87 34.20
N GLY D 106 -18.88 12.21 32.95
CA GLY D 106 -18.56 11.20 31.96
C GLY D 106 -19.15 11.56 30.61
N TYR D 107 -18.94 10.66 29.66
CA TYR D 107 -19.46 10.83 28.31
C TYR D 107 -20.29 9.62 27.92
N LEU D 108 -21.23 9.85 27.01
CA LEU D 108 -22.05 8.78 26.45
C LEU D 108 -21.90 8.77 24.95
N PHE D 109 -21.54 7.61 24.39
CA PHE D 109 -21.42 7.45 22.95
C PHE D 109 -22.43 6.42 22.50
N ILE D 110 -23.26 6.79 21.51
CA ILE D 110 -24.34 5.96 21.01
C ILE D 110 -23.95 5.46 19.64
N GLN D 111 -23.88 4.14 19.48
CA GLN D 111 -23.57 3.54 18.20
C GLN D 111 -24.79 2.77 17.70
N THR D 112 -25.22 3.08 16.49
CA THR D 112 -26.30 2.36 15.83
C THR D 112 -25.72 1.62 14.63
N ASP D 113 -26.17 0.39 14.44
CA ASP D 113 -25.64 -0.42 13.33
C ASP D 113 -25.89 0.25 11.99
N LYS D 114 -27.13 0.66 11.75
CA LYS D 114 -27.49 1.34 10.51
C LYS D 114 -27.75 2.82 10.78
N THR D 115 -27.96 3.56 9.69
CA THR D 115 -28.38 4.96 9.79
C THR D 115 -29.77 5.21 9.25
N ILE D 116 -30.34 4.29 8.47
CA ILE D 116 -31.72 4.39 8.00
C ILE D 116 -32.40 3.06 8.27
N TYR D 117 -33.61 3.13 8.82
CA TYR D 117 -34.38 1.93 9.15
C TYR D 117 -35.77 2.04 8.56
N THR D 118 -36.21 0.99 7.90
CA THR D 118 -37.57 0.95 7.39
C THR D 118 -38.55 0.67 8.52
N PRO D 119 -39.79 1.14 8.41
CA PRO D 119 -40.80 0.81 9.41
C PRO D 119 -41.02 -0.70 9.49
N GLY D 120 -41.27 -1.18 10.71
CA GLY D 120 -41.39 -2.59 10.96
C GLY D 120 -40.09 -3.32 11.17
N SER D 121 -38.98 -2.61 11.25
CA SER D 121 -37.66 -3.22 11.43
C SER D 121 -37.12 -2.93 12.82
N THR D 122 -36.24 -3.81 13.28
CA THR D 122 -35.65 -3.68 14.61
C THR D 122 -34.59 -2.59 14.63
N VAL D 123 -34.31 -2.08 15.82
CA VAL D 123 -33.25 -1.10 16.05
C VAL D 123 -32.31 -1.67 17.10
N LEU D 124 -31.02 -1.73 16.78
CA LEU D 124 -30.00 -2.23 17.69
C LEU D 124 -28.99 -1.12 17.92
N TYR D 125 -28.93 -0.60 19.13
CA TYR D 125 -27.97 0.43 19.50
C TYR D 125 -27.28 0.05 20.79
N ARG D 126 -26.01 0.47 20.91
CA ARG D 126 -25.23 0.24 22.11
C ARG D 126 -24.90 1.57 22.77
N ILE D 127 -24.98 1.61 24.09
CA ILE D 127 -24.67 2.79 24.86
C ILE D 127 -23.30 2.58 25.50
N PHE D 128 -22.35 3.45 25.16
CA PHE D 128 -21.02 3.39 25.74
C PHE D 128 -20.93 4.34 26.92
N THR D 129 -20.49 3.82 28.07
CA THR D 129 -20.36 4.61 29.28
C THR D 129 -18.89 4.76 29.61
N VAL D 130 -18.39 6.00 29.53
CA VAL D 130 -17.01 6.30 29.85
C VAL D 130 -16.97 7.53 30.74
N ASN D 131 -15.90 7.64 31.54
CA ASN D 131 -15.73 8.76 32.46
C ASN D 131 -14.85 9.83 31.83
N HIS D 132 -14.51 10.84 32.64
CA HIS D 132 -13.71 11.96 32.14
C HIS D 132 -12.31 11.52 31.73
N LYS D 133 -11.82 10.40 32.24
CA LYS D 133 -10.54 9.85 31.84
C LYS D 133 -10.66 8.85 30.70
N LEU D 134 -11.86 8.70 30.13
CA LEU D 134 -12.13 7.75 29.04
C LEU D 134 -11.81 6.32 29.48
N LEU D 135 -12.47 5.91 30.56
CA LEU D 135 -12.36 4.56 31.08
C LEU D 135 -13.77 4.02 31.32
N PRO D 136 -13.93 2.69 31.26
CA PRO D 136 -15.23 2.10 31.60
C PRO D 136 -15.62 2.43 33.03
N VAL D 137 -16.91 2.69 33.24
CA VAL D 137 -17.42 3.09 34.54
C VAL D 137 -18.80 2.47 34.73
N GLY D 138 -19.15 2.23 35.99
CA GLY D 138 -20.46 1.68 36.31
C GLY D 138 -21.41 2.72 36.88
N ARG D 139 -22.35 3.19 36.05
CA ARG D 139 -23.31 4.19 36.45
C ARG D 139 -24.70 3.75 35.99
N THR D 140 -25.66 4.66 36.11
CA THR D 140 -27.04 4.43 35.68
C THR D 140 -27.36 5.36 34.52
N VAL D 141 -27.93 4.80 33.45
CA VAL D 141 -28.16 5.52 32.21
C VAL D 141 -29.65 5.51 31.90
N MET D 142 -30.22 6.68 31.67
CA MET D 142 -31.57 6.80 31.15
C MET D 142 -31.51 6.95 29.63
N VAL D 143 -32.34 6.19 28.93
CA VAL D 143 -32.37 6.18 27.48
C VAL D 143 -33.78 6.54 27.02
N ASN D 144 -33.88 7.50 26.11
CA ASN D 144 -35.16 7.90 25.55
C ASN D 144 -35.05 8.00 24.03
N ILE D 145 -36.15 7.69 23.36
CA ILE D 145 -36.24 7.76 21.90
C ILE D 145 -37.34 8.75 21.55
N GLU D 146 -37.00 9.76 20.77
CA GLU D 146 -37.91 10.86 20.47
C GLU D 146 -38.23 10.89 18.99
N ASN D 147 -39.51 10.99 18.66
CA ASN D 147 -39.94 11.14 17.27
C ASN D 147 -39.62 12.56 16.79
N PRO D 148 -39.62 12.78 15.47
CA PRO D 148 -39.20 14.10 14.96
C PRO D 148 -39.98 15.27 15.51
N GLU D 149 -41.28 15.11 15.80
CA GLU D 149 -42.05 16.22 16.35
C GLU D 149 -41.70 16.50 17.81
N GLY D 150 -41.04 15.57 18.49
CA GLY D 150 -40.56 15.83 19.84
C GLY D 150 -41.37 15.17 20.94
N ILE D 151 -41.78 13.92 20.73
CA ILE D 151 -42.57 13.18 21.71
C ILE D 151 -41.84 11.90 22.09
N PRO D 152 -41.40 11.75 23.33
CA PRO D 152 -40.78 10.48 23.74
C PRO D 152 -41.75 9.32 23.57
N VAL D 153 -41.21 8.18 23.12
CA VAL D 153 -42.05 7.04 22.77
C VAL D 153 -41.66 5.82 23.60
N LYS D 154 -40.41 5.75 24.03
CA LYS D 154 -39.93 4.59 24.78
C LYS D 154 -38.80 5.03 25.69
N GLN D 155 -38.95 4.76 26.98
CA GLN D 155 -37.96 5.15 27.98
C GLN D 155 -37.55 3.93 28.78
N ASP D 156 -36.27 3.91 29.19
CA ASP D 156 -35.70 2.80 29.91
C ASP D 156 -34.84 3.33 31.06
N SER D 157 -34.34 2.41 31.88
CA SER D 157 -33.47 2.77 33.00
C SER D 157 -32.50 1.62 33.21
N LEU D 158 -31.32 1.73 32.61
CA LEU D 158 -30.33 0.67 32.62
C LEU D 158 -29.24 0.95 33.64
N SER D 159 -28.42 -0.07 33.88
CA SER D 159 -27.27 0.03 34.77
C SER D 159 -26.05 -0.54 34.07
N SER D 160 -24.93 0.17 34.20
CA SER D 160 -23.68 -0.26 33.56
C SER D 160 -22.83 -1.13 34.46
N GLN D 161 -23.31 -1.48 35.64
CA GLN D 161 -22.56 -2.37 36.53
C GLN D 161 -22.48 -3.76 35.93
N ASN D 162 -21.30 -4.38 36.03
CA ASN D 162 -20.99 -5.72 35.56
C ASN D 162 -21.03 -5.85 34.04
N GLN D 163 -21.30 -4.77 33.30
CA GLN D 163 -21.34 -4.81 31.85
C GLN D 163 -20.07 -4.30 31.19
N LEU D 164 -19.08 -3.87 31.99
CA LEU D 164 -17.81 -3.37 31.47
C LEU D 164 -18.02 -2.20 30.52
N GLY D 165 -19.02 -1.36 30.82
CA GLY D 165 -19.22 -0.13 30.09
C GLY D 165 -19.94 -0.24 28.77
N VAL D 166 -20.53 -1.39 28.46
CA VAL D 166 -21.27 -1.58 27.21
C VAL D 166 -22.67 -2.06 27.54
N LEU D 167 -23.68 -1.34 27.04
CA LEU D 167 -25.08 -1.67 27.30
C LEU D 167 -25.81 -1.92 25.99
N PRO D 168 -25.97 -3.18 25.57
CA PRO D 168 -26.69 -3.44 24.32
C PRO D 168 -28.19 -3.38 24.53
N LEU D 169 -28.88 -2.64 23.66
CA LEU D 169 -30.32 -2.45 23.77
C LEU D 169 -30.95 -2.60 22.39
N SER D 170 -32.25 -2.90 22.39
CA SER D 170 -32.99 -3.08 21.16
C SER D 170 -34.35 -2.40 21.27
N TRP D 171 -34.90 -2.04 20.13
CA TRP D 171 -36.24 -1.46 20.06
C TRP D 171 -36.86 -1.81 18.72
N ASP D 172 -38.17 -1.99 18.73
CA ASP D 172 -38.93 -2.40 17.55
C ASP D 172 -39.81 -1.24 17.10
N ILE D 173 -39.51 -0.69 15.93
CA ILE D 173 -40.34 0.40 15.39
C ILE D 173 -41.69 -0.17 14.99
N PRO D 174 -42.80 0.48 15.36
CA PRO D 174 -44.10 0.01 14.89
C PRO D 174 -44.21 0.08 13.38
N GLU D 175 -45.02 -0.81 12.81
CA GLU D 175 -45.18 -0.86 11.36
C GLU D 175 -45.80 0.41 10.80
N LEU D 176 -46.44 1.23 11.64
CA LEU D 176 -47.15 2.42 11.19
C LEU D 176 -46.60 3.60 12.00
N VAL D 177 -45.65 4.32 11.42
CA VAL D 177 -44.92 5.37 12.12
C VAL D 177 -44.69 6.54 11.17
N ASN D 178 -44.80 7.75 11.71
CA ASN D 178 -44.47 8.96 10.95
C ASN D 178 -42.96 9.00 10.68
N MET D 179 -42.59 9.07 9.41
CA MET D 179 -41.19 9.13 9.05
C MET D 179 -40.62 10.52 9.33
N GLY D 180 -39.31 10.63 9.25
CA GLY D 180 -38.63 11.88 9.52
C GLY D 180 -37.25 11.61 10.12
N GLN D 181 -36.80 12.57 10.93
CA GLN D 181 -35.51 12.48 11.61
C GLN D 181 -35.75 12.07 13.05
N TRP D 182 -35.73 10.76 13.31
CA TRP D 182 -35.83 10.27 14.67
C TRP D 182 -34.55 10.58 15.45
N LYS D 183 -34.69 10.62 16.77
CA LYS D 183 -33.58 10.97 17.65
C LYS D 183 -33.55 10.03 18.84
N ILE D 184 -32.35 9.65 19.25
CA ILE D 184 -32.12 8.89 20.47
C ILE D 184 -31.35 9.78 21.42
N ARG D 185 -31.87 9.97 22.62
CA ARG D 185 -31.23 10.83 23.61
C ARG D 185 -31.05 10.07 24.91
N ALA D 186 -29.88 10.25 25.53
CA ALA D 186 -29.54 9.59 26.77
C ALA D 186 -28.85 10.59 27.69
N TYR D 187 -29.01 10.38 29.00
CA TYR D 187 -28.40 11.25 29.97
C TYR D 187 -28.13 10.48 31.26
N TYR D 188 -27.08 10.88 31.96
CA TYR D 188 -26.76 10.25 33.23
C TYR D 188 -27.77 10.66 34.29
N GLU D 189 -27.92 9.80 35.30
CA GLU D 189 -28.90 10.06 36.35
C GLU D 189 -28.51 11.29 37.17
N ASN D 190 -27.22 11.45 37.47
CA ASN D 190 -26.77 12.53 38.34
C ASN D 190 -26.98 13.89 37.70
N SER D 191 -26.82 14.00 36.38
CA SER D 191 -26.89 15.27 35.67
C SER D 191 -27.92 15.17 34.56
N PRO D 192 -29.22 15.24 34.90
CA PRO D 192 -30.25 15.15 33.85
C PRO D 192 -30.22 16.30 32.86
N GLN D 193 -29.61 17.43 33.21
CA GLN D 193 -29.54 18.55 32.27
C GLN D 193 -28.62 18.24 31.10
N GLN D 194 -27.57 17.46 31.33
CA GLN D 194 -26.61 17.09 30.28
C GLN D 194 -27.22 15.99 29.43
N VAL D 195 -27.52 16.29 28.17
CA VAL D 195 -28.18 15.35 27.28
C VAL D 195 -27.25 15.05 26.11
N PHE D 196 -26.95 13.78 25.91
CA PHE D 196 -26.27 13.31 24.72
C PHE D 196 -27.28 12.71 23.75
N SER D 197 -26.94 12.75 22.46
CA SER D 197 -27.91 12.37 21.45
C SER D 197 -27.22 11.82 20.22
N THR D 198 -27.98 11.05 19.44
CA THR D 198 -27.61 10.61 18.10
C THR D 198 -28.82 10.84 17.19
N GLU D 199 -28.64 10.58 15.90
CA GLU D 199 -29.71 10.82 14.94
C GLU D 199 -29.73 9.71 13.90
N PHE D 200 -30.86 9.02 13.80
CA PHE D 200 -31.11 8.05 12.75
C PHE D 200 -32.50 8.34 12.18
N GLU D 201 -32.64 8.19 10.86
CA GLU D 201 -33.88 8.54 10.19
C GLU D 201 -34.59 7.30 9.67
N VAL D 202 -35.91 7.38 9.65
CA VAL D 202 -36.77 6.31 9.13
C VAL D 202 -37.23 6.73 7.74
N LYS D 203 -36.99 5.85 6.77
CA LYS D 203 -37.30 6.17 5.37
C LYS D 203 -37.94 4.96 4.70
N GLU D 204 -38.67 5.24 3.63
CA GLU D 204 -39.36 4.22 2.85
C GLU D 204 -38.46 3.76 1.69
N TYR D 205 -37.28 3.25 2.05
CA TYR D 205 -36.20 3.06 1.09
C TYR D 205 -36.08 1.62 0.66
N VAL D 206 -35.35 1.42 -0.44
CA VAL D 206 -34.86 0.12 -0.86
C VAL D 206 -33.40 0.29 -1.23
N LEU D 207 -32.57 -0.71 -0.90
CA LEU D 207 -31.13 -0.56 -1.04
C LEU D 207 -30.77 -0.36 -2.51
N PRO D 208 -29.89 0.60 -2.81
CA PRO D 208 -29.45 0.80 -4.20
C PRO D 208 -28.46 -0.26 -4.62
N SER D 209 -27.90 -0.14 -5.82
CA SER D 209 -26.94 -1.11 -6.32
C SER D 209 -25.58 -0.52 -6.65
N PHE D 210 -25.38 0.78 -6.43
CA PHE D 210 -24.11 1.41 -6.77
C PHE D 210 -23.99 2.73 -6.05
N GLU D 211 -22.75 3.23 -6.01
CA GLU D 211 -22.42 4.47 -5.30
C GLU D 211 -22.01 5.53 -6.32
N VAL D 212 -22.50 6.75 -6.10
CA VAL D 212 -22.18 7.88 -6.97
C VAL D 212 -21.50 8.95 -6.12
N ILE D 213 -20.30 9.35 -6.54
CA ILE D 213 -19.53 10.39 -5.86
C ILE D 213 -19.21 11.47 -6.88
N VAL D 214 -19.55 12.71 -6.55
CA VAL D 214 -19.25 13.86 -7.39
C VAL D 214 -18.10 14.63 -6.73
N GLU D 215 -16.95 14.64 -7.39
CA GLU D 215 -15.75 15.28 -6.84
C GLU D 215 -15.29 16.38 -7.77
N PRO D 216 -15.56 17.65 -7.46
CA PRO D 216 -15.04 18.74 -8.27
C PRO D 216 -13.52 18.78 -8.19
N THR D 217 -12.91 19.31 -9.26
CA THR D 217 -11.45 19.32 -9.35
C THR D 217 -10.84 20.12 -8.21
N GLU D 218 -11.44 21.25 -7.86
CA GLU D 218 -11.03 22.02 -6.69
C GLU D 218 -12.24 22.27 -5.81
N LYS D 219 -12.03 22.29 -4.50
CA LYS D 219 -13.15 22.43 -3.58
C LYS D 219 -13.55 23.89 -3.45
N PHE D 220 -13.72 24.57 -4.58
CA PHE D 220 -14.13 25.96 -4.62
C PHE D 220 -14.36 26.38 -6.07
N TYR D 221 -14.79 27.62 -6.26
CA TYR D 221 -14.95 28.18 -7.60
C TYR D 221 -14.42 29.61 -7.57
N TYR D 222 -13.28 29.83 -8.21
CA TYR D 222 -12.75 31.18 -8.34
C TYR D 222 -13.75 32.05 -9.09
N ILE D 223 -14.02 33.24 -8.56
CA ILE D 223 -15.05 34.09 -9.14
C ILE D 223 -14.62 34.62 -10.51
N TYR D 224 -13.35 34.95 -10.66
CA TYR D 224 -12.85 35.53 -11.91
C TYR D 224 -12.44 34.47 -12.93
N ASN D 225 -12.55 33.20 -12.60
CA ASN D 225 -12.22 32.14 -13.54
C ASN D 225 -13.16 32.19 -14.73
N GLU D 226 -12.61 31.96 -15.93
CA GLU D 226 -13.41 32.00 -17.15
C GLU D 226 -13.96 30.64 -17.54
N LYS D 227 -13.23 29.56 -17.26
CA LYS D 227 -13.73 28.24 -17.62
C LYS D 227 -14.99 27.89 -16.85
N GLY D 228 -15.04 28.22 -15.57
CA GLY D 228 -16.19 27.91 -14.74
C GLY D 228 -15.96 26.67 -13.90
N LEU D 229 -16.98 26.36 -13.11
CA LEU D 229 -16.89 25.20 -12.21
C LEU D 229 -16.89 23.91 -13.01
N GLU D 230 -16.04 22.97 -12.58
CA GLU D 230 -15.92 21.65 -13.19
C GLU D 230 -16.19 20.60 -12.14
N VAL D 231 -17.09 19.66 -12.46
CA VAL D 231 -17.44 18.57 -11.55
C VAL D 231 -17.31 17.26 -12.31
N THR D 232 -16.77 16.25 -11.63
CA THR D 232 -16.51 14.94 -12.23
C THR D 232 -17.37 13.90 -11.53
N ILE D 233 -18.15 13.16 -12.30
CA ILE D 233 -18.98 12.09 -11.77
C ILE D 233 -18.22 10.78 -11.89
N THR D 234 -18.13 10.06 -10.77
CA THR D 234 -17.45 8.76 -10.74
C THR D 234 -18.42 7.74 -10.15
N ALA D 235 -19.18 7.08 -11.02
CA ALA D 235 -20.12 6.05 -10.59
C ALA D 235 -19.41 4.71 -10.55
N ARG D 236 -19.48 4.05 -9.41
CA ARG D 236 -18.83 2.77 -9.21
C ARG D 236 -19.79 1.81 -8.52
N PHE D 237 -19.81 0.57 -8.99
CA PHE D 237 -20.62 -0.45 -8.33
C PHE D 237 -20.09 -0.70 -6.93
N LEU D 238 -20.97 -1.17 -6.05
CA LEU D 238 -20.58 -1.37 -4.66
C LEU D 238 -19.49 -2.42 -4.53
N TYR D 239 -19.60 -3.50 -5.29
CA TYR D 239 -18.67 -4.63 -5.19
C TYR D 239 -17.42 -4.44 -6.03
N GLY D 240 -17.04 -3.21 -6.36
CA GLY D 240 -15.79 -2.94 -7.02
C GLY D 240 -15.80 -3.15 -8.52
N LYS D 241 -16.78 -2.56 -9.20
CA LYS D 241 -16.88 -2.64 -10.65
C LYS D 241 -17.35 -1.30 -11.20
N LYS D 242 -17.18 -1.12 -12.50
CA LYS D 242 -17.47 0.14 -13.14
C LYS D 242 -18.87 0.15 -13.74
N VAL D 243 -19.38 1.36 -13.98
CA VAL D 243 -20.76 1.56 -14.42
C VAL D 243 -20.76 2.09 -15.85
N GLU D 244 -21.81 1.75 -16.59
CA GLU D 244 -22.02 2.24 -17.95
C GLU D 244 -23.47 2.71 -18.04
N GLY D 245 -23.70 3.98 -17.71
CA GLY D 245 -25.05 4.52 -17.74
C GLY D 245 -25.10 5.94 -18.26
N THR D 246 -26.12 6.70 -17.82
CA THR D 246 -26.25 8.10 -18.16
C THR D 246 -26.54 8.90 -16.90
N ALA D 247 -26.20 10.18 -16.94
CA ALA D 247 -26.28 11.02 -15.75
C ALA D 247 -26.96 12.34 -16.07
N PHE D 248 -27.55 12.94 -15.04
CA PHE D 248 -28.10 14.28 -15.10
C PHE D 248 -27.47 15.13 -14.02
N VAL D 249 -27.10 16.36 -14.38
CA VAL D 249 -26.47 17.29 -13.45
C VAL D 249 -27.24 18.60 -13.47
N ILE D 250 -27.46 19.17 -12.29
CA ILE D 250 -28.08 20.47 -12.14
C ILE D 250 -27.33 21.24 -11.07
N PHE D 251 -26.97 22.48 -11.36
CA PHE D 251 -26.22 23.33 -10.45
C PHE D 251 -27.15 24.38 -9.85
N GLY D 252 -27.11 24.53 -8.55
CA GLY D 252 -27.93 25.53 -7.88
C GLY D 252 -27.11 26.34 -6.89
N ILE D 253 -27.49 27.60 -6.73
CA ILE D 253 -26.86 28.48 -5.78
C ILE D 253 -27.54 28.33 -4.44
N GLN D 254 -26.76 28.02 -3.40
CA GLN D 254 -27.27 27.84 -2.05
C GLN D 254 -26.84 29.06 -1.23
N ASP D 255 -27.75 30.01 -1.07
CA ASP D 255 -27.52 31.20 -0.26
C ASP D 255 -28.38 31.11 0.99
N GLY D 256 -27.74 31.14 2.15
CA GLY D 256 -28.47 30.97 3.39
C GLY D 256 -29.17 29.63 3.43
N GLU D 257 -30.44 29.65 3.82
CA GLU D 257 -31.26 28.45 3.88
C GLU D 257 -32.15 28.29 2.65
N GLN D 258 -32.05 29.20 1.68
CA GLN D 258 -32.89 29.18 0.49
C GLN D 258 -32.06 28.69 -0.70
N ARG D 259 -32.58 27.72 -1.43
CA ARG D 259 -31.89 27.13 -2.56
C ARG D 259 -32.50 27.68 -3.86
N ILE D 260 -31.65 28.23 -4.71
CA ILE D 260 -32.06 28.78 -6.00
C ILE D 260 -31.50 27.87 -7.09
N SER D 261 -32.36 27.45 -8.00
CA SER D 261 -31.99 26.49 -9.04
C SER D 261 -31.71 27.20 -10.36
N LEU D 262 -30.90 26.56 -11.19
CA LEU D 262 -30.54 27.09 -12.51
C LEU D 262 -31.10 26.18 -13.59
N PRO D 263 -32.20 26.56 -14.26
CA PRO D 263 -32.75 25.68 -15.30
C PRO D 263 -31.81 25.44 -16.47
N GLU D 264 -30.93 26.40 -16.78
CA GLU D 264 -30.11 26.33 -17.99
C GLU D 264 -28.82 25.55 -17.79
N SER D 265 -28.55 25.05 -16.58
CA SER D 265 -27.34 24.29 -16.32
C SER D 265 -27.54 22.78 -16.44
N LEU D 266 -28.74 22.35 -16.80
CA LEU D 266 -29.03 20.92 -16.88
C LEU D 266 -28.34 20.31 -18.09
N LYS D 267 -27.67 19.18 -17.87
CA LYS D 267 -26.93 18.51 -18.94
C LYS D 267 -27.16 17.01 -18.83
N ARG D 268 -26.99 16.32 -19.96
CA ARG D 268 -27.13 14.86 -20.05
C ARG D 268 -25.81 14.30 -20.52
N ILE D 269 -24.85 14.14 -19.61
CA ILE D 269 -23.51 13.67 -19.95
C ILE D 269 -23.51 12.15 -19.85
N PRO D 270 -23.14 11.44 -20.90
CA PRO D 270 -23.12 9.97 -20.85
C PRO D 270 -21.88 9.47 -20.12
N ILE D 271 -22.08 8.92 -18.93
CA ILE D 271 -20.97 8.41 -18.15
C ILE D 271 -20.44 7.14 -18.78
N GLU D 272 -19.14 7.10 -19.04
CA GLU D 272 -18.48 5.96 -19.64
C GLU D 272 -17.30 5.55 -18.78
N ASP D 273 -17.07 4.24 -18.68
CA ASP D 273 -15.96 3.68 -17.91
C ASP D 273 -16.00 4.13 -16.46
N GLY D 274 -17.20 4.39 -15.95
CA GLY D 274 -17.32 4.90 -14.59
C GLY D 274 -16.71 6.26 -14.38
N SER D 275 -16.79 7.13 -15.39
CA SER D 275 -16.23 8.46 -15.27
C SER D 275 -16.96 9.38 -16.25
N GLY D 276 -16.93 10.67 -15.94
CA GLY D 276 -17.55 11.67 -16.80
C GLY D 276 -17.30 13.05 -16.23
N GLU D 277 -17.56 14.04 -17.07
CA GLU D 277 -17.36 15.43 -16.69
C GLU D 277 -18.45 16.29 -17.31
N VAL D 278 -18.67 17.45 -16.71
CA VAL D 278 -19.60 18.44 -17.25
C VAL D 278 -19.13 19.82 -16.84
N VAL D 279 -19.29 20.79 -17.73
CA VAL D 279 -18.81 22.13 -17.52
C VAL D 279 -19.96 23.00 -17.03
N LEU D 280 -19.63 24.17 -16.52
CA LEU D 280 -20.62 25.20 -16.19
C LEU D 280 -20.01 26.54 -16.57
N SER D 281 -20.45 27.10 -17.68
CA SER D 281 -19.90 28.37 -18.15
C SER D 281 -20.26 29.48 -17.18
N ARG D 282 -19.31 30.39 -16.94
CA ARG D 282 -19.52 31.48 -15.99
C ARG D 282 -20.69 32.36 -16.40
N LYS D 283 -20.97 32.45 -17.70
CA LYS D 283 -22.08 33.28 -18.16
C LYS D 283 -23.40 32.76 -17.63
N VAL D 284 -23.58 31.43 -17.61
CA VAL D 284 -24.81 30.85 -17.09
C VAL D 284 -24.98 31.19 -15.62
N LEU D 285 -23.91 31.06 -14.84
CA LEU D 285 -24.01 31.37 -13.42
C LEU D 285 -24.32 32.85 -13.19
N LEU D 286 -23.69 33.73 -13.96
CA LEU D 286 -23.93 35.16 -13.80
C LEU D 286 -25.37 35.53 -14.17
N ASP D 287 -25.86 35.00 -15.29
CA ASP D 287 -27.19 35.37 -15.76
C ASP D 287 -28.30 34.67 -14.98
N GLY D 288 -28.01 33.53 -14.35
CA GLY D 288 -29.03 32.83 -13.60
C GLY D 288 -29.55 33.64 -12.42
N VAL D 289 -28.63 34.22 -11.65
CA VAL D 289 -29.06 35.11 -10.58
C VAL D 289 -29.49 36.45 -11.17
N GLN D 290 -30.35 37.15 -10.42
CA GLN D 290 -30.91 38.41 -10.91
C GLN D 290 -29.82 39.48 -11.05
N ASN D 291 -28.99 39.64 -10.02
CA ASN D 291 -27.99 40.68 -10.04
C ASN D 291 -26.78 40.23 -10.87
N PRO D 292 -26.40 40.97 -11.91
CA PRO D 292 -25.19 40.64 -12.66
C PRO D 292 -23.89 41.01 -11.96
N ARG D 293 -23.96 41.57 -10.76
CA ARG D 293 -22.77 41.94 -10.02
C ARG D 293 -21.96 40.70 -9.67
N ALA D 294 -20.65 40.88 -9.51
CA ALA D 294 -19.74 39.78 -9.21
C ALA D 294 -19.53 39.61 -7.70
N GLU D 295 -19.16 40.70 -7.02
CA GLU D 295 -18.80 40.60 -5.61
C GLU D 295 -19.95 40.15 -4.72
N ASP D 296 -21.19 40.34 -5.16
CA ASP D 296 -22.32 39.92 -4.32
C ASP D 296 -22.36 38.41 -4.16
N LEU D 297 -21.87 37.66 -5.16
CA LEU D 297 -21.88 36.21 -5.08
C LEU D 297 -20.89 35.67 -4.05
N VAL D 298 -19.91 36.48 -3.64
CA VAL D 298 -18.96 36.03 -2.64
C VAL D 298 -19.67 35.84 -1.30
N GLY D 299 -19.42 34.70 -0.66
CA GLY D 299 -20.11 34.31 0.55
C GLY D 299 -21.21 33.29 0.34
N LYS D 300 -21.66 33.11 -0.90
CA LYS D 300 -22.67 32.11 -1.21
C LYS D 300 -21.99 30.77 -1.47
N SER D 301 -22.75 29.80 -1.99
CA SER D 301 -22.22 28.48 -2.23
C SER D 301 -23.01 27.81 -3.35
N LEU D 302 -22.41 26.79 -3.94
CA LEU D 302 -23.05 25.99 -4.98
C LEU D 302 -23.30 24.58 -4.46
N TYR D 303 -24.14 23.85 -5.18
CA TYR D 303 -24.41 22.46 -4.86
C TYR D 303 -24.72 21.71 -6.15
N VAL D 304 -24.28 20.45 -6.22
CA VAL D 304 -24.48 19.60 -7.38
C VAL D 304 -25.40 18.46 -7.00
N SER D 305 -26.47 18.29 -7.76
CA SER D 305 -27.47 17.25 -7.49
C SER D 305 -27.47 16.29 -8.69
N ALA D 306 -26.56 15.32 -8.66
CA ALA D 306 -26.39 14.41 -9.77
C ALA D 306 -27.29 13.19 -9.63
N THR D 307 -27.94 12.81 -10.72
CA THR D 307 -28.78 11.62 -10.79
C THR D 307 -28.23 10.70 -11.85
N VAL D 308 -28.00 9.43 -11.49
CA VAL D 308 -27.35 8.47 -12.37
C VAL D 308 -28.34 7.34 -12.66
N ILE D 309 -28.47 7.00 -13.92
CA ILE D 309 -29.38 5.94 -14.37
C ILE D 309 -28.59 4.94 -15.20
N LEU D 310 -28.75 3.66 -14.91
CA LEU D 310 -28.11 2.63 -15.70
C LEU D 310 -28.77 2.51 -17.07
N HIS D 311 -28.00 1.96 -18.02
CA HIS D 311 -28.54 1.71 -19.35
C HIS D 311 -29.74 0.77 -19.33
N SER D 312 -29.78 -0.15 -18.37
CA SER D 312 -30.87 -1.10 -18.27
C SER D 312 -32.15 -0.48 -17.71
N GLY D 313 -32.09 0.75 -17.23
CA GLY D 313 -33.26 1.39 -16.64
C GLY D 313 -33.76 0.68 -15.40
N SER D 314 -32.86 0.23 -14.54
CA SER D 314 -33.22 -0.57 -13.37
C SER D 314 -33.32 0.27 -12.10
N ASP D 315 -32.24 0.97 -11.75
CA ASP D 315 -32.17 1.69 -10.49
C ASP D 315 -31.69 3.11 -10.73
N MET D 316 -32.16 4.02 -9.88
CA MET D 316 -31.76 5.42 -9.91
C MET D 316 -31.19 5.79 -8.54
N VAL D 317 -30.10 6.53 -8.54
CA VAL D 317 -29.47 7.00 -7.31
C VAL D 317 -29.30 8.51 -7.41
N GLN D 318 -29.74 9.24 -6.41
CA GLN D 318 -29.56 10.68 -6.33
C GLN D 318 -28.42 10.99 -5.38
N ALA D 319 -27.34 11.54 -5.92
CA ALA D 319 -26.17 11.92 -5.13
C ALA D 319 -26.04 13.43 -5.14
N GLU D 320 -25.90 14.02 -3.95
CA GLU D 320 -25.84 15.47 -3.82
C GLU D 320 -24.59 15.86 -3.03
N ARG D 321 -23.86 16.82 -3.57
CA ARG D 321 -22.75 17.45 -2.86
C ARG D 321 -23.05 18.94 -2.73
N SER D 322 -22.99 19.45 -1.51
CA SER D 322 -23.31 20.84 -1.25
C SER D 322 -22.23 21.45 -0.37
N GLY D 323 -22.13 22.77 -0.43
CA GLY D 323 -21.17 23.50 0.36
C GLY D 323 -19.91 23.93 -0.35
N ILE D 324 -19.87 23.87 -1.68
CA ILE D 324 -18.71 24.36 -2.42
C ILE D 324 -18.72 25.89 -2.35
N PRO D 325 -17.70 26.50 -1.77
CA PRO D 325 -17.73 27.94 -1.55
C PRO D 325 -17.45 28.73 -2.82
N ILE D 326 -17.85 29.99 -2.79
CA ILE D 326 -17.53 30.96 -3.83
C ILE D 326 -16.70 32.04 -3.16
N VAL D 327 -15.38 31.88 -3.18
CA VAL D 327 -14.48 32.79 -2.50
C VAL D 327 -13.43 33.27 -3.49
N THR D 328 -13.16 34.57 -3.48
CA THR D 328 -12.15 35.15 -4.36
C THR D 328 -10.74 34.71 -4.01
N SER D 329 -10.53 34.12 -2.83
CA SER D 329 -9.22 33.72 -2.38
C SER D 329 -9.17 32.21 -2.17
N PRO D 330 -8.23 31.49 -2.79
CA PRO D 330 -8.16 30.04 -2.64
C PRO D 330 -7.60 29.57 -1.31
N TYR D 331 -7.40 30.44 -0.33
CA TYR D 331 -6.86 30.02 0.96
C TYR D 331 -7.47 30.86 2.06
N GLN D 332 -7.44 30.33 3.27
CA GLN D 332 -7.98 31.00 4.45
C GLN D 332 -6.95 31.00 5.56
N ILE D 333 -7.01 32.02 6.41
CA ILE D 333 -6.08 32.19 7.51
C ILE D 333 -6.87 32.23 8.81
N HIS D 334 -6.44 31.44 9.78
CA HIS D 334 -7.09 31.37 11.08
C HIS D 334 -6.05 31.57 12.18
N PHE D 335 -6.46 32.28 13.23
CA PHE D 335 -5.61 32.50 14.39
C PHE D 335 -6.25 31.95 15.66
N THR D 336 -6.80 30.74 15.57
CA THR D 336 -7.36 30.09 16.75
C THR D 336 -6.32 29.40 17.61
N LYS D 337 -5.10 29.22 17.08
CA LYS D 337 -4.04 28.55 17.84
C LYS D 337 -2.94 29.50 18.30
N THR D 338 -2.79 30.64 17.66
CA THR D 338 -1.73 31.58 18.02
C THR D 338 -2.00 32.19 19.39
N PRO D 339 -1.02 32.23 20.28
CA PRO D 339 -1.22 32.91 21.57
C PRO D 339 -1.55 34.38 21.38
N LYS D 340 -2.42 34.88 22.24
CA LYS D 340 -2.86 36.27 22.17
C LYS D 340 -2.01 37.21 23.01
N TYR D 341 -1.00 36.70 23.71
CA TYR D 341 -0.12 37.53 24.53
C TYR D 341 1.31 37.09 24.31
N PHE D 342 2.16 38.02 23.89
CA PHE D 342 3.56 37.74 23.65
C PHE D 342 4.37 38.14 24.88
N LYS D 343 5.69 38.07 24.77
CA LYS D 343 6.58 38.54 25.82
C LYS D 343 7.54 39.57 25.23
N PRO D 344 7.58 40.78 25.76
CA PRO D 344 8.45 41.81 25.17
C PRO D 344 9.92 41.39 25.22
N GLY D 345 10.65 41.71 24.15
CA GLY D 345 12.04 41.35 24.05
C GLY D 345 12.28 39.86 24.17
N MET D 346 11.44 39.08 23.48
CA MET D 346 11.51 37.64 23.66
C MET D 346 10.92 37.02 22.40
N PRO D 347 11.44 35.90 21.90
CA PRO D 347 10.85 35.30 20.70
C PRO D 347 9.39 34.97 20.90
N PHE D 348 8.61 35.20 19.85
CA PHE D 348 7.17 35.02 19.87
C PHE D 348 6.79 34.02 18.78
N ASP D 349 5.85 33.14 19.12
CA ASP D 349 5.41 32.07 18.23
C ASP D 349 4.10 32.46 17.56
N LEU D 350 3.98 32.12 16.27
CA LEU D 350 2.80 32.45 15.48
C LEU D 350 2.33 31.20 14.74
N MET D 351 1.48 30.40 15.38
CA MET D 351 0.85 29.28 14.70
C MET D 351 -0.28 29.78 13.83
N VAL D 352 -0.13 29.66 12.52
CA VAL D 352 -1.15 30.06 11.57
C VAL D 352 -1.87 28.81 11.08
N PHE D 353 -3.20 28.83 11.15
CA PHE D 353 -4.02 27.68 10.77
C PHE D 353 -4.54 27.91 9.36
N VAL D 354 -3.69 27.61 8.38
CA VAL D 354 -4.05 27.78 6.97
C VAL D 354 -4.93 26.62 6.55
N THR D 355 -6.10 26.94 5.99
CA THR D 355 -7.09 25.91 5.66
C THR D 355 -7.73 26.20 4.32
N ASN D 356 -8.28 25.16 3.71
CA ASN D 356 -9.01 25.29 2.46
C ASN D 356 -10.31 26.04 2.70
N PRO D 357 -10.90 26.61 1.64
CA PRO D 357 -12.15 27.37 1.83
C PRO D 357 -13.28 26.56 2.43
N ASP D 358 -13.37 25.26 2.12
CA ASP D 358 -14.45 24.46 2.68
C ASP D 358 -14.27 24.23 4.18
N GLY D 359 -13.03 24.11 4.65
CA GLY D 359 -12.77 23.91 6.06
C GLY D 359 -11.63 22.94 6.33
N SER D 360 -11.32 22.10 5.36
CA SER D 360 -10.24 21.14 5.53
C SER D 360 -8.90 21.85 5.61
N PRO D 361 -7.98 21.37 6.45
CA PRO D 361 -6.66 22.01 6.52
C PRO D 361 -5.89 21.85 5.21
N ALA D 362 -5.10 22.87 4.88
CA ALA D 362 -4.32 22.86 3.65
C ALA D 362 -3.01 22.10 3.89
N TYR D 363 -2.15 22.07 2.89
CA TYR D 363 -0.87 21.37 3.01
C TYR D 363 0.11 21.93 1.99
N ARG D 364 1.32 22.25 2.45
CA ARG D 364 2.40 22.75 1.61
C ARG D 364 1.97 24.02 0.86
N VAL D 365 1.65 25.05 1.63
CA VAL D 365 1.38 26.38 1.10
C VAL D 365 2.25 27.38 1.87
N PRO D 366 3.07 28.17 1.19
CA PRO D 366 3.95 29.09 1.90
C PRO D 366 3.17 30.20 2.58
N VAL D 367 3.70 30.64 3.72
CA VAL D 367 3.16 31.78 4.46
C VAL D 367 4.33 32.69 4.83
N ALA D 368 4.02 33.96 5.04
CA ALA D 368 5.06 34.92 5.38
C ALA D 368 4.45 36.13 6.06
N VAL D 369 5.27 36.80 6.86
CA VAL D 369 4.88 38.06 7.47
C VAL D 369 5.03 39.18 6.45
N GLN D 370 4.16 40.19 6.54
CA GLN D 370 4.24 41.30 5.61
C GLN D 370 5.57 42.04 5.72
N GLY D 371 5.95 42.44 6.93
CA GLY D 371 7.24 43.06 7.12
C GLY D 371 8.34 42.04 7.23
N GLU D 372 9.53 42.43 6.75
CA GLU D 372 10.72 41.57 6.70
C GLU D 372 10.35 40.19 6.17
N ASP D 373 9.84 40.17 4.93
CA ASP D 373 9.26 38.99 4.31
C ASP D 373 10.25 37.84 4.11
N THR D 374 11.50 37.99 4.54
CA THR D 374 12.47 36.90 4.41
C THR D 374 12.07 35.68 5.24
N VAL D 375 11.19 35.85 6.22
CA VAL D 375 10.72 34.73 7.02
C VAL D 375 9.63 34.01 6.25
N GLN D 376 9.84 32.72 5.98
CA GLN D 376 8.89 31.92 5.24
C GLN D 376 8.83 30.52 5.84
N SER D 377 7.70 29.85 5.65
CA SER D 377 7.53 28.49 6.15
C SER D 377 6.44 27.81 5.35
N LEU D 378 6.37 26.49 5.48
CA LEU D 378 5.40 25.68 4.77
C LEU D 378 4.54 24.93 5.77
N THR D 379 3.24 24.87 5.49
CA THR D 379 2.33 24.16 6.38
C THR D 379 2.64 22.66 6.37
N GLN D 380 2.60 22.05 7.55
CA GLN D 380 2.83 20.62 7.68
C GLN D 380 1.55 19.87 7.28
N GLY D 381 1.52 18.57 7.58
CA GLY D 381 0.35 17.78 7.23
C GLY D 381 -0.90 18.15 8.02
N ASP D 382 -0.74 18.83 9.14
CA ASP D 382 -1.87 19.21 9.97
C ASP D 382 -2.42 20.59 9.65
N GLY D 383 -1.87 21.26 8.64
CA GLY D 383 -2.34 22.59 8.30
C GLY D 383 -1.85 23.69 9.20
N VAL D 384 -0.78 23.46 9.95
CA VAL D 384 -0.19 24.47 10.83
C VAL D 384 1.23 24.74 10.34
N ALA D 385 1.55 26.01 10.14
CA ALA D 385 2.88 26.42 9.71
C ALA D 385 3.54 27.21 10.84
N LYS D 386 4.72 26.76 11.26
CA LYS D 386 5.45 27.46 12.30
C LYS D 386 5.94 28.82 11.80
N LEU D 387 6.08 29.76 12.73
CA LEU D 387 6.63 31.07 12.44
C LEU D 387 7.46 31.52 13.64
N SER D 388 8.26 32.57 13.42
CA SER D 388 9.10 33.09 14.48
C SER D 388 9.40 34.55 14.16
N ILE D 389 9.03 35.44 15.06
CA ILE D 389 9.29 36.87 14.91
C ILE D 389 10.04 37.35 16.14
N ASN D 390 11.10 38.11 15.92
CA ASN D 390 11.84 38.72 17.02
C ASN D 390 11.10 39.99 17.47
N THR D 391 10.84 40.09 18.76
CA THR D 391 10.04 41.17 19.32
C THR D 391 10.94 42.16 20.04
N HIS D 392 10.77 43.44 19.72
CA HIS D 392 11.55 44.47 20.38
C HIS D 392 11.08 44.65 21.82
N PRO D 393 11.99 44.93 22.75
CA PRO D 393 11.58 45.13 24.15
C PRO D 393 10.87 46.46 24.37
N SER D 394 9.66 46.59 23.83
CA SER D 394 8.87 47.80 24.00
C SER D 394 7.47 47.42 24.47
N GLN D 395 6.95 48.21 25.41
CA GLN D 395 5.63 47.93 25.97
C GLN D 395 4.50 48.22 25.00
N LYS D 396 4.77 48.85 23.87
CA LYS D 396 3.73 49.10 22.88
C LYS D 396 3.24 47.79 22.28
N PRO D 397 1.93 47.63 22.09
CA PRO D 397 1.43 46.42 21.44
C PRO D 397 1.92 46.33 20.00
N LEU D 398 2.14 45.10 19.54
CA LEU D 398 2.62 44.86 18.19
C LEU D 398 1.52 44.25 17.34
N SER D 399 1.46 44.70 16.08
CA SER D 399 0.47 44.24 15.13
C SER D 399 1.13 43.36 14.08
N ILE D 400 0.61 42.16 13.89
CA ILE D 400 1.15 41.21 12.93
C ILE D 400 0.06 40.87 11.92
N THR D 401 0.41 40.96 10.64
CA THR D 401 -0.46 40.51 9.56
C THR D 401 0.29 39.49 8.72
N VAL D 402 -0.37 38.40 8.37
CA VAL D 402 0.24 37.34 7.60
C VAL D 402 -0.49 37.23 6.27
N ARG D 403 0.23 36.84 5.24
CA ARG D 403 -0.34 36.68 3.91
C ARG D 403 0.36 35.55 3.20
N THR D 404 -0.43 34.64 2.63
CA THR D 404 0.16 33.53 1.89
C THR D 404 0.91 34.05 0.67
N LYS D 405 2.00 33.38 0.33
CA LYS D 405 2.89 33.81 -0.75
C LYS D 405 3.11 32.67 -1.73
N LYS D 406 2.02 32.01 -2.14
CA LYS D 406 2.13 30.99 -3.17
C LYS D 406 2.36 31.62 -4.53
N GLN D 407 3.21 30.98 -5.32
CA GLN D 407 3.55 31.50 -6.64
C GLN D 407 2.38 31.32 -7.60
N GLU D 408 2.60 31.75 -8.84
CA GLU D 408 1.64 31.61 -9.95
C GLU D 408 0.27 32.20 -9.64
N LEU D 409 0.17 33.00 -8.60
CA LEU D 409 -1.06 33.72 -8.27
C LEU D 409 -0.75 35.20 -8.06
N SER D 410 -1.75 36.03 -8.34
CA SER D 410 -1.60 37.48 -8.21
C SER D 410 -1.63 37.90 -6.75
N GLU D 411 -1.51 39.20 -6.52
CA GLU D 411 -1.56 39.74 -5.17
C GLU D 411 -2.96 39.81 -4.61
N ALA D 412 -3.98 39.78 -5.47
CA ALA D 412 -5.36 39.85 -4.99
C ALA D 412 -5.84 38.52 -4.42
N GLU D 413 -5.36 37.40 -4.96
CA GLU D 413 -5.85 36.09 -4.54
C GLU D 413 -5.32 35.68 -3.17
N GLN D 414 -4.15 36.17 -2.77
CA GLN D 414 -3.58 35.78 -1.49
C GLN D 414 -4.47 36.24 -0.35
N ALA D 415 -4.70 35.34 0.61
CA ALA D 415 -5.50 35.67 1.78
C ALA D 415 -4.69 36.48 2.79
N THR D 416 -5.36 37.41 3.45
CA THR D 416 -4.73 38.26 4.45
C THR D 416 -5.51 38.19 5.75
N ARG D 417 -4.81 38.46 6.86
CA ARG D 417 -5.44 38.51 8.17
C ARG D 417 -4.57 39.37 9.08
N THR D 418 -5.22 40.06 10.01
CA THR D 418 -4.55 41.01 10.90
C THR D 418 -4.85 40.62 12.34
N MET D 419 -3.83 40.72 13.20
CA MET D 419 -3.93 40.28 14.58
C MET D 419 -3.18 41.25 15.47
N GLN D 420 -3.76 41.53 16.64
CA GLN D 420 -3.17 42.44 17.62
C GLN D 420 -2.91 41.68 18.92
N ALA D 421 -1.65 41.69 19.36
CA ALA D 421 -1.24 40.93 20.53
C ALA D 421 -0.87 41.89 21.66
N LEU D 422 -1.31 41.56 22.87
CA LEU D 422 -1.01 42.44 23.98
C LEU D 422 0.22 41.93 24.74
N PRO D 423 1.08 42.85 25.20
CA PRO D 423 2.26 42.43 25.94
C PRO D 423 1.93 41.82 27.29
N TYR D 424 2.79 40.90 27.73
CA TYR D 424 2.67 40.33 29.05
C TYR D 424 2.85 41.42 30.12
N SER D 425 2.06 41.35 31.17
CA SER D 425 2.11 42.33 32.25
C SER D 425 2.63 41.65 33.52
N THR D 426 3.66 42.26 34.12
CA THR D 426 4.24 41.72 35.34
C THR D 426 3.58 42.38 36.55
N VAL D 427 4.16 42.16 37.73
CA VAL D 427 3.68 42.73 38.97
C VAL D 427 4.67 43.80 39.43
N GLY D 428 4.16 45.00 39.68
CA GLY D 428 5.01 46.09 40.10
C GLY D 428 5.98 46.58 39.04
N ASN D 429 5.75 46.20 37.78
CA ASN D 429 6.62 46.60 36.67
C ASN D 429 8.08 46.22 36.94
N SER D 430 8.27 45.02 37.47
CA SER D 430 9.61 44.54 37.82
C SER D 430 10.36 43.95 36.63
N ASN D 431 9.71 43.87 35.47
CA ASN D 431 10.35 43.37 34.24
C ASN D 431 10.86 41.94 34.42
N ASN D 432 10.06 41.10 35.04
CA ASN D 432 10.38 39.69 35.23
C ASN D 432 9.51 38.86 34.30
N TYR D 433 10.12 38.18 33.34
CA TYR D 433 9.41 37.39 32.36
C TYR D 433 9.80 35.92 32.48
N LEU D 434 8.94 35.06 31.95
CA LEU D 434 9.32 33.69 31.66
C LEU D 434 8.69 33.31 30.34
N HIS D 435 9.46 32.61 29.51
CA HIS D 435 8.96 32.11 28.24
C HIS D 435 9.27 30.63 28.15
N LEU D 436 8.42 29.90 27.42
CA LEU D 436 8.58 28.47 27.27
C LEU D 436 8.49 28.16 25.77
N SER D 437 9.65 28.03 25.13
CA SER D 437 9.72 27.69 23.72
C SER D 437 9.77 26.17 23.57
N VAL D 438 8.82 25.62 22.83
CA VAL D 438 8.68 24.18 22.70
C VAL D 438 8.43 23.82 21.24
N LEU D 439 8.87 22.62 20.87
CA LEU D 439 8.57 22.09 19.55
C LEU D 439 7.07 21.85 19.40
N ARG D 440 6.51 22.26 18.26
CA ARG D 440 5.10 22.02 17.93
C ARG D 440 5.06 21.36 16.56
N THR D 441 5.25 20.04 16.54
CA THR D 441 5.18 19.28 15.29
C THR D 441 4.20 18.13 15.47
N GLU D 442 4.13 17.22 14.50
CA GLU D 442 3.17 16.12 14.53
C GLU D 442 3.67 15.08 15.54
N LEU D 443 3.56 15.44 16.81
CA LEU D 443 4.06 14.59 17.89
C LEU D 443 3.22 13.33 18.02
N ARG D 444 3.88 12.26 18.45
CA ARG D 444 3.27 10.95 18.65
C ARG D 444 3.67 10.42 20.02
N PRO D 445 2.88 9.53 20.61
CA PRO D 445 3.27 8.94 21.89
C PRO D 445 4.59 8.19 21.78
N GLY D 446 5.40 8.29 22.83
CA GLY D 446 6.70 7.66 22.89
C GLY D 446 7.86 8.56 22.48
N GLU D 447 7.70 9.32 21.41
CA GLU D 447 8.76 10.21 20.97
C GLU D 447 8.99 11.30 22.01
N THR D 448 10.26 11.65 22.21
CA THR D 448 10.64 12.59 23.25
C THR D 448 10.29 14.02 22.87
N LEU D 449 10.52 14.93 23.80
CA LEU D 449 10.23 16.34 23.61
C LEU D 449 11.23 17.13 24.44
N ASN D 450 11.47 18.38 24.02
CA ASN D 450 12.45 19.24 24.68
C ASN D 450 11.81 20.59 24.99
N VAL D 451 11.30 20.75 26.21
CA VAL D 451 10.84 22.04 26.67
C VAL D 451 12.04 22.92 26.99
N ASN D 452 12.05 24.13 26.45
CA ASN D 452 13.12 25.09 26.70
C ASN D 452 12.60 26.16 27.65
N PHE D 453 13.01 26.07 28.92
CA PHE D 453 12.73 27.13 29.88
C PHE D 453 13.67 28.29 29.61
N LEU D 454 13.11 29.48 29.40
CA LEU D 454 13.91 30.67 29.10
C LEU D 454 13.63 31.73 30.15
N LEU D 455 14.37 31.69 31.24
CA LEU D 455 14.28 32.73 32.26
C LEU D 455 14.84 34.03 31.71
N ARG D 456 14.30 35.14 32.20
CA ARG D 456 14.85 36.45 31.87
C ARG D 456 14.71 37.35 33.10
N MET D 457 15.84 37.65 33.74
CA MET D 457 15.84 38.49 34.93
C MET D 457 17.21 39.12 35.09
N ASP D 458 17.26 40.17 35.91
CA ASP D 458 18.50 40.89 36.15
C ASP D 458 19.46 40.04 36.98
N ARG D 459 20.75 40.35 36.86
CA ARG D 459 21.78 39.58 37.54
C ARG D 459 21.67 39.68 39.05
N ALA D 460 21.03 40.72 39.58
CA ALA D 460 20.91 40.87 41.02
C ALA D 460 19.94 39.86 41.63
N HIS D 461 19.09 39.23 40.82
CA HIS D 461 18.12 38.27 41.32
C HIS D 461 18.18 36.95 40.58
N GLU D 462 19.32 36.62 39.96
CA GLU D 462 19.47 35.38 39.23
C GLU D 462 19.88 34.22 40.11
N ALA D 463 20.15 34.46 41.40
CA ALA D 463 20.60 33.40 42.30
C ALA D 463 19.52 32.88 43.24
N LYS D 464 18.48 33.68 43.50
CA LYS D 464 17.44 33.23 44.43
C LYS D 464 16.65 32.06 43.87
N ILE D 465 16.36 32.09 42.57
CA ILE D 465 15.65 30.98 41.93
C ILE D 465 16.57 29.77 41.87
N ARG D 466 16.08 28.62 42.34
CA ARG D 466 16.87 27.40 42.34
C ARG D 466 16.14 26.21 41.72
N TYR D 467 14.94 26.40 41.18
CA TYR D 467 14.16 25.29 40.65
C TYR D 467 13.05 25.85 39.78
N TYR D 468 12.18 24.95 39.33
CA TYR D 468 10.99 25.29 38.58
C TYR D 468 9.88 24.32 38.96
N THR D 469 8.64 24.75 38.78
CA THR D 469 7.48 23.90 38.98
C THR D 469 6.66 23.88 37.71
N TYR D 470 6.39 22.69 37.19
CA TYR D 470 5.66 22.55 35.94
C TYR D 470 4.54 21.53 36.12
N LEU D 471 3.42 21.77 35.44
CA LEU D 471 2.24 20.94 35.52
C LEU D 471 1.80 20.59 34.11
N ILE D 472 1.12 19.46 33.97
CA ILE D 472 0.65 19.00 32.66
C ILE D 472 -0.84 18.70 32.77
N MET D 473 -1.65 19.45 32.03
CA MET D 473 -3.06 19.14 31.88
C MET D 473 -3.28 18.05 30.83
N ASN D 474 -4.41 17.36 30.97
CA ASN D 474 -4.88 16.43 29.96
C ASN D 474 -6.33 16.07 30.26
N LYS D 475 -7.23 16.36 29.32
CA LYS D 475 -8.65 16.07 29.45
C LYS D 475 -9.27 16.73 30.68
N GLY D 476 -8.70 17.84 31.14
CA GLY D 476 -9.29 18.64 32.18
C GLY D 476 -8.68 18.48 33.55
N ARG D 477 -7.91 17.42 33.79
CA ARG D 477 -7.29 17.19 35.09
C ARG D 477 -5.80 17.01 34.92
N LEU D 478 -5.08 17.10 36.04
CA LEU D 478 -3.62 16.98 36.01
C LEU D 478 -3.21 15.59 35.58
N LEU D 479 -1.99 15.49 35.10
CA LEU D 479 -1.41 14.21 34.73
C LEU D 479 -0.08 13.93 35.43
N LYS D 480 0.75 14.94 35.62
CA LYS D 480 2.06 14.73 36.23
C LYS D 480 2.58 16.08 36.71
N ALA D 481 3.19 16.07 37.89
CA ALA D 481 3.84 17.24 38.45
C ALA D 481 5.28 16.90 38.76
N GLY D 482 6.09 17.92 38.97
CA GLY D 482 7.50 17.68 39.27
C GLY D 482 8.25 18.98 39.39
N ARG D 483 9.51 18.85 39.80
CA ARG D 483 10.41 19.98 39.98
C ARG D 483 11.61 19.80 39.06
N GLN D 484 11.92 20.84 38.30
CA GLN D 484 13.10 20.87 37.44
C GLN D 484 14.11 21.81 38.09
N VAL D 485 15.25 21.26 38.52
CA VAL D 485 16.24 22.07 39.22
C VAL D 485 16.97 22.97 38.22
N ARG D 486 17.57 24.04 38.75
CA ARG D 486 18.35 24.96 37.94
C ARG D 486 19.37 25.62 38.85
N GLU D 487 20.63 25.21 38.73
CA GLU D 487 21.70 25.82 39.51
C GLU D 487 21.95 27.24 39.03
N PRO D 488 22.42 28.12 39.92
CA PRO D 488 22.59 29.53 39.54
C PRO D 488 23.58 29.71 38.40
N GLY D 489 23.29 30.67 37.53
CA GLY D 489 24.13 30.98 36.40
C GLY D 489 23.75 30.30 35.11
N GLN D 490 22.96 29.23 35.16
CA GLN D 490 22.55 28.50 33.97
C GLN D 490 21.31 29.18 33.40
N ASP D 491 21.49 30.00 32.36
CA ASP D 491 20.38 30.78 31.81
C ASP D 491 19.32 29.87 31.20
N LEU D 492 19.73 28.86 30.45
CA LEU D 492 18.81 27.93 29.81
C LEU D 492 18.85 26.58 30.51
N VAL D 493 17.67 26.05 30.80
CA VAL D 493 17.53 24.70 31.35
C VAL D 493 16.56 23.93 30.47
N VAL D 494 16.93 22.70 30.11
CA VAL D 494 16.12 21.85 29.26
C VAL D 494 15.49 20.76 30.12
N LEU D 495 14.22 20.50 29.88
CA LEU D 495 13.47 19.49 30.63
C LEU D 495 13.05 18.37 29.70
N PRO D 496 13.72 17.22 29.73
CA PRO D 496 13.27 16.09 28.90
C PRO D 496 11.88 15.65 29.31
N LEU D 497 11.08 15.28 28.31
CA LEU D 497 9.69 14.92 28.55
C LEU D 497 9.37 13.62 27.82
N SER D 498 8.60 12.77 28.49
CA SER D 498 8.19 11.48 27.95
C SER D 498 6.72 11.57 27.59
N ILE D 499 6.43 11.60 26.29
CA ILE D 499 5.05 11.64 25.81
C ILE D 499 4.58 10.20 25.65
N THR D 500 3.83 9.72 26.65
CA THR D 500 3.30 8.37 26.62
C THR D 500 2.00 8.35 25.82
N THR D 501 1.29 7.22 25.87
CA THR D 501 0.00 7.12 25.20
C THR D 501 -1.12 7.83 25.96
N ASP D 502 -0.86 8.29 27.17
CA ASP D 502 -1.87 8.93 28.00
C ASP D 502 -1.96 10.43 27.80
N PHE D 503 -1.09 11.01 26.98
CA PHE D 503 -1.10 12.44 26.71
C PHE D 503 -2.01 12.82 25.55
N ILE D 504 -2.66 11.85 24.92
CA ILE D 504 -3.60 12.15 23.84
C ILE D 504 -4.76 12.95 24.40
N PRO D 505 -5.28 13.97 23.69
CA PRO D 505 -4.87 14.49 22.39
C PRO D 505 -4.12 15.81 22.44
N SER D 506 -4.22 16.55 23.53
CA SER D 506 -3.60 17.87 23.62
C SER D 506 -3.37 18.20 25.09
N PHE D 507 -2.11 18.19 25.51
CA PHE D 507 -1.76 18.49 26.89
C PHE D 507 -1.27 19.92 26.99
N ARG D 508 -1.79 20.65 27.97
CA ARG D 508 -1.40 22.04 28.21
C ARG D 508 -0.39 22.07 29.35
N LEU D 509 0.78 22.63 29.08
CA LEU D 509 1.88 22.66 30.03
C LEU D 509 2.01 24.06 30.61
N VAL D 510 2.12 24.13 31.94
CA VAL D 510 2.38 25.40 32.60
C VAL D 510 3.67 25.27 33.38
N ALA D 511 4.23 26.43 33.75
CA ALA D 511 5.47 26.46 34.50
C ALA D 511 5.59 27.78 35.21
N TYR D 512 6.11 27.75 36.43
CA TYR D 512 6.25 28.97 37.21
C TYR D 512 7.35 28.79 38.25
N TYR D 513 7.85 29.93 38.73
CA TYR D 513 8.80 29.96 39.83
C TYR D 513 8.37 31.01 40.82
N THR D 514 9.19 31.26 41.85
CA THR D 514 8.84 32.29 42.83
C THR D 514 10.11 32.76 43.52
N LEU D 515 10.05 34.00 43.99
CA LEU D 515 11.13 34.61 44.76
C LEU D 515 10.59 35.86 45.42
N ILE D 516 11.46 36.56 46.13
CA ILE D 516 11.13 37.82 46.79
C ILE D 516 11.80 38.94 46.02
N GLY D 517 11.02 39.95 45.63
CA GLY D 517 11.54 41.04 44.84
C GLY D 517 11.01 42.39 45.28
N ALA D 518 11.33 43.43 44.51
CA ALA D 518 10.91 44.81 44.79
C ALA D 518 11.41 45.17 46.19
N SER D 519 10.55 45.45 47.15
CA SER D 519 10.99 45.81 48.49
C SER D 519 10.39 44.87 49.53
N GLY D 520 10.46 43.57 49.28
CA GLY D 520 9.96 42.59 50.21
C GLY D 520 8.56 42.09 49.96
N GLN D 521 8.05 42.22 48.73
CA GLN D 521 6.71 41.77 48.38
C GLN D 521 6.82 40.48 47.58
N ARG D 522 6.21 39.41 48.09
CA ARG D 522 6.22 38.14 47.40
C ARG D 522 5.46 38.23 46.08
N GLU D 523 5.96 37.52 45.07
CA GLU D 523 5.35 37.57 43.75
C GLU D 523 5.63 36.26 43.02
N VAL D 524 4.85 36.04 41.96
CA VAL D 524 4.92 34.82 41.18
C VAL D 524 4.84 35.17 39.69
N VAL D 525 5.66 34.51 38.88
CA VAL D 525 5.64 34.65 37.44
C VAL D 525 5.37 33.28 36.85
N ALA D 526 4.39 33.20 35.96
CA ALA D 526 3.94 31.93 35.40
C ALA D 526 3.94 32.00 33.89
N ASP D 527 3.66 30.86 33.26
CA ASP D 527 3.69 30.75 31.81
C ASP D 527 2.91 29.49 31.46
N SER D 528 2.45 29.42 30.22
CA SER D 528 1.69 28.26 29.76
C SER D 528 1.90 28.11 28.26
N VAL D 529 1.64 26.91 27.77
CA VAL D 529 1.87 26.60 26.36
C VAL D 529 0.88 25.53 25.94
N TRP D 530 0.56 25.53 24.65
CA TRP D 530 -0.40 24.58 24.06
C TRP D 530 0.33 23.68 23.09
N VAL D 531 0.16 22.37 23.24
CA VAL D 531 0.85 21.39 22.42
C VAL D 531 -0.16 20.38 21.90
N ASP D 532 -0.05 20.03 20.62
CA ASP D 532 -0.91 19.03 20.01
C ASP D 532 -0.20 17.69 19.95
N VAL D 533 -0.99 16.62 20.04
CA VAL D 533 -0.51 15.26 19.90
C VAL D 533 -1.38 14.56 18.86
N LYS D 534 -0.79 13.59 18.16
CA LYS D 534 -1.51 12.86 17.13
C LYS D 534 -2.76 12.22 17.71
N ASP D 535 -3.89 12.39 17.00
CA ASP D 535 -5.17 11.84 17.44
C ASP D 535 -5.26 10.39 17.00
N SER D 536 -5.15 9.48 17.96
CA SER D 536 -5.21 8.05 17.67
C SER D 536 -5.69 7.32 18.92
N CYS D 537 -5.96 6.03 18.75
CA CYS D 537 -6.44 5.23 19.88
C CYS D 537 -5.39 5.14 20.98
N VAL D 538 -5.85 5.15 22.22
CA VAL D 538 -4.95 4.94 23.35
C VAL D 538 -4.36 3.54 23.29
N GLY D 539 -5.15 2.58 22.84
CA GLY D 539 -4.68 1.25 22.53
C GLY D 539 -4.33 1.11 21.07
N SER D 540 -4.51 -0.09 20.54
CA SER D 540 -4.27 -0.34 19.12
C SER D 540 -5.12 -1.53 18.71
N LEU D 541 -6.23 -1.26 18.05
CA LEU D 541 -7.11 -2.32 17.55
C LEU D 541 -7.11 -2.27 16.03
N VAL D 542 -6.79 -3.41 15.41
CA VAL D 542 -6.74 -3.53 13.97
C VAL D 542 -7.50 -4.78 13.56
N VAL D 543 -8.31 -4.65 12.51
CA VAL D 543 -9.07 -5.78 11.96
C VAL D 543 -8.49 -6.10 10.58
N LYS D 544 -8.11 -7.37 10.39
CA LYS D 544 -7.56 -7.80 9.12
C LYS D 544 -7.96 -9.25 8.87
N SER D 545 -7.98 -9.63 7.59
CA SER D 545 -8.46 -10.96 7.21
C SER D 545 -7.34 -11.99 7.33
N GLY D 546 -7.64 -13.09 8.02
CA GLY D 546 -6.67 -14.15 8.15
C GLY D 546 -6.38 -14.87 6.84
N GLN D 547 -7.42 -15.07 6.03
CA GLN D 547 -7.27 -15.78 4.76
C GLN D 547 -6.66 -14.84 3.73
N SER D 548 -5.40 -15.07 3.37
CA SER D 548 -4.69 -14.23 2.42
C SER D 548 -4.87 -14.67 0.98
N GLU D 549 -5.50 -15.82 0.74
CA GLU D 549 -5.74 -16.33 -0.60
C GLU D 549 -7.24 -16.42 -0.84
N ASP D 550 -7.62 -17.04 -1.97
CA ASP D 550 -9.01 -17.20 -2.37
C ASP D 550 -9.70 -15.84 -2.47
N ARG D 551 -9.20 -15.05 -3.43
CA ARG D 551 -9.65 -13.67 -3.58
C ARG D 551 -11.14 -13.62 -3.88
N GLN D 552 -11.78 -12.54 -3.40
CA GLN D 552 -13.21 -12.30 -3.61
C GLN D 552 -14.03 -13.50 -3.18
N PRO D 553 -14.21 -13.70 -1.87
CA PRO D 553 -14.90 -14.90 -1.39
C PRO D 553 -16.32 -15.01 -1.92
N VAL D 554 -16.69 -16.22 -2.27
CA VAL D 554 -18.06 -16.52 -2.74
C VAL D 554 -19.02 -16.32 -1.58
N PRO D 555 -20.22 -15.79 -1.81
CA PRO D 555 -21.21 -15.74 -0.71
C PRO D 555 -21.52 -17.12 -0.19
N GLY D 556 -21.61 -17.24 1.14
CA GLY D 556 -21.74 -18.51 1.80
C GLY D 556 -20.44 -19.17 2.17
N GLN D 557 -19.30 -18.64 1.72
CA GLN D 557 -18.00 -19.20 2.03
C GLN D 557 -17.40 -18.47 3.23
N GLN D 558 -16.88 -19.24 4.18
CA GLN D 558 -16.35 -18.68 5.40
C GLN D 558 -15.02 -17.98 5.17
N MET D 559 -14.73 -17.01 6.02
CA MET D 559 -13.39 -16.46 6.17
C MET D 559 -13.10 -16.30 7.65
N THR D 560 -11.81 -16.25 7.97
CA THR D 560 -11.34 -15.99 9.33
C THR D 560 -10.68 -14.62 9.37
N LEU D 561 -11.09 -13.78 10.31
CA LEU D 561 -10.55 -12.44 10.44
C LEU D 561 -9.95 -12.28 11.83
N LYS D 562 -8.77 -11.68 11.88
CA LYS D 562 -8.06 -11.47 13.14
C LYS D 562 -8.46 -10.15 13.77
N ILE D 563 -8.45 -10.13 15.10
CA ILE D 563 -8.70 -8.93 15.88
C ILE D 563 -7.46 -8.70 16.73
N GLU D 564 -6.61 -7.77 16.34
CA GLU D 564 -5.37 -7.47 17.05
C GLU D 564 -5.66 -6.32 18.00
N GLY D 565 -5.84 -6.64 19.29
CA GLY D 565 -6.15 -5.64 20.28
C GLY D 565 -5.44 -5.92 21.59
N ASP D 566 -5.51 -4.95 22.49
CA ASP D 566 -4.86 -5.07 23.78
C ASP D 566 -5.53 -6.13 24.63
N HIS D 567 -4.72 -6.88 25.39
CA HIS D 567 -5.22 -8.00 26.16
C HIS D 567 -6.16 -7.53 27.27
N GLY D 568 -7.17 -8.35 27.54
CA GLY D 568 -8.12 -8.09 28.60
C GLY D 568 -9.23 -7.15 28.25
N ALA D 569 -9.30 -6.67 27.01
CA ALA D 569 -10.32 -5.73 26.57
C ALA D 569 -11.48 -6.47 25.94
N ARG D 570 -12.62 -5.79 25.91
CA ARG D 570 -13.86 -6.32 25.33
C ARG D 570 -14.11 -5.66 23.99
N VAL D 571 -14.39 -6.48 22.97
CA VAL D 571 -14.53 -6.01 21.60
C VAL D 571 -15.97 -6.21 21.16
N VAL D 572 -16.58 -5.16 20.63
CA VAL D 572 -17.91 -5.23 20.03
C VAL D 572 -17.77 -5.01 18.52
N LEU D 573 -18.51 -5.80 17.75
CA LEU D 573 -18.42 -5.77 16.30
C LEU D 573 -19.78 -5.53 15.67
N VAL D 574 -19.76 -5.02 14.45
CA VAL D 574 -20.98 -4.84 13.68
C VAL D 574 -20.59 -4.76 12.21
N ALA D 575 -21.37 -5.45 11.37
CA ALA D 575 -21.14 -5.48 9.93
C ALA D 575 -22.29 -4.75 9.23
N VAL D 576 -21.94 -3.78 8.40
CA VAL D 576 -22.91 -2.90 7.76
C VAL D 576 -22.71 -2.95 6.26
N ASP D 577 -23.79 -3.18 5.52
CA ASP D 577 -23.73 -3.11 4.07
C ASP D 577 -23.47 -1.67 3.65
N LYS D 578 -22.68 -1.49 2.59
CA LYS D 578 -22.34 -0.14 2.16
C LYS D 578 -23.48 0.55 1.42
N GLY D 579 -24.55 -0.16 1.10
CA GLY D 579 -25.69 0.51 0.47
C GLY D 579 -26.29 1.57 1.35
N VAL D 580 -26.46 1.26 2.64
CA VAL D 580 -27.04 2.24 3.56
C VAL D 580 -26.10 3.43 3.73
N PHE D 581 -24.78 3.20 3.65
CA PHE D 581 -23.86 4.33 3.69
C PHE D 581 -23.93 5.15 2.40
N VAL D 582 -24.25 4.51 1.29
CA VAL D 582 -24.50 5.25 0.06
C VAL D 582 -25.71 6.17 0.25
N LEU D 583 -26.78 5.62 0.82
CA LEU D 583 -28.01 6.39 0.95
C LEU D 583 -28.00 7.32 2.16
N ASN D 584 -27.09 7.11 3.11
CA ASN D 584 -26.91 8.04 4.22
C ASN D 584 -25.58 7.80 4.92
N LYS D 585 -24.72 8.82 4.94
CA LYS D 585 -23.37 8.67 5.51
C LYS D 585 -23.08 9.65 6.63
N LYS D 586 -24.10 10.26 7.22
CA LYS D 586 -23.92 11.22 8.30
C LYS D 586 -24.27 10.59 9.64
N ASN D 587 -23.91 11.29 10.71
CA ASN D 587 -24.21 10.86 12.08
C ASN D 587 -23.65 9.47 12.38
N LYS D 588 -22.41 9.25 11.96
CA LYS D 588 -21.68 8.04 12.33
C LYS D 588 -20.84 8.32 13.57
N LEU D 589 -19.97 7.37 13.92
CA LEU D 589 -19.03 7.57 15.01
C LEU D 589 -17.65 7.12 14.56
N THR D 590 -16.62 7.83 15.04
CA THR D 590 -15.24 7.52 14.71
C THR D 590 -14.35 8.16 15.75
N GLN D 591 -13.05 7.86 15.67
CA GLN D 591 -12.10 8.38 16.63
C GLN D 591 -12.05 9.90 16.60
N SER D 592 -12.18 10.48 15.40
CA SER D 592 -12.14 11.93 15.28
C SER D 592 -13.28 12.59 16.06
N LYS D 593 -14.48 12.02 15.98
CA LYS D 593 -15.61 12.57 16.73
C LYS D 593 -15.36 12.47 18.24
N ILE D 594 -14.80 11.35 18.69
CA ILE D 594 -14.56 11.16 20.11
C ILE D 594 -13.56 12.21 20.61
N TRP D 595 -12.47 12.40 19.87
CA TRP D 595 -11.48 13.37 20.31
C TRP D 595 -12.01 14.79 20.20
N ASP D 596 -12.87 15.07 19.22
CA ASP D 596 -13.49 16.38 19.15
C ASP D 596 -14.37 16.64 20.37
N VAL D 597 -15.15 15.63 20.80
CA VAL D 597 -15.97 15.80 21.99
C VAL D 597 -15.11 16.04 23.22
N VAL D 598 -14.04 15.25 23.36
CA VAL D 598 -13.16 15.39 24.51
C VAL D 598 -12.52 16.78 24.54
N GLU D 599 -12.05 17.25 23.38
CA GLU D 599 -11.45 18.58 23.30
C GLU D 599 -12.48 19.66 23.62
N LYS D 600 -13.72 19.50 23.13
CA LYS D 600 -14.75 20.48 23.42
C LYS D 600 -15.07 20.54 24.90
N ALA D 601 -14.95 19.41 25.59
CA ALA D 601 -15.26 19.35 27.02
C ALA D 601 -14.13 19.87 27.90
N ASP D 602 -13.19 20.63 27.34
CA ASP D 602 -12.07 21.13 28.13
C ASP D 602 -12.53 22.23 29.09
N ILE D 603 -11.58 22.75 29.87
CA ILE D 603 -11.87 23.80 30.84
C ILE D 603 -11.28 25.14 30.44
N GLY D 604 -10.19 25.16 29.69
CA GLY D 604 -9.57 26.41 29.26
C GLY D 604 -9.70 26.57 27.76
N CYS D 605 -9.69 27.83 27.30
CA CYS D 605 -9.87 28.09 25.89
C CYS D 605 -8.97 29.21 25.39
N THR D 606 -7.78 29.36 25.97
CA THR D 606 -6.79 30.32 25.48
C THR D 606 -5.48 29.60 25.23
N PRO D 607 -5.04 29.46 23.99
CA PRO D 607 -3.86 28.63 23.71
C PRO D 607 -2.58 29.23 24.24
N GLY D 608 -2.42 29.25 25.54
CA GLY D 608 -1.17 29.66 26.16
C GLY D 608 -1.13 31.14 26.49
N SER D 609 -0.24 31.48 27.42
CA SER D 609 0.02 32.86 27.82
C SER D 609 -1.23 33.54 28.36
N GLY D 610 -1.15 34.84 28.59
CA GLY D 610 -2.26 35.58 29.13
C GLY D 610 -1.86 36.99 29.50
N LYS D 611 -2.82 37.71 30.07
CA LYS D 611 -2.55 39.08 30.49
C LYS D 611 -1.54 39.12 31.63
N ASP D 612 -1.67 38.22 32.60
CA ASP D 612 -0.79 38.19 33.76
C ASP D 612 -0.83 36.79 34.36
N TYR D 613 -0.17 36.63 35.51
CA TYR D 613 -0.05 35.32 36.13
C TYR D 613 -1.43 34.75 36.49
N ALA D 614 -2.28 35.58 37.08
CA ALA D 614 -3.65 35.15 37.37
C ALA D 614 -4.39 34.85 36.09
N GLY D 615 -4.23 35.69 35.07
CA GLY D 615 -4.85 35.42 33.79
C GLY D 615 -4.32 34.16 33.15
N VAL D 616 -3.01 33.92 33.25
CA VAL D 616 -2.43 32.71 32.67
C VAL D 616 -3.00 31.47 33.33
N PHE D 617 -3.06 31.47 34.67
CA PHE D 617 -3.63 30.32 35.37
C PHE D 617 -5.12 30.15 35.08
N SER D 618 -5.87 31.25 35.03
CA SER D 618 -7.29 31.15 34.74
C SER D 618 -7.53 30.58 33.34
N ASP D 619 -6.76 31.04 32.35
CA ASP D 619 -6.91 30.52 31.00
C ASP D 619 -6.45 29.08 30.90
N ALA D 620 -5.39 28.71 31.64
CA ALA D 620 -4.90 27.35 31.61
C ALA D 620 -5.81 26.38 32.34
N GLY D 621 -6.80 26.87 33.08
CA GLY D 621 -7.73 26.01 33.76
C GLY D 621 -7.35 25.59 35.16
N LEU D 622 -6.54 26.38 35.85
CA LEU D 622 -6.15 26.09 37.22
C LEU D 622 -6.37 27.31 38.10
N THR D 623 -6.60 27.05 39.38
CA THR D 623 -6.64 28.10 40.39
C THR D 623 -5.44 27.93 41.32
N PHE D 624 -4.79 29.04 41.64
CA PHE D 624 -3.55 29.03 42.41
C PHE D 624 -3.72 29.97 43.59
N THR D 625 -3.63 29.41 44.80
CA THR D 625 -3.82 30.17 46.02
C THR D 625 -2.59 30.02 46.91
N SER D 626 -2.16 31.12 47.50
CA SER D 626 -0.97 31.14 48.34
C SER D 626 -1.35 31.48 49.77
N SER D 627 -0.50 31.03 50.71
CA SER D 627 -0.69 31.37 52.10
C SER D 627 -0.53 32.86 52.33
N SER D 628 0.41 33.50 51.61
CA SER D 628 0.65 34.93 51.78
C SER D 628 -0.58 35.74 51.40
N GLY D 629 -1.24 35.38 50.30
CA GLY D 629 -2.39 36.12 49.85
C GLY D 629 -2.49 36.22 48.34
N GLN D 630 -1.42 35.82 47.65
CA GLN D 630 -1.44 35.80 46.20
C GLN D 630 -2.49 34.79 45.72
N GLN D 631 -3.28 35.19 44.72
CA GLN D 631 -4.37 34.37 44.25
C GLN D 631 -4.66 34.70 42.80
N THR D 632 -5.35 33.78 42.14
CA THR D 632 -5.76 33.98 40.74
C THR D 632 -7.10 34.73 40.72
N ALA D 633 -7.70 34.80 39.54
CA ALA D 633 -9.00 35.44 39.38
C ALA D 633 -10.10 34.48 39.83
N GLN D 634 -11.35 34.85 39.57
CA GLN D 634 -12.50 34.05 39.96
C GLN D 634 -13.25 33.59 38.72
N ARG D 635 -13.56 32.30 38.65
CA ARG D 635 -14.32 31.73 37.54
C ARG D 635 -15.69 31.28 38.04
N ALA D 636 -16.74 31.77 37.38
CA ALA D 636 -18.10 31.43 37.77
C ALA D 636 -18.99 31.07 36.57
N GLU D 637 -18.40 30.86 35.40
CA GLU D 637 -19.16 30.52 34.20
C GLU D 637 -18.65 29.20 33.64
N LEU D 638 -19.56 28.30 33.32
CA LEU D 638 -19.18 26.98 32.82
C LEU D 638 -18.54 27.07 31.43
N GLN D 639 -19.07 27.93 30.57
CA GLN D 639 -18.59 28.06 29.19
C GLN D 639 -17.89 29.40 29.04
N CYS D 640 -16.64 29.36 28.60
CA CYS D 640 -15.86 30.58 28.42
C CYS D 640 -16.37 31.35 27.21
N PRO D 641 -16.32 32.70 27.25
CA PRO D 641 -16.73 33.55 26.12
C PRO D 641 -15.87 33.34 24.89
N GLU E 5 -30.32 -31.81 -21.27
CA GLU E 5 -29.13 -30.98 -21.48
C GLU E 5 -28.28 -30.93 -20.21
N ASP E 6 -27.11 -30.30 -20.32
CA ASP E 6 -26.15 -30.25 -19.21
C ASP E 6 -26.41 -29.00 -18.36
N ILE E 7 -27.53 -29.04 -17.64
CA ILE E 7 -27.92 -27.95 -16.76
C ILE E 7 -28.33 -28.53 -15.42
N ILE E 8 -28.30 -27.67 -14.40
CA ILE E 8 -28.80 -28.07 -13.08
C ILE E 8 -30.30 -28.26 -13.17
N ALA E 9 -30.82 -29.22 -12.39
CA ALA E 9 -32.22 -29.58 -12.50
C ALA E 9 -33.12 -28.38 -12.17
N GLU E 10 -34.38 -28.49 -12.57
CA GLU E 10 -35.32 -27.38 -12.42
C GLU E 10 -35.55 -27.02 -10.95
N GLU E 11 -35.66 -28.03 -10.09
CA GLU E 11 -35.98 -27.82 -8.68
C GLU E 11 -34.80 -28.05 -7.76
N ASN E 12 -33.63 -28.40 -8.28
CA ASN E 12 -32.48 -28.69 -7.43
C ASN E 12 -31.77 -27.44 -6.94
N ILE E 13 -32.07 -26.28 -7.51
CA ILE E 13 -31.43 -25.04 -7.10
C ILE E 13 -32.04 -24.56 -5.80
N VAL E 14 -31.21 -24.02 -4.91
CA VAL E 14 -31.66 -23.44 -3.65
C VAL E 14 -31.31 -21.97 -3.66
N SER E 15 -32.29 -21.13 -3.36
CA SER E 15 -32.16 -19.69 -3.52
C SER E 15 -31.53 -19.05 -2.28
N ARG E 16 -30.79 -17.97 -2.51
CA ARG E 16 -30.16 -17.21 -1.44
C ARG E 16 -31.23 -16.49 -0.66
N SER E 17 -31.54 -16.97 0.55
CA SER E 17 -32.70 -16.48 1.27
C SER E 17 -32.43 -15.17 1.99
N GLU E 18 -31.52 -15.19 2.96
CA GLU E 18 -31.34 -14.04 3.84
C GLU E 18 -30.65 -12.89 3.13
N PHE E 19 -31.21 -11.70 3.30
CA PHE E 19 -30.62 -10.46 2.79
C PHE E 19 -30.61 -9.40 3.89
N PRO E 20 -29.86 -9.62 4.96
CA PRO E 20 -29.89 -8.69 6.09
C PRO E 20 -29.04 -7.45 5.83
N GLU E 21 -29.50 -6.34 6.38
CA GLU E 21 -28.78 -5.08 6.25
C GLU E 21 -27.71 -4.89 7.31
N SER E 22 -27.70 -5.72 8.36
CA SER E 22 -26.71 -5.59 9.43
C SER E 22 -26.64 -6.91 10.17
N TRP E 23 -25.44 -7.47 10.29
CA TRP E 23 -25.24 -8.74 10.96
C TRP E 23 -23.99 -8.64 11.82
N LEU E 24 -23.54 -9.78 12.35
CA LEU E 24 -22.36 -9.84 13.21
C LEU E 24 -22.51 -8.89 14.40
N TRP E 25 -23.68 -8.92 15.02
CA TRP E 25 -23.99 -8.07 16.16
C TRP E 25 -23.77 -8.89 17.44
N ASN E 26 -22.50 -9.06 17.80
CA ASN E 26 -22.15 -9.84 18.97
C ASN E 26 -20.96 -9.20 19.66
N VAL E 27 -20.77 -9.57 20.93
CA VAL E 27 -19.69 -9.07 21.76
C VAL E 27 -18.85 -10.25 22.24
N GLU E 28 -17.54 -10.12 22.11
CA GLU E 28 -16.62 -11.19 22.48
C GLU E 28 -15.48 -10.62 23.30
N ASP E 29 -14.78 -11.50 24.01
CA ASP E 29 -13.73 -11.14 24.94
C ASP E 29 -12.38 -11.61 24.42
N LEU E 30 -11.34 -10.81 24.68
CA LEU E 30 -9.97 -11.13 24.27
C LEU E 30 -9.24 -11.73 25.46
N LYS E 31 -9.50 -13.02 25.70
CA LYS E 31 -8.97 -13.70 26.87
C LYS E 31 -7.67 -14.45 26.60
N GLU E 32 -7.33 -14.70 25.33
CA GLU E 32 -6.16 -15.53 25.04
C GLU E 32 -4.89 -14.79 25.43
N PRO E 33 -3.82 -15.51 25.77
CA PRO E 33 -2.63 -14.86 26.36
C PRO E 33 -2.02 -13.84 25.42
N PRO E 34 -1.51 -12.73 25.96
CA PRO E 34 -0.96 -11.66 25.10
C PRO E 34 0.43 -12.04 24.59
N LYS E 35 0.62 -11.94 23.28
CA LYS E 35 1.93 -12.08 22.65
C LYS E 35 2.32 -10.74 22.05
N ASN E 36 3.49 -10.25 22.43
CA ASN E 36 4.00 -8.93 22.01
C ASN E 36 3.10 -7.79 22.48
N GLY E 37 2.24 -8.05 23.46
CA GLY E 37 1.35 -7.04 23.99
C GLY E 37 0.06 -6.84 23.22
N ILE E 38 -0.15 -7.56 22.12
CA ILE E 38 -1.35 -7.43 21.31
C ILE E 38 -1.98 -8.81 21.19
N SER E 39 -3.20 -8.95 21.69
CA SER E 39 -3.91 -10.22 21.63
C SER E 39 -4.60 -10.38 20.28
N THR E 40 -4.73 -11.64 19.84
CA THR E 40 -5.35 -11.95 18.57
C THR E 40 -6.34 -13.10 18.74
N LYS E 41 -7.39 -13.06 17.93
CA LYS E 41 -8.40 -14.12 17.92
C LYS E 41 -8.83 -14.40 16.49
N LEU E 42 -9.36 -15.59 16.27
CA LEU E 42 -9.86 -16.02 14.98
C LEU E 42 -11.33 -16.41 15.11
N MET E 43 -12.13 -16.01 14.13
CA MET E 43 -13.54 -16.32 14.10
C MET E 43 -13.91 -16.95 12.76
N ASN E 44 -14.73 -17.98 12.80
CA ASN E 44 -15.22 -18.63 11.59
C ASN E 44 -16.60 -18.10 11.24
N ILE E 45 -16.62 -16.82 10.85
CA ILE E 45 -17.87 -16.21 10.42
C ILE E 45 -18.24 -16.71 9.03
N PHE E 46 -19.51 -16.54 8.68
CA PHE E 46 -20.04 -16.99 7.40
C PHE E 46 -20.72 -15.82 6.72
N LEU E 47 -20.35 -15.56 5.47
CA LEU E 47 -20.80 -14.35 4.78
C LEU E 47 -22.29 -14.44 4.48
N LYS E 48 -22.97 -13.30 4.61
CA LYS E 48 -24.37 -13.25 4.27
C LYS E 48 -24.56 -13.28 2.75
N ASP E 49 -25.76 -13.65 2.33
CA ASP E 49 -25.99 -14.08 0.96
C ASP E 49 -26.05 -12.93 -0.04
N SER E 50 -26.13 -11.69 0.41
CA SER E 50 -26.24 -10.57 -0.52
C SER E 50 -24.92 -10.33 -1.24
N ILE E 51 -25.01 -10.12 -2.55
CA ILE E 51 -23.84 -9.80 -3.37
C ILE E 51 -23.57 -8.31 -3.22
N THR E 52 -22.65 -7.96 -2.35
CA THR E 52 -22.30 -6.57 -2.07
C THR E 52 -20.98 -6.58 -1.30
N THR E 53 -20.58 -5.43 -0.81
CA THR E 53 -19.38 -5.29 0.01
C THR E 53 -19.79 -4.93 1.43
N TRP E 54 -19.13 -5.55 2.40
CA TRP E 54 -19.45 -5.37 3.80
C TRP E 54 -18.42 -4.46 4.46
N GLU E 55 -18.90 -3.61 5.35
CA GLU E 55 -18.04 -2.76 6.16
C GLU E 55 -18.16 -3.19 7.62
N ILE E 56 -17.02 -3.46 8.24
CA ILE E 56 -16.98 -3.94 9.63
C ILE E 56 -16.34 -2.85 10.47
N LEU E 57 -17.07 -2.39 11.48
CA LEU E 57 -16.60 -1.36 12.39
C LEU E 57 -16.43 -1.98 13.77
N ALA E 58 -15.24 -1.84 14.33
CA ALA E 58 -14.88 -2.48 15.60
C ALA E 58 -14.63 -1.41 16.66
N VAL E 59 -15.19 -1.65 17.85
CA VAL E 59 -15.00 -0.76 18.99
C VAL E 59 -14.53 -1.58 20.17
N SER E 60 -13.45 -1.14 20.81
CA SER E 60 -12.91 -1.83 21.97
C SER E 60 -13.40 -1.17 23.26
N MET E 61 -13.18 -1.87 24.37
CA MET E 61 -13.47 -1.31 25.69
C MET E 61 -12.44 -1.91 26.64
N SER E 62 -11.34 -1.17 26.85
CA SER E 62 -10.24 -1.65 27.69
C SER E 62 -10.36 -1.07 29.09
N ASP E 63 -10.28 -1.94 30.09
CA ASP E 63 -10.35 -1.49 31.47
C ASP E 63 -9.13 -0.67 31.89
N LYS E 64 -8.01 -0.82 31.17
CA LYS E 64 -6.77 -0.14 31.52
C LYS E 64 -6.37 0.94 30.53
N LYS E 65 -6.59 0.72 29.24
CA LYS E 65 -6.16 1.68 28.22
C LYS E 65 -7.22 2.75 27.96
N GLY E 66 -8.42 2.34 27.56
CA GLY E 66 -9.48 3.28 27.29
C GLY E 66 -10.49 2.79 26.28
N ILE E 67 -10.81 3.62 25.29
CA ILE E 67 -11.77 3.29 24.25
C ILE E 67 -11.15 3.58 22.89
N CYS E 68 -11.28 2.63 21.97
CA CYS E 68 -10.77 2.79 20.62
C CYS E 68 -11.82 2.41 19.60
N VAL E 69 -11.79 3.09 18.45
CA VAL E 69 -12.67 2.80 17.34
C VAL E 69 -11.80 2.46 16.14
N ALA E 70 -11.99 1.26 15.59
CA ALA E 70 -11.16 0.81 14.49
C ALA E 70 -11.53 1.54 13.20
N ASP E 71 -10.56 1.58 12.29
CA ASP E 71 -10.85 2.01 10.94
C ASP E 71 -11.74 0.97 10.26
N PRO E 72 -12.65 1.41 9.39
CA PRO E 72 -13.55 0.46 8.73
C PRO E 72 -12.80 -0.57 7.92
N PHE E 73 -13.30 -1.80 7.94
CA PHE E 73 -12.73 -2.90 7.17
C PHE E 73 -13.67 -3.27 6.03
N GLU E 74 -13.11 -3.45 4.84
CA GLU E 74 -13.89 -3.71 3.63
C GLU E 74 -13.64 -5.13 3.15
N VAL E 75 -14.71 -5.90 2.99
CA VAL E 75 -14.67 -7.18 2.31
C VAL E 75 -15.69 -7.15 1.19
N THR E 76 -15.27 -7.51 -0.02
CA THR E 76 -16.11 -7.45 -1.20
C THR E 76 -16.53 -8.87 -1.57
N VAL E 77 -17.80 -9.18 -1.39
CA VAL E 77 -18.34 -10.49 -1.71
C VAL E 77 -18.86 -10.42 -3.15
N MET E 78 -18.06 -10.89 -4.10
CA MET E 78 -18.42 -10.83 -5.51
C MET E 78 -18.30 -12.22 -6.13
N GLN E 79 -19.28 -12.57 -6.94
CA GLN E 79 -19.32 -13.83 -7.66
C GLN E 79 -19.34 -13.54 -9.16
N ASP E 80 -18.82 -14.50 -9.93
CA ASP E 80 -18.72 -14.31 -11.37
C ASP E 80 -20.08 -14.32 -12.07
N PHE E 81 -21.15 -14.72 -11.38
CA PHE E 81 -22.47 -14.75 -12.00
C PHE E 81 -23.52 -14.75 -10.88
N PHE E 82 -24.48 -13.85 -10.96
CA PHE E 82 -25.46 -13.70 -9.90
C PHE E 82 -26.66 -12.92 -10.42
N ILE E 83 -27.65 -12.73 -9.55
CA ILE E 83 -28.88 -12.02 -9.87
C ILE E 83 -29.13 -10.97 -8.81
N ASP E 84 -29.49 -9.77 -9.25
CA ASP E 84 -29.82 -8.65 -8.37
C ASP E 84 -31.26 -8.25 -8.63
N LEU E 85 -32.19 -8.84 -7.87
CA LEU E 85 -33.60 -8.54 -8.05
C LEU E 85 -33.92 -7.16 -7.48
N ARG E 86 -34.29 -6.23 -8.35
CA ARG E 86 -34.59 -4.86 -7.98
C ARG E 86 -36.10 -4.72 -7.82
N LEU E 87 -36.54 -4.31 -6.63
CA LEU E 87 -37.96 -4.27 -6.34
C LEU E 87 -38.36 -2.91 -5.78
N PRO E 88 -39.55 -2.43 -6.11
CA PRO E 88 -40.11 -1.31 -5.36
C PRO E 88 -40.35 -1.76 -3.92
N TYR E 89 -40.17 -0.83 -2.98
CA TYR E 89 -40.29 -1.22 -1.58
C TYR E 89 -41.68 -1.70 -1.25
N SER E 90 -42.72 -1.01 -1.73
CA SER E 90 -44.08 -1.40 -1.46
C SER E 90 -44.93 -1.17 -2.70
N VAL E 91 -45.83 -2.12 -2.97
CA VAL E 91 -46.75 -1.99 -4.09
C VAL E 91 -48.17 -1.91 -3.55
N VAL E 92 -49.14 -1.76 -4.44
CA VAL E 92 -50.54 -1.64 -4.05
C VAL E 92 -51.30 -2.85 -4.56
N ARG E 93 -52.24 -3.33 -3.77
CA ARG E 93 -52.99 -4.53 -4.11
C ARG E 93 -53.86 -4.30 -5.34
N ASN E 94 -53.95 -5.31 -6.20
CA ASN E 94 -54.82 -5.31 -7.37
C ASN E 94 -54.48 -4.19 -8.34
N GLU E 95 -53.19 -3.99 -8.60
CA GLU E 95 -52.74 -3.00 -9.58
C GLU E 95 -51.41 -3.46 -10.16
N GLN E 96 -51.37 -3.65 -11.47
CA GLN E 96 -50.24 -4.27 -12.12
C GLN E 96 -48.98 -3.42 -11.97
N VAL E 97 -47.89 -4.04 -11.56
CA VAL E 97 -46.59 -3.39 -11.48
C VAL E 97 -45.54 -4.33 -12.07
N GLU E 98 -44.69 -3.77 -12.93
CA GLU E 98 -43.61 -4.55 -13.55
C GLU E 98 -42.47 -4.74 -12.56
N ILE E 99 -41.71 -5.82 -12.78
CA ILE E 99 -40.53 -6.08 -11.98
C ILE E 99 -39.37 -6.40 -12.91
N ARG E 100 -38.16 -6.12 -12.46
CA ARG E 100 -36.96 -6.28 -13.28
C ARG E 100 -35.97 -7.19 -12.57
N ALA E 101 -35.49 -8.20 -13.28
CA ALA E 101 -34.44 -9.08 -12.80
C ALA E 101 -33.20 -8.86 -13.65
N VAL E 102 -32.07 -8.63 -13.00
CA VAL E 102 -30.81 -8.34 -13.67
C VAL E 102 -29.94 -9.58 -13.56
N LEU E 103 -29.40 -10.03 -14.70
CA LEU E 103 -28.55 -11.22 -14.76
C LEU E 103 -27.14 -10.75 -15.10
N TYR E 104 -26.37 -10.42 -14.06
CA TYR E 104 -25.02 -9.96 -14.28
C TYR E 104 -24.13 -11.11 -14.76
N ASN E 105 -22.98 -10.76 -15.33
CA ASN E 105 -22.03 -11.75 -15.81
C ASN E 105 -20.66 -11.10 -15.88
N TYR E 106 -19.76 -11.47 -14.97
CA TYR E 106 -18.47 -10.82 -14.85
C TYR E 106 -17.33 -11.80 -15.08
N ARG E 107 -17.54 -12.78 -15.95
CA ARG E 107 -16.51 -13.77 -16.26
C ARG E 107 -15.51 -13.17 -17.23
N GLN E 108 -14.64 -14.02 -17.78
CA GLN E 108 -13.82 -13.63 -18.92
C GLN E 108 -14.68 -13.70 -20.18
N ASN E 109 -14.04 -13.69 -21.35
CA ASN E 109 -14.75 -13.59 -22.62
C ASN E 109 -15.73 -14.73 -22.89
N GLN E 110 -15.87 -15.65 -21.95
CA GLN E 110 -16.85 -16.72 -22.09
C GLN E 110 -18.28 -16.17 -22.18
N GLU E 111 -19.11 -16.83 -22.98
CA GLU E 111 -20.50 -16.49 -23.16
C GLU E 111 -21.37 -17.42 -22.33
N LEU E 112 -22.49 -16.91 -21.82
CA LEU E 112 -23.38 -17.68 -20.96
C LEU E 112 -24.78 -17.73 -21.56
N LYS E 113 -25.33 -18.93 -21.68
CA LYS E 113 -26.71 -19.14 -22.14
C LYS E 113 -27.58 -19.37 -20.92
N VAL E 114 -27.89 -18.27 -20.21
CA VAL E 114 -28.62 -18.36 -18.96
C VAL E 114 -30.08 -18.69 -19.21
N ARG E 115 -30.63 -19.58 -18.39
CA ARG E 115 -32.06 -19.88 -18.39
C ARG E 115 -32.66 -19.42 -17.07
N VAL E 116 -33.63 -18.52 -17.13
CA VAL E 116 -34.26 -17.96 -15.94
C VAL E 116 -35.75 -18.23 -15.97
N GLU E 117 -36.28 -18.61 -14.82
CA GLU E 117 -37.70 -18.93 -14.70
C GLU E 117 -38.23 -18.34 -13.39
N LEU E 118 -39.53 -18.08 -13.38
CA LEU E 118 -40.23 -17.53 -12.23
C LEU E 118 -41.16 -18.62 -11.70
N LEU E 119 -40.82 -19.18 -10.55
CA LEU E 119 -41.66 -20.22 -9.97
C LEU E 119 -42.97 -19.64 -9.48
N HIS E 120 -44.04 -20.41 -9.67
CA HIS E 120 -45.38 -19.93 -9.32
C HIS E 120 -45.52 -19.72 -7.82
N ASN E 121 -46.23 -18.68 -7.45
CA ASN E 121 -46.58 -18.40 -6.07
C ASN E 121 -48.08 -18.14 -6.00
N PRO E 122 -48.81 -18.81 -5.10
CA PRO E 122 -50.26 -18.59 -5.00
C PRO E 122 -50.63 -17.18 -4.56
N ALA E 123 -49.69 -16.41 -4.03
CA ALA E 123 -49.96 -15.05 -3.57
C ALA E 123 -49.75 -14.00 -4.64
N PHE E 124 -49.41 -14.40 -5.86
CA PHE E 124 -49.21 -13.46 -6.97
C PHE E 124 -49.91 -13.98 -8.21
N CYS E 125 -50.20 -13.06 -9.13
CA CYS E 125 -50.82 -13.39 -10.42
C CYS E 125 -49.81 -13.03 -11.51
N SER E 126 -48.95 -13.98 -11.85
CA SER E 126 -48.05 -13.84 -12.98
C SER E 126 -48.37 -14.94 -13.98
N LEU E 127 -47.57 -15.03 -15.04
CA LEU E 127 -47.81 -16.02 -16.07
C LEU E 127 -47.54 -17.45 -15.59
N ALA E 128 -46.91 -17.61 -14.43
CA ALA E 128 -46.57 -18.93 -13.92
C ALA E 128 -47.73 -19.50 -13.13
N THR E 129 -48.13 -20.72 -13.47
CA THR E 129 -49.18 -21.45 -12.76
C THR E 129 -48.59 -22.74 -12.18
N THR E 130 -49.47 -23.56 -11.61
CA THR E 130 -49.03 -24.82 -11.03
C THR E 130 -48.50 -25.77 -12.10
N LYS E 131 -49.18 -25.83 -13.25
CA LYS E 131 -48.78 -26.72 -14.33
C LYS E 131 -47.83 -26.03 -15.30
N ARG E 132 -48.26 -24.90 -15.86
CA ARG E 132 -47.44 -24.17 -16.81
C ARG E 132 -46.26 -23.52 -16.10
N ARG E 133 -45.22 -23.21 -16.88
CA ARG E 133 -44.02 -22.60 -16.36
C ARG E 133 -43.62 -21.42 -17.25
N HIS E 134 -43.03 -20.41 -16.63
CA HIS E 134 -42.58 -19.20 -17.33
C HIS E 134 -41.06 -19.27 -17.47
N GLN E 135 -40.59 -19.73 -18.62
CA GLN E 135 -39.17 -19.91 -18.87
C GLN E 135 -38.71 -18.99 -19.98
N GLN E 136 -37.50 -18.47 -19.83
CA GLN E 136 -36.82 -17.71 -20.88
C GLN E 136 -35.40 -18.24 -21.01
N THR E 137 -34.88 -18.21 -22.24
CA THR E 137 -33.52 -18.63 -22.52
C THR E 137 -32.78 -17.44 -23.11
N VAL E 138 -32.05 -16.74 -22.26
CA VAL E 138 -31.39 -15.51 -22.65
C VAL E 138 -29.90 -15.76 -22.82
N THR E 139 -29.21 -14.82 -23.45
CA THR E 139 -27.77 -14.89 -23.65
C THR E 139 -27.14 -13.61 -23.11
N ILE E 140 -26.11 -13.76 -22.29
CA ILE E 140 -25.44 -12.63 -21.66
C ILE E 140 -24.07 -12.46 -22.30
N PRO E 141 -23.83 -11.39 -23.05
CA PRO E 141 -22.48 -11.14 -23.53
C PRO E 141 -21.54 -10.90 -22.37
N PRO E 142 -20.26 -11.26 -22.53
CA PRO E 142 -19.33 -11.13 -21.40
C PRO E 142 -19.14 -9.68 -20.99
N LYS E 143 -18.94 -9.48 -19.69
CA LYS E 143 -18.74 -8.16 -19.11
C LYS E 143 -19.89 -7.22 -19.47
N SER E 144 -21.11 -7.73 -19.38
CA SER E 144 -22.28 -6.95 -19.71
C SER E 144 -23.39 -7.32 -18.74
N SER E 145 -24.62 -6.91 -19.04
CA SER E 145 -25.75 -7.15 -18.16
C SER E 145 -26.98 -7.42 -19.02
N LEU E 146 -28.09 -7.68 -18.35
CA LEU E 146 -29.35 -7.89 -19.02
C LEU E 146 -30.46 -7.63 -18.01
N SER E 147 -31.67 -7.40 -18.51
CA SER E 147 -32.81 -7.15 -17.64
C SER E 147 -34.03 -7.87 -18.21
N VAL E 148 -34.55 -8.83 -17.45
CA VAL E 148 -35.70 -9.61 -17.87
C VAL E 148 -36.92 -9.08 -17.13
N PRO E 149 -37.89 -8.47 -17.82
CA PRO E 149 -39.07 -7.92 -17.13
C PRO E 149 -40.14 -8.97 -16.89
N TYR E 150 -40.84 -8.82 -15.77
CA TYR E 150 -41.99 -9.64 -15.44
C TYR E 150 -43.13 -8.75 -14.97
N VAL E 151 -44.36 -9.24 -15.14
CA VAL E 151 -45.55 -8.56 -14.63
C VAL E 151 -46.12 -9.38 -13.48
N ILE E 152 -46.36 -8.73 -12.36
CA ILE E 152 -46.85 -9.39 -11.16
C ILE E 152 -47.99 -8.56 -10.58
N VAL E 153 -49.09 -9.23 -10.25
CA VAL E 153 -50.25 -8.56 -9.65
C VAL E 153 -50.47 -9.15 -8.26
N PRO E 154 -50.23 -8.39 -7.20
CA PRO E 154 -50.44 -8.93 -5.85
C PRO E 154 -51.90 -9.23 -5.57
N LEU E 155 -52.14 -10.22 -4.72
CA LEU E 155 -53.48 -10.64 -4.36
C LEU E 155 -53.81 -10.41 -2.88
N LYS E 156 -52.99 -10.93 -1.97
CA LYS E 156 -53.27 -10.86 -0.54
C LYS E 156 -52.27 -9.95 0.14
N THR E 157 -52.75 -9.17 1.10
CA THR E 157 -51.89 -8.25 1.83
C THR E 157 -50.99 -9.01 2.80
N GLY E 158 -50.15 -8.27 3.52
CA GLY E 158 -49.24 -8.87 4.46
C GLY E 158 -47.78 -8.68 4.09
N LEU E 159 -47.10 -9.76 3.74
CA LEU E 159 -45.70 -9.69 3.32
C LEU E 159 -45.43 -10.91 2.43
N GLN E 160 -45.44 -10.70 1.12
CA GLN E 160 -45.26 -11.77 0.16
C GLN E 160 -43.84 -11.77 -0.38
N GLU E 161 -43.50 -12.85 -1.07
CA GLU E 161 -42.15 -13.04 -1.60
C GLU E 161 -42.21 -13.45 -3.07
N VAL E 162 -41.15 -13.09 -3.80
CA VAL E 162 -40.99 -13.49 -5.19
C VAL E 162 -39.54 -13.95 -5.36
N GLU E 163 -39.32 -14.83 -6.33
CA GLU E 163 -37.99 -15.36 -6.53
C GLU E 163 -37.80 -15.82 -7.97
N VAL E 164 -36.57 -15.78 -8.43
CA VAL E 164 -36.19 -16.25 -9.76
C VAL E 164 -35.00 -17.17 -9.62
N LYS E 165 -34.87 -18.11 -10.55
CA LYS E 165 -33.79 -19.08 -10.53
C LYS E 165 -33.12 -19.10 -11.90
N ALA E 166 -31.79 -19.16 -11.90
CA ALA E 166 -31.02 -19.14 -13.13
C ALA E 166 -30.07 -20.33 -13.16
N ALA E 167 -30.02 -21.02 -14.29
CA ALA E 167 -29.12 -22.14 -14.50
C ALA E 167 -28.32 -21.89 -15.77
N VAL E 168 -27.02 -22.10 -15.70
CA VAL E 168 -26.14 -21.83 -16.83
C VAL E 168 -25.92 -23.10 -17.64
N TYR E 169 -26.04 -22.97 -18.96
CA TYR E 169 -25.83 -24.08 -19.87
C TYR E 169 -24.35 -24.31 -20.08
N HIS E 170 -23.99 -25.56 -20.41
CA HIS E 170 -22.63 -25.96 -20.75
C HIS E 170 -21.66 -25.77 -19.58
N HIS E 171 -22.16 -25.27 -18.47
CA HIS E 171 -21.45 -25.24 -17.19
C HIS E 171 -22.41 -25.75 -16.14
N PHE E 172 -22.03 -25.67 -14.87
CA PHE E 172 -22.96 -26.05 -13.81
C PHE E 172 -22.80 -25.06 -12.66
N ILE E 173 -23.58 -23.98 -12.72
CA ILE E 173 -23.60 -22.95 -11.69
C ILE E 173 -24.97 -22.29 -11.73
N SER E 174 -25.56 -22.12 -10.56
CA SER E 174 -26.90 -21.56 -10.45
C SER E 174 -26.95 -20.57 -9.30
N ASP E 175 -27.88 -19.63 -9.39
CA ASP E 175 -28.07 -18.66 -8.32
C ASP E 175 -29.52 -18.20 -8.35
N GLY E 176 -30.22 -18.38 -7.26
CA GLY E 176 -31.60 -17.93 -7.12
C GLY E 176 -31.73 -16.93 -5.99
N VAL E 177 -32.55 -15.91 -6.20
CA VAL E 177 -32.73 -14.83 -5.24
C VAL E 177 -34.19 -14.81 -4.81
N ARG E 178 -34.43 -14.84 -3.51
CA ARG E 178 -35.78 -14.86 -2.94
C ARG E 178 -35.92 -13.69 -1.99
N LYS E 179 -36.41 -12.56 -2.50
CA LYS E 179 -36.67 -11.39 -1.69
C LYS E 179 -38.17 -11.26 -1.43
N SER E 180 -38.51 -10.41 -0.46
CA SER E 180 -39.89 -10.20 -0.05
C SER E 180 -40.24 -8.73 -0.27
N LEU E 181 -41.31 -8.51 -1.04
CA LEU E 181 -41.83 -7.16 -1.26
C LEU E 181 -43.09 -6.98 -0.43
N LYS E 182 -43.20 -5.81 0.20
CA LYS E 182 -44.32 -5.53 1.08
C LYS E 182 -45.52 -5.05 0.27
N VAL E 183 -46.69 -5.61 0.56
CA VAL E 183 -47.93 -5.26 -0.12
C VAL E 183 -48.84 -4.55 0.87
N VAL E 184 -49.41 -3.44 0.45
CA VAL E 184 -50.28 -2.63 1.30
C VAL E 184 -51.57 -2.33 0.54
N PRO E 185 -52.75 -2.51 1.16
CA PRO E 185 -53.99 -2.13 0.47
C PRO E 185 -54.03 -0.65 0.19
N GLU E 186 -54.73 -0.29 -0.88
CA GLU E 186 -54.72 1.09 -1.35
C GLU E 186 -55.22 2.04 -0.28
N GLY E 187 -54.57 3.19 -0.19
CA GLY E 187 -54.92 4.18 0.81
C GLY E 187 -53.75 5.09 1.10
N ILE E 188 -54.01 6.08 1.94
CA ILE E 188 -53.03 7.10 2.31
C ILE E 188 -53.10 7.30 3.82
N ARG E 189 -52.31 8.25 4.31
CA ARG E 189 -52.23 8.55 5.73
C ARG E 189 -53.06 9.78 6.04
N MET E 190 -53.89 9.69 7.08
CA MET E 190 -54.70 10.82 7.53
C MET E 190 -55.00 10.64 9.01
N ASN E 191 -55.00 11.75 9.74
CA ASN E 191 -54.98 11.74 11.21
C ASN E 191 -55.90 12.84 11.75
N LYS E 192 -57.14 12.46 12.04
CA LYS E 192 -58.05 13.35 12.73
C LYS E 192 -57.92 13.18 14.24
N THR E 193 -58.14 14.28 14.96
CA THR E 193 -58.04 14.27 16.42
C THR E 193 -59.37 13.81 17.01
N VAL E 194 -59.33 12.75 17.80
CA VAL E 194 -60.56 12.24 18.42
C VAL E 194 -61.14 13.26 19.39
N ALA E 195 -60.30 13.77 20.30
CA ALA E 195 -60.75 14.71 21.30
C ALA E 195 -59.54 15.32 21.99
N VAL E 196 -59.68 16.58 22.41
CA VAL E 196 -58.67 17.28 23.19
C VAL E 196 -59.38 17.98 24.34
N ARG E 197 -58.82 17.86 25.55
CA ARG E 197 -59.43 18.45 26.73
C ARG E 197 -58.34 18.79 27.74
N THR E 198 -58.70 19.67 28.67
CA THR E 198 -57.78 20.11 29.72
C THR E 198 -58.19 19.46 31.04
N LEU E 199 -57.20 18.88 31.73
CA LEU E 199 -57.44 18.21 33.00
C LEU E 199 -57.32 19.23 34.14
N ASP E 200 -58.42 19.48 34.82
CA ASP E 200 -58.45 20.41 35.96
C ASP E 200 -59.59 20.03 36.87
N PRO E 201 -59.37 19.07 37.77
CA PRO E 201 -60.46 18.65 38.68
C PRO E 201 -60.98 19.78 39.56
N GLU E 202 -60.12 20.72 39.96
CA GLU E 202 -60.58 21.85 40.76
C GLU E 202 -61.46 22.79 39.95
N ARG E 203 -61.14 22.95 38.67
CA ARG E 203 -61.88 23.86 37.80
C ARG E 203 -62.96 23.18 36.98
N LEU E 204 -62.77 21.92 36.62
CA LEU E 204 -63.74 21.17 35.82
C LEU E 204 -64.24 19.98 36.62
N GLY E 205 -65.56 19.84 36.71
CA GLY E 205 -66.18 18.73 37.40
C GLY E 205 -66.44 18.98 38.88
N ARG E 206 -65.80 19.98 39.47
CA ARG E 206 -65.96 20.33 40.88
C ARG E 206 -65.59 19.17 41.81
N GLU E 207 -65.74 19.38 43.11
CA GLU E 207 -65.48 18.37 44.14
C GLU E 207 -64.06 17.82 44.08
N GLY E 208 -63.14 18.56 43.48
CA GLY E 208 -61.77 18.09 43.37
C GLY E 208 -61.58 16.89 42.47
N VAL E 209 -62.58 16.56 41.65
CA VAL E 209 -62.53 15.41 40.76
C VAL E 209 -62.93 15.85 39.36
N GLN E 210 -62.57 15.02 38.38
CA GLN E 210 -62.87 15.31 36.98
C GLN E 210 -63.11 14.00 36.26
N LYS E 211 -64.28 13.87 35.63
CA LYS E 211 -64.62 12.74 34.79
C LYS E 211 -64.76 13.23 33.36
N GLU E 212 -63.95 12.67 32.45
CA GLU E 212 -63.94 13.08 31.06
C GLU E 212 -64.32 11.89 30.18
N ASP E 213 -65.24 12.13 29.24
CA ASP E 213 -65.70 11.10 28.32
C ASP E 213 -65.10 11.35 26.95
N ILE E 214 -64.46 10.32 26.40
CA ILE E 214 -63.82 10.39 25.09
C ILE E 214 -64.64 9.54 24.12
N PRO E 215 -65.37 10.14 23.19
CA PRO E 215 -66.14 9.36 22.22
C PRO E 215 -65.23 8.78 21.16
N PRO E 216 -65.32 7.47 20.90
CA PRO E 216 -64.48 6.88 19.86
C PRO E 216 -64.83 7.44 18.49
N ALA E 217 -63.81 7.61 17.65
CA ALA E 217 -64.03 8.12 16.31
C ALA E 217 -64.79 7.09 15.47
N ASP E 218 -65.71 7.59 14.64
CA ASP E 218 -66.49 6.70 13.79
C ASP E 218 -65.61 5.98 12.79
N LEU E 219 -64.75 6.72 12.10
CA LEU E 219 -63.81 6.17 11.11
C LEU E 219 -64.55 5.33 10.07
N SER E 220 -65.64 5.88 9.54
CA SER E 220 -66.44 5.17 8.55
C SER E 220 -65.69 4.93 7.25
N ASP E 221 -64.66 5.73 6.96
CA ASP E 221 -63.89 5.58 5.74
C ASP E 221 -62.66 4.69 5.92
N GLN E 222 -62.48 4.11 7.10
CA GLN E 222 -61.30 3.30 7.35
C GLN E 222 -61.28 2.06 6.47
N VAL E 223 -60.10 1.71 5.97
CA VAL E 223 -59.96 0.55 5.10
C VAL E 223 -60.26 -0.72 5.89
N PRO E 224 -61.05 -1.65 5.35
CA PRO E 224 -61.32 -2.90 6.07
C PRO E 224 -60.04 -3.71 6.28
N ASP E 225 -60.02 -4.44 7.40
CA ASP E 225 -58.90 -5.33 7.74
C ASP E 225 -57.58 -4.57 7.79
N THR E 226 -57.59 -3.41 8.46
CA THR E 226 -56.40 -2.60 8.65
C THR E 226 -56.28 -2.23 10.11
N GLU E 227 -55.08 -2.34 10.67
CA GLU E 227 -54.84 -1.95 12.04
C GLU E 227 -54.78 -0.43 12.16
N SER E 228 -55.13 0.07 13.34
CA SER E 228 -55.16 1.52 13.57
C SER E 228 -54.72 1.78 15.00
N GLU E 229 -53.57 2.42 15.16
CA GLU E 229 -53.06 2.76 16.48
C GLU E 229 -53.76 4.01 17.02
N THR E 230 -53.58 4.26 18.31
CA THR E 230 -54.14 5.45 18.95
C THR E 230 -53.19 5.83 20.08
N ARG E 231 -52.39 6.87 19.84
CA ARG E 231 -51.40 7.33 20.80
C ARG E 231 -52.04 8.27 21.80
N ILE E 232 -51.86 7.98 23.09
CA ILE E 232 -52.41 8.80 24.17
C ILE E 232 -51.28 9.63 24.75
N LEU E 233 -51.46 10.95 24.78
CA LEU E 233 -50.44 11.87 25.25
C LEU E 233 -50.94 12.60 26.49
N LEU E 234 -50.07 12.70 27.48
CA LEU E 234 -50.35 13.43 28.72
C LEU E 234 -49.29 14.50 28.91
N GLN E 235 -49.73 15.73 29.15
CA GLN E 235 -48.83 16.85 29.34
C GLN E 235 -49.38 17.78 30.42
N GLY E 236 -48.57 18.06 31.43
CA GLY E 236 -48.98 18.96 32.48
C GLY E 236 -48.90 20.41 32.07
N THR E 237 -49.40 21.29 32.94
CA THR E 237 -49.35 22.72 32.71
C THR E 237 -48.31 23.34 33.64
N PRO E 238 -47.13 23.72 33.14
CA PRO E 238 -46.12 24.32 34.01
C PRO E 238 -46.43 25.80 34.27
N VAL E 239 -46.71 26.12 35.53
CA VAL E 239 -46.95 27.48 35.97
C VAL E 239 -45.96 27.81 37.08
N ALA E 240 -45.40 29.02 37.02
CA ALA E 240 -44.32 29.40 37.92
C ALA E 240 -44.42 30.90 38.17
N GLN E 241 -43.34 31.49 38.70
CA GLN E 241 -43.26 32.92 38.98
C GLN E 241 -44.25 33.34 40.05
N MET E 242 -44.97 34.42 39.81
CA MET E 242 -45.90 35.02 40.77
C MET E 242 -45.20 35.46 42.06
N THR E 243 -43.89 35.66 42.00
CA THR E 243 -43.11 36.11 43.14
C THR E 243 -42.31 37.34 42.72
N GLU E 244 -42.32 38.36 43.57
CA GLU E 244 -41.63 39.61 43.26
C GLU E 244 -40.12 39.41 43.32
N ASP E 245 -39.41 40.22 42.54
CA ASP E 245 -37.96 40.11 42.47
C ASP E 245 -37.31 40.59 43.77
N ALA E 246 -36.09 40.10 44.01
CA ALA E 246 -35.33 40.43 45.21
C ALA E 246 -34.21 41.41 44.86
N VAL E 247 -33.46 41.83 45.88
CA VAL E 247 -32.38 42.78 45.71
C VAL E 247 -31.17 42.08 45.12
N ASP E 248 -30.58 42.69 44.08
CA ASP E 248 -29.39 42.15 43.45
C ASP E 248 -28.14 42.33 44.29
N ALA E 249 -28.21 43.09 45.38
CA ALA E 249 -27.09 43.31 46.30
C ALA E 249 -25.88 43.92 45.60
N GLU E 250 -26.13 44.80 44.62
CA GLU E 250 -25.02 45.47 43.94
C GLU E 250 -24.40 46.56 44.79
N ARG E 251 -25.08 47.01 45.84
CA ARG E 251 -24.58 48.05 46.74
C ARG E 251 -24.72 47.64 48.19
N LEU E 252 -24.59 46.34 48.48
CA LEU E 252 -24.72 45.81 49.83
C LEU E 252 -23.36 45.53 50.48
N LYS E 253 -22.27 45.96 49.85
CA LYS E 253 -20.94 45.68 50.37
C LYS E 253 -20.65 46.45 51.66
N HIS E 254 -21.36 47.55 51.92
CA HIS E 254 -21.12 48.35 53.11
C HIS E 254 -21.57 47.67 54.40
N LEU E 255 -22.33 46.58 54.30
CA LEU E 255 -22.85 45.92 55.49
C LEU E 255 -21.78 45.14 56.25
N ILE E 256 -20.59 44.99 55.68
CA ILE E 256 -19.50 44.29 56.35
C ILE E 256 -18.81 45.24 57.32
N VAL E 257 -19.24 45.23 58.58
CA VAL E 257 -18.68 46.09 59.62
C VAL E 257 -18.05 45.19 60.67
N THR E 258 -16.78 45.44 60.98
CA THR E 258 -16.07 44.61 61.94
C THR E 258 -16.54 44.92 63.36
N PRO E 259 -16.61 43.91 64.22
CA PRO E 259 -16.95 44.17 65.63
C PRO E 259 -15.89 45.03 66.29
N SER E 260 -16.33 45.87 67.22
CA SER E 260 -15.41 46.74 67.96
C SER E 260 -16.09 47.19 69.25
N GLY E 261 -15.27 47.70 70.17
CA GLY E 261 -15.80 48.26 71.40
C GLY E 261 -16.40 47.21 72.32
N CYS E 262 -17.34 47.67 73.14
CA CYS E 262 -18.01 46.81 74.12
C CYS E 262 -19.04 45.94 73.41
N GLY E 263 -19.85 45.22 74.20
CA GLY E 263 -20.82 44.31 73.62
C GLY E 263 -21.86 45.02 72.75
N GLU E 264 -22.29 46.22 73.17
CA GLU E 264 -23.27 46.96 72.40
C GLU E 264 -22.72 47.33 71.03
N GLN E 265 -21.53 47.94 70.99
CA GLN E 265 -20.91 48.28 69.72
C GLN E 265 -20.54 47.04 68.92
N ASN E 266 -20.13 45.97 69.60
CA ASN E 266 -19.85 44.70 68.93
C ASN E 266 -21.08 44.23 68.17
N MET E 267 -22.23 44.21 68.84
CA MET E 267 -23.44 43.72 68.19
C MET E 267 -23.91 44.68 67.09
N ILE E 268 -23.74 45.98 67.32
CA ILE E 268 -24.08 46.95 66.28
C ILE E 268 -23.26 46.70 65.03
N GLY E 269 -21.97 46.45 65.19
CA GLY E 269 -21.12 46.18 64.03
C GLY E 269 -21.43 44.86 63.35
N MET E 270 -21.67 43.82 64.14
CA MET E 270 -21.82 42.49 63.55
C MET E 270 -23.23 42.22 63.02
N THR E 271 -24.22 43.03 63.41
CA THR E 271 -25.57 42.79 62.91
C THR E 271 -25.71 42.93 61.40
N PRO E 272 -25.27 44.03 60.76
CA PRO E 272 -25.40 44.10 59.30
C PRO E 272 -24.65 42.99 58.59
N THR E 273 -23.46 42.63 59.08
CA THR E 273 -22.70 41.56 58.44
C THR E 273 -23.43 40.23 58.53
N VAL E 274 -23.97 39.90 59.71
CA VAL E 274 -24.68 38.64 59.88
C VAL E 274 -25.92 38.60 59.00
N ILE E 275 -26.69 39.69 59.01
CA ILE E 275 -27.92 39.68 58.23
C ILE E 275 -27.60 39.64 56.74
N ALA E 276 -26.51 40.30 56.32
CA ALA E 276 -26.13 40.29 54.91
C ALA E 276 -25.68 38.91 54.46
N VAL E 277 -24.87 38.23 55.28
CA VAL E 277 -24.41 36.90 54.88
C VAL E 277 -25.58 35.92 54.87
N HIS E 278 -26.51 36.05 55.82
CA HIS E 278 -27.69 35.20 55.79
C HIS E 278 -28.52 35.45 54.54
N TYR E 279 -28.72 36.72 54.19
CA TYR E 279 -29.50 37.05 53.00
C TYR E 279 -28.83 36.52 51.74
N LEU E 280 -27.51 36.69 51.63
CA LEU E 280 -26.79 36.22 50.45
C LEU E 280 -26.82 34.70 50.35
N ASP E 281 -26.64 34.01 51.48
CA ASP E 281 -26.70 32.55 51.46
C ASP E 281 -28.08 32.06 51.07
N GLU E 282 -29.12 32.70 51.59
CA GLU E 282 -30.48 32.29 51.25
C GLU E 282 -30.86 32.65 49.82
N THR E 283 -30.39 33.79 49.33
CA THR E 283 -30.69 34.22 47.97
C THR E 283 -29.78 33.59 46.92
N GLU E 284 -28.67 32.95 47.34
CA GLU E 284 -27.72 32.34 46.42
C GLU E 284 -27.19 33.35 45.39
N GLN E 285 -26.91 34.57 45.85
CA GLN E 285 -26.41 35.63 45.00
C GLN E 285 -24.91 35.85 45.17
N TRP E 286 -24.20 34.91 45.78
CA TRP E 286 -22.77 35.09 46.02
C TRP E 286 -21.96 35.15 44.73
N GLU E 287 -22.51 34.66 43.62
CA GLU E 287 -21.78 34.67 42.36
C GLU E 287 -21.47 36.10 41.91
N LYS E 288 -22.43 37.01 42.05
CA LYS E 288 -22.21 38.40 41.67
C LYS E 288 -21.68 39.24 42.82
N PHE E 289 -22.03 38.89 44.06
CA PHE E 289 -21.57 39.68 45.21
C PHE E 289 -20.09 39.51 45.46
N GLY E 290 -19.51 38.39 45.06
CA GLY E 290 -18.11 38.11 45.33
C GLY E 290 -17.93 36.90 46.21
N LEU E 291 -17.32 35.85 45.68
CA LEU E 291 -17.22 34.59 46.41
C LEU E 291 -16.18 34.68 47.52
N GLU E 292 -15.15 35.50 47.36
CA GLU E 292 -14.04 35.53 48.31
C GLU E 292 -14.38 36.23 49.61
N LYS E 293 -15.43 37.06 49.63
CA LYS E 293 -15.78 37.77 50.84
C LYS E 293 -16.52 36.91 51.85
N ARG E 294 -17.05 35.76 51.43
CA ARG E 294 -17.83 34.91 52.33
C ARG E 294 -16.95 34.36 53.45
N GLN E 295 -15.75 33.88 53.11
CA GLN E 295 -14.87 33.33 54.14
C GLN E 295 -14.44 34.42 55.12
N GLY E 296 -14.15 35.62 54.62
CA GLY E 296 -13.80 36.71 55.50
C GLY E 296 -14.93 37.08 56.44
N ALA E 297 -16.15 37.14 55.91
CA ALA E 297 -17.30 37.45 56.76
C ALA E 297 -17.54 36.36 57.78
N LEU E 298 -17.37 35.09 57.40
CA LEU E 298 -17.53 33.99 58.34
C LEU E 298 -16.49 34.06 59.45
N GLU E 299 -15.23 34.37 59.10
CA GLU E 299 -14.22 34.55 60.13
C GLU E 299 -14.58 35.72 61.05
N LEU E 300 -15.08 36.80 60.47
CA LEU E 300 -15.49 37.97 61.25
C LEU E 300 -16.55 37.60 62.27
N ILE E 301 -17.62 36.93 61.81
CA ILE E 301 -18.71 36.58 62.71
C ILE E 301 -18.25 35.54 63.74
N LYS E 302 -17.37 34.61 63.35
CA LYS E 302 -16.88 33.63 64.31
C LYS E 302 -16.09 34.29 65.43
N LYS E 303 -15.19 35.22 65.08
CA LYS E 303 -14.41 35.86 66.15
C LYS E 303 -15.26 36.82 66.95
N GLY E 304 -16.28 37.43 66.34
CA GLY E 304 -17.21 38.24 67.10
C GLY E 304 -18.02 37.42 68.10
N TYR E 305 -18.46 36.24 67.67
CA TYR E 305 -19.17 35.34 68.58
C TYR E 305 -18.25 34.88 69.71
N THR E 306 -16.98 34.62 69.40
CA THR E 306 -16.03 34.27 70.44
C THR E 306 -15.81 35.43 71.42
N GLN E 307 -15.76 36.66 70.91
CA GLN E 307 -15.47 37.81 71.76
C GLN E 307 -16.65 38.18 72.63
N GLN E 308 -17.87 38.09 72.11
CA GLN E 308 -19.04 38.52 72.87
C GLN E 308 -19.31 37.64 74.09
N LEU E 309 -18.73 36.45 74.13
CA LEU E 309 -18.96 35.54 75.26
C LEU E 309 -18.39 36.07 76.56
N ALA E 310 -17.45 37.02 76.50
CA ALA E 310 -16.88 37.59 77.71
C ALA E 310 -17.91 38.39 78.49
N PHE E 311 -18.83 39.06 77.80
CA PHE E 311 -19.84 39.90 78.46
C PHE E 311 -20.95 39.08 79.08
N ARG E 312 -20.99 37.77 78.86
CA ARG E 312 -22.06 36.93 79.41
C ARG E 312 -21.95 36.88 80.93
N GLN E 313 -23.07 37.12 81.60
CA GLN E 313 -23.10 37.06 83.05
C GLN E 313 -23.04 35.60 83.50
N PRO E 314 -22.59 35.36 84.74
CA PRO E 314 -22.56 33.99 85.26
C PRO E 314 -23.95 33.35 85.34
N SER E 315 -25.01 34.15 85.37
CA SER E 315 -26.38 33.64 85.41
C SER E 315 -26.95 33.40 84.01
N SER E 316 -26.09 33.14 83.02
CA SER E 316 -26.48 32.95 81.63
C SER E 316 -27.21 34.18 81.09
N ALA E 317 -26.80 35.36 81.53
CA ALA E 317 -27.39 36.61 81.09
C ALA E 317 -26.35 37.43 80.33
N PHE E 318 -26.84 38.38 79.53
CA PHE E 318 -25.99 39.21 78.70
C PHE E 318 -26.30 40.68 78.95
N ALA E 319 -25.27 41.52 78.80
CA ALA E 319 -25.42 42.95 79.00
C ALA E 319 -24.29 43.66 78.27
N ALA E 320 -24.37 44.99 78.25
CA ALA E 320 -23.30 45.78 77.63
C ALA E 320 -21.98 45.60 78.37
N PHE E 321 -22.02 45.58 79.70
CA PHE E 321 -20.84 45.39 80.50
C PHE E 321 -21.13 44.37 81.60
N VAL E 322 -20.07 43.71 82.07
CA VAL E 322 -20.22 42.71 83.13
C VAL E 322 -20.71 43.37 84.42
N LYS E 323 -20.15 44.54 84.75
CA LYS E 323 -20.58 45.25 85.95
C LYS E 323 -22.03 45.71 85.84
N ARG E 324 -22.42 46.15 84.65
CA ARG E 324 -23.79 46.62 84.43
C ARG E 324 -24.78 45.47 84.57
N ALA E 325 -25.99 45.81 85.00
CA ALA E 325 -27.02 44.81 85.20
C ALA E 325 -27.46 44.21 83.86
N PRO E 326 -27.84 42.93 83.84
CA PRO E 326 -28.30 42.31 82.60
C PRO E 326 -29.56 42.99 82.08
N SER E 327 -29.67 43.09 80.76
CA SER E 327 -30.79 43.74 80.09
C SER E 327 -31.68 42.68 79.45
N THR E 328 -32.99 42.78 79.69
CA THR E 328 -33.93 41.83 79.14
C THR E 328 -33.98 41.93 77.62
N TRP E 329 -34.07 43.15 77.09
CA TRP E 329 -34.11 43.32 75.64
C TRP E 329 -32.80 42.89 74.99
N LEU E 330 -31.67 43.18 75.63
CA LEU E 330 -30.39 42.74 75.10
C LEU E 330 -30.31 41.22 75.09
N THR E 331 -30.82 40.56 76.13
CA THR E 331 -30.82 39.11 76.15
C THR E 331 -31.73 38.53 75.06
N ALA E 332 -32.89 39.15 74.84
CA ALA E 332 -33.78 38.70 73.77
C ALA E 332 -33.12 38.88 72.40
N TYR E 333 -32.42 40.00 72.22
CA TYR E 333 -31.69 40.22 70.98
C TYR E 333 -30.58 39.18 70.79
N VAL E 334 -29.91 38.81 71.89
CA VAL E 334 -28.93 37.74 71.85
C VAL E 334 -29.58 36.43 71.42
N VAL E 335 -30.77 36.16 71.96
CA VAL E 335 -31.50 34.95 71.59
C VAL E 335 -31.81 34.95 70.10
N LYS E 336 -32.28 36.09 69.59
CA LYS E 336 -32.54 36.21 68.15
C LYS E 336 -31.28 35.93 67.33
N VAL E 337 -30.18 36.59 67.67
CA VAL E 337 -28.95 36.45 66.89
C VAL E 337 -28.43 35.02 66.93
N PHE E 338 -28.44 34.42 68.12
CA PHE E 338 -27.93 33.05 68.26
C PHE E 338 -28.81 32.06 67.52
N SER E 339 -30.13 32.19 67.64
CA SER E 339 -31.03 31.27 66.93
C SER E 339 -30.93 31.46 65.43
N LEU E 340 -30.56 32.68 64.98
CA LEU E 340 -30.37 32.90 63.55
C LEU E 340 -29.06 32.31 63.07
N ALA E 341 -28.01 32.35 63.90
CA ALA E 341 -26.66 31.97 63.50
C ALA E 341 -26.29 30.55 63.94
N VAL E 342 -27.22 29.79 64.50
CA VAL E 342 -26.93 28.40 64.85
C VAL E 342 -26.34 27.63 63.67
N ASN E 343 -26.78 27.93 62.46
CA ASN E 343 -26.32 27.21 61.27
C ASN E 343 -24.95 27.69 60.80
N LEU E 344 -24.48 28.84 61.28
CA LEU E 344 -23.20 29.40 60.85
C LEU E 344 -22.09 29.27 61.87
N ILE E 345 -22.42 29.30 63.17
CA ILE E 345 -21.43 29.22 64.23
C ILE E 345 -21.89 28.20 65.27
N ALA E 346 -20.93 27.70 66.04
CA ALA E 346 -21.19 26.69 67.05
C ALA E 346 -21.73 27.37 68.31
N ILE E 347 -23.04 27.60 68.32
CA ILE E 347 -23.70 28.22 69.47
C ILE E 347 -23.86 27.18 70.57
N ASP E 348 -23.45 27.54 71.78
CA ASP E 348 -23.62 26.65 72.93
C ASP E 348 -25.10 26.54 73.27
N SER E 349 -25.63 25.31 73.19
CA SER E 349 -27.03 25.08 73.53
C SER E 349 -27.30 25.39 75.00
N GLN E 350 -26.35 25.03 75.87
CA GLN E 350 -26.52 25.26 77.30
C GLN E 350 -26.64 26.75 77.62
N VAL E 351 -25.85 27.59 76.94
CA VAL E 351 -25.89 29.02 77.18
C VAL E 351 -27.27 29.58 76.84
N LEU E 352 -27.79 29.23 75.67
CA LEU E 352 -29.10 29.73 75.26
C LEU E 352 -30.21 29.19 76.14
N CYS E 353 -30.13 27.91 76.54
CA CYS E 353 -31.13 27.34 77.42
C CYS E 353 -31.13 28.04 78.78
N GLY E 354 -29.94 28.30 79.32
CA GLY E 354 -29.85 29.03 80.56
C GLY E 354 -30.38 30.44 80.45
N ALA E 355 -30.10 31.11 79.34
CA ALA E 355 -30.63 32.46 79.13
C ALA E 355 -32.16 32.45 79.06
N VAL E 356 -32.73 31.49 78.35
CA VAL E 356 -34.18 31.40 78.25
C VAL E 356 -34.80 31.11 79.61
N LYS E 357 -34.20 30.20 80.37
CA LYS E 357 -34.71 29.88 81.70
C LYS E 357 -34.60 31.09 82.64
N TRP E 358 -33.49 31.83 82.54
CA TRP E 358 -33.32 33.03 83.36
C TRP E 358 -34.37 34.08 83.02
N LEU E 359 -34.66 34.26 81.73
CA LEU E 359 -35.70 35.21 81.34
C LEU E 359 -37.08 34.76 81.82
N ILE E 360 -37.37 33.47 81.72
CA ILE E 360 -38.70 32.97 82.08
C ILE E 360 -38.92 33.02 83.58
N LEU E 361 -37.94 32.60 84.37
CA LEU E 361 -38.16 32.36 85.79
C LEU E 361 -38.43 33.66 86.54
N GLU E 362 -37.59 34.67 86.37
CA GLU E 362 -37.68 35.88 87.16
C GLU E 362 -37.73 37.18 86.38
N LYS E 363 -37.48 37.16 85.07
CA LYS E 363 -37.51 38.38 84.28
C LYS E 363 -38.87 38.67 83.67
N GLN E 364 -39.89 37.87 83.97
CA GLN E 364 -41.24 38.10 83.49
C GLN E 364 -42.21 38.13 84.66
N LYS E 365 -43.28 38.90 84.50
CA LYS E 365 -44.34 38.94 85.49
C LYS E 365 -45.16 37.66 85.41
N PRO E 366 -45.85 37.29 86.50
CA PRO E 366 -46.71 36.10 86.43
C PRO E 366 -47.79 36.19 85.36
N ASP E 367 -48.28 37.39 85.07
CA ASP E 367 -49.25 37.57 84.00
C ASP E 367 -48.64 37.41 82.61
N GLY E 368 -47.33 37.31 82.51
CA GLY E 368 -46.65 37.17 81.24
C GLY E 368 -45.98 38.43 80.73
N VAL E 369 -46.25 39.58 81.34
CA VAL E 369 -45.63 40.83 80.90
C VAL E 369 -44.15 40.80 81.25
N PHE E 370 -43.31 41.20 80.29
CA PHE E 370 -41.88 41.24 80.47
C PHE E 370 -41.43 42.63 80.86
N GLN E 371 -40.51 42.70 81.81
CA GLN E 371 -40.01 43.96 82.35
C GLN E 371 -38.53 44.11 81.99
N GLU E 372 -38.13 45.35 81.69
CA GLU E 372 -36.75 45.68 81.35
C GLU E 372 -36.07 46.20 82.61
N ASP E 373 -35.14 45.41 83.15
CA ASP E 373 -34.44 45.77 84.38
C ASP E 373 -33.15 46.55 84.15
N ALA E 374 -32.77 46.78 82.89
CA ALA E 374 -31.56 47.54 82.61
C ALA E 374 -31.64 48.17 81.22
N PRO E 375 -32.06 49.43 81.12
CA PRO E 375 -32.05 50.11 79.82
C PRO E 375 -30.63 50.22 79.27
N VAL E 376 -30.52 50.11 77.94
CA VAL E 376 -29.23 50.17 77.27
C VAL E 376 -28.70 51.60 77.28
N ILE E 377 -27.41 51.76 76.98
CA ILE E 377 -26.79 53.08 77.03
C ILE E 377 -27.39 54.00 75.98
N HIS E 378 -27.54 53.52 74.76
CA HIS E 378 -28.07 54.31 73.65
C HIS E 378 -29.47 53.80 73.30
N GLN E 379 -30.44 54.71 73.29
CA GLN E 379 -31.83 54.34 73.00
C GLN E 379 -32.12 54.27 71.52
N GLU E 380 -31.14 54.55 70.65
CA GLU E 380 -31.38 54.52 69.22
C GLU E 380 -31.33 53.12 68.62
N MET E 381 -30.78 52.15 69.35
CA MET E 381 -30.66 50.79 68.81
C MET E 381 -31.85 49.91 69.15
N ILE E 382 -32.61 50.22 70.20
CA ILE E 382 -33.76 49.41 70.53
C ILE E 382 -34.89 49.58 69.52
N GLY E 383 -34.87 50.67 68.75
CA GLY E 383 -35.87 50.87 67.72
C GLY E 383 -37.13 51.54 68.20
N GLY E 384 -38.26 50.81 68.16
CA GLY E 384 -39.53 51.38 68.52
C GLY E 384 -39.73 51.58 70.01
N LEU E 385 -38.86 51.02 70.84
CA LEU E 385 -38.98 51.19 72.28
C LEU E 385 -38.41 52.50 72.78
N ARG E 386 -37.81 53.30 71.90
CA ARG E 386 -37.32 54.62 72.33
C ARG E 386 -38.47 55.51 72.78
N ASN E 387 -39.59 55.48 72.07
CA ASN E 387 -40.77 56.21 72.48
C ASN E 387 -41.48 55.44 73.59
N ASN E 388 -41.88 56.15 74.65
CA ASN E 388 -42.40 55.51 75.85
C ASN E 388 -43.85 55.11 75.74
N ASN E 389 -44.56 55.49 74.69
CA ASN E 389 -45.98 55.15 74.58
C ASN E 389 -46.14 53.67 74.25
N GLU E 390 -46.87 52.97 75.11
CA GLU E 390 -47.11 51.53 74.97
C GLU E 390 -45.79 50.76 74.89
N LYS E 391 -44.79 51.22 75.64
CA LYS E 391 -43.48 50.60 75.59
C LYS E 391 -43.49 49.19 76.17
N ASP E 392 -44.17 49.00 77.31
CA ASP E 392 -44.21 47.70 77.94
C ASP E 392 -44.90 46.67 77.06
N MET E 393 -45.98 47.07 76.39
CA MET E 393 -46.71 46.15 75.52
C MET E 393 -45.85 45.70 74.34
N ALA E 394 -45.16 46.65 73.70
CA ALA E 394 -44.29 46.30 72.58
C ALA E 394 -43.12 45.44 73.04
N LEU E 395 -42.56 45.74 74.22
CA LEU E 395 -41.49 44.92 74.76
C LEU E 395 -41.96 43.50 75.04
N THR E 396 -43.16 43.35 75.60
CA THR E 396 -43.71 42.03 75.85
C THR E 396 -43.92 41.27 74.54
N ALA E 397 -44.44 41.95 73.52
CA ALA E 397 -44.62 41.30 72.23
C ALA E 397 -43.29 40.85 71.63
N PHE E 398 -42.26 41.71 71.73
CA PHE E 398 -40.95 41.35 71.19
C PHE E 398 -40.36 40.15 71.91
N VAL E 399 -40.46 40.12 73.25
CA VAL E 399 -39.93 38.98 73.98
C VAL E 399 -40.74 37.72 73.70
N LEU E 400 -42.05 37.87 73.46
CA LEU E 400 -42.86 36.72 73.08
C LEU E 400 -42.38 36.15 71.75
N ILE E 401 -42.10 37.02 70.78
CA ILE E 401 -41.56 36.55 69.50
C ILE E 401 -40.19 35.90 69.72
N SER E 402 -39.38 36.47 70.62
CA SER E 402 -38.06 35.93 70.88
C SER E 402 -38.13 34.52 71.46
N LEU E 403 -39.07 34.28 72.37
CA LEU E 403 -39.21 32.93 72.92
C LEU E 403 -39.88 31.98 71.94
N GLN E 404 -40.76 32.48 71.07
CA GLN E 404 -41.42 31.63 70.09
C GLN E 404 -40.53 31.28 68.91
N GLU E 405 -39.46 32.03 68.67
CA GLU E 405 -38.58 31.74 67.54
C GLU E 405 -37.48 30.76 67.89
N ALA E 406 -37.46 30.24 69.12
CA ALA E 406 -36.47 29.27 69.58
C ALA E 406 -37.16 28.12 70.30
N LYS E 407 -38.24 27.60 69.69
CA LYS E 407 -39.03 26.56 70.33
C LYS E 407 -38.24 25.27 70.49
N ASP E 408 -37.62 24.79 69.41
CA ASP E 408 -36.94 23.50 69.43
C ASP E 408 -35.55 23.57 70.04
N ILE E 409 -35.01 24.77 70.28
CA ILE E 409 -33.66 24.89 70.81
C ILE E 409 -33.60 24.38 72.25
N CYS E 410 -34.57 24.79 73.08
CA CYS E 410 -34.58 24.45 74.49
C CYS E 410 -35.98 24.02 74.93
N GLU E 411 -36.60 23.14 74.14
CA GLU E 411 -37.93 22.65 74.48
C GLU E 411 -37.90 21.74 75.71
N GLU E 412 -36.92 20.84 75.76
CA GLU E 412 -36.86 19.87 76.87
C GLU E 412 -36.38 20.51 78.16
N GLN E 413 -35.42 21.43 78.07
CA GLN E 413 -34.83 22.00 79.28
C GLN E 413 -35.85 22.81 80.08
N VAL E 414 -36.68 23.59 79.41
CA VAL E 414 -37.65 24.46 80.06
C VAL E 414 -39.03 23.87 79.85
N ASN E 415 -39.74 23.61 80.95
CA ASN E 415 -41.09 23.07 80.90
C ASN E 415 -42.17 24.12 81.14
N SER E 416 -41.80 25.32 81.59
CA SER E 416 -42.76 26.39 81.85
C SER E 416 -42.98 27.27 80.64
N LEU E 417 -42.36 26.96 79.50
CA LEU E 417 -42.54 27.77 78.31
C LEU E 417 -43.98 27.85 77.83
N PRO E 418 -44.75 26.75 77.74
CA PRO E 418 -46.15 26.88 77.30
C PRO E 418 -46.99 27.80 78.17
N GLY E 419 -46.76 27.79 79.49
CA GLY E 419 -47.49 28.70 80.36
C GLY E 419 -47.19 30.16 80.06
N SER E 420 -45.92 30.48 79.85
CA SER E 420 -45.55 31.84 79.49
C SER E 420 -46.13 32.23 78.13
N ILE E 421 -46.13 31.28 77.19
CA ILE E 421 -46.73 31.54 75.87
C ILE E 421 -48.20 31.88 76.01
N THR E 422 -48.93 31.09 76.79
CA THR E 422 -50.36 31.33 76.97
C THR E 422 -50.61 32.66 77.67
N LYS E 423 -49.81 32.96 78.70
CA LYS E 423 -49.99 34.23 79.43
C LYS E 423 -49.74 35.42 78.52
N ALA E 424 -48.66 35.37 77.74
CA ALA E 424 -48.35 36.47 76.83
C ALA E 424 -49.41 36.61 75.75
N GLY E 425 -49.90 35.48 75.22
CA GLY E 425 -50.94 35.54 74.22
C GLY E 425 -52.24 36.14 74.74
N ASP E 426 -52.64 35.73 75.96
CA ASP E 426 -53.83 36.32 76.57
C ASP E 426 -53.64 37.80 76.83
N PHE E 427 -52.47 38.20 77.33
CA PHE E 427 -52.20 39.60 77.59
C PHE E 427 -52.26 40.43 76.32
N LEU E 428 -51.69 39.91 75.23
CA LEU E 428 -51.66 40.66 73.98
C LEU E 428 -53.04 40.73 73.33
N GLU E 429 -53.77 39.61 73.32
CA GLU E 429 -55.10 39.60 72.71
C GLU E 429 -56.08 40.43 73.52
N ALA E 430 -55.87 40.56 74.83
CA ALA E 430 -56.76 41.37 75.65
C ALA E 430 -56.70 42.84 75.25
N ASN E 431 -55.50 43.34 74.93
CA ASN E 431 -55.34 44.76 74.66
C ASN E 431 -54.82 45.02 73.25
N TYR E 432 -55.42 44.37 72.25
CA TYR E 432 -55.02 44.59 70.87
C TYR E 432 -55.85 45.66 70.18
N MET E 433 -57.12 45.82 70.56
CA MET E 433 -57.98 46.78 69.89
C MET E 433 -57.60 48.22 70.24
N ASN E 434 -57.18 48.45 71.49
CA ASN E 434 -56.90 49.81 71.95
C ASN E 434 -55.58 50.35 71.45
N LEU E 435 -54.77 49.54 70.77
CA LEU E 435 -53.51 50.01 70.22
C LEU E 435 -53.76 51.10 69.17
N GLN E 436 -52.96 52.16 69.24
CA GLN E 436 -53.07 53.26 68.30
C GLN E 436 -51.87 53.39 67.38
N ARG E 437 -50.73 52.82 67.73
CA ARG E 437 -49.53 52.89 66.90
C ARG E 437 -49.47 51.67 65.98
N SER E 438 -49.30 51.93 64.67
CA SER E 438 -49.19 50.82 63.73
C SER E 438 -47.96 49.97 64.00
N TYR E 439 -46.94 50.55 64.64
CA TYR E 439 -45.80 49.74 65.08
C TYR E 439 -46.22 48.73 66.13
N THR E 440 -46.92 49.19 67.18
CA THR E 440 -47.41 48.28 68.20
C THR E 440 -48.46 47.33 67.64
N VAL E 441 -49.33 47.84 66.77
CA VAL E 441 -50.34 46.97 66.14
C VAL E 441 -49.66 45.86 65.35
N ALA E 442 -48.64 46.22 64.58
CA ALA E 442 -47.96 45.23 63.74
C ALA E 442 -47.20 44.21 64.57
N ILE E 443 -46.51 44.65 65.63
CA ILE E 443 -45.76 43.71 66.45
C ILE E 443 -46.71 42.78 67.19
N ALA E 444 -47.82 43.31 67.71
CA ALA E 444 -48.79 42.47 68.38
C ALA E 444 -49.43 41.49 67.41
N GLY E 445 -49.75 41.94 66.19
CA GLY E 445 -50.31 41.04 65.20
C GLY E 445 -49.34 39.93 64.81
N TYR E 446 -48.07 40.27 64.63
CA TYR E 446 -47.06 39.25 64.32
C TYR E 446 -46.95 38.24 65.45
N ALA E 447 -46.90 38.72 66.70
CA ALA E 447 -46.77 37.83 67.84
C ALA E 447 -47.99 36.91 67.95
N LEU E 448 -49.19 37.45 67.74
CA LEU E 448 -50.40 36.65 67.87
C LEU E 448 -50.55 35.66 66.72
N ALA E 449 -50.18 36.07 65.50
CA ALA E 449 -50.28 35.17 64.36
C ALA E 449 -49.20 34.11 64.36
N GLN E 450 -48.09 34.34 65.07
CA GLN E 450 -47.05 33.32 65.14
C GLN E 450 -47.55 32.05 65.83
N MET E 451 -48.56 32.18 66.69
CA MET E 451 -49.13 31.02 67.36
C MET E 451 -50.63 30.86 67.14
N GLY E 452 -51.24 31.71 66.32
CA GLY E 452 -52.59 31.47 65.83
C GLY E 452 -53.73 32.18 66.54
N ARG E 453 -53.44 33.12 67.44
CA ARG E 453 -54.50 33.86 68.11
C ARG E 453 -54.93 35.11 67.37
N LEU E 454 -54.32 35.42 66.24
CA LEU E 454 -54.69 36.60 65.45
C LEU E 454 -55.75 36.18 64.42
N LYS E 455 -57.00 36.19 64.87
CA LYS E 455 -58.13 35.80 64.04
C LYS E 455 -59.31 36.71 64.32
N GLY E 456 -60.22 36.80 63.35
CA GLY E 456 -61.42 37.58 63.49
C GLY E 456 -61.17 39.07 63.54
N PRO E 457 -61.66 39.73 64.60
CA PRO E 457 -61.48 41.19 64.70
C PRO E 457 -60.02 41.62 64.75
N LEU E 458 -59.15 40.83 65.37
CA LEU E 458 -57.74 41.18 65.41
C LEU E 458 -57.14 41.15 64.01
N LEU E 459 -57.48 40.12 63.22
CA LEU E 459 -57.00 40.06 61.84
C LEU E 459 -57.57 41.20 61.01
N ASN E 460 -58.84 41.54 61.23
CA ASN E 460 -59.45 42.67 60.52
C ASN E 460 -58.74 43.97 60.85
N LYS E 461 -58.41 44.18 62.12
CA LYS E 461 -57.68 45.39 62.52
C LYS E 461 -56.29 45.40 61.90
N PHE E 462 -55.63 44.25 61.85
CA PHE E 462 -54.33 44.15 61.20
C PHE E 462 -54.44 44.55 59.73
N LEU E 463 -55.44 44.01 59.03
CA LEU E 463 -55.59 44.32 57.62
C LEU E 463 -55.91 45.79 57.40
N THR E 464 -56.77 46.38 58.23
CA THR E 464 -57.10 47.79 58.10
C THR E 464 -55.97 48.70 58.53
N THR E 465 -54.99 48.17 59.27
CA THR E 465 -53.85 48.99 59.69
C THR E 465 -53.01 49.44 58.50
N ALA E 466 -53.04 48.70 57.40
CA ALA E 466 -52.27 49.05 56.22
C ALA E 466 -52.73 50.39 55.66
N LYS E 467 -51.76 51.23 55.30
CA LYS E 467 -52.04 52.54 54.72
C LYS E 467 -52.04 52.43 53.21
N ASP E 468 -53.17 52.78 52.59
CA ASP E 468 -53.35 52.70 51.14
C ASP E 468 -53.16 51.29 50.60
N LYS E 469 -53.29 50.28 51.47
CA LYS E 469 -53.17 48.86 51.12
C LYS E 469 -51.81 48.53 50.52
N ASN E 470 -50.78 49.35 50.78
CA ASN E 470 -49.45 49.05 50.27
C ASN E 470 -48.32 49.39 51.24
N ARG E 471 -48.63 49.88 52.45
CA ARG E 471 -47.57 50.29 53.36
C ARG E 471 -48.16 50.45 54.77
N TRP E 472 -47.25 50.54 55.74
CA TRP E 472 -47.58 50.84 57.12
C TRP E 472 -46.91 52.16 57.50
N GLU E 473 -47.70 53.07 58.09
CA GLU E 473 -47.22 54.41 58.40
C GLU E 473 -47.25 54.66 59.90
N ASP E 474 -46.22 55.33 60.40
CA ASP E 474 -46.11 55.73 61.80
C ASP E 474 -45.66 57.18 61.85
N PRO E 475 -45.98 57.89 62.94
CA PRO E 475 -45.45 59.25 63.11
C PRO E 475 -43.94 59.23 63.30
N GLY E 476 -43.29 60.29 62.81
CA GLY E 476 -41.85 60.41 62.92
C GLY E 476 -41.12 60.05 61.64
N LYS E 477 -39.93 59.48 61.77
CA LYS E 477 -39.14 59.11 60.61
C LYS E 477 -39.73 57.87 59.93
N GLN E 478 -39.37 57.69 58.66
CA GLN E 478 -39.85 56.55 57.89
C GLN E 478 -39.22 55.24 58.33
N LEU E 479 -38.21 55.27 59.20
CA LEU E 479 -37.61 54.03 59.68
C LEU E 479 -38.62 53.21 60.47
N TYR E 480 -39.44 53.87 61.29
CA TYR E 480 -40.50 53.16 62.00
C TYR E 480 -41.53 52.61 61.03
N ASN E 481 -41.82 53.33 59.94
CA ASN E 481 -42.71 52.82 58.92
C ASN E 481 -42.17 51.54 58.29
N VAL E 482 -40.88 51.53 57.97
CA VAL E 482 -40.26 50.34 57.40
C VAL E 482 -40.27 49.19 58.40
N GLU E 483 -40.03 49.50 59.68
CA GLU E 483 -40.06 48.46 60.70
C GLU E 483 -41.44 47.85 60.82
N ALA E 484 -42.48 48.68 60.83
CA ALA E 484 -43.85 48.17 60.88
C ALA E 484 -44.18 47.37 59.64
N THR E 485 -43.69 47.81 58.48
CA THR E 485 -43.91 47.05 57.25
C THR E 485 -43.25 45.68 57.33
N SER E 486 -42.04 45.61 57.89
CA SER E 486 -41.38 44.33 58.06
C SER E 486 -42.14 43.43 59.03
N TYR E 487 -42.65 44.02 60.13
CA TYR E 487 -43.50 43.27 61.05
C TYR E 487 -44.68 42.65 60.30
N ALA E 488 -45.39 43.48 59.53
CA ALA E 488 -46.57 43.00 58.81
C ALA E 488 -46.20 41.95 57.77
N LEU E 489 -45.06 42.13 57.09
CA LEU E 489 -44.62 41.17 56.10
C LEU E 489 -44.35 39.81 56.73
N LEU E 490 -43.64 39.81 57.87
CA LEU E 490 -43.38 38.55 58.56
C LEU E 490 -44.67 37.90 59.04
N ALA E 491 -45.60 38.71 59.57
CA ALA E 491 -46.88 38.17 60.02
C ALA E 491 -47.66 37.54 58.87
N LEU E 492 -47.69 38.22 57.72
CA LEU E 492 -48.42 37.71 56.57
C LEU E 492 -47.76 36.44 56.03
N LEU E 493 -46.43 36.39 56.02
CA LEU E 493 -45.74 35.18 55.59
C LEU E 493 -46.04 34.02 56.52
N GLN E 494 -46.13 34.29 57.83
CA GLN E 494 -46.56 33.26 58.76
C GLN E 494 -47.99 32.81 58.48
N LEU E 495 -48.87 33.77 58.17
CA LEU E 495 -50.26 33.45 57.88
C LEU E 495 -50.45 32.85 56.49
N LYS E 496 -49.43 32.88 55.64
CA LYS E 496 -49.50 32.33 54.29
C LYS E 496 -50.61 32.98 53.47
N ASP E 497 -50.77 34.29 53.63
CA ASP E 497 -51.72 35.07 52.86
C ASP E 497 -50.97 35.71 51.69
N PHE E 498 -51.06 35.09 50.52
CA PHE E 498 -50.25 35.49 49.38
C PHE E 498 -50.91 36.54 48.50
N ASP E 499 -52.12 36.98 48.84
CA ASP E 499 -52.82 37.98 48.04
C ASP E 499 -52.42 39.40 48.38
N PHE E 500 -51.57 39.61 49.40
CA PHE E 500 -51.20 40.94 49.84
C PHE E 500 -49.70 41.11 50.06
N VAL E 501 -48.93 40.01 50.12
CA VAL E 501 -47.48 40.12 50.27
C VAL E 501 -46.82 40.85 49.10
N PRO E 502 -47.12 40.54 47.84
CA PRO E 502 -46.35 41.14 46.73
C PRO E 502 -46.36 42.66 46.75
N PRO E 503 -47.48 43.33 47.05
CA PRO E 503 -47.40 44.79 47.20
C PRO E 503 -46.46 45.24 48.31
N VAL E 504 -46.43 44.50 49.42
CA VAL E 504 -45.58 44.88 50.55
C VAL E 504 -44.11 44.77 50.16
N VAL E 505 -43.73 43.64 49.56
CA VAL E 505 -42.33 43.47 49.19
C VAL E 505 -41.94 44.43 48.06
N ARG E 506 -42.87 44.72 47.14
CA ARG E 506 -42.59 45.70 46.09
C ARG E 506 -42.34 47.08 46.69
N TRP E 507 -43.15 47.48 47.68
CA TRP E 507 -42.95 48.76 48.34
C TRP E 507 -41.60 48.81 49.04
N LEU E 508 -41.28 47.73 49.78
CA LEU E 508 -40.02 47.67 50.52
C LEU E 508 -38.83 47.79 49.58
N ASN E 509 -38.88 47.09 48.43
CA ASN E 509 -37.83 47.25 47.43
C ASN E 509 -37.86 48.63 46.81
N GLU E 510 -39.04 49.26 46.75
CA GLU E 510 -39.15 50.59 46.14
C GLU E 510 -38.38 51.62 46.95
N GLN E 511 -38.51 51.61 48.28
CA GLN E 511 -37.67 52.52 49.05
C GLN E 511 -36.19 52.13 49.03
N ARG E 512 -35.89 50.85 48.80
CA ARG E 512 -34.51 50.36 48.71
C ARG E 512 -33.71 50.75 49.96
N TYR E 513 -34.28 50.43 51.12
CA TYR E 513 -33.66 50.78 52.39
C TYR E 513 -32.41 49.94 52.62
N TYR E 514 -31.26 50.47 52.25
CA TYR E 514 -30.00 49.74 52.36
C TYR E 514 -29.41 49.79 53.76
N GLY E 515 -29.93 50.64 54.64
CA GLY E 515 -29.43 50.71 56.00
C GLY E 515 -28.34 51.74 56.18
N GLY E 516 -27.70 51.66 57.35
CA GLY E 516 -26.67 52.59 57.73
C GLY E 516 -27.20 53.77 58.52
N GLY E 517 -26.26 54.49 59.15
CA GLY E 517 -26.60 55.64 59.95
C GLY E 517 -26.97 55.28 61.37
N TYR E 518 -27.11 56.32 62.19
CA TYR E 518 -27.43 56.13 63.60
C TYR E 518 -28.90 55.73 63.76
N GLY E 519 -29.15 54.81 64.69
CA GLY E 519 -30.50 54.36 64.96
C GLY E 519 -31.16 53.61 63.84
N SER E 520 -30.42 52.72 63.16
CA SER E 520 -30.97 51.99 62.02
C SER E 520 -30.56 50.52 62.02
N THR E 521 -29.93 50.02 63.08
CA THR E 521 -29.47 48.63 63.09
C THR E 521 -30.64 47.67 63.10
N GLN E 522 -31.60 47.86 64.01
CA GLN E 522 -32.73 46.94 64.12
C GLN E 522 -33.58 46.95 62.85
N ALA E 523 -33.85 48.14 62.31
CA ALA E 523 -34.70 48.24 61.13
C ALA E 523 -34.07 47.53 59.94
N THR E 524 -32.79 47.80 59.66
CA THR E 524 -32.11 47.15 58.55
C THR E 524 -32.04 45.65 58.77
N PHE E 525 -31.69 45.25 60.00
CA PHE E 525 -31.57 43.83 60.31
C PHE E 525 -32.86 43.09 60.01
N MET E 526 -33.98 43.59 60.52
CA MET E 526 -35.20 42.83 60.36
C MET E 526 -35.85 43.03 58.99
N VAL E 527 -35.54 44.12 58.28
CA VAL E 527 -36.06 44.22 56.91
C VAL E 527 -35.32 43.23 56.00
N PHE E 528 -34.00 43.08 56.17
CA PHE E 528 -33.31 42.04 55.42
C PHE E 528 -33.73 40.65 55.90
N GLN E 529 -34.07 40.50 57.19
CA GLN E 529 -34.59 39.23 57.67
C GLN E 529 -35.92 38.89 57.00
N ALA E 530 -36.80 39.88 56.85
CA ALA E 530 -38.06 39.65 56.16
C ALA E 530 -37.83 39.31 54.70
N LEU E 531 -36.88 39.98 54.06
CA LEU E 531 -36.52 39.64 52.69
C LEU E 531 -36.01 38.21 52.60
N ALA E 532 -35.25 37.77 53.60
CA ALA E 532 -34.79 36.39 53.64
C ALA E 532 -35.95 35.42 53.81
N GLN E 533 -36.91 35.75 54.68
CA GLN E 533 -38.10 34.92 54.83
C GLN E 533 -38.97 34.92 53.58
N TYR E 534 -38.83 35.92 52.71
CA TYR E 534 -39.45 35.81 51.39
C TYR E 534 -38.80 34.69 50.60
N GLN E 535 -37.51 34.46 50.82
CA GLN E 535 -36.77 33.40 50.14
C GLN E 535 -37.01 32.05 50.81
N LYS E 536 -36.14 31.08 50.52
CA LYS E 536 -36.20 29.70 51.02
C LYS E 536 -37.61 29.11 50.92
N ASP E 537 -38.53 29.56 51.77
CA ASP E 537 -39.93 29.17 51.66
C ASP E 537 -40.71 30.14 50.78
N ALA E 538 -40.19 30.37 49.59
CA ALA E 538 -40.82 31.30 48.66
C ALA E 538 -42.04 30.66 48.02
N PRO E 539 -43.23 31.26 48.12
CA PRO E 539 -44.39 30.70 47.44
C PRO E 539 -44.21 30.71 45.93
N ASP E 540 -44.75 29.68 45.28
CA ASP E 540 -44.64 29.54 43.84
C ASP E 540 -45.99 29.16 43.26
N HIS E 541 -46.18 29.51 41.98
CA HIS E 541 -47.51 29.41 41.39
C HIS E 541 -47.97 27.97 41.23
N GLN E 542 -47.05 27.03 41.03
CA GLN E 542 -47.44 25.66 40.77
C GLN E 542 -48.08 25.01 41.99
N GLU E 543 -49.11 24.20 41.74
CA GLU E 543 -49.74 23.37 42.75
C GLU E 543 -49.97 21.96 42.20
N LEU E 544 -49.03 21.47 41.39
CA LEU E 544 -49.21 20.24 40.64
C LEU E 544 -49.18 19.05 41.58
N ASN E 545 -50.35 18.49 41.85
CA ASN E 545 -50.50 17.26 42.63
C ASN E 545 -51.53 16.35 42.00
N LEU E 546 -51.64 16.39 40.68
CA LEU E 546 -52.70 15.67 39.98
C LEU E 546 -52.53 14.16 40.11
N ASP E 547 -53.67 13.47 40.13
CA ASP E 547 -53.72 12.01 40.12
C ASP E 547 -54.52 11.62 38.88
N VAL E 548 -53.82 11.16 37.85
CA VAL E 548 -54.42 10.86 36.56
C VAL E 548 -54.62 9.36 36.44
N SER E 549 -55.84 8.96 36.09
CA SER E 549 -56.19 7.55 35.91
C SER E 549 -57.02 7.39 34.64
N LEU E 550 -56.85 6.25 33.98
CA LEU E 550 -57.53 5.97 32.73
C LEU E 550 -58.26 4.64 32.82
N GLN E 551 -59.48 4.60 32.26
CA GLN E 551 -60.30 3.40 32.24
C GLN E 551 -60.12 2.71 30.89
N LEU E 552 -59.23 1.72 30.85
CA LEU E 552 -58.96 1.02 29.60
C LEU E 552 -60.17 0.19 29.18
N PRO E 553 -60.56 0.23 27.91
CA PRO E 553 -61.70 -0.60 27.47
C PRO E 553 -61.47 -2.08 27.65
N SER E 554 -60.22 -2.55 27.50
CA SER E 554 -59.92 -3.96 27.73
C SER E 554 -60.03 -4.34 29.20
N ARG E 555 -59.94 -3.36 30.10
CA ARG E 555 -60.05 -3.55 31.55
C ARG E 555 -58.97 -4.45 32.11
N SER E 556 -57.93 -4.74 31.34
CA SER E 556 -56.83 -5.57 31.84
C SER E 556 -56.09 -4.88 32.98
N SER E 557 -55.83 -3.59 32.84
CA SER E 557 -55.12 -2.82 33.88
C SER E 557 -55.40 -1.34 33.66
N LYS E 558 -56.02 -0.69 34.64
CA LYS E 558 -56.28 0.74 34.57
C LYS E 558 -55.02 1.49 34.97
N ILE E 559 -54.42 2.21 34.02
CA ILE E 559 -53.19 2.92 34.31
C ILE E 559 -53.50 4.17 35.13
N THR E 560 -52.77 4.34 36.23
CA THR E 560 -52.92 5.50 37.10
C THR E 560 -51.55 6.05 37.44
N HIS E 561 -51.40 7.37 37.39
CA HIS E 561 -50.14 8.01 37.69
C HIS E 561 -50.40 9.36 38.35
N ARG E 562 -49.31 10.04 38.68
CA ARG E 562 -49.38 11.34 39.35
C ARG E 562 -48.47 12.32 38.64
N ILE E 563 -48.94 13.55 38.49
CA ILE E 563 -48.18 14.63 37.87
C ILE E 563 -47.89 15.68 38.93
N HIS E 564 -46.62 16.03 39.08
CA HIS E 564 -46.17 16.97 40.10
C HIS E 564 -45.30 18.03 39.45
N TRP E 565 -44.82 18.97 40.27
CA TRP E 565 -43.99 20.06 39.75
C TRP E 565 -42.69 19.51 39.16
N GLU E 566 -42.06 18.55 39.84
CA GLU E 566 -40.86 17.93 39.30
C GLU E 566 -41.16 17.11 38.05
N SER E 567 -42.42 16.71 37.86
CA SER E 567 -42.83 15.93 36.70
C SER E 567 -43.74 16.74 35.77
N ALA E 568 -43.56 18.06 35.74
CA ALA E 568 -44.39 18.90 34.89
C ALA E 568 -44.18 18.59 33.42
N SER E 569 -42.93 18.37 33.00
CA SER E 569 -42.60 18.07 31.62
C SER E 569 -42.46 16.57 31.38
N LEU E 570 -42.96 15.74 32.31
CA LEU E 570 -42.90 14.29 32.16
C LEU E 570 -43.99 13.86 31.19
N LEU E 571 -43.66 13.90 29.90
CA LEU E 571 -44.60 13.48 28.87
C LEU E 571 -44.83 11.98 28.95
N ARG E 572 -46.09 11.58 28.94
CA ARG E 572 -46.47 10.17 29.01
C ARG E 572 -47.15 9.78 27.71
N SER E 573 -46.65 8.72 27.08
CA SER E 573 -47.19 8.21 25.83
C SER E 573 -47.76 6.81 26.05
N GLU E 574 -49.02 6.64 25.65
CA GLU E 574 -49.69 5.35 25.74
C GLU E 574 -50.35 5.03 24.40
N GLU E 575 -50.30 3.76 24.03
CA GLU E 575 -50.81 3.31 22.73
C GLU E 575 -51.89 2.26 22.93
N THR E 576 -52.97 2.39 22.17
CA THR E 576 -54.05 1.41 22.14
C THR E 576 -54.29 0.98 20.71
N LYS E 577 -54.48 -0.33 20.51
CA LYS E 577 -54.60 -0.89 19.17
C LYS E 577 -56.03 -0.82 18.63
N GLU E 578 -56.99 -0.37 19.43
CA GLU E 578 -58.38 -0.31 19.02
C GLU E 578 -58.97 1.05 19.38
N ASN E 579 -59.92 1.51 18.57
CA ASN E 579 -60.60 2.78 18.79
C ASN E 579 -61.86 2.51 19.60
N GLU E 580 -61.73 2.58 20.93
CA GLU E 580 -62.85 2.37 21.84
C GLU E 580 -62.89 3.51 22.85
N GLY E 581 -64.09 3.90 23.25
CA GLY E 581 -64.25 4.98 24.19
C GLY E 581 -63.71 4.62 25.56
N PHE E 582 -63.07 5.60 26.20
CA PHE E 582 -62.51 5.42 27.53
C PHE E 582 -62.84 6.63 28.38
N THR E 583 -63.12 6.38 29.67
CA THR E 583 -63.46 7.43 30.62
C THR E 583 -62.21 7.82 31.39
N VAL E 584 -61.93 9.13 31.44
CA VAL E 584 -60.75 9.66 32.11
C VAL E 584 -61.16 10.20 33.47
N THR E 585 -60.51 9.73 34.52
CA THR E 585 -60.75 10.19 35.88
C THR E 585 -59.52 10.91 36.39
N ALA E 586 -59.70 12.12 36.91
CA ALA E 586 -58.61 12.94 37.40
C ALA E 586 -58.95 13.48 38.78
N GLU E 587 -57.91 13.68 39.59
CA GLU E 587 -58.07 14.20 40.95
C GLU E 587 -56.76 14.86 41.36
N GLY E 588 -56.84 15.65 42.42
CA GLY E 588 -55.67 16.32 42.96
C GLY E 588 -55.51 17.73 42.42
N LYS E 589 -54.71 18.52 43.13
CA LYS E 589 -54.48 19.90 42.77
C LYS E 589 -53.60 20.00 41.52
N GLY E 590 -53.71 21.13 40.83
CA GLY E 590 -52.94 21.38 39.63
C GLY E 590 -53.81 21.34 38.39
N GLN E 591 -53.17 21.61 37.25
CA GLN E 591 -53.84 21.59 35.96
C GLN E 591 -52.98 20.83 34.96
N GLY E 592 -53.64 20.05 34.10
CA GLY E 592 -52.94 19.28 33.09
C GLY E 592 -53.70 19.29 31.78
N THR E 593 -53.02 18.85 30.73
CA THR E 593 -53.58 18.81 29.39
C THR E 593 -53.57 17.38 28.87
N LEU E 594 -54.59 17.04 28.09
CA LEU E 594 -54.72 15.73 27.49
C LEU E 594 -54.99 15.87 26.00
N SER E 595 -54.48 14.92 25.22
CA SER E 595 -54.69 14.91 23.79
C SER E 595 -54.67 13.47 23.30
N VAL E 596 -55.56 13.16 22.36
CA VAL E 596 -55.63 11.84 21.73
C VAL E 596 -55.52 12.03 20.23
N VAL E 597 -54.51 11.41 19.63
CA VAL E 597 -54.27 11.48 18.20
C VAL E 597 -54.25 10.05 17.67
N THR E 598 -55.09 9.77 16.67
CA THR E 598 -55.19 8.45 16.08
C THR E 598 -54.60 8.47 14.68
N MET E 599 -53.80 7.45 14.38
CA MET E 599 -53.18 7.26 13.08
C MET E 599 -53.75 6.01 12.42
N TYR E 600 -54.31 6.17 11.22
CA TYR E 600 -55.04 5.07 10.60
C TYR E 600 -55.07 5.25 9.10
N HIS E 601 -55.38 4.16 8.40
CA HIS E 601 -55.52 4.13 6.96
C HIS E 601 -57.00 4.23 6.60
N ALA E 602 -57.32 5.12 5.67
CA ALA E 602 -58.69 5.26 5.18
C ALA E 602 -58.68 5.34 3.67
N LYS E 603 -59.81 4.98 3.07
CA LYS E 603 -59.93 4.91 1.62
C LYS E 603 -59.75 6.29 1.00
N ALA E 604 -58.93 6.36 -0.04
CA ALA E 604 -58.73 7.60 -0.77
C ALA E 604 -59.93 7.89 -1.67
N LYS E 605 -60.11 9.17 -1.98
CA LYS E 605 -61.21 9.63 -2.81
C LYS E 605 -60.67 10.13 -4.14
N ASP E 606 -61.08 9.47 -5.23
CA ASP E 606 -60.74 9.88 -6.60
C ASP E 606 -59.23 9.91 -6.82
N GLN E 607 -58.49 9.06 -6.12
CA GLN E 607 -57.04 8.99 -6.33
C GLN E 607 -56.73 8.27 -7.62
N LEU E 608 -55.84 8.84 -8.42
CA LEU E 608 -55.41 8.25 -9.68
C LEU E 608 -53.94 7.87 -9.58
N THR E 609 -53.60 6.71 -10.17
CA THR E 609 -52.21 6.27 -10.16
C THR E 609 -51.32 7.17 -10.99
N CYS E 610 -51.89 7.93 -11.92
CA CYS E 610 -51.12 8.82 -12.80
C CYS E 610 -51.52 10.25 -12.49
N ASN E 611 -50.68 10.96 -11.76
CA ASN E 611 -50.87 12.37 -11.46
C ASN E 611 -49.78 13.19 -12.14
N LYS E 612 -50.15 14.37 -12.62
CA LYS E 612 -49.29 15.32 -13.32
C LYS E 612 -48.65 14.72 -14.58
N PHE E 613 -49.09 13.54 -15.01
CA PHE E 613 -48.64 12.94 -16.26
C PHE E 613 -49.78 12.18 -16.89
N ASP E 614 -49.67 11.97 -18.20
CA ASP E 614 -50.74 11.33 -18.96
C ASP E 614 -50.14 10.64 -20.17
N LEU E 615 -50.40 9.35 -20.32
CA LEU E 615 -49.91 8.58 -21.45
C LEU E 615 -51.08 8.05 -22.26
N LYS E 616 -50.88 7.99 -23.57
CA LYS E 616 -51.82 7.36 -24.49
C LYS E 616 -51.01 6.36 -25.31
N VAL E 617 -50.84 5.17 -24.76
CA VAL E 617 -50.06 4.12 -25.41
C VAL E 617 -50.96 3.37 -26.37
N THR E 618 -50.67 3.47 -27.66
CA THR E 618 -51.45 2.83 -28.71
C THR E 618 -50.58 1.79 -29.39
N ILE E 619 -51.05 0.55 -29.43
CA ILE E 619 -50.37 -0.53 -30.12
C ILE E 619 -51.36 -1.16 -31.10
N LYS E 620 -50.89 -1.42 -32.32
CA LYS E 620 -51.76 -1.94 -33.35
C LYS E 620 -50.91 -2.65 -34.39
N PRO E 621 -51.45 -3.68 -35.04
CA PRO E 621 -50.68 -4.35 -36.10
C PRO E 621 -50.43 -3.42 -37.28
N ALA E 622 -49.28 -3.60 -37.91
CA ALA E 622 -48.93 -2.77 -39.06
C ALA E 622 -49.62 -3.31 -40.31
N PRO E 623 -50.50 -2.54 -40.93
CA PRO E 623 -51.18 -3.01 -42.14
C PRO E 623 -50.23 -3.16 -43.32
N GLU E 624 -49.42 -2.14 -43.58
CA GLU E 624 -48.49 -2.16 -44.69
C GLU E 624 -47.25 -1.34 -44.38
N ASN E 634 -43.58 -11.14 -38.60
CA ASN E 634 -44.60 -10.44 -37.84
C ASN E 634 -44.04 -9.17 -37.21
N THR E 635 -44.76 -8.07 -37.36
CA THR E 635 -44.32 -6.80 -36.81
C THR E 635 -45.52 -5.89 -36.60
N MET E 636 -45.44 -5.06 -35.57
CA MET E 636 -46.47 -4.07 -35.29
C MET E 636 -45.82 -2.72 -35.03
N ILE E 637 -46.60 -1.66 -35.27
CA ILE E 637 -46.15 -0.29 -35.11
C ILE E 637 -46.57 0.19 -33.72
N LEU E 638 -45.60 0.63 -32.93
CA LEU E 638 -45.85 1.13 -31.59
C LEU E 638 -45.92 2.65 -31.64
N GLU E 639 -47.06 3.20 -31.21
CA GLU E 639 -47.29 4.64 -31.24
C GLU E 639 -47.75 5.08 -29.86
N ILE E 640 -46.92 5.86 -29.17
CA ILE E 640 -47.22 6.32 -27.82
C ILE E 640 -47.35 7.84 -27.84
N CYS E 641 -48.39 8.33 -27.17
CA CYS E 641 -48.63 9.76 -27.04
C CYS E 641 -48.52 10.14 -25.58
N THR E 642 -47.77 11.20 -25.30
CA THR E 642 -47.51 11.66 -23.95
C THR E 642 -47.88 13.13 -23.82
N ARG E 643 -48.25 13.52 -22.60
CA ARG E 643 -48.58 14.91 -22.31
C ARG E 643 -48.33 15.17 -20.83
N TYR E 644 -48.19 16.46 -20.50
CA TYR E 644 -47.94 16.90 -19.15
C TYR E 644 -49.16 17.63 -18.62
N ARG E 645 -49.61 17.27 -17.43
CA ARG E 645 -50.80 17.86 -16.85
C ARG E 645 -50.54 19.19 -16.17
N GLY E 646 -49.30 19.64 -16.10
CA GLY E 646 -48.98 20.88 -15.44
C GLY E 646 -49.41 22.09 -16.23
N ASP E 647 -49.31 23.25 -15.59
CA ASP E 647 -49.72 24.50 -16.22
C ASP E 647 -48.75 24.89 -17.34
N GLN E 648 -47.45 24.81 -17.08
CA GLN E 648 -46.43 25.24 -18.01
C GLN E 648 -45.76 24.03 -18.66
N ASP E 649 -44.92 24.31 -19.65
CA ASP E 649 -44.28 23.26 -20.41
C ASP E 649 -43.36 22.42 -19.52
N ALA E 650 -43.39 21.11 -19.73
CA ALA E 650 -42.68 20.20 -18.84
C ALA E 650 -41.17 20.30 -19.02
N THR E 651 -40.46 19.83 -17.99
CA THR E 651 -39.02 19.74 -18.02
C THR E 651 -38.62 18.37 -18.57
N MET E 652 -37.36 18.00 -18.36
CA MET E 652 -36.81 16.77 -18.94
C MET E 652 -37.59 15.54 -18.45
N SER E 653 -37.82 14.61 -19.38
CA SER E 653 -38.60 13.41 -19.09
C SER E 653 -37.88 12.20 -19.67
N ILE E 654 -38.22 11.02 -19.14
CA ILE E 654 -37.59 9.77 -19.53
C ILE E 654 -38.68 8.77 -19.90
N LEU E 655 -38.57 8.18 -21.08
CA LEU E 655 -39.51 7.17 -21.58
C LEU E 655 -38.84 5.81 -21.45
N ASP E 656 -39.00 5.18 -20.29
CA ASP E 656 -38.47 3.84 -20.06
C ASP E 656 -39.46 2.82 -20.62
N ILE E 657 -39.11 2.20 -21.74
CA ILE E 657 -39.98 1.25 -22.42
C ILE E 657 -39.37 -0.14 -22.29
N SER E 658 -40.12 -1.06 -21.74
CA SER E 658 -39.71 -2.46 -21.59
C SER E 658 -40.49 -3.29 -22.59
N MET E 659 -39.80 -3.79 -23.61
CA MET E 659 -40.48 -4.51 -24.67
C MET E 659 -41.00 -5.85 -24.17
N MET E 660 -41.93 -6.41 -24.94
CA MET E 660 -42.57 -7.67 -24.60
C MET E 660 -41.56 -8.82 -24.68
N THR E 661 -42.06 -10.04 -24.50
CA THR E 661 -41.19 -11.20 -24.64
C THR E 661 -40.89 -11.48 -26.10
N GLY E 662 -39.61 -11.73 -26.40
CA GLY E 662 -39.20 -12.06 -27.75
C GLY E 662 -39.50 -11.00 -28.78
N PHE E 663 -39.25 -9.73 -28.46
CA PHE E 663 -39.51 -8.64 -29.39
C PHE E 663 -38.34 -7.70 -29.42
N ALA E 664 -38.08 -7.14 -30.59
CA ALA E 664 -36.94 -6.25 -30.79
C ALA E 664 -37.38 -5.01 -31.56
N PRO E 665 -36.70 -3.88 -31.35
CA PRO E 665 -36.99 -2.69 -32.15
C PRO E 665 -36.38 -2.80 -33.54
N ASP E 666 -36.61 -1.78 -34.34
CA ASP E 666 -36.06 -1.69 -35.68
C ASP E 666 -34.81 -0.81 -35.65
N THR E 667 -33.73 -1.31 -36.24
CA THR E 667 -32.46 -0.58 -36.19
C THR E 667 -32.56 0.77 -36.89
N ASP E 668 -33.05 0.78 -38.13
CA ASP E 668 -33.13 2.04 -38.87
C ASP E 668 -34.08 3.03 -38.23
N ASP E 669 -35.21 2.54 -37.69
CA ASP E 669 -36.18 3.45 -37.11
C ASP E 669 -35.64 4.09 -35.84
N LEU E 670 -34.83 3.35 -35.07
CA LEU E 670 -34.16 3.95 -33.93
C LEU E 670 -33.17 5.03 -34.36
N LYS E 671 -32.46 4.81 -35.48
CA LYS E 671 -31.59 5.85 -36.00
C LYS E 671 -32.38 7.09 -36.35
N GLN E 672 -33.53 6.91 -37.01
CA GLN E 672 -34.37 8.05 -37.36
C GLN E 672 -34.83 8.80 -36.11
N LEU E 673 -35.23 8.06 -35.07
CA LEU E 673 -35.64 8.72 -33.82
C LEU E 673 -34.47 9.47 -33.19
N ALA E 674 -33.29 8.87 -33.16
CA ALA E 674 -32.12 9.52 -32.58
C ALA E 674 -31.66 10.71 -33.38
N ASN E 675 -32.01 10.79 -34.65
CA ASN E 675 -31.62 11.91 -35.50
C ASN E 675 -32.58 13.09 -35.39
N GLY E 676 -33.63 12.97 -34.58
CA GLY E 676 -34.59 14.04 -34.42
C GLY E 676 -34.09 15.12 -33.46
N VAL E 677 -34.98 16.09 -33.20
CA VAL E 677 -34.69 17.19 -32.30
C VAL E 677 -35.35 16.92 -30.96
N ASP E 678 -34.60 17.18 -29.88
CA ASP E 678 -35.07 16.98 -28.52
C ASP E 678 -35.48 15.53 -28.27
N ARG E 679 -34.77 14.58 -28.85
CA ARG E 679 -35.09 13.17 -28.68
C ARG E 679 -33.77 12.39 -28.71
N TYR E 680 -33.21 12.17 -27.53
CA TYR E 680 -31.88 11.58 -27.38
C TYR E 680 -32.00 10.12 -26.96
N ILE E 681 -31.24 9.25 -27.62
CA ILE E 681 -31.16 7.84 -27.25
C ILE E 681 -29.68 7.51 -27.07
N SER E 682 -29.36 6.83 -25.98
CA SER E 682 -27.97 6.51 -25.67
C SER E 682 -27.35 5.66 -26.77
N LYS E 683 -26.06 5.88 -27.02
CA LYS E 683 -25.38 5.19 -28.11
C LYS E 683 -25.30 3.69 -27.85
N TYR E 684 -25.13 3.29 -26.59
CA TYR E 684 -24.95 1.88 -26.28
C TYR E 684 -26.15 1.04 -26.66
N GLU E 685 -27.35 1.61 -26.60
CA GLU E 685 -28.57 0.88 -26.92
C GLU E 685 -28.92 0.95 -28.40
N LEU E 686 -28.10 1.61 -29.20
CA LEU E 686 -28.38 1.81 -30.61
C LEU E 686 -27.51 1.01 -31.55
N ASP E 687 -26.25 0.78 -31.19
CA ASP E 687 -25.33 0.10 -32.11
C ASP E 687 -25.67 -1.38 -32.26
N LYS E 688 -25.90 -2.08 -31.15
CA LYS E 688 -26.06 -3.52 -31.22
C LYS E 688 -27.43 -3.91 -31.77
N ALA E 689 -28.50 -3.48 -31.09
CA ALA E 689 -29.87 -3.80 -31.48
C ALA E 689 -30.07 -5.31 -31.59
N PHE E 690 -30.11 -5.82 -32.82
CA PHE E 690 -30.20 -7.25 -33.10
C PHE E 690 -31.50 -7.80 -32.50
N SER E 691 -31.40 -8.57 -31.41
CA SER E 691 -32.58 -9.18 -30.83
C SER E 691 -32.63 -9.15 -29.31
N ASP E 692 -31.54 -8.77 -28.63
CA ASP E 692 -31.51 -8.74 -27.17
C ASP E 692 -31.97 -7.41 -26.61
N ARG E 693 -32.55 -6.54 -27.43
CA ARG E 693 -33.07 -5.25 -26.96
C ARG E 693 -34.51 -5.42 -26.47
N ASN E 694 -34.63 -6.17 -25.38
CA ASN E 694 -35.91 -6.29 -24.68
C ASN E 694 -36.14 -5.14 -23.72
N THR E 695 -35.17 -4.24 -23.57
CA THR E 695 -35.31 -3.06 -22.73
C THR E 695 -34.67 -1.88 -23.43
N LEU E 696 -35.34 -0.72 -23.36
CA LEU E 696 -34.88 0.45 -24.08
C LEU E 696 -35.38 1.69 -23.35
N ILE E 697 -34.57 2.75 -23.34
CA ILE E 697 -34.94 4.00 -22.69
C ILE E 697 -34.71 5.14 -23.67
N ILE E 698 -35.64 6.09 -23.68
CA ILE E 698 -35.59 7.25 -24.56
C ILE E 698 -35.63 8.50 -23.71
N TYR E 699 -34.69 9.41 -23.95
CA TYR E 699 -34.63 10.66 -23.20
C TYR E 699 -35.32 11.75 -24.00
N LEU E 700 -36.36 12.35 -23.41
CA LEU E 700 -37.06 13.46 -24.04
C LEU E 700 -36.69 14.74 -23.32
N ASP E 701 -36.15 15.71 -24.07
CA ASP E 701 -35.78 16.99 -23.48
C ASP E 701 -37.02 17.74 -22.98
N LYS E 702 -38.10 17.68 -23.75
CA LYS E 702 -39.34 18.34 -23.36
C LYS E 702 -40.51 17.62 -24.01
N VAL E 703 -41.63 17.61 -23.32
CA VAL E 703 -42.88 17.03 -23.81
C VAL E 703 -43.94 18.11 -23.83
N SER E 704 -44.65 18.24 -24.95
CA SER E 704 -45.63 19.31 -25.09
C SER E 704 -46.75 19.14 -24.07
N HIS E 705 -47.16 20.26 -23.46
CA HIS E 705 -48.19 20.26 -22.44
C HIS E 705 -49.57 20.65 -22.97
N SER E 706 -49.63 21.46 -24.03
CA SER E 706 -50.91 21.88 -24.58
C SER E 706 -51.52 20.85 -25.52
N GLU E 707 -50.75 19.84 -25.94
CA GLU E 707 -51.24 18.83 -26.87
C GLU E 707 -50.44 17.56 -26.68
N ASP E 708 -51.00 16.46 -27.18
CA ASP E 708 -50.38 15.15 -27.02
C ASP E 708 -49.15 15.04 -27.92
N ASP E 709 -47.97 14.96 -27.31
CA ASP E 709 -46.74 14.69 -28.05
C ASP E 709 -46.67 13.21 -28.38
N CYS E 710 -46.64 12.88 -29.66
CA CYS E 710 -46.69 11.50 -30.12
C CYS E 710 -45.45 11.17 -30.93
N LEU E 711 -44.76 10.10 -30.54
CA LEU E 711 -43.66 9.53 -31.31
C LEU E 711 -43.94 8.06 -31.53
N ALA E 712 -43.63 7.57 -32.73
CA ALA E 712 -43.98 6.21 -33.10
C ALA E 712 -42.79 5.52 -33.73
N PHE E 713 -42.69 4.21 -33.50
CA PHE E 713 -41.70 3.39 -34.17
C PHE E 713 -42.20 1.95 -34.20
N LYS E 714 -41.58 1.15 -35.07
CA LYS E 714 -42.03 -0.21 -35.36
C LYS E 714 -41.13 -1.23 -34.70
N VAL E 715 -41.69 -2.40 -34.40
CA VAL E 715 -40.96 -3.50 -33.79
C VAL E 715 -41.32 -4.80 -34.50
N HIS E 716 -40.33 -5.65 -34.74
CA HIS E 716 -40.57 -6.95 -35.34
C HIS E 716 -40.77 -8.01 -34.26
N GLN E 717 -41.08 -9.23 -34.68
CA GLN E 717 -41.13 -10.38 -33.81
C GLN E 717 -40.17 -11.44 -34.36
N TYR E 718 -39.46 -12.12 -33.45
CA TYR E 718 -38.46 -13.08 -33.88
C TYR E 718 -38.44 -14.36 -33.06
N PHE E 719 -39.34 -14.54 -32.09
CA PHE E 719 -39.23 -15.68 -31.19
C PHE E 719 -40.46 -16.59 -31.19
N ASN E 720 -41.66 -16.02 -31.39
CA ASN E 720 -42.88 -16.80 -31.66
C ASN E 720 -43.19 -17.77 -30.52
N VAL E 721 -43.52 -17.18 -29.37
CA VAL E 721 -43.93 -17.94 -28.18
C VAL E 721 -45.37 -17.57 -27.85
N GLU E 722 -46.14 -18.56 -27.40
CA GLU E 722 -47.47 -18.28 -26.90
C GLU E 722 -47.38 -17.76 -25.46
N LEU E 723 -48.48 -17.16 -25.01
CA LEU E 723 -48.57 -16.54 -23.68
C LEU E 723 -47.49 -15.47 -23.49
N ILE E 724 -47.59 -14.44 -24.32
CA ILE E 724 -46.66 -13.31 -24.26
C ILE E 724 -47.07 -12.38 -23.14
N GLN E 725 -46.13 -12.06 -22.26
CA GLN E 725 -46.42 -11.14 -21.17
C GLN E 725 -46.49 -9.72 -21.71
N PRO E 726 -47.35 -8.87 -21.12
CA PRO E 726 -47.43 -7.49 -21.59
C PRO E 726 -46.17 -6.71 -21.28
N GLY E 727 -45.85 -5.76 -22.16
CA GLY E 727 -44.74 -4.85 -21.96
C GLY E 727 -45.24 -3.50 -21.46
N ALA E 728 -44.39 -2.82 -20.72
CA ALA E 728 -44.80 -1.60 -20.03
C ALA E 728 -43.87 -0.45 -20.38
N VAL E 729 -44.44 0.76 -20.39
CA VAL E 729 -43.70 1.99 -20.59
C VAL E 729 -44.01 2.91 -19.43
N LYS E 730 -42.99 3.56 -18.88
CA LYS E 730 -43.16 4.46 -17.75
C LYS E 730 -42.45 5.78 -18.05
N VAL E 731 -42.97 6.85 -17.46
CA VAL E 731 -42.38 8.18 -17.60
C VAL E 731 -42.20 8.77 -16.21
N TYR E 732 -41.15 9.56 -16.06
CA TYR E 732 -40.90 10.27 -14.81
C TYR E 732 -39.81 11.31 -15.03
N ALA E 733 -39.91 12.39 -14.29
CA ALA E 733 -38.90 13.45 -14.37
C ALA E 733 -37.60 12.97 -13.73
N TYR E 734 -36.52 13.70 -14.05
CA TYR E 734 -35.21 13.30 -13.54
C TYR E 734 -35.09 13.54 -12.04
N TYR E 735 -35.81 14.52 -11.49
CA TYR E 735 -35.64 14.93 -10.11
C TYR E 735 -36.54 14.19 -9.14
N ASN E 736 -37.35 13.24 -9.60
CA ASN E 736 -38.22 12.49 -8.71
C ASN E 736 -38.51 11.13 -9.32
N LEU E 737 -38.96 10.21 -8.48
CA LEU E 737 -39.43 8.91 -8.92
C LEU E 737 -40.75 8.50 -8.28
N GLU E 738 -41.12 9.07 -7.14
CA GLU E 738 -42.33 8.64 -6.44
C GLU E 738 -43.57 8.84 -7.29
N GLU E 739 -43.66 9.95 -8.00
CA GLU E 739 -44.77 10.23 -8.89
C GLU E 739 -44.37 9.89 -10.31
N SER E 740 -45.08 8.96 -10.92
CA SER E 740 -44.77 8.50 -12.27
C SER E 740 -46.07 8.10 -12.94
N CYS E 741 -45.97 7.38 -14.06
CA CYS E 741 -47.15 6.90 -14.77
C CYS E 741 -46.74 5.71 -15.61
N THR E 742 -47.39 4.57 -15.38
CA THR E 742 -47.06 3.32 -16.06
C THR E 742 -48.28 2.84 -16.84
N ARG E 743 -48.04 2.33 -18.05
CA ARG E 743 -49.11 1.76 -18.85
C ARG E 743 -48.64 0.44 -19.45
N PHE E 744 -49.60 -0.43 -19.74
CA PHE E 744 -49.33 -1.74 -20.31
C PHE E 744 -50.01 -1.88 -21.65
N TYR E 745 -49.30 -2.44 -22.62
CA TYR E 745 -49.83 -2.63 -23.96
C TYR E 745 -49.67 -4.07 -24.40
N HIS E 746 -50.69 -4.60 -25.05
CA HIS E 746 -50.73 -5.97 -25.54
C HIS E 746 -51.35 -5.99 -26.93
N PRO E 747 -50.96 -6.95 -27.77
CA PRO E 747 -51.49 -6.96 -29.14
C PRO E 747 -53.02 -7.06 -29.21
N GLU E 748 -53.65 -7.84 -28.32
CA GLU E 748 -55.10 -7.99 -28.37
C GLU E 748 -55.82 -7.51 -27.12
N LYS E 749 -55.14 -7.39 -25.99
CA LYS E 749 -55.77 -6.84 -24.80
C LYS E 749 -55.76 -5.32 -24.87
N GLU E 750 -56.92 -4.70 -24.62
CA GLU E 750 -57.02 -3.26 -24.70
C GLU E 750 -56.11 -2.58 -23.66
N ASP E 751 -56.09 -3.10 -22.44
CA ASP E 751 -55.26 -2.54 -21.39
C ASP E 751 -54.10 -3.44 -20.99
N GLY E 752 -54.16 -4.73 -21.29
CA GLY E 752 -53.09 -5.62 -20.93
C GLY E 752 -52.94 -5.87 -19.45
N LYS E 753 -54.01 -5.66 -18.68
CA LYS E 753 -53.96 -5.88 -17.24
C LYS E 753 -54.17 -7.34 -16.85
N LEU E 754 -54.20 -8.25 -17.83
CA LEU E 754 -54.53 -9.66 -17.63
C LEU E 754 -55.98 -9.80 -17.18
N ASN E 755 -56.59 -10.95 -17.46
CA ASN E 755 -57.99 -11.17 -17.09
C ASN E 755 -58.04 -11.63 -15.63
N LYS E 756 -58.57 -10.77 -14.76
CA LYS E 756 -58.74 -11.07 -13.35
C LYS E 756 -60.22 -11.15 -13.05
N LEU E 757 -60.66 -12.29 -12.51
CA LEU E 757 -62.05 -12.47 -12.10
C LEU E 757 -62.16 -12.07 -10.64
N CYS E 758 -62.42 -10.78 -10.40
CA CYS E 758 -62.45 -10.22 -9.07
C CYS E 758 -63.83 -9.67 -8.76
N ARG E 759 -64.32 -9.96 -7.55
CA ARG E 759 -65.59 -9.42 -7.06
C ARG E 759 -65.34 -8.73 -5.73
N ASP E 760 -66.07 -7.63 -5.51
CA ASP E 760 -65.94 -6.83 -4.29
C ASP E 760 -64.50 -6.42 -4.06
N GLU E 761 -63.82 -7.08 -3.11
CA GLU E 761 -62.43 -6.78 -2.79
C GLU E 761 -61.54 -8.01 -2.76
N LEU E 762 -62.06 -9.18 -3.16
CA LEU E 762 -61.28 -10.41 -3.23
C LEU E 762 -61.14 -10.80 -4.70
N CYS E 763 -59.91 -10.94 -5.16
CA CYS E 763 -59.63 -11.21 -6.57
C CYS E 763 -59.04 -12.60 -6.74
N ARG E 764 -58.92 -13.00 -8.01
CA ARG E 764 -58.40 -14.31 -8.36
C ARG E 764 -57.59 -14.18 -9.65
N CYS E 765 -56.74 -15.17 -9.88
CA CYS E 765 -55.81 -15.18 -11.02
C CYS E 765 -56.27 -16.26 -11.98
N ALA E 766 -56.80 -15.85 -13.13
CA ALA E 766 -57.52 -16.76 -14.01
C ALA E 766 -57.14 -16.57 -15.47
N GLU E 767 -55.84 -16.54 -15.78
CA GLU E 767 -55.40 -16.51 -17.17
C GLU E 767 -55.11 -17.93 -17.67
N GLU E 768 -56.19 -18.71 -17.73
CA GLU E 768 -56.15 -20.08 -18.24
C GLU E 768 -57.20 -20.23 -19.33
N ASN E 769 -57.17 -21.37 -20.01
CA ASN E 769 -58.17 -21.66 -21.02
C ASN E 769 -59.52 -21.98 -20.39
N CYS E 770 -60.58 -21.79 -21.16
CA CYS E 770 -61.93 -22.06 -20.67
C CYS E 770 -62.13 -23.54 -20.40
N PHE E 771 -61.80 -24.38 -21.39
CA PHE E 771 -61.95 -25.82 -21.28
C PHE E 771 -61.21 -26.46 -22.45
N ILE E 772 -60.97 -27.76 -22.33
CA ILE E 772 -60.28 -28.50 -23.38
C ILE E 772 -61.29 -29.04 -24.39
N THR E 780 -65.86 -43.29 -27.95
CA THR E 780 -65.22 -44.05 -26.88
C THR E 780 -64.62 -43.14 -25.83
N LEU E 781 -65.41 -42.84 -24.79
CA LEU E 781 -64.96 -42.01 -23.68
C LEU E 781 -64.44 -42.82 -22.50
N GLU E 782 -64.35 -44.15 -22.65
CA GLU E 782 -63.94 -44.98 -21.52
C GLU E 782 -62.54 -44.64 -21.05
N GLU E 783 -61.61 -44.42 -21.98
CA GLU E 783 -60.23 -44.11 -21.61
C GLU E 783 -60.15 -42.79 -20.85
N ARG E 784 -60.83 -41.75 -21.36
CA ARG E 784 -60.79 -40.45 -20.70
C ARG E 784 -61.44 -40.52 -19.32
N LEU E 785 -62.58 -41.21 -19.21
CA LEU E 785 -63.24 -41.31 -17.92
C LEU E 785 -62.41 -42.12 -16.93
N ASP E 786 -61.71 -43.16 -17.39
CA ASP E 786 -60.81 -43.90 -16.53
C ASP E 786 -59.66 -43.02 -16.06
N LYS E 787 -59.11 -42.21 -16.96
CA LYS E 787 -58.05 -41.29 -16.57
C LYS E 787 -58.55 -40.22 -15.60
N ALA E 788 -59.83 -39.92 -15.64
CA ALA E 788 -60.45 -38.91 -14.77
C ALA E 788 -60.49 -39.33 -13.29
N CYS E 789 -59.93 -40.45 -12.87
CA CYS E 789 -59.93 -40.85 -11.46
C CYS E 789 -58.75 -40.28 -10.69
N GLU E 790 -57.94 -39.43 -11.33
CA GLU E 790 -56.73 -38.92 -10.70
C GLU E 790 -57.07 -38.02 -9.51
N PRO E 791 -56.14 -37.87 -8.57
CA PRO E 791 -56.43 -37.04 -7.37
C PRO E 791 -56.66 -35.58 -7.70
N GLY E 792 -56.24 -35.10 -8.88
CA GLY E 792 -56.48 -33.72 -9.24
C GLY E 792 -57.94 -33.34 -9.32
N VAL E 793 -58.79 -34.27 -9.75
CA VAL E 793 -60.24 -34.04 -9.77
C VAL E 793 -60.78 -34.35 -8.39
N ASP E 794 -61.48 -33.38 -7.79
CA ASP E 794 -61.92 -33.49 -6.41
C ASP E 794 -63.42 -33.59 -6.26
N TYR E 795 -64.20 -33.23 -7.28
CA TYR E 795 -65.65 -33.34 -7.20
C TYR E 795 -66.22 -33.47 -8.60
N VAL E 796 -67.20 -34.36 -8.76
CA VAL E 796 -67.90 -34.57 -10.02
C VAL E 796 -69.38 -34.37 -9.76
N TYR E 797 -70.01 -33.52 -10.57
CA TYR E 797 -71.40 -33.11 -10.35
C TYR E 797 -72.23 -33.42 -11.59
N LYS E 798 -73.42 -33.99 -11.37
CA LYS E 798 -74.42 -34.18 -12.42
C LYS E 798 -75.47 -33.10 -12.25
N THR E 799 -75.44 -32.10 -13.14
CA THR E 799 -76.23 -30.90 -12.98
C THR E 799 -77.05 -30.62 -14.23
N ARG E 800 -78.11 -29.84 -14.05
CA ARG E 800 -78.96 -29.37 -15.13
C ARG E 800 -79.07 -27.85 -15.05
N LEU E 801 -79.02 -27.19 -16.20
CA LEU E 801 -79.10 -25.74 -16.24
C LEU E 801 -80.56 -25.29 -16.11
N VAL E 802 -80.78 -24.28 -15.27
CA VAL E 802 -82.11 -23.73 -15.02
C VAL E 802 -82.16 -22.23 -15.32
N LYS E 803 -81.15 -21.48 -14.86
CA LYS E 803 -81.13 -20.04 -15.00
C LYS E 803 -79.78 -19.58 -15.56
N VAL E 804 -79.84 -18.63 -16.50
CA VAL E 804 -78.65 -18.05 -17.12
C VAL E 804 -78.67 -16.55 -16.89
N GLN E 805 -77.55 -16.00 -16.45
CA GLN E 805 -77.44 -14.56 -16.25
C GLN E 805 -75.99 -14.14 -16.45
N LEU E 806 -75.81 -12.83 -16.67
CA LEU E 806 -74.50 -12.23 -16.90
C LEU E 806 -74.15 -11.30 -15.74
N SER E 807 -72.95 -10.73 -15.82
CA SER E 807 -72.48 -9.79 -14.81
C SER E 807 -71.54 -8.79 -15.48
N ASN E 808 -70.81 -8.04 -14.65
CA ASN E 808 -69.93 -7.01 -15.18
C ASN E 808 -68.70 -7.60 -15.86
N ASP E 809 -68.05 -8.59 -15.22
CA ASP E 809 -66.80 -9.12 -15.73
C ASP E 809 -66.77 -10.64 -15.80
N PHE E 810 -67.92 -11.31 -15.63
CA PHE E 810 -67.94 -12.76 -15.69
C PHE E 810 -69.36 -13.22 -15.99
N ASP E 811 -69.47 -14.46 -16.47
CA ASP E 811 -70.75 -15.10 -16.71
C ASP E 811 -70.92 -16.24 -15.72
N GLU E 812 -72.02 -16.22 -14.99
CA GLU E 812 -72.32 -17.25 -14.00
C GLU E 812 -73.49 -18.10 -14.48
N TYR E 813 -73.32 -19.41 -14.40
CA TYR E 813 -74.37 -20.35 -14.79
C TYR E 813 -74.94 -20.99 -13.53
N ILE E 814 -76.26 -20.97 -13.41
CA ILE E 814 -76.95 -21.55 -12.26
C ILE E 814 -77.43 -22.94 -12.65
N MET E 815 -76.89 -23.96 -11.99
CA MET E 815 -77.26 -25.34 -12.23
C MET E 815 -78.32 -25.79 -11.23
N ALA E 816 -78.62 -27.08 -11.27
CA ALA E 816 -79.49 -27.74 -10.29
C ALA E 816 -78.94 -29.15 -10.10
N ILE E 817 -78.17 -29.34 -9.02
CA ILE E 817 -77.45 -30.59 -8.83
C ILE E 817 -78.44 -31.74 -8.68
N GLU E 818 -78.22 -32.80 -9.44
CA GLU E 818 -79.03 -34.01 -9.30
C GLU E 818 -78.48 -34.91 -8.19
N GLN E 819 -77.22 -35.30 -8.31
CA GLN E 819 -76.56 -36.14 -7.32
C GLN E 819 -75.07 -35.88 -7.38
N THR E 820 -74.41 -35.97 -6.22
CA THR E 820 -72.96 -35.80 -6.16
C THR E 820 -72.31 -37.08 -6.65
N ILE E 821 -71.75 -37.03 -7.86
CA ILE E 821 -71.14 -38.23 -8.45
C ILE E 821 -69.94 -38.68 -7.64
N LYS E 822 -69.09 -37.73 -7.24
CA LYS E 822 -67.89 -38.04 -6.49
C LYS E 822 -67.71 -36.98 -5.40
N SER E 823 -67.96 -37.37 -4.15
CA SER E 823 -67.73 -36.52 -3.00
C SER E 823 -68.51 -35.21 -3.09
N GLY E 824 -67.78 -34.10 -3.27
CA GLY E 824 -68.39 -32.80 -3.33
C GLY E 824 -67.54 -31.74 -2.66
N SER E 825 -66.57 -32.18 -1.85
CA SER E 825 -65.61 -31.31 -1.18
C SER E 825 -66.31 -30.34 -0.23
N ASP E 826 -67.08 -29.41 -0.77
CA ASP E 826 -67.83 -28.45 0.01
C ASP E 826 -69.18 -29.05 0.41
N GLU E 827 -70.08 -28.21 0.91
CA GLU E 827 -71.42 -28.66 1.26
C GLU E 827 -72.11 -29.24 0.04
N VAL E 828 -72.37 -30.56 0.07
CA VAL E 828 -72.96 -31.22 -1.09
C VAL E 828 -74.41 -30.79 -1.29
N GLN E 829 -75.15 -30.64 -0.19
CA GLN E 829 -76.55 -30.20 -0.21
C GLN E 829 -77.42 -31.17 -0.99
N VAL E 830 -77.18 -31.29 -2.29
CA VAL E 830 -77.91 -32.16 -3.22
C VAL E 830 -79.32 -31.65 -3.42
N GLY E 831 -79.78 -31.62 -4.67
CA GLY E 831 -81.12 -31.17 -4.98
C GLY E 831 -81.26 -29.66 -4.94
N GLN E 832 -80.15 -28.97 -4.69
CA GLN E 832 -80.16 -27.52 -4.59
C GLN E 832 -79.64 -26.89 -5.88
N GLN E 833 -79.47 -25.58 -5.85
CA GLN E 833 -78.97 -24.82 -6.99
C GLN E 833 -77.58 -24.28 -6.68
N ARG E 834 -76.64 -24.51 -7.58
CA ARG E 834 -75.27 -24.03 -7.43
C ARG E 834 -74.90 -23.19 -8.64
N THR E 835 -74.22 -22.07 -8.38
CA THR E 835 -73.86 -21.12 -9.42
C THR E 835 -72.39 -21.30 -9.78
N PHE E 836 -72.13 -21.53 -11.06
CA PHE E 836 -70.79 -21.73 -11.60
C PHE E 836 -70.41 -20.50 -12.42
N ILE E 837 -69.32 -19.84 -12.02
CA ILE E 837 -68.84 -18.63 -12.66
C ILE E 837 -67.77 -18.99 -13.68
N SER E 838 -67.70 -18.22 -14.75
CA SER E 838 -66.78 -18.45 -15.85
C SER E 838 -66.16 -17.14 -16.27
N PRO E 839 -64.98 -17.17 -16.87
CA PRO E 839 -64.41 -15.93 -17.45
C PRO E 839 -65.33 -15.36 -18.52
N ILE E 840 -65.40 -14.03 -18.58
CA ILE E 840 -66.27 -13.37 -19.54
C ILE E 840 -65.86 -13.63 -20.97
N LYS E 841 -64.58 -13.96 -21.20
CA LYS E 841 -64.11 -14.31 -22.54
C LYS E 841 -64.62 -15.65 -23.02
N CYS E 842 -65.19 -16.46 -22.14
CA CYS E 842 -65.67 -17.80 -22.48
C CYS E 842 -67.10 -17.80 -23.01
N ARG E 843 -67.66 -16.61 -23.27
CA ARG E 843 -69.04 -16.54 -23.77
C ARG E 843 -69.17 -17.25 -25.11
N GLU E 844 -68.21 -17.05 -26.00
CA GLU E 844 -68.21 -17.72 -27.30
C GLU E 844 -67.50 -19.07 -27.28
N ALA E 845 -66.85 -19.42 -26.18
CA ALA E 845 -66.14 -20.70 -26.11
C ALA E 845 -67.12 -21.87 -26.13
N LEU E 846 -68.15 -21.82 -25.29
CA LEU E 846 -69.17 -22.87 -25.26
C LEU E 846 -70.39 -22.33 -24.53
N LYS E 847 -71.57 -22.67 -25.06
CA LYS E 847 -72.83 -22.23 -24.50
C LYS E 847 -73.64 -23.42 -23.99
N LEU E 848 -74.42 -23.18 -22.94
CA LEU E 848 -75.24 -24.21 -22.32
C LEU E 848 -76.71 -23.84 -22.43
N GLU E 849 -77.55 -24.87 -22.54
CA GLU E 849 -78.99 -24.71 -22.70
C GLU E 849 -79.70 -25.19 -21.45
N GLU E 850 -80.81 -24.53 -21.11
CA GLU E 850 -81.51 -24.82 -19.87
C GLU E 850 -82.35 -26.08 -19.97
N LYS E 851 -82.76 -26.59 -18.81
CA LYS E 851 -83.66 -27.72 -18.62
C LYS E 851 -83.05 -29.06 -19.05
N LYS E 852 -81.77 -29.11 -19.38
CA LYS E 852 -81.10 -30.35 -19.75
C LYS E 852 -79.93 -30.63 -18.82
N HIS E 853 -79.64 -31.91 -18.64
CA HIS E 853 -78.61 -32.33 -17.72
C HIS E 853 -77.21 -32.12 -18.31
N TYR E 854 -76.21 -32.11 -17.43
CA TYR E 854 -74.82 -31.95 -17.83
C TYR E 854 -73.94 -32.77 -16.89
N LEU E 855 -72.74 -33.08 -17.39
CA LEU E 855 -71.76 -33.86 -16.63
C LEU E 855 -70.40 -33.16 -16.76
N MET E 856 -69.91 -32.61 -15.65
CA MET E 856 -68.64 -31.91 -15.64
C MET E 856 -68.08 -31.92 -14.22
N TRP E 857 -66.76 -31.91 -14.11
CA TRP E 857 -66.08 -32.00 -12.83
C TRP E 857 -64.96 -30.97 -12.77
N GLY E 858 -64.60 -30.59 -11.55
CA GLY E 858 -63.58 -29.58 -11.33
C GLY E 858 -62.54 -30.09 -10.33
N LEU E 859 -62.06 -29.17 -9.49
CA LEU E 859 -61.03 -29.48 -8.53
C LEU E 859 -61.22 -28.60 -7.29
N SER E 860 -60.23 -28.60 -6.40
CA SER E 860 -60.31 -27.81 -5.18
C SER E 860 -60.33 -26.31 -5.50
N SER E 861 -59.51 -25.88 -6.46
CA SER E 861 -59.50 -24.47 -6.84
C SER E 861 -60.75 -24.05 -7.59
N ASP E 862 -61.61 -25.00 -7.96
CA ASP E 862 -62.83 -24.65 -8.69
C ASP E 862 -63.74 -23.76 -7.85
N PHE E 863 -64.05 -24.18 -6.62
CA PHE E 863 -64.96 -23.41 -5.79
C PHE E 863 -64.21 -22.29 -5.07
N TRP E 864 -64.79 -21.09 -5.11
CA TRP E 864 -64.20 -19.90 -4.51
C TRP E 864 -65.31 -19.01 -3.96
N GLY E 865 -65.07 -18.45 -2.78
CA GLY E 865 -66.01 -17.56 -2.14
C GLY E 865 -66.01 -17.79 -0.65
N GLU E 866 -67.04 -17.26 0.00
CA GLU E 866 -67.23 -17.40 1.44
C GLU E 866 -68.39 -18.33 1.70
N LYS E 867 -68.21 -19.27 2.63
CA LYS E 867 -69.24 -20.23 2.93
C LYS E 867 -70.44 -19.54 3.57
N PRO E 868 -71.68 -19.95 3.23
CA PRO E 868 -71.98 -21.00 2.26
C PRO E 868 -72.35 -20.46 0.88
N ASN E 869 -71.65 -19.42 0.42
CA ASN E 869 -71.94 -18.77 -0.85
C ASN E 869 -70.86 -19.03 -1.89
N LEU E 870 -70.34 -20.25 -1.91
CA LEU E 870 -69.26 -20.60 -2.83
C LEU E 870 -69.71 -20.52 -4.28
N SER E 871 -68.80 -20.06 -5.13
CA SER E 871 -69.01 -20.03 -6.58
C SER E 871 -67.88 -20.79 -7.25
N TYR E 872 -68.22 -21.57 -8.26
CA TYR E 872 -67.27 -22.46 -8.92
C TYR E 872 -66.73 -21.78 -10.17
N ILE E 873 -65.41 -21.60 -10.24
CA ILE E 873 -64.77 -20.95 -11.37
C ILE E 873 -64.34 -22.01 -12.37
N ILE E 874 -64.75 -21.84 -13.63
CA ILE E 874 -64.51 -22.83 -14.66
C ILE E 874 -63.19 -22.52 -15.35
N GLY E 875 -62.24 -23.45 -15.26
CA GLY E 875 -60.98 -23.34 -15.96
C GLY E 875 -60.79 -24.50 -16.92
N LYS E 876 -59.62 -24.51 -17.57
CA LYS E 876 -59.30 -25.56 -18.51
C LYS E 876 -59.15 -26.92 -17.82
N ASP E 877 -59.01 -26.95 -16.50
CA ASP E 877 -58.97 -28.22 -15.79
C ASP E 877 -60.28 -28.97 -15.94
N THR E 878 -61.40 -28.26 -15.84
CA THR E 878 -62.71 -28.88 -15.91
C THR E 878 -63.00 -29.37 -17.33
N TRP E 879 -63.64 -30.53 -17.42
CA TRP E 879 -64.09 -31.08 -18.69
C TRP E 879 -65.60 -31.01 -18.74
N VAL E 880 -66.14 -30.34 -19.75
CA VAL E 880 -67.56 -30.03 -19.84
C VAL E 880 -68.17 -30.90 -20.92
N GLU E 881 -69.29 -31.55 -20.59
CA GLU E 881 -70.02 -32.36 -21.55
C GLU E 881 -71.48 -32.42 -21.15
N HIS E 882 -72.36 -32.28 -22.13
CA HIS E 882 -73.79 -32.36 -21.88
C HIS E 882 -74.24 -33.80 -21.70
N TRP E 883 -75.14 -34.02 -20.75
CA TRP E 883 -75.68 -35.35 -20.49
C TRP E 883 -77.04 -35.49 -21.17
N PRO E 884 -77.15 -36.28 -22.24
CA PRO E 884 -78.46 -36.42 -22.89
C PRO E 884 -79.48 -37.08 -21.98
N GLU E 885 -80.74 -36.70 -22.17
CA GLU E 885 -81.82 -37.29 -21.39
C GLU E 885 -82.13 -38.70 -21.89
N GLU E 886 -83.09 -39.35 -21.22
CA GLU E 886 -83.46 -40.71 -21.59
C GLU E 886 -83.97 -40.77 -23.02
N ASP E 887 -84.83 -39.83 -23.40
CA ASP E 887 -85.28 -39.75 -24.79
C ASP E 887 -84.12 -39.36 -25.71
N GLU E 888 -83.26 -38.44 -25.25
CA GLU E 888 -82.13 -38.02 -26.08
C GLU E 888 -81.09 -39.13 -26.21
N CYS E 889 -80.93 -39.97 -25.19
CA CYS E 889 -79.97 -41.07 -25.27
C CYS E 889 -80.41 -42.15 -26.25
N GLN E 890 -81.67 -42.13 -26.68
CA GLN E 890 -82.15 -43.13 -27.62
C GLN E 890 -81.49 -43.01 -28.99
N ASP E 891 -80.92 -41.85 -29.30
CA ASP E 891 -80.24 -41.68 -30.59
C ASP E 891 -79.01 -42.58 -30.65
N GLU E 892 -78.78 -43.16 -31.83
CA GLU E 892 -77.69 -44.13 -31.98
C GLU E 892 -76.34 -43.50 -31.71
N GLU E 893 -76.12 -42.26 -32.18
CA GLU E 893 -74.84 -41.60 -31.95
C GLU E 893 -74.58 -41.38 -30.48
N ASN E 894 -75.60 -40.96 -29.73
CA ASN E 894 -75.44 -40.69 -28.30
C ASN E 894 -75.72 -41.89 -27.42
N GLN E 895 -76.22 -42.99 -27.98
CA GLN E 895 -76.52 -44.16 -27.17
C GLN E 895 -75.25 -44.75 -26.56
N LYS E 896 -74.18 -44.86 -27.36
CA LYS E 896 -72.92 -45.40 -26.84
C LYS E 896 -72.35 -44.49 -25.77
N GLN E 897 -72.39 -43.18 -25.98
CA GLN E 897 -71.90 -42.24 -24.97
C GLN E 897 -72.68 -42.36 -23.67
N CYS E 898 -74.02 -42.44 -23.78
CA CYS E 898 -74.84 -42.57 -22.58
C CYS E 898 -74.55 -43.87 -21.85
N GLN E 899 -74.41 -44.97 -22.58
CA GLN E 899 -74.12 -46.25 -21.95
C GLN E 899 -72.76 -46.23 -21.27
N ASP E 900 -71.75 -45.64 -21.92
CA ASP E 900 -70.42 -45.57 -21.32
C ASP E 900 -70.44 -44.70 -20.07
N LEU E 901 -71.13 -43.56 -20.12
CA LEU E 901 -71.17 -42.68 -18.96
C LEU E 901 -71.92 -43.34 -17.80
N GLY E 902 -73.02 -44.03 -18.08
CA GLY E 902 -73.73 -44.74 -17.02
C GLY E 902 -72.91 -45.86 -16.41
N ALA E 903 -72.21 -46.62 -17.25
CA ALA E 903 -71.34 -47.68 -16.75
C ALA E 903 -70.23 -47.11 -15.88
N PHE E 904 -69.63 -45.99 -16.30
CA PHE E 904 -68.61 -45.35 -15.49
C PHE E 904 -69.19 -44.87 -14.17
N THR E 905 -70.38 -44.26 -14.21
CA THR E 905 -70.99 -43.76 -12.97
C THR E 905 -71.25 -44.90 -12.00
N GLU E 906 -71.73 -46.03 -12.49
CA GLU E 906 -71.95 -47.18 -11.62
C GLU E 906 -70.63 -47.73 -11.08
N SER E 907 -69.64 -47.91 -11.97
CA SER E 907 -68.40 -48.57 -11.57
C SER E 907 -67.60 -47.72 -10.59
N MET E 908 -67.53 -46.40 -10.82
CA MET E 908 -66.71 -45.56 -9.95
C MET E 908 -67.30 -45.49 -8.55
N VAL E 909 -68.62 -45.58 -8.42
CA VAL E 909 -69.23 -45.54 -7.10
C VAL E 909 -69.34 -46.93 -6.47
N VAL E 910 -69.22 -48.00 -7.24
CA VAL E 910 -69.27 -49.34 -6.68
C VAL E 910 -67.87 -49.82 -6.30
N PHE E 911 -66.99 -49.93 -7.31
CA PHE E 911 -65.65 -50.47 -7.11
C PHE E 911 -64.60 -49.38 -6.92
N GLY E 912 -65.01 -48.12 -6.87
CA GLY E 912 -64.05 -47.05 -6.64
C GLY E 912 -63.20 -46.77 -7.87
N CYS E 913 -62.01 -46.22 -7.63
CA CYS E 913 -61.07 -45.88 -8.69
C CYS E 913 -59.75 -46.61 -8.43
N PRO E 914 -58.91 -46.78 -9.45
CA PRO E 914 -57.64 -47.50 -9.23
C PRO E 914 -56.68 -46.72 -8.35
N ASN E 915 -56.95 -46.71 -7.06
CA ASN E 915 -56.15 -45.94 -6.11
C ASN E 915 -55.71 -46.82 -4.93
N SER F 1 39.86 49.84 15.86
CA SER F 1 40.04 49.89 14.42
C SER F 1 39.22 48.81 13.72
N PRO F 2 38.64 49.14 12.57
CA PRO F 2 37.85 48.14 11.83
C PRO F 2 38.71 46.95 11.44
N MET F 3 38.09 45.77 11.45
CA MET F 3 38.74 44.54 11.04
C MET F 3 38.04 43.98 9.81
N TYR F 4 38.82 43.38 8.92
CA TYR F 4 38.30 42.73 7.73
C TYR F 4 38.55 41.24 7.84
N SER F 5 37.50 40.45 7.59
CA SER F 5 37.56 39.01 7.71
C SER F 5 37.25 38.37 6.36
N ILE F 6 38.09 37.43 5.96
CA ILE F 6 37.91 36.66 4.73
C ILE F 6 37.74 35.20 5.09
N ILE F 7 36.75 34.55 4.49
CA ILE F 7 36.43 33.15 4.77
C ILE F 7 36.51 32.37 3.47
N THR F 8 37.25 31.27 3.49
CA THR F 8 37.44 30.39 2.36
C THR F 8 37.22 28.95 2.80
N PRO F 9 36.69 28.09 1.92
CA PRO F 9 36.71 26.66 2.22
C PRO F 9 38.13 26.21 2.47
N ASN F 10 38.30 25.36 3.50
CA ASN F 10 39.63 24.99 3.95
C ASN F 10 40.39 24.19 2.90
N ILE F 11 39.70 23.57 1.95
CA ILE F 11 40.33 22.83 0.87
C ILE F 11 39.74 23.32 -0.44
N LEU F 12 40.59 23.92 -1.28
CA LEU F 12 40.15 24.39 -2.58
C LEU F 12 40.10 23.23 -3.58
N ARG F 13 39.44 23.47 -4.70
CA ARG F 13 39.27 22.45 -5.74
C ARG F 13 39.56 23.04 -7.11
N LEU F 14 39.94 22.17 -8.03
CA LEU F 14 40.31 22.58 -9.39
C LEU F 14 39.08 22.62 -10.28
N GLU F 15 38.95 23.72 -11.04
CA GLU F 15 37.89 23.90 -12.03
C GLU F 15 36.52 23.72 -11.38
N SER F 16 36.26 24.55 -10.37
CA SER F 16 34.98 24.54 -9.70
C SER F 16 34.75 25.92 -9.07
N GLU F 17 33.49 26.23 -8.82
CA GLU F 17 33.11 27.52 -8.24
C GLU F 17 33.05 27.39 -6.71
N GLU F 18 34.19 27.65 -6.07
CA GLU F 18 34.31 27.64 -4.62
C GLU F 18 34.19 29.07 -4.12
N THR F 19 33.03 29.41 -3.59
CA THR F 19 32.71 30.80 -3.26
C THR F 19 33.55 31.29 -2.08
N MET F 20 34.08 32.50 -2.21
CA MET F 20 34.76 33.19 -1.14
C MET F 20 33.82 34.21 -0.52
N VAL F 21 33.83 34.31 0.81
CA VAL F 21 32.94 35.20 1.54
C VAL F 21 33.77 36.34 2.12
N LEU F 22 33.36 37.58 1.85
CA LEU F 22 34.03 38.77 2.36
C LEU F 22 33.10 39.47 3.34
N GLU F 23 33.60 39.74 4.54
CA GLU F 23 32.84 40.47 5.54
C GLU F 23 33.75 41.42 6.29
N ALA F 24 33.26 42.61 6.56
CA ALA F 24 34.01 43.64 7.27
C ALA F 24 33.27 44.01 8.54
N HIS F 25 33.89 43.79 9.68
CA HIS F 25 33.30 44.16 10.96
C HIS F 25 33.66 45.60 11.30
N ASP F 26 32.67 46.34 11.80
CA ASP F 26 32.86 47.73 12.22
C ASP F 26 33.40 48.59 11.07
N ALA F 27 32.94 48.31 9.86
CA ALA F 27 33.41 49.05 8.70
C ALA F 27 32.87 50.47 8.70
N GLN F 28 33.50 51.33 7.91
CA GLN F 28 33.13 52.74 7.80
C GLN F 28 32.90 53.07 6.32
N GLY F 29 31.64 53.07 5.91
CA GLY F 29 31.31 53.42 4.54
C GLY F 29 31.73 52.35 3.53
N ASP F 30 31.71 52.77 2.27
CA ASP F 30 32.09 51.87 1.18
C ASP F 30 33.59 51.62 1.19
N VAL F 31 33.97 50.45 0.68
CA VAL F 31 35.38 50.09 0.56
C VAL F 31 35.54 49.04 -0.54
N PRO F 32 36.48 49.23 -1.46
CA PRO F 32 36.69 48.22 -2.51
C PRO F 32 37.55 47.08 -2.03
N VAL F 33 37.16 45.86 -2.41
CA VAL F 33 37.90 44.65 -2.06
C VAL F 33 38.26 43.94 -3.35
N THR F 34 39.56 43.70 -3.55
CA THR F 34 40.06 42.93 -4.68
C THR F 34 40.74 41.68 -4.17
N VAL F 35 40.26 40.52 -4.60
CA VAL F 35 40.82 39.24 -4.20
C VAL F 35 41.68 38.72 -5.35
N THR F 36 42.88 38.26 -5.01
CA THR F 36 43.83 37.77 -6.00
C THR F 36 44.29 36.38 -5.61
N VAL F 37 44.12 35.42 -6.51
CA VAL F 37 44.63 34.08 -6.33
C VAL F 37 46.06 34.05 -6.86
N HIS F 38 47.00 33.62 -6.03
CA HIS F 38 48.42 33.70 -6.35
C HIS F 38 49.06 32.34 -6.12
N ASP F 39 50.13 32.07 -6.86
CA ASP F 39 50.84 30.80 -6.72
C ASP F 39 51.69 30.78 -5.46
N PHE F 40 51.88 29.59 -4.92
CA PHE F 40 52.72 29.40 -3.74
C PHE F 40 53.68 28.24 -4.01
N PRO F 41 54.99 28.49 -4.10
CA PRO F 41 55.56 29.84 -4.08
C PRO F 41 55.68 30.41 -5.49
N GLY F 42 56.51 31.43 -5.66
CA GLY F 42 56.75 31.98 -6.97
C GLY F 42 55.83 33.15 -7.30
N LYS F 43 55.70 33.39 -8.60
CA LYS F 43 54.87 34.49 -9.10
C LYS F 43 54.29 34.06 -10.44
N LYS F 44 53.01 33.70 -10.45
CA LYS F 44 52.37 33.23 -11.66
C LYS F 44 51.09 34.00 -11.94
N LEU F 45 50.43 34.48 -10.88
CA LEU F 45 49.20 35.27 -11.00
C LEU F 45 48.12 34.51 -11.76
N VAL F 46 47.69 33.39 -11.17
CA VAL F 46 46.72 32.51 -11.82
C VAL F 46 45.39 33.24 -12.00
N LEU F 47 44.97 34.01 -11.00
CA LEU F 47 43.71 34.76 -11.12
C LEU F 47 43.75 35.93 -10.14
N SER F 48 43.50 37.13 -10.66
CA SER F 48 43.43 38.35 -9.86
C SER F 48 42.16 39.12 -10.16
N SER F 49 41.11 38.41 -10.57
CA SER F 49 39.86 39.01 -11.01
C SER F 49 38.82 38.92 -9.90
N GLU F 50 37.58 39.32 -10.25
CA GLU F 50 36.43 39.23 -9.35
C GLU F 50 36.63 40.08 -8.10
N LYS F 51 36.78 41.38 -8.32
CA LYS F 51 36.80 42.35 -7.23
C LYS F 51 35.39 42.87 -6.98
N THR F 52 35.18 43.38 -5.76
CA THR F 52 33.86 43.87 -5.37
C THR F 52 34.03 45.02 -4.38
N VAL F 53 32.95 45.77 -4.21
CA VAL F 53 32.92 46.92 -3.32
C VAL F 53 31.85 46.69 -2.26
N LEU F 54 32.22 46.94 -1.00
CA LEU F 54 31.29 46.77 0.10
C LEU F 54 30.42 48.00 0.27
N THR F 55 29.26 47.79 0.89
CA THR F 55 28.26 48.83 1.05
C THR F 55 27.54 48.65 2.38
N PRO F 56 27.30 49.73 3.14
CA PRO F 56 26.48 49.59 4.35
C PRO F 56 25.08 49.10 4.08
N ALA F 57 24.56 49.30 2.86
CA ALA F 57 23.23 48.79 2.51
C ALA F 57 23.17 47.27 2.47
N THR F 58 24.31 46.59 2.47
CA THR F 58 24.34 45.13 2.52
C THR F 58 25.16 44.67 3.72
N ASN F 59 25.18 45.49 4.77
CA ASN F 59 25.87 45.18 6.03
C ASN F 59 27.36 44.92 5.81
N HIS F 60 27.93 45.53 4.77
CA HIS F 60 29.35 45.40 4.46
C HIS F 60 29.75 43.95 4.26
N MET F 61 28.86 43.15 3.68
CA MET F 61 29.12 41.75 3.43
C MET F 61 28.89 41.46 1.95
N GLY F 62 29.84 40.77 1.34
CA GLY F 62 29.80 40.42 -0.10
C GLY F 62 30.60 39.16 -0.39
N ASN F 63 30.07 38.29 -1.26
CA ASN F 63 30.75 37.01 -1.62
C ASN F 63 31.14 37.03 -3.10
N VAL F 64 32.41 36.72 -3.39
CA VAL F 64 32.91 36.69 -4.81
C VAL F 64 32.94 35.23 -5.29
N THR F 65 32.90 35.02 -6.61
CA THR F 65 32.91 33.68 -7.19
C THR F 65 34.00 33.63 -8.25
N PHE F 66 35.06 32.87 -7.97
CA PHE F 66 36.16 32.67 -8.90
C PHE F 66 36.36 31.18 -9.13
N THR F 67 37.34 30.85 -9.95
CA THR F 67 37.66 29.46 -10.25
C THR F 67 39.10 29.38 -10.74
N ILE F 68 39.90 28.56 -10.07
CA ILE F 68 41.31 28.39 -10.45
C ILE F 68 41.39 27.47 -11.67
N PRO F 69 42.02 27.91 -12.75
CA PRO F 69 42.17 27.03 -13.92
C PRO F 69 43.10 25.86 -13.62
N ALA F 70 42.86 24.76 -14.31
CA ALA F 70 43.70 23.58 -14.20
C ALA F 70 44.75 23.59 -15.30
N ASN F 71 46.02 23.46 -14.91
CA ASN F 71 47.11 23.51 -15.88
C ASN F 71 48.15 22.44 -15.59
N ARG F 72 49.26 22.47 -16.32
CA ARG F 72 50.31 21.48 -16.12
C ARG F 72 51.12 21.75 -14.86
N GLU F 73 51.20 23.00 -14.41
CA GLU F 73 51.99 23.32 -13.23
C GLU F 73 51.44 22.63 -11.99
N PHE F 74 50.12 22.64 -11.82
CA PHE F 74 49.51 21.92 -10.70
C PHE F 74 49.65 20.41 -10.88
N LYS F 75 49.52 19.93 -12.12
CA LYS F 75 49.63 18.51 -12.42
C LYS F 75 51.08 18.04 -12.49
N SER F 76 52.05 18.95 -12.48
CA SER F 76 53.45 18.55 -12.53
C SER F 76 53.83 17.75 -11.29
N GLU F 77 53.39 18.19 -10.11
CA GLU F 77 53.65 17.50 -8.86
C GLU F 77 52.39 16.77 -8.42
N LYS F 78 52.51 15.46 -8.18
CA LYS F 78 51.38 14.65 -7.78
C LYS F 78 51.60 13.89 -6.48
N GLY F 79 52.84 13.74 -6.01
CA GLY F 79 53.11 13.03 -4.79
C GLY F 79 53.40 13.93 -3.61
N ARG F 80 53.49 15.24 -3.85
CA ARG F 80 53.76 16.22 -2.81
C ARG F 80 52.60 17.21 -2.73
N ASN F 81 52.14 17.46 -1.51
CA ASN F 81 51.05 18.41 -1.31
C ASN F 81 51.51 19.83 -1.65
N LYS F 82 50.63 20.57 -2.32
CA LYS F 82 50.91 21.94 -2.71
C LYS F 82 49.79 22.84 -2.22
N PHE F 83 50.10 24.12 -2.09
CA PHE F 83 49.15 25.10 -1.58
C PHE F 83 49.16 26.33 -2.49
N VAL F 84 48.06 27.08 -2.44
CA VAL F 84 47.91 28.28 -3.24
C VAL F 84 47.88 29.49 -2.31
N THR F 85 48.26 30.63 -2.87
CA THR F 85 48.31 31.88 -2.13
C THR F 85 47.05 32.68 -2.43
N VAL F 86 46.35 33.09 -1.37
CA VAL F 86 45.14 33.90 -1.49
C VAL F 86 45.49 35.31 -1.03
N GLN F 87 45.42 36.26 -1.95
CA GLN F 87 45.72 37.65 -1.66
C GLN F 87 44.42 38.46 -1.71
N ALA F 88 44.15 39.20 -0.65
CA ALA F 88 42.98 40.06 -0.59
C ALA F 88 43.37 41.41 -0.02
N THR F 89 42.75 42.48 -0.54
CA THR F 89 43.08 43.83 -0.16
C THR F 89 41.81 44.60 0.18
N PHE F 90 41.88 45.38 1.25
CA PHE F 90 40.79 46.26 1.67
C PHE F 90 41.34 47.68 1.68
N GLY F 91 41.28 48.34 0.54
CA GLY F 91 41.88 49.66 0.41
C GLY F 91 43.38 49.61 0.59
N THR F 92 43.86 50.11 1.73
CA THR F 92 45.28 50.05 2.06
C THR F 92 45.64 48.86 2.94
N GLN F 93 44.68 48.26 3.62
CA GLN F 93 44.95 47.10 4.47
C GLN F 93 45.04 45.85 3.61
N VAL F 94 45.94 44.96 3.98
CA VAL F 94 46.19 43.72 3.23
C VAL F 94 46.07 42.54 4.18
N VAL F 95 45.38 41.49 3.72
CA VAL F 95 45.19 40.27 4.50
C VAL F 95 45.68 39.09 3.67
N GLU F 96 46.30 38.12 4.34
CA GLU F 96 46.92 36.99 3.66
C GLU F 96 46.54 35.68 4.32
N LYS F 97 46.25 34.68 3.50
CA LYS F 97 46.05 33.32 3.96
C LYS F 97 46.35 32.36 2.82
N VAL F 98 46.88 31.19 3.15
CA VAL F 98 47.20 30.16 2.18
C VAL F 98 46.39 28.92 2.51
N VAL F 99 45.80 28.31 1.48
CA VAL F 99 44.93 27.17 1.66
C VAL F 99 45.43 26.03 0.78
N LEU F 100 45.05 24.82 1.15
CA LEU F 100 45.44 23.63 0.40
C LEU F 100 44.56 23.49 -0.83
N VAL F 101 45.16 23.05 -1.93
CA VAL F 101 44.46 22.84 -3.18
C VAL F 101 44.53 21.35 -3.51
N SER F 102 43.37 20.74 -3.67
CA SER F 102 43.28 19.31 -3.94
C SER F 102 43.09 19.06 -5.44
N LEU F 103 43.42 17.84 -5.84
CA LEU F 103 43.33 17.43 -7.24
C LEU F 103 41.96 16.90 -7.63
N GLN F 104 41.07 16.69 -6.67
CA GLN F 104 39.75 16.16 -6.99
C GLN F 104 38.97 17.15 -7.85
N SER F 105 38.23 16.62 -8.83
CA SER F 105 37.47 17.45 -9.75
C SER F 105 36.03 17.00 -9.93
N GLY F 106 35.64 15.86 -9.37
CA GLY F 106 34.28 15.39 -9.53
C GLY F 106 34.18 13.93 -9.12
N TYR F 107 33.04 13.34 -9.47
CA TYR F 107 32.77 11.94 -9.18
C TYR F 107 32.41 11.20 -10.45
N LEU F 108 32.68 9.89 -10.45
CA LEU F 108 32.32 9.01 -11.54
C LEU F 108 31.53 7.84 -10.98
N PHE F 109 30.40 7.53 -11.61
CA PHE F 109 29.54 6.42 -11.19
C PHE F 109 29.43 5.44 -12.34
N ILE F 110 30.10 4.30 -12.21
CA ILE F 110 30.10 3.28 -13.26
C ILE F 110 28.87 2.41 -13.05
N GLN F 111 27.99 2.37 -14.05
CA GLN F 111 26.81 1.52 -14.00
C GLN F 111 26.94 0.42 -15.04
N THR F 112 26.84 -0.82 -14.60
CA THR F 112 26.80 -1.98 -15.48
C THR F 112 25.41 -2.60 -15.41
N ASP F 113 24.90 -3.06 -16.54
CA ASP F 113 23.55 -3.60 -16.57
C ASP F 113 23.42 -4.82 -15.67
N LYS F 114 24.34 -5.77 -15.78
CA LYS F 114 24.31 -6.98 -14.98
C LYS F 114 25.49 -6.98 -14.00
N THR F 115 25.63 -8.06 -13.25
CA THR F 115 26.78 -8.25 -12.39
C THR F 115 27.58 -9.50 -12.70
N ILE F 116 27.04 -10.42 -13.50
CA ILE F 116 27.78 -11.60 -13.97
C ILE F 116 27.65 -11.68 -15.48
N TYR F 117 28.76 -11.97 -16.15
CA TYR F 117 28.78 -12.03 -17.60
C TYR F 117 29.42 -13.34 -18.04
N THR F 118 28.72 -14.08 -18.89
CA THR F 118 29.28 -15.28 -19.46
C THR F 118 30.34 -14.94 -20.51
N PRO F 119 31.38 -15.76 -20.64
CA PRO F 119 32.38 -15.52 -21.69
C PRO F 119 31.74 -15.55 -23.07
N GLY F 120 32.25 -14.69 -23.95
CA GLY F 120 31.68 -14.53 -25.28
C GLY F 120 30.52 -13.57 -25.36
N SER F 121 30.16 -12.91 -24.26
CA SER F 121 29.05 -11.99 -24.23
C SER F 121 29.57 -10.57 -24.03
N THR F 122 28.94 -9.62 -24.72
CA THR F 122 29.36 -8.22 -24.63
C THR F 122 28.94 -7.64 -23.28
N VAL F 123 29.67 -6.60 -22.86
CA VAL F 123 29.37 -5.86 -21.65
C VAL F 123 29.09 -4.42 -22.02
N LEU F 124 28.00 -3.88 -21.48
CA LEU F 124 27.61 -2.49 -21.69
C LEU F 124 27.62 -1.77 -20.36
N TYR F 125 28.38 -0.68 -20.28
CA TYR F 125 28.44 0.13 -19.07
C TYR F 125 28.40 1.60 -19.44
N ARG F 126 27.68 2.38 -18.64
CA ARG F 126 27.58 3.82 -18.81
C ARG F 126 28.36 4.52 -17.71
N ILE F 127 29.10 5.55 -18.08
CA ILE F 127 29.92 6.30 -17.13
C ILE F 127 29.28 7.67 -16.94
N PHE F 128 28.88 7.97 -15.70
CA PHE F 128 28.32 9.27 -15.38
C PHE F 128 29.42 10.19 -14.91
N THR F 129 29.37 11.45 -15.34
CA THR F 129 30.34 12.45 -14.99
C THR F 129 29.64 13.58 -14.25
N VAL F 130 30.00 13.79 -12.99
CA VAL F 130 29.42 14.84 -12.16
C VAL F 130 30.52 15.54 -11.38
N ASN F 131 30.25 16.77 -10.98
CA ASN F 131 31.19 17.58 -10.21
C ASN F 131 30.84 17.53 -8.73
N HIS F 132 31.57 18.29 -7.93
CA HIS F 132 31.35 18.30 -6.49
C HIS F 132 30.01 18.90 -6.11
N LYS F 133 29.36 19.64 -7.02
CA LYS F 133 28.00 20.10 -6.80
C LYS F 133 26.97 19.14 -7.38
N LEU F 134 27.41 18.00 -7.91
CA LEU F 134 26.52 16.99 -8.49
C LEU F 134 25.71 17.57 -9.65
N LEU F 135 26.43 18.03 -10.67
CA LEU F 135 25.87 18.52 -11.91
C LEU F 135 26.58 17.86 -13.07
N PRO F 136 25.92 17.72 -14.23
CA PRO F 136 26.60 17.19 -15.41
C PRO F 136 27.77 18.07 -15.81
N VAL F 137 28.87 17.44 -16.20
CA VAL F 137 30.12 18.13 -16.54
C VAL F 137 30.63 17.62 -17.87
N GLY F 138 31.25 18.53 -18.63
CA GLY F 138 31.94 18.13 -19.84
C GLY F 138 33.45 18.06 -19.66
N ARG F 139 33.99 16.85 -19.52
CA ARG F 139 35.41 16.64 -19.34
C ARG F 139 35.83 15.41 -20.14
N THR F 140 37.05 14.95 -19.90
CA THR F 140 37.60 13.76 -20.55
C THR F 140 37.82 12.67 -19.52
N VAL F 141 37.38 11.46 -19.84
CA VAL F 141 37.40 10.33 -18.92
C VAL F 141 38.30 9.24 -19.50
N MET F 142 39.28 8.81 -18.71
CA MET F 142 40.09 7.65 -19.05
C MET F 142 39.43 6.40 -18.50
N VAL F 143 39.35 5.36 -19.32
CA VAL F 143 38.69 4.11 -18.95
C VAL F 143 39.67 2.97 -19.09
N ASN F 144 39.75 2.13 -18.07
CA ASN F 144 40.57 0.92 -18.12
C ASN F 144 39.77 -0.24 -17.56
N ILE F 145 40.02 -1.43 -18.10
CA ILE F 145 39.41 -2.67 -17.64
C ILE F 145 40.52 -3.60 -17.21
N GLU F 146 40.47 -4.07 -15.97
CA GLU F 146 41.54 -4.84 -15.38
C GLU F 146 41.05 -6.23 -15.01
N ASN F 147 41.79 -7.25 -15.48
CA ASN F 147 41.47 -8.62 -15.15
C ASN F 147 41.85 -8.92 -13.70
N PRO F 148 41.36 -10.01 -13.12
CA PRO F 148 41.58 -10.25 -11.68
C PRO F 148 43.03 -10.28 -11.26
N GLU F 149 43.95 -10.65 -12.15
CA GLU F 149 45.37 -10.65 -11.80
C GLU F 149 46.01 -9.27 -11.96
N GLY F 150 45.26 -8.27 -12.41
CA GLY F 150 45.77 -6.91 -12.44
C GLY F 150 46.43 -6.48 -13.73
N ILE F 151 46.07 -7.09 -14.86
CA ILE F 151 46.66 -6.77 -16.15
C ILE F 151 45.61 -5.99 -16.95
N PRO F 152 45.82 -4.71 -17.22
CA PRO F 152 44.87 -3.98 -18.07
C PRO F 152 44.79 -4.60 -19.45
N VAL F 153 43.59 -4.62 -20.02
CA VAL F 153 43.32 -5.31 -21.27
C VAL F 153 42.89 -4.34 -22.37
N LYS F 154 41.99 -3.41 -22.07
CA LYS F 154 41.48 -2.49 -23.08
C LYS F 154 41.31 -1.12 -22.46
N GLN F 155 41.95 -0.12 -23.06
CA GLN F 155 41.93 1.24 -22.56
C GLN F 155 41.32 2.16 -23.61
N ASP F 156 40.45 3.06 -23.17
CA ASP F 156 39.73 3.95 -24.06
C ASP F 156 39.79 5.38 -23.54
N SER F 157 39.68 6.33 -24.47
CA SER F 157 39.62 7.75 -24.16
C SER F 157 38.30 8.30 -24.63
N LEU F 158 37.68 9.16 -23.81
CA LEU F 158 36.36 9.68 -24.12
C LEU F 158 36.31 11.16 -23.78
N SER F 159 35.17 11.77 -24.07
CA SER F 159 34.93 13.18 -23.75
C SER F 159 33.46 13.34 -23.44
N SER F 160 33.15 13.89 -22.27
CA SER F 160 31.78 14.06 -21.82
C SER F 160 31.14 15.33 -22.38
N GLN F 161 31.70 15.90 -23.45
CA GLN F 161 31.13 17.10 -24.05
C GLN F 161 30.00 16.72 -25.01
N ASN F 162 28.87 17.43 -24.88
CA ASN F 162 27.71 17.26 -25.73
C ASN F 162 27.00 15.91 -25.52
N GLN F 163 27.04 15.41 -24.29
CA GLN F 163 26.22 14.24 -23.94
C GLN F 163 25.52 14.39 -22.59
N LEU F 164 25.57 15.57 -21.97
CA LEU F 164 24.96 15.80 -20.66
C LEU F 164 25.50 14.83 -19.62
N GLY F 165 26.79 14.54 -19.71
CA GLY F 165 27.45 13.70 -18.71
C GLY F 165 27.03 12.25 -18.70
N VAL F 166 26.79 11.65 -19.87
CA VAL F 166 26.52 10.22 -19.98
C VAL F 166 27.34 9.69 -21.16
N LEU F 167 28.16 8.66 -20.90
CA LEU F 167 29.08 8.13 -21.90
C LEU F 167 28.85 6.63 -22.05
N PRO F 168 27.94 6.22 -22.92
CA PRO F 168 27.72 4.78 -23.14
C PRO F 168 28.94 4.13 -23.77
N LEU F 169 29.16 2.87 -23.40
CA LEU F 169 30.33 2.14 -23.85
C LEU F 169 29.99 0.66 -23.96
N SER F 170 30.84 -0.06 -24.69
CA SER F 170 30.63 -1.49 -24.89
C SER F 170 31.99 -2.17 -25.00
N TRP F 171 31.98 -3.48 -24.71
CA TRP F 171 33.17 -4.30 -24.84
C TRP F 171 32.75 -5.75 -24.93
N ASP F 172 33.51 -6.53 -25.69
CA ASP F 172 33.26 -7.96 -25.86
C ASP F 172 34.35 -8.75 -25.14
N ILE F 173 33.93 -9.68 -24.28
CA ILE F 173 34.85 -10.50 -23.53
C ILE F 173 35.33 -11.65 -24.42
N PRO F 174 36.63 -11.85 -24.57
CA PRO F 174 37.11 -12.97 -25.39
C PRO F 174 36.77 -14.31 -24.75
N GLU F 175 36.73 -15.34 -25.60
CA GLU F 175 36.38 -16.68 -25.12
C GLU F 175 37.39 -17.19 -24.10
N LEU F 176 38.68 -16.98 -24.35
CA LEU F 176 39.73 -17.49 -23.48
C LEU F 176 40.09 -16.40 -22.48
N VAL F 177 39.39 -16.39 -21.35
CA VAL F 177 39.63 -15.43 -20.28
C VAL F 177 39.65 -16.17 -18.95
N ASN F 178 40.25 -15.53 -17.95
CA ASN F 178 40.38 -16.09 -16.62
C ASN F 178 39.24 -15.58 -15.76
N MET F 179 38.32 -16.48 -15.39
CA MET F 179 37.17 -16.11 -14.59
C MET F 179 37.61 -15.69 -13.19
N GLY F 180 36.90 -14.72 -12.62
CA GLY F 180 37.23 -14.21 -11.30
C GLY F 180 36.48 -12.93 -10.98
N GLN F 181 37.21 -11.92 -10.54
CA GLN F 181 36.63 -10.61 -10.20
C GLN F 181 37.23 -9.58 -11.15
N TRP F 182 36.56 -9.35 -12.27
CA TRP F 182 37.01 -8.32 -13.19
C TRP F 182 36.73 -6.94 -12.61
N LYS F 183 37.52 -5.96 -13.06
CA LYS F 183 37.44 -4.61 -12.52
C LYS F 183 37.40 -3.59 -13.65
N ILE F 184 36.65 -2.52 -13.44
CA ILE F 184 36.64 -1.36 -14.33
C ILE F 184 37.19 -0.17 -13.57
N ARG F 185 38.20 0.47 -14.14
CA ARG F 185 38.87 1.59 -13.51
C ARG F 185 38.74 2.82 -14.39
N ALA F 186 38.29 3.92 -13.80
CA ALA F 186 38.11 5.18 -14.51
C ALA F 186 38.65 6.32 -13.67
N TYR F 187 39.25 7.31 -14.33
CA TYR F 187 39.77 8.47 -13.62
C TYR F 187 39.81 9.67 -14.57
N TYR F 188 39.68 10.86 -13.99
CA TYR F 188 39.77 12.08 -14.78
C TYR F 188 41.21 12.33 -15.24
N GLU F 189 41.32 13.10 -16.31
CA GLU F 189 42.64 13.39 -16.87
C GLU F 189 43.50 14.20 -15.90
N ASN F 190 42.91 15.19 -15.23
CA ASN F 190 43.70 16.08 -14.38
C ASN F 190 44.17 15.40 -13.10
N SER F 191 43.47 14.38 -12.63
CA SER F 191 43.79 13.71 -11.37
C SER F 191 43.92 12.22 -11.61
N PRO F 192 45.03 11.78 -12.22
CA PRO F 192 45.21 10.35 -12.46
C PRO F 192 45.32 9.53 -11.18
N GLN F 193 45.66 10.15 -10.05
CA GLN F 193 45.78 9.41 -8.80
C GLN F 193 44.41 8.96 -8.29
N GLN F 194 43.38 9.79 -8.48
CA GLN F 194 42.05 9.47 -8.00
C GLN F 194 41.41 8.44 -8.94
N VAL F 195 41.39 7.19 -8.53
CA VAL F 195 40.87 6.09 -9.36
C VAL F 195 39.56 5.63 -8.78
N PHE F 196 38.52 5.63 -9.61
CA PHE F 196 37.21 5.10 -9.23
C PHE F 196 37.04 3.69 -9.77
N SER F 197 36.30 2.88 -9.01
CA SER F 197 36.22 1.45 -9.28
C SER F 197 34.77 0.98 -9.27
N THR F 198 34.50 -0.06 -10.05
CA THR F 198 33.25 -0.79 -10.02
C THR F 198 33.48 -2.15 -10.65
N GLU F 199 33.15 -3.21 -9.92
CA GLU F 199 33.60 -4.55 -10.26
C GLU F 199 32.42 -5.44 -10.62
N PHE F 200 32.53 -6.12 -11.76
CA PHE F 200 31.66 -7.23 -12.11
C PHE F 200 32.47 -8.52 -12.07
N GLU F 201 31.85 -9.62 -12.45
CA GLU F 201 32.54 -10.90 -12.43
C GLU F 201 32.11 -11.74 -13.64
N VAL F 202 32.99 -12.65 -14.03
CA VAL F 202 32.75 -13.56 -15.15
C VAL F 202 32.71 -14.97 -14.59
N LYS F 203 31.65 -15.72 -14.93
CA LYS F 203 31.46 -17.03 -14.33
C LYS F 203 30.65 -17.92 -15.25
N GLU F 204 30.75 -19.22 -14.99
CA GLU F 204 29.87 -20.22 -15.57
C GLU F 204 28.53 -20.20 -14.84
N TYR F 205 27.45 -19.95 -15.58
CA TYR F 205 26.15 -19.92 -14.92
C TYR F 205 25.05 -20.13 -15.94
N VAL F 206 23.93 -20.65 -15.44
CA VAL F 206 22.64 -20.62 -16.13
C VAL F 206 21.64 -20.03 -15.16
N LEU F 207 20.69 -19.26 -15.68
CA LEU F 207 19.82 -18.47 -14.81
C LEU F 207 18.97 -19.39 -13.94
N PRO F 208 19.06 -19.28 -12.62
CA PRO F 208 18.21 -20.10 -11.75
C PRO F 208 16.77 -19.64 -11.82
N SER F 209 15.87 -20.56 -11.46
CA SER F 209 14.44 -20.33 -11.61
C SER F 209 13.76 -19.89 -10.32
N PHE F 210 14.52 -19.65 -9.25
CA PHE F 210 13.87 -19.32 -7.99
C PHE F 210 14.88 -18.71 -7.03
N GLU F 211 14.47 -17.66 -6.33
CA GLU F 211 15.28 -17.06 -5.28
C GLU F 211 15.23 -17.92 -4.03
N VAL F 212 16.28 -17.83 -3.23
CA VAL F 212 16.32 -18.47 -1.92
C VAL F 212 16.77 -17.43 -0.91
N ILE F 213 15.95 -17.19 0.10
CA ILE F 213 16.22 -16.18 1.13
C ILE F 213 16.26 -16.88 2.48
N VAL F 214 17.36 -16.71 3.20
CA VAL F 214 17.50 -17.23 4.55
C VAL F 214 17.44 -16.04 5.51
N GLU F 215 16.38 -15.99 6.31
CA GLU F 215 16.15 -14.86 7.22
C GLU F 215 16.03 -15.38 8.64
N PRO F 216 17.10 -15.30 9.44
CA PRO F 216 16.97 -15.68 10.85
C PRO F 216 16.03 -14.75 11.59
N THR F 217 15.39 -15.29 12.63
CA THR F 217 14.39 -14.51 13.37
C THR F 217 14.99 -13.25 13.97
N GLU F 218 16.20 -13.35 14.51
CA GLU F 218 16.93 -12.19 15.00
C GLU F 218 18.31 -12.17 14.35
N LYS F 219 18.79 -10.98 14.03
CA LYS F 219 20.04 -10.86 13.31
C LYS F 219 21.22 -10.97 14.27
N PHE F 220 21.21 -11.99 15.12
CA PHE F 220 22.26 -12.26 16.08
C PHE F 220 21.97 -13.60 16.73
N TYR F 221 22.86 -14.02 17.62
CA TYR F 221 22.66 -15.23 18.42
C TYR F 221 23.10 -14.92 19.84
N TYR F 222 22.14 -14.84 20.76
CA TYR F 222 22.49 -14.66 22.16
C TYR F 222 23.29 -15.87 22.64
N ILE F 223 24.36 -15.60 23.38
CA ILE F 223 25.28 -16.67 23.78
C ILE F 223 24.62 -17.61 24.77
N TYR F 224 23.80 -17.09 25.67
CA TYR F 224 23.17 -17.91 26.70
C TYR F 224 21.79 -18.42 26.30
N ASN F 225 21.34 -18.14 25.08
CA ASN F 225 20.03 -18.58 24.62
C ASN F 225 20.04 -20.09 24.48
N GLU F 226 19.39 -20.79 25.42
CA GLU F 226 19.37 -22.24 25.40
C GLU F 226 18.56 -22.79 24.23
N LYS F 227 17.63 -22.01 23.68
CA LYS F 227 16.86 -22.48 22.54
C LYS F 227 17.76 -22.73 21.33
N GLY F 228 18.74 -21.86 21.11
CA GLY F 228 19.65 -21.99 19.99
C GLY F 228 19.21 -21.18 18.79
N LEU F 229 20.12 -21.08 17.82
CA LEU F 229 19.85 -20.32 16.62
C LEU F 229 18.74 -20.96 15.80
N GLU F 230 17.86 -20.13 15.26
CA GLU F 230 16.73 -20.58 14.45
C GLU F 230 16.82 -19.92 13.08
N VAL F 231 16.68 -20.72 12.03
CA VAL F 231 16.82 -20.25 10.66
C VAL F 231 15.54 -20.54 9.90
N THR F 232 15.00 -19.54 9.22
CA THR F 232 13.79 -19.68 8.42
C THR F 232 14.17 -19.56 6.94
N ILE F 233 13.83 -20.58 6.16
CA ILE F 233 14.09 -20.59 4.73
C ILE F 233 12.82 -20.18 4.01
N THR F 234 12.91 -19.16 3.17
CA THR F 234 11.78 -18.67 2.38
C THR F 234 12.23 -18.66 0.92
N ALA F 235 11.85 -19.70 0.18
CA ALA F 235 12.19 -19.83 -1.23
C ALA F 235 10.93 -19.62 -2.06
N ARG F 236 11.06 -18.87 -3.15
CA ARG F 236 9.93 -18.60 -4.02
C ARG F 236 10.44 -18.52 -5.45
N PHE F 237 9.56 -18.85 -6.39
CA PHE F 237 9.89 -18.69 -7.79
C PHE F 237 10.06 -17.21 -8.12
N LEU F 238 10.78 -16.94 -9.21
CA LEU F 238 11.02 -15.55 -9.59
C LEU F 238 9.73 -14.83 -9.94
N TYR F 239 8.81 -15.52 -10.60
CA TYR F 239 7.59 -14.90 -11.10
C TYR F 239 6.45 -14.92 -10.10
N GLY F 240 6.75 -14.97 -8.80
CA GLY F 240 5.75 -14.79 -7.78
C GLY F 240 4.92 -16.01 -7.41
N LYS F 241 5.45 -17.21 -7.62
CA LYS F 241 4.76 -18.43 -7.21
C LYS F 241 5.60 -19.19 -6.19
N LYS F 242 4.91 -19.88 -5.30
CA LYS F 242 5.59 -20.60 -4.23
C LYS F 242 6.25 -21.87 -4.76
N VAL F 243 7.15 -22.43 -3.96
CA VAL F 243 7.99 -23.55 -4.38
C VAL F 243 7.80 -24.71 -3.42
N GLU F 244 8.02 -25.92 -3.94
CA GLU F 244 8.03 -27.14 -3.15
C GLU F 244 9.32 -27.89 -3.44
N GLY F 245 9.87 -28.53 -2.41
CA GLY F 245 11.09 -29.27 -2.59
C GLY F 245 11.73 -29.60 -1.24
N THR F 246 13.04 -29.82 -1.28
CA THR F 246 13.80 -30.15 -0.08
C THR F 246 14.99 -29.23 0.02
N ALA F 247 15.43 -28.97 1.24
CA ALA F 247 16.48 -27.99 1.50
C ALA F 247 17.61 -28.63 2.30
N PHE F 248 18.79 -28.04 2.17
CA PHE F 248 19.97 -28.48 2.90
C PHE F 248 20.54 -27.29 3.65
N VAL F 249 20.84 -27.47 4.93
CA VAL F 249 21.38 -26.40 5.75
C VAL F 249 22.62 -26.90 6.46
N ILE F 250 23.69 -26.09 6.44
CA ILE F 250 24.90 -26.37 7.19
C ILE F 250 25.38 -25.06 7.80
N PHE F 251 25.69 -25.08 9.10
CA PHE F 251 26.07 -23.88 9.84
C PHE F 251 27.59 -23.88 10.01
N GLY F 252 28.22 -22.83 9.53
CA GLY F 252 29.66 -22.67 9.66
C GLY F 252 30.00 -21.45 10.49
N ILE F 253 31.08 -21.55 11.27
CA ILE F 253 31.54 -20.47 12.11
C ILE F 253 32.67 -19.75 11.38
N GLN F 254 32.51 -18.46 11.17
CA GLN F 254 33.47 -17.64 10.45
C GLN F 254 34.21 -16.76 11.44
N ASP F 255 35.54 -16.86 11.47
CA ASP F 255 36.39 -16.04 12.31
C ASP F 255 37.33 -15.29 11.37
N GLY F 256 36.89 -14.12 10.93
CA GLY F 256 37.68 -13.35 9.98
C GLY F 256 37.81 -14.09 8.66
N GLU F 257 39.04 -14.31 8.23
CA GLU F 257 39.30 -15.05 7.00
C GLU F 257 39.29 -16.56 7.20
N GLN F 258 39.16 -17.03 8.43
CA GLN F 258 39.15 -18.45 8.74
C GLN F 258 37.72 -18.93 8.87
N ARG F 259 37.36 -19.95 8.10
CA ARG F 259 36.02 -20.53 8.12
C ARG F 259 36.09 -21.95 8.67
N ILE F 260 35.27 -22.22 9.67
CA ILE F 260 35.20 -23.52 10.32
C ILE F 260 33.80 -24.08 10.13
N SER F 261 33.73 -25.32 9.67
CA SER F 261 32.45 -25.97 9.38
C SER F 261 32.04 -26.88 10.53
N LEU F 262 30.74 -27.18 10.58
CA LEU F 262 30.15 -28.03 11.61
C LEU F 262 29.49 -29.22 10.92
N PRO F 263 30.18 -30.36 10.82
CA PRO F 263 29.59 -31.52 10.13
C PRO F 263 28.31 -32.03 10.79
N GLU F 264 28.17 -31.91 12.10
CA GLU F 264 27.04 -32.49 12.81
C GLU F 264 25.80 -31.62 12.78
N SER F 265 25.87 -30.44 12.17
CA SER F 265 24.71 -29.55 12.07
C SER F 265 23.97 -29.70 10.75
N LEU F 266 24.41 -30.63 9.88
CA LEU F 266 23.79 -30.81 8.57
C LEU F 266 22.39 -31.41 8.74
N LYS F 267 21.38 -30.68 8.28
CA LYS F 267 19.99 -31.04 8.51
C LYS F 267 19.24 -31.02 7.19
N ARG F 268 18.44 -32.04 6.93
CA ARG F 268 17.71 -32.18 5.67
C ARG F 268 16.26 -31.82 5.96
N ILE F 269 15.88 -30.58 5.71
CA ILE F 269 14.53 -30.15 6.06
C ILE F 269 13.68 -30.06 4.80
N PRO F 270 12.43 -30.49 4.85
CA PRO F 270 11.56 -30.36 3.67
C PRO F 270 10.87 -29.01 3.65
N ILE F 271 10.93 -28.33 2.51
CA ILE F 271 10.33 -27.00 2.39
C ILE F 271 8.92 -27.15 1.85
N GLU F 272 7.96 -26.51 2.52
CA GLU F 272 6.56 -26.59 2.16
C GLU F 272 5.99 -25.19 1.97
N ASP F 273 5.36 -24.96 0.81
CA ASP F 273 4.75 -23.67 0.49
C ASP F 273 5.77 -22.55 0.66
N GLY F 274 7.00 -22.82 0.22
CA GLY F 274 8.06 -21.82 0.32
C GLY F 274 8.38 -21.41 1.75
N SER F 275 8.38 -22.36 2.68
CA SER F 275 8.69 -22.04 4.06
C SER F 275 9.28 -23.26 4.73
N GLY F 276 10.11 -23.01 5.74
CA GLY F 276 10.72 -24.09 6.49
C GLY F 276 11.56 -23.51 7.60
N GLU F 277 11.91 -24.37 8.56
CA GLU F 277 12.67 -23.95 9.71
C GLU F 277 13.69 -25.02 10.08
N VAL F 278 14.76 -24.58 10.72
CA VAL F 278 15.78 -25.47 11.25
C VAL F 278 16.44 -24.79 12.44
N VAL F 279 16.80 -25.59 13.44
CA VAL F 279 17.34 -25.08 14.69
C VAL F 279 18.70 -25.72 14.95
N LEU F 280 19.65 -24.92 15.40
CA LEU F 280 20.95 -25.40 15.87
C LEU F 280 20.94 -25.38 17.38
N SER F 281 20.96 -26.56 17.99
CA SER F 281 21.00 -26.62 19.45
C SER F 281 22.35 -26.12 19.95
N ARG F 282 22.33 -25.41 21.08
CA ARG F 282 23.55 -24.81 21.62
C ARG F 282 24.61 -25.87 21.91
N LYS F 283 24.19 -27.09 22.22
CA LYS F 283 25.14 -28.16 22.46
C LYS F 283 25.99 -28.44 21.22
N VAL F 284 25.36 -28.42 20.05
CA VAL F 284 26.10 -28.64 18.81
C VAL F 284 27.12 -27.55 18.59
N LEU F 285 26.75 -26.29 18.83
CA LEU F 285 27.69 -25.20 18.66
C LEU F 285 28.86 -25.31 19.63
N LEU F 286 28.57 -25.66 20.89
CA LEU F 286 29.64 -25.79 21.87
C LEU F 286 30.59 -26.94 21.53
N ASP F 287 30.04 -28.08 21.12
CA ASP F 287 30.86 -29.26 20.88
C ASP F 287 31.53 -29.25 19.51
N GLY F 288 31.06 -28.45 18.57
CA GLY F 288 31.69 -28.40 17.26
C GLY F 288 33.10 -27.86 17.33
N VAL F 289 33.29 -26.77 18.06
CA VAL F 289 34.62 -26.25 18.33
C VAL F 289 35.25 -27.04 19.46
N GLN F 290 36.56 -27.23 19.39
CA GLN F 290 37.26 -28.02 20.40
C GLN F 290 37.17 -27.36 21.78
N ASN F 291 37.26 -26.03 21.82
CA ASN F 291 37.23 -25.32 23.10
C ASN F 291 35.80 -25.27 23.62
N PRO F 292 35.53 -25.78 24.83
CA PRO F 292 34.18 -25.67 25.39
C PRO F 292 33.90 -24.33 26.05
N ARG F 293 34.83 -23.39 25.99
CA ARG F 293 34.61 -22.07 26.59
C ARG F 293 33.50 -21.33 25.83
N ALA F 294 32.82 -20.45 26.55
CA ALA F 294 31.73 -19.66 25.97
C ALA F 294 32.18 -18.27 25.55
N GLU F 295 32.90 -17.57 26.44
CA GLU F 295 33.26 -16.18 26.18
C GLU F 295 34.17 -16.04 24.96
N ASP F 296 34.90 -17.11 24.61
CA ASP F 296 35.78 -17.03 23.45
C ASP F 296 34.99 -16.86 22.16
N LEU F 297 33.76 -17.37 22.12
CA LEU F 297 32.94 -17.28 20.92
C LEU F 297 32.46 -15.86 20.63
N VAL F 298 32.49 -14.98 21.63
CA VAL F 298 32.07 -13.60 21.43
C VAL F 298 33.06 -12.90 20.49
N GLY F 299 32.53 -12.23 19.48
CA GLY F 299 33.33 -11.59 18.46
C GLY F 299 33.43 -12.35 17.16
N LYS F 300 33.01 -13.61 17.14
CA LYS F 300 33.03 -14.42 15.93
C LYS F 300 31.73 -14.21 15.16
N SER F 301 31.49 -15.03 14.15
CA SER F 301 30.30 -14.90 13.32
C SER F 301 29.88 -16.27 12.81
N LEU F 302 28.62 -16.37 12.43
CA LEU F 302 28.07 -17.58 11.83
C LEU F 302 27.59 -17.29 10.42
N TYR F 303 27.54 -18.33 9.60
CA TYR F 303 26.98 -18.23 8.26
C TYR F 303 26.14 -19.46 7.97
N VAL F 304 25.13 -19.28 7.12
CA VAL F 304 24.22 -20.34 6.73
C VAL F 304 24.37 -20.56 5.23
N SER F 305 24.62 -21.80 4.83
CA SER F 305 24.82 -22.17 3.43
C SER F 305 23.67 -23.09 3.04
N ALA F 306 22.58 -22.49 2.58
CA ALA F 306 21.36 -23.25 2.28
C ALA F 306 21.32 -23.61 0.80
N THR F 307 21.05 -24.88 0.53
CA THR F 307 20.89 -25.39 -0.83
C THR F 307 19.47 -25.91 -0.98
N VAL F 308 18.75 -25.41 -1.97
CA VAL F 308 17.35 -25.76 -2.20
C VAL F 308 17.26 -26.56 -3.49
N ILE F 309 16.55 -27.68 -3.44
CA ILE F 309 16.41 -28.58 -4.58
C ILE F 309 14.93 -28.83 -4.84
N LEU F 310 14.52 -28.70 -6.10
CA LEU F 310 13.16 -29.01 -6.47
C LEU F 310 12.88 -30.50 -6.39
N HIS F 311 11.60 -30.83 -6.24
CA HIS F 311 11.18 -32.22 -6.33
C HIS F 311 11.46 -32.79 -7.70
N SER F 312 11.46 -31.94 -8.74
CA SER F 312 11.79 -32.38 -10.08
C SER F 312 13.28 -32.60 -10.27
N GLY F 313 14.12 -32.04 -9.40
CA GLY F 313 15.55 -32.15 -9.57
C GLY F 313 16.12 -31.32 -10.70
N SER F 314 15.42 -30.25 -11.09
CA SER F 314 15.86 -29.45 -12.22
C SER F 314 17.22 -28.80 -11.95
N ASP F 315 17.33 -28.10 -10.82
CA ASP F 315 18.57 -27.43 -10.47
C ASP F 315 18.53 -27.07 -8.99
N MET F 316 19.68 -26.66 -8.46
CA MET F 316 19.79 -26.24 -7.08
C MET F 316 20.50 -24.90 -7.01
N VAL F 317 20.13 -24.11 -6.00
CA VAL F 317 20.67 -22.78 -5.80
C VAL F 317 21.33 -22.73 -4.43
N GLN F 318 22.58 -22.29 -4.37
CA GLN F 318 23.31 -22.15 -3.11
C GLN F 318 23.19 -20.71 -2.66
N ALA F 319 22.35 -20.48 -1.66
CA ALA F 319 22.18 -19.16 -1.07
C ALA F 319 22.88 -19.12 0.27
N GLU F 320 23.73 -18.13 0.47
CA GLU F 320 24.54 -18.01 1.68
C GLU F 320 24.35 -16.63 2.29
N ARG F 321 24.09 -16.59 3.59
CA ARG F 321 24.12 -15.37 4.37
C ARG F 321 25.22 -15.50 5.41
N SER F 322 26.09 -14.51 5.48
CA SER F 322 27.21 -14.52 6.43
C SER F 322 27.25 -13.20 7.17
N GLY F 323 27.84 -13.23 8.36
CA GLY F 323 27.96 -12.06 9.18
C GLY F 323 27.00 -11.96 10.34
N ILE F 324 26.31 -13.03 10.69
CA ILE F 324 25.47 -13.04 11.87
C ILE F 324 26.37 -13.07 13.10
N PRO F 325 26.33 -12.06 13.96
CA PRO F 325 27.29 -11.99 15.06
C PRO F 325 26.84 -12.81 16.26
N ILE F 326 27.80 -13.07 17.14
CA ILE F 326 27.54 -13.71 18.42
C ILE F 326 27.97 -12.70 19.48
N VAL F 327 27.02 -11.90 19.96
CA VAL F 327 27.30 -10.84 20.92
C VAL F 327 26.39 -11.05 22.12
N THR F 328 26.96 -10.95 23.33
CA THR F 328 26.19 -11.08 24.55
C THR F 328 25.21 -9.94 24.74
N SER F 329 25.36 -8.83 24.03
CA SER F 329 24.48 -7.68 24.16
C SER F 329 23.69 -7.49 22.88
N PRO F 330 22.36 -7.54 22.93
CA PRO F 330 21.55 -7.41 21.72
C PRO F 330 21.54 -6.01 21.11
N TYR F 331 22.30 -5.06 21.65
CA TYR F 331 22.33 -3.71 21.10
C TYR F 331 23.76 -3.17 21.18
N GLN F 332 24.02 -2.18 20.33
CA GLN F 332 25.31 -1.50 20.29
C GLN F 332 25.07 0.00 20.42
N ILE F 333 26.06 0.71 20.94
CA ILE F 333 25.98 2.14 21.13
C ILE F 333 27.20 2.80 20.52
N HIS F 334 26.98 3.81 19.68
CA HIS F 334 28.04 4.55 19.02
C HIS F 334 27.94 6.02 19.38
N PHE F 335 29.09 6.69 19.42
CA PHE F 335 29.16 8.10 19.70
C PHE F 335 29.84 8.85 18.56
N THR F 336 29.57 8.43 17.32
CA THR F 336 30.18 9.11 16.18
C THR F 336 29.51 10.44 15.88
N LYS F 337 28.22 10.58 16.16
CA LYS F 337 27.51 11.82 15.88
C LYS F 337 27.47 12.79 17.06
N THR F 338 27.89 12.35 18.23
CA THR F 338 27.83 13.20 19.42
C THR F 338 29.00 14.18 19.42
N PRO F 339 28.75 15.47 19.65
CA PRO F 339 29.85 16.43 19.72
C PRO F 339 30.82 16.07 20.83
N LYS F 340 32.10 16.31 20.58
CA LYS F 340 33.14 15.98 21.54
C LYS F 340 33.49 17.14 22.46
N TYR F 341 32.88 18.30 22.26
CA TYR F 341 33.13 19.46 23.11
C TYR F 341 31.80 20.08 23.50
N PHE F 342 31.68 20.41 24.78
CA PHE F 342 30.44 20.95 25.33
C PHE F 342 30.68 22.32 25.92
N LYS F 343 29.67 23.17 25.82
CA LYS F 343 29.75 24.48 26.46
C LYS F 343 29.29 24.36 27.90
N PRO F 344 30.14 24.65 28.88
CA PRO F 344 29.70 24.58 30.28
C PRO F 344 28.54 25.51 30.56
N GLY F 345 27.59 25.03 31.37
CA GLY F 345 26.45 25.83 31.75
C GLY F 345 25.33 25.93 30.74
N MET F 346 25.38 25.14 29.67
CA MET F 346 24.31 25.08 28.69
C MET F 346 24.10 23.64 28.28
N PRO F 347 22.90 23.31 27.75
CA PRO F 347 22.59 21.91 27.45
C PRO F 347 23.50 21.31 26.40
N PHE F 348 24.32 20.34 26.81
CA PHE F 348 25.15 19.60 25.89
C PHE F 348 24.33 18.44 25.33
N ASP F 349 24.12 18.46 24.01
CA ASP F 349 23.27 17.48 23.36
C ASP F 349 24.06 16.21 23.07
N LEU F 350 23.41 15.06 23.24
CA LEU F 350 24.03 13.76 23.00
C LEU F 350 23.33 13.08 21.85
N MET F 351 24.08 12.76 20.79
CA MET F 351 23.56 12.02 19.65
C MET F 351 23.94 10.55 19.80
N VAL F 352 23.17 9.83 20.61
CA VAL F 352 23.39 8.40 20.77
C VAL F 352 22.96 7.70 19.49
N PHE F 353 23.83 6.83 18.98
CA PHE F 353 23.61 6.12 17.71
C PHE F 353 23.57 4.63 18.01
N VAL F 354 22.39 4.13 18.37
CA VAL F 354 22.21 2.72 18.72
C VAL F 354 21.89 1.93 17.46
N THR F 355 22.58 0.81 17.27
CA THR F 355 22.44 0.01 16.07
C THR F 355 22.35 -1.46 16.44
N ASN F 356 21.79 -2.25 15.54
CA ASN F 356 21.75 -3.69 15.70
C ASN F 356 23.16 -4.26 15.61
N PRO F 357 23.39 -5.46 16.15
CA PRO F 357 24.75 -6.01 16.15
C PRO F 357 25.35 -6.15 14.76
N ASP F 358 24.54 -6.44 13.75
CA ASP F 358 25.08 -6.58 12.40
C ASP F 358 25.53 -5.24 11.83
N GLY F 359 24.86 -4.16 12.17
CA GLY F 359 25.24 -2.85 11.68
C GLY F 359 24.06 -1.96 11.35
N SER F 360 22.88 -2.56 11.16
CA SER F 360 21.69 -1.80 10.83
C SER F 360 21.29 -0.93 12.02
N PRO F 361 20.76 0.27 11.78
CA PRO F 361 20.35 1.14 12.89
C PRO F 361 19.13 0.60 13.61
N ALA F 362 19.24 0.43 14.92
CA ALA F 362 18.12 -0.03 15.72
C ALA F 362 17.05 1.04 15.83
N TYR F 363 15.83 0.61 16.11
CA TYR F 363 14.68 1.50 16.17
C TYR F 363 13.88 1.23 17.43
N ARG F 364 13.46 2.30 18.10
CA ARG F 364 12.56 2.25 19.25
C ARG F 364 13.16 1.39 20.38
N VAL F 365 14.27 1.89 20.91
CA VAL F 365 14.87 1.32 22.12
C VAL F 365 15.11 2.46 23.11
N PRO F 366 14.76 2.29 24.38
CA PRO F 366 14.89 3.39 25.34
C PRO F 366 16.32 3.54 25.84
N VAL F 367 16.98 4.61 25.43
CA VAL F 367 18.32 4.92 25.93
C VAL F 367 18.18 5.83 27.13
N ALA F 368 19.20 5.83 27.98
CA ALA F 368 19.16 6.66 29.18
C ALA F 368 20.58 6.89 29.67
N VAL F 369 20.73 7.92 30.50
CA VAL F 369 21.97 8.20 31.19
C VAL F 369 21.98 7.44 32.50
N GLN F 370 23.16 6.98 32.91
CA GLN F 370 23.26 6.20 34.15
C GLN F 370 22.81 7.02 35.35
N GLY F 371 23.32 8.25 35.47
CA GLY F 371 22.87 9.14 36.52
C GLY F 371 21.51 9.75 36.19
N GLU F 372 20.80 10.15 37.24
CA GLU F 372 19.45 10.72 37.15
C GLU F 372 18.60 10.00 36.11
N ASP F 373 18.33 8.71 36.36
CA ASP F 373 17.68 7.83 35.38
C ASP F 373 16.34 8.37 34.88
N THR F 374 15.80 9.43 35.48
CA THR F 374 14.53 9.99 35.03
C THR F 374 14.60 10.47 33.58
N VAL F 375 15.80 10.87 33.13
CA VAL F 375 15.97 11.30 31.74
C VAL F 375 16.06 10.07 30.85
N GLN F 376 15.26 10.07 29.78
CA GLN F 376 15.27 8.97 28.83
C GLN F 376 14.56 9.42 27.57
N SER F 377 14.77 8.66 26.49
CA SER F 377 14.16 8.98 25.22
C SER F 377 14.13 7.72 24.35
N LEU F 378 13.33 7.77 23.30
CA LEU F 378 13.21 6.68 22.35
C LEU F 378 13.79 7.11 21.01
N THR F 379 14.47 6.19 20.35
CA THR F 379 15.10 6.49 19.08
C THR F 379 14.05 6.75 18.00
N GLN F 380 14.39 7.63 17.07
CA GLN F 380 13.53 7.91 15.93
C GLN F 380 13.72 6.82 14.89
N GLY F 381 13.17 7.03 13.70
CA GLY F 381 13.33 6.03 12.64
C GLY F 381 14.70 6.00 12.03
N ASP F 382 15.55 6.98 12.31
CA ASP F 382 16.89 7.05 11.73
C ASP F 382 17.94 6.36 12.59
N GLY F 383 17.56 5.78 13.71
CA GLY F 383 18.51 5.12 14.58
C GLY F 383 19.23 6.03 15.55
N VAL F 384 18.82 7.29 15.65
CA VAL F 384 19.42 8.24 16.58
C VAL F 384 18.35 8.67 17.57
N ALA F 385 18.74 8.80 18.84
CA ALA F 385 17.83 9.22 19.89
C ALA F 385 18.33 10.53 20.48
N LYS F 386 17.40 11.45 20.73
CA LYS F 386 17.75 12.71 21.35
C LYS F 386 18.07 12.51 22.83
N LEU F 387 18.87 13.43 23.37
CA LEU F 387 19.19 13.43 24.79
C LEU F 387 19.45 14.87 25.21
N SER F 388 19.42 15.10 26.51
CA SER F 388 19.64 16.44 27.04
C SER F 388 20.16 16.33 28.46
N ILE F 389 21.27 17.02 28.74
CA ILE F 389 21.83 17.06 30.07
C ILE F 389 21.96 18.52 30.49
N ASN F 390 22.12 18.73 31.79
CA ASN F 390 22.26 20.06 32.36
C ASN F 390 23.69 20.19 32.89
N THR F 391 24.57 20.71 32.05
CA THR F 391 25.97 20.82 32.41
C THR F 391 26.17 21.89 33.49
N HIS F 392 27.06 21.60 34.43
CA HIS F 392 27.35 22.57 35.48
C HIS F 392 28.42 23.56 35.00
N PRO F 393 28.36 24.81 35.47
CA PRO F 393 29.37 25.79 35.06
C PRO F 393 30.71 25.56 35.71
N SER F 394 31.38 24.46 35.36
CA SER F 394 32.70 24.14 35.87
C SER F 394 33.61 23.73 34.73
N GLN F 395 34.90 24.01 34.89
CA GLN F 395 35.89 23.74 33.85
C GLN F 395 36.44 22.32 33.91
N LYS F 396 35.98 21.51 34.85
CA LYS F 396 36.47 20.14 34.95
C LYS F 396 35.92 19.30 33.78
N PRO F 397 36.64 18.25 33.39
CA PRO F 397 36.12 17.37 32.34
C PRO F 397 34.82 16.72 32.75
N LEU F 398 33.95 16.51 31.77
CA LEU F 398 32.62 15.97 31.98
C LEU F 398 32.51 14.60 31.32
N SER F 399 32.01 13.63 32.07
CA SER F 399 31.93 12.24 31.61
C SER F 399 30.48 11.80 31.52
N ILE F 400 30.12 11.19 30.40
CA ILE F 400 28.78 10.65 30.18
C ILE F 400 28.90 9.18 29.81
N THR F 401 28.10 8.35 30.47
CA THR F 401 27.94 6.95 30.09
C THR F 401 26.48 6.68 29.78
N VAL F 402 26.24 5.94 28.70
CA VAL F 402 24.88 5.67 28.23
C VAL F 402 24.62 4.19 28.41
N ARG F 403 23.49 3.86 29.03
CA ARG F 403 23.10 2.48 29.28
C ARG F 403 21.63 2.32 28.91
N THR F 404 21.35 1.54 27.88
CA THR F 404 19.97 1.29 27.51
C THR F 404 19.25 0.56 28.62
N LYS F 405 17.96 0.87 28.80
CA LYS F 405 17.16 0.30 29.88
C LYS F 405 15.91 -0.37 29.34
N LYS F 406 16.02 -1.03 28.18
CA LYS F 406 14.90 -1.79 27.66
C LYS F 406 14.50 -2.88 28.64
N GLN F 407 13.19 -3.06 28.81
CA GLN F 407 12.66 -3.97 29.81
C GLN F 407 12.85 -5.41 29.35
N GLU F 408 12.33 -6.35 30.15
CA GLU F 408 12.36 -7.80 29.90
C GLU F 408 13.75 -8.30 29.52
N LEU F 409 14.79 -7.57 29.94
CA LEU F 409 16.16 -8.03 29.81
C LEU F 409 16.90 -7.74 31.11
N SER F 410 17.97 -8.51 31.34
CA SER F 410 18.72 -8.43 32.58
C SER F 410 19.62 -7.19 32.55
N GLU F 411 20.43 -7.02 33.61
CA GLU F 411 21.37 -5.91 33.69
C GLU F 411 22.63 -6.13 32.88
N ALA F 412 22.91 -7.37 32.46
CA ALA F 412 24.11 -7.65 31.69
C ALA F 412 23.88 -7.58 30.18
N GLU F 413 22.64 -7.78 29.73
CA GLU F 413 22.37 -7.74 28.30
C GLU F 413 22.43 -6.31 27.76
N GLN F 414 22.02 -5.34 28.57
CA GLN F 414 21.98 -3.95 28.13
C GLN F 414 23.38 -3.47 27.78
N ALA F 415 23.51 -2.82 26.63
CA ALA F 415 24.80 -2.31 26.18
C ALA F 415 25.19 -1.07 26.97
N THR F 416 26.50 -0.91 27.17
CA THR F 416 27.04 0.24 27.89
C THR F 416 28.16 0.86 27.08
N ARG F 417 28.38 2.15 27.28
CA ARG F 417 29.44 2.88 26.61
C ARG F 417 29.75 4.13 27.41
N THR F 418 31.04 4.45 27.53
CA THR F 418 31.50 5.61 28.27
C THR F 418 32.18 6.59 27.33
N MET F 419 32.13 7.87 27.69
CA MET F 419 32.69 8.92 26.85
C MET F 419 33.06 10.10 27.74
N GLN F 420 34.21 10.70 27.45
CA GLN F 420 34.71 11.85 28.21
C GLN F 420 34.80 13.04 27.26
N ALA F 421 34.05 14.10 27.57
CA ALA F 421 33.98 15.28 26.74
C ALA F 421 34.80 16.42 27.33
N LEU F 422 35.38 17.23 26.47
CA LEU F 422 36.19 18.34 26.94
C LEU F 422 35.41 19.65 26.89
N PRO F 423 35.66 20.56 27.82
CA PRO F 423 34.96 21.84 27.81
C PRO F 423 35.53 22.80 26.77
N TYR F 424 34.63 23.63 26.23
CA TYR F 424 35.03 24.67 25.30
C TYR F 424 35.98 25.65 25.99
N SER F 425 37.04 26.04 25.30
CA SER F 425 38.02 26.96 25.83
C SER F 425 37.99 28.26 25.04
N THR F 426 37.79 29.37 25.74
CA THR F 426 37.75 30.69 25.11
C THR F 426 39.14 31.31 25.14
N VAL F 427 39.23 32.59 24.79
CA VAL F 427 40.48 33.32 24.78
C VAL F 427 40.42 34.37 25.88
N GLY F 428 41.40 34.35 26.77
CA GLY F 428 41.44 35.25 27.90
C GLY F 428 40.61 34.83 29.08
N ASN F 429 39.96 33.66 29.03
CA ASN F 429 39.13 33.15 30.11
C ASN F 429 38.04 34.15 30.49
N SER F 430 37.42 34.76 29.49
CA SER F 430 36.37 35.75 29.70
C SER F 430 34.97 35.16 29.71
N ASN F 431 34.85 33.84 29.53
CA ASN F 431 33.56 33.13 29.54
C ASN F 431 32.63 33.61 28.45
N ASN F 432 33.17 34.13 27.34
CA ASN F 432 32.35 34.58 26.22
C ASN F 432 32.02 33.37 25.36
N TYR F 433 30.90 32.72 25.67
CA TYR F 433 30.51 31.50 25.01
C TYR F 433 29.48 31.77 23.92
N LEU F 434 29.18 30.74 23.14
CA LEU F 434 28.02 30.77 22.26
C LEU F 434 27.53 29.35 22.07
N HIS F 435 26.22 29.16 22.16
CA HIS F 435 25.59 27.87 21.94
C HIS F 435 24.59 28.01 20.81
N LEU F 436 24.34 26.90 20.12
CA LEU F 436 23.45 26.93 18.97
C LEU F 436 22.74 25.58 18.91
N SER F 437 21.52 25.54 19.47
CA SER F 437 20.72 24.32 19.53
C SER F 437 19.82 24.22 18.31
N VAL F 438 19.71 23.02 17.76
CA VAL F 438 18.98 22.78 16.52
C VAL F 438 18.00 21.62 16.72
N LEU F 439 16.82 21.75 16.10
CA LEU F 439 15.90 20.63 16.00
C LEU F 439 16.57 19.46 15.27
N ARG F 440 16.43 18.25 15.83
CA ARG F 440 17.09 17.05 15.29
C ARG F 440 16.04 15.98 15.07
N THR F 441 15.55 15.86 13.85
CA THR F 441 14.64 14.79 13.48
C THR F 441 14.81 14.51 12.00
N GLU F 442 13.95 13.66 11.45
CA GLU F 442 14.00 13.32 10.03
C GLU F 442 13.51 14.53 9.24
N LEU F 443 14.43 15.46 9.01
CA LEU F 443 14.12 16.68 8.27
C LEU F 443 13.90 16.36 6.80
N ARG F 444 13.05 17.14 6.16
CA ARG F 444 12.76 17.03 4.74
C ARG F 444 12.98 18.38 4.07
N PRO F 445 13.30 18.38 2.78
CA PRO F 445 13.40 19.67 2.06
C PRO F 445 12.07 20.39 2.07
N GLY F 446 12.13 21.71 2.17
CA GLY F 446 10.92 22.52 2.25
C GLY F 446 10.47 22.86 3.66
N GLU F 447 10.51 21.88 4.55
CA GLU F 447 10.08 22.12 5.92
C GLU F 447 10.99 23.13 6.60
N THR F 448 10.39 24.07 7.32
CA THR F 448 11.14 25.11 7.99
C THR F 448 11.90 24.54 9.19
N LEU F 449 12.87 25.32 9.65
CA LEU F 449 13.70 24.93 10.78
C LEU F 449 13.94 26.14 11.66
N ASN F 450 14.17 25.90 12.95
CA ASN F 450 14.44 26.97 13.89
C ASN F 450 15.74 26.69 14.63
N VAL F 451 16.62 27.68 14.67
CA VAL F 451 17.87 27.61 15.41
C VAL F 451 17.83 28.65 16.52
N ASN F 452 18.32 28.28 17.70
CA ASN F 452 18.35 29.16 18.85
C ASN F 452 19.79 29.62 19.08
N PHE F 453 19.99 30.93 19.11
CA PHE F 453 21.30 31.52 19.35
C PHE F 453 21.38 31.91 20.82
N LEU F 454 22.15 31.14 21.60
CA LEU F 454 22.26 31.39 23.04
C LEU F 454 23.58 32.10 23.33
N LEU F 455 23.52 33.41 23.40
CA LEU F 455 24.66 34.20 23.81
C LEU F 455 24.89 34.05 25.31
N ARG F 456 26.14 34.26 25.74
CA ARG F 456 26.47 34.20 27.16
C ARG F 456 27.58 35.21 27.44
N MET F 457 27.19 36.41 27.85
CA MET F 457 28.14 37.42 28.28
C MET F 457 27.49 38.31 29.33
N ASP F 458 28.33 38.96 30.13
CA ASP F 458 27.86 39.90 31.13
C ASP F 458 27.24 41.13 30.47
N ARG F 459 26.36 41.79 31.22
CA ARG F 459 25.65 42.94 30.68
C ARG F 459 26.55 44.15 30.45
N ALA F 460 27.78 44.14 30.98
CA ALA F 460 28.70 45.25 30.73
C ALA F 460 29.09 45.32 29.26
N HIS F 461 29.39 44.17 28.66
CA HIS F 461 29.79 44.12 27.25
C HIS F 461 28.71 43.56 26.35
N GLU F 462 27.49 43.35 26.86
CA GLU F 462 26.45 42.74 26.06
C GLU F 462 25.96 43.66 24.95
N ALA F 463 25.93 44.97 25.21
CA ALA F 463 25.37 45.91 24.25
C ALA F 463 26.23 46.10 23.01
N LYS F 464 27.50 45.68 23.04
CA LYS F 464 28.37 45.91 21.88
C LYS F 464 27.94 45.06 20.69
N ILE F 465 27.57 43.80 20.93
CA ILE F 465 27.14 42.93 19.84
C ILE F 465 25.80 43.39 19.32
N ARG F 466 25.68 43.49 18.00
CA ARG F 466 24.45 43.94 17.37
C ARG F 466 24.03 43.04 16.20
N TYR F 467 24.74 41.95 15.95
CA TYR F 467 24.42 41.10 14.81
C TYR F 467 25.07 39.73 15.01
N TYR F 468 24.68 38.80 14.14
CA TYR F 468 25.27 37.48 14.07
C TYR F 468 25.61 37.18 12.61
N THR F 469 26.59 36.31 12.41
CA THR F 469 26.97 35.87 11.07
C THR F 469 26.93 34.35 11.04
N TYR F 470 26.13 33.80 10.13
CA TYR F 470 25.97 32.36 10.02
C TYR F 470 26.25 31.92 8.60
N LEU F 471 26.92 30.78 8.47
CA LEU F 471 27.32 30.20 7.19
C LEU F 471 26.74 28.81 7.06
N ILE F 472 26.42 28.41 5.84
CA ILE F 472 25.85 27.10 5.56
C ILE F 472 26.78 26.38 4.59
N MET F 473 27.10 25.13 4.89
CA MET F 473 28.04 24.34 4.09
C MET F 473 27.39 23.03 3.69
N ASN F 474 27.10 22.86 2.40
CA ASN F 474 26.64 21.60 1.86
C ASN F 474 27.66 21.11 0.83
N LYS F 475 28.12 19.88 1.01
CA LYS F 475 29.11 19.28 0.12
C LYS F 475 30.38 20.12 0.04
N GLY F 476 30.77 20.71 1.16
CA GLY F 476 32.01 21.46 1.23
C GLY F 476 32.06 22.73 0.40
N ARG F 477 31.00 23.52 0.42
CA ARG F 477 31.01 24.82 -0.25
C ARG F 477 30.07 25.75 0.48
N LEU F 478 30.30 27.05 0.33
CA LEU F 478 29.50 28.07 1.01
C LEU F 478 28.15 28.15 0.33
N LEU F 479 27.14 27.49 0.90
CA LEU F 479 25.83 27.46 0.25
C LEU F 479 25.09 28.78 0.39
N LYS F 480 25.19 29.41 1.56
CA LYS F 480 24.48 30.66 1.81
C LYS F 480 25.10 31.36 2.99
N ALA F 481 25.40 32.64 2.84
CA ALA F 481 25.95 33.46 3.90
C ALA F 481 25.04 34.65 4.14
N GLY F 482 24.69 34.90 5.40
CA GLY F 482 23.80 35.99 5.73
C GLY F 482 24.05 36.47 7.15
N ARG F 483 23.45 37.60 7.47
CA ARG F 483 23.60 38.23 8.78
C ARG F 483 22.24 38.27 9.47
N GLN F 484 22.19 37.75 10.68
CA GLN F 484 20.99 37.79 11.50
C GLN F 484 21.14 38.89 12.54
N VAL F 485 20.26 39.88 12.48
CA VAL F 485 20.34 41.03 13.38
C VAL F 485 19.83 40.63 14.75
N ARG F 486 20.31 41.33 15.78
CA ARG F 486 19.87 41.09 17.14
C ARG F 486 19.91 42.41 17.90
N GLU F 487 18.75 42.89 18.33
CA GLU F 487 18.71 44.13 19.10
C GLU F 487 19.25 43.91 20.51
N PRO F 488 19.87 44.92 21.09
CA PRO F 488 20.42 44.77 22.44
C PRO F 488 19.33 44.52 23.47
N GLY F 489 19.67 43.74 24.49
CA GLY F 489 18.77 43.39 25.55
C GLY F 489 18.16 42.00 25.45
N GLN F 490 18.21 41.39 24.26
CA GLN F 490 17.68 40.05 24.09
C GLN F 490 18.75 39.03 24.42
N ASP F 491 18.41 38.06 25.27
CA ASP F 491 19.34 36.99 25.60
C ASP F 491 19.38 35.90 24.53
N LEU F 492 18.45 35.90 23.59
CA LEU F 492 18.48 34.94 22.49
C LEU F 492 17.68 35.49 21.33
N VAL F 493 17.95 34.94 20.15
CA VAL F 493 17.20 35.25 18.93
C VAL F 493 16.93 33.94 18.20
N VAL F 494 15.97 34.00 17.28
CA VAL F 494 15.59 32.86 16.47
C VAL F 494 15.75 33.24 15.00
N LEU F 495 16.34 32.33 14.22
CA LEU F 495 16.59 32.55 12.79
C LEU F 495 15.84 31.50 11.99
N PRO F 496 14.72 31.85 11.35
CA PRO F 496 14.04 30.89 10.48
C PRO F 496 14.94 30.47 9.33
N LEU F 497 14.82 29.21 8.93
CA LEU F 497 15.67 28.65 7.88
C LEU F 497 14.80 27.94 6.85
N SER F 498 15.17 28.11 5.59
CA SER F 498 14.47 27.48 4.48
C SER F 498 15.34 26.34 3.97
N ILE F 499 14.90 25.11 4.21
CA ILE F 499 15.62 23.92 3.78
C ILE F 499 15.07 23.53 2.41
N THR F 500 15.76 23.96 1.36
CA THR F 500 15.36 23.62 0.00
C THR F 500 15.84 22.22 -0.34
N THR F 501 15.79 21.85 -1.61
CA THR F 501 16.29 20.56 -2.05
C THR F 501 17.80 20.57 -2.27
N ASP F 502 18.45 21.72 -2.14
CA ASP F 502 19.88 21.83 -2.33
C ASP F 502 20.68 21.66 -1.05
N PHE F 503 20.02 21.45 0.08
CA PHE F 503 20.70 21.22 1.35
C PHE F 503 21.00 19.75 1.60
N ILE F 504 20.56 18.86 0.72
CA ILE F 504 20.83 17.43 0.89
C ILE F 504 22.32 17.18 0.79
N PRO F 505 22.93 16.32 1.63
CA PRO F 505 22.32 15.54 2.71
C PRO F 505 22.61 16.07 4.11
N SER F 506 23.48 17.07 4.22
CA SER F 506 23.84 17.61 5.52
C SER F 506 24.38 19.01 5.35
N PHE F 507 24.37 19.77 6.44
CA PHE F 507 24.97 21.10 6.44
C PHE F 507 25.44 21.43 7.84
N ARG F 508 26.35 22.40 7.92
CA ARG F 508 26.95 22.81 9.18
C ARG F 508 26.80 24.31 9.34
N LEU F 509 25.87 24.75 10.18
CA LEU F 509 25.80 26.15 10.54
C LEU F 509 27.06 26.55 11.30
N VAL F 510 27.60 27.72 10.96
CA VAL F 510 28.75 28.25 11.68
C VAL F 510 28.47 29.70 12.04
N ALA F 511 28.18 29.96 13.31
CA ALA F 511 27.81 31.28 13.78
C ALA F 511 28.93 31.88 14.62
N TYR F 512 29.24 33.14 14.37
CA TYR F 512 30.22 33.82 15.20
C TYR F 512 29.87 35.30 15.26
N TYR F 513 30.36 35.95 16.31
CA TYR F 513 30.28 37.40 16.42
C TYR F 513 31.65 37.96 16.75
N THR F 514 31.75 39.26 17.01
CA THR F 514 33.03 39.83 17.37
C THR F 514 32.81 41.12 18.14
N LEU F 515 33.76 41.43 19.02
CA LEU F 515 33.71 42.67 19.78
C LEU F 515 35.08 42.91 20.40
N ILE F 516 35.28 44.13 20.88
CA ILE F 516 36.47 44.45 21.65
C ILE F 516 36.33 43.84 23.04
N GLY F 517 37.39 43.22 23.53
CA GLY F 517 37.33 42.55 24.81
C GLY F 517 38.62 42.77 25.60
N ALA F 518 38.59 42.29 26.85
CA ALA F 518 39.72 42.40 27.78
C ALA F 518 40.03 43.89 27.93
N SER F 519 41.26 44.33 27.68
CA SER F 519 41.65 45.73 27.80
C SER F 519 42.18 46.26 26.48
N GLY F 520 41.54 45.89 25.37
CA GLY F 520 41.94 46.37 24.07
C GLY F 520 42.41 45.27 23.13
N GLN F 521 41.92 44.06 23.34
CA GLN F 521 42.26 42.91 22.51
C GLN F 521 41.01 42.42 21.78
N ARG F 522 41.10 42.30 20.47
CA ARG F 522 39.97 41.85 19.67
C ARG F 522 39.67 40.38 19.98
N GLU F 523 38.38 40.07 20.06
CA GLU F 523 37.93 38.74 20.42
C GLU F 523 36.92 38.23 19.40
N VAL F 524 36.98 36.93 19.13
CA VAL F 524 36.01 36.26 18.26
C VAL F 524 35.61 34.94 18.90
N VAL F 525 34.32 34.65 18.91
CA VAL F 525 33.79 33.40 19.43
C VAL F 525 32.89 32.80 18.37
N ALA F 526 33.10 31.52 18.08
CA ALA F 526 32.39 30.85 17.00
C ALA F 526 31.76 29.58 17.53
N ASP F 527 30.98 28.93 16.68
CA ASP F 527 30.28 27.70 17.03
C ASP F 527 29.87 27.00 15.75
N SER F 528 29.54 25.71 15.88
CA SER F 528 29.10 24.93 14.74
C SER F 528 28.15 23.84 15.21
N VAL F 529 27.37 23.31 14.28
CA VAL F 529 26.40 22.27 14.57
C VAL F 529 26.29 21.37 13.36
N TRP F 530 25.96 20.11 13.58
CA TRP F 530 25.81 19.11 12.53
C TRP F 530 24.35 18.73 12.41
N VAL F 531 23.81 18.80 11.20
CA VAL F 531 22.40 18.55 10.95
C VAL F 531 22.27 17.54 9.83
N ASP F 532 21.38 16.56 10.01
CA ASP F 532 21.11 15.57 8.98
C ASP F 532 19.82 15.90 8.24
N VAL F 533 19.80 15.57 6.95
CA VAL F 533 18.62 15.73 6.12
C VAL F 533 18.32 14.38 5.47
N LYS F 534 17.03 14.06 5.34
CA LYS F 534 16.62 12.80 4.75
C LYS F 534 17.19 12.65 3.35
N ASP F 535 17.79 11.48 3.08
CA ASP F 535 18.51 11.24 1.84
C ASP F 535 17.51 10.88 0.74
N SER F 536 17.41 11.72 -0.28
CA SER F 536 16.51 11.46 -1.40
C SER F 536 17.02 12.20 -2.62
N CYS F 537 16.41 11.92 -3.76
CA CYS F 537 16.81 12.58 -5.00
C CYS F 537 16.60 14.08 -4.93
N VAL F 538 17.50 14.82 -5.54
CA VAL F 538 17.33 16.27 -5.64
C VAL F 538 16.11 16.60 -6.48
N GLY F 539 15.84 15.80 -7.50
CA GLY F 539 14.63 15.89 -8.28
C GLY F 539 13.61 14.86 -7.85
N SER F 540 12.96 14.23 -8.82
CA SER F 540 12.00 13.17 -8.53
C SER F 540 11.84 12.33 -9.78
N LEU F 541 12.30 11.08 -9.73
CA LEU F 541 12.18 10.13 -10.84
C LEU F 541 11.38 8.94 -10.35
N VAL F 542 10.22 8.70 -10.98
CA VAL F 542 9.33 7.62 -10.61
C VAL F 542 8.94 6.86 -11.87
N VAL F 543 8.97 5.53 -11.79
CA VAL F 543 8.58 4.66 -12.89
C VAL F 543 7.38 3.84 -12.44
N LYS F 544 6.32 3.84 -13.25
CA LYS F 544 5.12 3.08 -12.94
C LYS F 544 4.45 2.67 -14.24
N SER F 545 3.63 1.62 -14.16
CA SER F 545 3.02 1.05 -15.34
C SER F 545 1.89 1.93 -15.86
N GLY F 546 1.82 2.07 -17.18
CA GLY F 546 0.74 2.85 -17.78
C GLY F 546 -0.61 2.20 -17.63
N GLN F 547 -0.68 0.88 -17.80
CA GLN F 547 -1.95 0.17 -17.67
C GLN F 547 -2.43 0.23 -16.23
N SER F 548 -3.72 0.55 -16.06
CA SER F 548 -4.25 0.78 -14.72
C SER F 548 -4.20 -0.48 -13.86
N GLU F 549 -5.02 -1.48 -14.18
CA GLU F 549 -4.94 -2.78 -13.51
C GLU F 549 -4.70 -3.92 -14.49
N ASP F 550 -5.57 -4.09 -15.48
CA ASP F 550 -5.49 -5.13 -16.50
C ASP F 550 -5.14 -6.48 -15.86
N ARG F 551 -4.41 -7.31 -16.60
CA ARG F 551 -3.96 -8.61 -16.14
C ARG F 551 -2.43 -8.65 -16.19
N GLN F 552 -1.85 -9.64 -15.51
CA GLN F 552 -0.40 -9.79 -15.54
C GLN F 552 0.07 -9.94 -16.97
N PRO F 553 1.07 -9.16 -17.40
CA PRO F 553 1.44 -9.15 -18.82
C PRO F 553 1.89 -10.51 -19.31
N VAL F 554 1.49 -10.84 -20.54
CA VAL F 554 1.84 -12.09 -21.19
C VAL F 554 3.13 -11.85 -21.98
N PRO F 555 4.03 -12.83 -22.09
CA PRO F 555 5.22 -12.63 -22.93
C PRO F 555 4.83 -12.28 -24.35
N GLY F 556 5.54 -11.30 -24.91
CA GLY F 556 5.25 -10.81 -26.24
C GLY F 556 4.20 -9.73 -26.30
N GLN F 557 3.59 -9.36 -25.18
CA GLN F 557 2.54 -8.35 -25.14
C GLN F 557 3.15 -7.00 -24.79
N GLN F 558 2.58 -5.94 -25.37
CA GLN F 558 3.10 -4.61 -25.13
C GLN F 558 2.65 -4.09 -23.76
N MET F 559 3.36 -3.08 -23.28
CA MET F 559 2.97 -2.34 -22.09
C MET F 559 3.62 -0.98 -22.16
N THR F 560 3.05 -0.04 -21.41
CA THR F 560 3.49 1.35 -21.43
C THR F 560 4.05 1.73 -20.07
N LEU F 561 5.22 2.36 -20.06
CA LEU F 561 5.86 2.82 -18.83
C LEU F 561 5.71 4.33 -18.73
N LYS F 562 5.28 4.81 -17.57
CA LYS F 562 5.10 6.22 -17.30
C LYS F 562 6.24 6.68 -16.40
N ILE F 563 7.16 7.46 -16.94
CA ILE F 563 8.29 7.99 -16.19
C ILE F 563 8.03 9.46 -15.92
N GLU F 564 8.06 9.84 -14.65
CA GLU F 564 7.84 11.22 -14.23
C GLU F 564 9.16 11.78 -13.71
N GLY F 565 9.59 12.90 -14.31
CA GLY F 565 10.82 13.54 -13.89
C GLY F 565 10.78 15.01 -14.23
N ASP F 566 11.77 15.74 -13.73
CA ASP F 566 11.85 17.16 -13.99
C ASP F 566 12.13 17.45 -15.46
N HIS F 567 11.57 18.55 -15.95
CA HIS F 567 11.66 18.87 -17.37
C HIS F 567 13.09 19.17 -17.79
N GLY F 568 13.43 18.80 -19.02
CA GLY F 568 14.73 19.10 -19.59
C GLY F 568 15.82 18.12 -19.24
N ALA F 569 15.52 17.06 -18.51
CA ALA F 569 16.52 16.09 -18.09
C ALA F 569 16.51 14.87 -18.99
N ARG F 570 17.68 14.27 -19.16
CA ARG F 570 17.85 13.08 -19.98
C ARG F 570 17.81 11.85 -19.09
N VAL F 571 17.01 10.87 -19.48
CA VAL F 571 16.75 9.68 -18.67
C VAL F 571 17.31 8.46 -19.39
N VAL F 572 18.08 7.65 -18.67
CA VAL F 572 18.58 6.38 -19.18
C VAL F 572 17.82 5.26 -18.48
N LEU F 573 17.73 4.11 -19.16
CA LEU F 573 16.96 2.99 -18.63
C LEU F 573 17.74 1.70 -18.87
N VAL F 574 17.42 0.70 -18.05
CA VAL F 574 17.99 -0.63 -18.21
C VAL F 574 17.11 -1.60 -17.43
N ALA F 575 16.89 -2.79 -18.01
CA ALA F 575 16.07 -3.82 -17.39
C ALA F 575 16.83 -5.13 -17.43
N VAL F 576 16.91 -5.80 -16.28
CA VAL F 576 17.66 -7.05 -16.16
C VAL F 576 16.79 -8.08 -15.45
N ASP F 577 17.02 -9.35 -15.78
CA ASP F 577 16.31 -10.44 -15.11
C ASP F 577 16.77 -10.54 -13.67
N LYS F 578 15.86 -11.01 -12.81
CA LYS F 578 16.19 -11.10 -11.39
C LYS F 578 17.10 -12.26 -11.08
N GLY F 579 17.21 -13.25 -11.95
CA GLY F 579 18.17 -14.32 -11.73
C GLY F 579 19.60 -13.81 -11.69
N VAL F 580 19.88 -12.79 -12.50
CA VAL F 580 21.20 -12.17 -12.46
C VAL F 580 21.46 -11.59 -11.08
N PHE F 581 20.47 -10.94 -10.47
CA PHE F 581 20.65 -10.39 -9.14
C PHE F 581 20.72 -11.47 -8.06
N VAL F 582 19.97 -12.56 -8.17
CA VAL F 582 20.08 -13.60 -7.16
C VAL F 582 21.45 -14.25 -7.22
N LEU F 583 22.01 -14.38 -8.43
CA LEU F 583 23.35 -14.94 -8.55
C LEU F 583 24.44 -14.00 -8.06
N ASN F 584 24.19 -12.68 -8.06
CA ASN F 584 25.14 -11.71 -7.53
C ASN F 584 24.45 -10.36 -7.39
N LYS F 585 24.68 -9.70 -6.26
CA LYS F 585 24.05 -8.41 -5.98
C LYS F 585 25.04 -7.41 -5.38
N LYS F 586 26.33 -7.57 -5.60
CA LYS F 586 27.34 -6.72 -5.01
C LYS F 586 27.61 -5.50 -5.87
N ASN F 587 27.84 -4.36 -5.23
CA ASN F 587 28.20 -3.11 -5.90
C ASN F 587 27.13 -2.69 -6.91
N LYS F 588 25.87 -2.93 -6.58
CA LYS F 588 24.78 -2.44 -7.40
C LYS F 588 24.61 -0.94 -7.19
N LEU F 589 24.31 -0.22 -8.26
CA LEU F 589 24.15 1.23 -8.18
C LEU F 589 22.84 1.58 -7.47
N THR F 590 22.92 2.52 -6.53
CA THR F 590 21.75 2.97 -5.80
C THR F 590 22.04 4.34 -5.22
N GLN F 591 20.96 5.02 -4.79
CA GLN F 591 21.10 6.37 -4.25
C GLN F 591 21.90 6.38 -2.96
N SER F 592 21.75 5.33 -2.14
CA SER F 592 22.46 5.28 -0.87
C SER F 592 23.98 5.30 -1.08
N LYS F 593 24.46 4.55 -2.08
CA LYS F 593 25.89 4.59 -2.39
C LYS F 593 26.32 5.98 -2.82
N ILE F 594 25.50 6.66 -3.61
CA ILE F 594 25.85 8.00 -4.08
C ILE F 594 26.01 8.95 -2.90
N TRP F 595 25.03 8.93 -1.98
CA TRP F 595 25.11 9.82 -0.84
C TRP F 595 26.23 9.43 0.10
N ASP F 596 26.53 8.14 0.22
CA ASP F 596 27.67 7.72 1.02
C ASP F 596 28.98 8.25 0.45
N VAL F 597 29.13 8.19 -0.87
CA VAL F 597 30.34 8.72 -1.51
C VAL F 597 30.44 10.22 -1.28
N VAL F 598 29.33 10.94 -1.46
CA VAL F 598 29.33 12.38 -1.28
C VAL F 598 29.70 12.74 0.15
N GLU F 599 29.11 12.04 1.12
CA GLU F 599 29.43 12.30 2.53
C GLU F 599 30.88 11.99 2.84
N LYS F 600 31.40 10.88 2.30
CA LYS F 600 32.79 10.52 2.55
C LYS F 600 33.74 11.55 1.96
N ALA F 601 33.34 12.21 0.87
CA ALA F 601 34.20 13.20 0.23
C ALA F 601 34.13 14.57 0.89
N ASP F 602 33.68 14.65 2.14
CA ASP F 602 33.57 15.92 2.83
C ASP F 602 34.96 16.46 3.19
N ILE F 603 34.98 17.62 3.82
CA ILE F 603 36.23 18.24 4.24
C ILE F 603 36.38 18.29 5.76
N GLY F 604 35.30 18.30 6.52
CA GLY F 604 35.35 18.33 7.96
C GLY F 604 34.95 16.99 8.54
N CYS F 605 35.53 16.66 9.70
CA CYS F 605 35.28 15.37 10.34
C CYS F 605 35.11 15.55 11.85
N THR F 606 34.30 16.53 12.24
CA THR F 606 33.97 16.71 13.65
C THR F 606 32.54 17.24 13.77
N PRO F 607 31.62 16.47 14.34
CA PRO F 607 30.21 16.89 14.37
C PRO F 607 29.96 18.07 15.29
N GLY F 608 30.56 19.21 14.98
CA GLY F 608 30.29 20.43 15.71
C GLY F 608 31.27 20.67 16.84
N SER F 609 31.28 21.92 17.31
CA SER F 609 32.08 22.35 18.45
C SER F 609 33.57 22.09 18.24
N GLY F 610 34.36 22.27 19.28
CA GLY F 610 35.80 22.11 19.17
C GLY F 610 36.50 22.67 20.39
N LYS F 611 37.83 22.74 20.27
CA LYS F 611 38.64 23.27 21.37
C LYS F 611 38.43 24.77 21.54
N ASP F 612 38.49 25.51 20.45
CA ASP F 612 38.38 26.97 20.50
C ASP F 612 37.90 27.46 19.14
N TYR F 613 37.93 28.78 18.93
CA TYR F 613 37.41 29.36 17.69
C TYR F 613 38.16 28.84 16.48
N ALA F 614 39.50 28.86 16.55
CA ALA F 614 40.29 28.32 15.45
C ALA F 614 40.05 26.83 15.29
N GLY F 615 39.98 26.09 16.40
CA GLY F 615 39.69 24.68 16.32
C GLY F 615 38.31 24.39 15.75
N VAL F 616 37.32 25.17 16.17
CA VAL F 616 35.97 24.98 15.64
C VAL F 616 35.94 25.25 14.14
N PHE F 617 36.59 26.32 13.71
CA PHE F 617 36.60 26.66 12.29
C PHE F 617 37.34 25.60 11.47
N SER F 618 38.47 25.11 11.98
CA SER F 618 39.21 24.08 11.27
C SER F 618 38.42 22.79 11.19
N ASP F 619 37.77 22.38 12.28
CA ASP F 619 36.98 21.15 12.28
C ASP F 619 35.79 21.28 11.34
N ALA F 620 35.16 22.46 11.32
CA ALA F 620 34.04 22.67 10.41
C ALA F 620 34.46 22.70 8.96
N GLY F 621 35.75 22.88 8.66
CA GLY F 621 36.24 22.82 7.31
C GLY F 621 36.24 24.15 6.59
N LEU F 622 36.83 25.18 7.21
CA LEU F 622 36.98 26.49 6.59
C LEU F 622 38.30 27.09 7.04
N THR F 623 38.52 28.33 6.65
CA THR F 623 39.62 29.14 7.18
C THR F 623 39.08 30.54 7.45
N PHE F 624 39.42 31.07 8.61
CA PHE F 624 38.96 32.39 9.04
C PHE F 624 40.20 33.24 9.30
N THR F 625 40.43 34.23 8.44
CA THR F 625 41.59 35.11 8.55
C THR F 625 41.12 36.54 8.67
N SER F 626 41.70 37.27 9.62
CA SER F 626 41.31 38.63 9.90
C SER F 626 42.52 39.54 9.81
N SER F 627 42.26 40.82 9.52
CA SER F 627 43.34 41.79 9.46
C SER F 627 44.01 41.98 10.81
N SER F 628 43.28 41.71 11.90
CA SER F 628 43.86 41.85 13.23
C SER F 628 45.00 40.85 13.45
N GLY F 629 44.81 39.60 13.00
CA GLY F 629 45.82 38.59 13.18
C GLY F 629 45.25 37.23 13.51
N GLN F 630 43.96 37.18 13.84
CA GLN F 630 43.32 35.91 14.15
C GLN F 630 43.29 35.02 12.92
N GLN F 631 43.60 33.74 13.12
CA GLN F 631 43.61 32.80 12.01
C GLN F 631 43.34 31.40 12.54
N THR F 632 42.86 30.55 11.65
CA THR F 632 42.59 29.17 12.00
C THR F 632 43.88 28.35 12.00
N ALA F 633 43.76 27.10 12.46
CA ALA F 633 44.90 26.19 12.44
C ALA F 633 45.22 25.78 11.01
N GLN F 634 46.51 25.67 10.71
CA GLN F 634 46.95 25.26 9.38
C GLN F 634 46.61 23.81 9.12
N ARG F 635 46.13 23.52 7.92
CA ARG F 635 45.80 22.17 7.50
C ARG F 635 46.67 21.79 6.31
N ALA F 636 47.32 20.63 6.39
CA ALA F 636 48.23 20.18 5.34
C ALA F 636 48.03 18.72 4.96
N GLU F 637 47.01 18.06 5.48
CA GLU F 637 46.71 16.67 5.13
C GLU F 637 45.33 16.60 4.49
N LEU F 638 45.20 15.78 3.46
CA LEU F 638 43.91 15.66 2.78
C LEU F 638 42.90 14.90 3.62
N GLN F 639 43.33 13.82 4.25
CA GLN F 639 42.46 12.98 5.06
C GLN F 639 42.80 13.14 6.54
N CYS F 640 41.79 13.40 7.36
CA CYS F 640 41.99 13.56 8.80
C CYS F 640 41.98 12.21 9.50
N GLU G 5 -7.77 -33.77 -34.37
CA GLU G 5 -8.44 -33.35 -33.15
C GLU G 5 -8.25 -31.87 -32.86
N ASP G 6 -8.76 -31.43 -31.71
CA ASP G 6 -8.67 -30.04 -31.29
C ASP G 6 -7.29 -29.74 -30.73
N ILE G 7 -6.33 -29.55 -31.64
CA ILE G 7 -4.94 -29.33 -31.25
C ILE G 7 -4.29 -28.44 -32.31
N ILE G 8 -3.29 -27.68 -31.88
CA ILE G 8 -2.53 -26.85 -32.81
C ILE G 8 -1.55 -27.73 -33.57
N ALA G 9 -1.57 -27.64 -34.89
CA ALA G 9 -0.64 -28.41 -35.70
C ALA G 9 0.79 -27.97 -35.41
N GLU G 10 1.71 -28.93 -35.50
CA GLU G 10 3.09 -28.67 -35.08
C GLU G 10 3.79 -27.66 -35.98
N GLU G 11 3.28 -27.43 -37.19
CA GLU G 11 3.90 -26.43 -38.06
C GLU G 11 3.57 -25.01 -37.60
N ASN G 12 2.34 -24.81 -37.08
CA ASN G 12 1.90 -23.47 -36.74
C ASN G 12 2.61 -22.91 -35.51
N ILE G 13 2.99 -23.77 -34.57
CA ILE G 13 3.58 -23.30 -33.33
C ILE G 13 4.93 -22.64 -33.63
N VAL G 14 5.15 -21.47 -33.06
CA VAL G 14 6.40 -20.75 -33.20
C VAL G 14 7.00 -20.56 -31.81
N SER G 15 8.27 -20.90 -31.66
CA SER G 15 8.92 -20.95 -30.36
C SER G 15 9.44 -19.58 -29.95
N ARG G 16 9.49 -19.35 -28.64
CA ARG G 16 9.99 -18.11 -28.09
C ARG G 16 11.51 -18.09 -28.16
N SER G 17 12.07 -17.30 -29.07
CA SER G 17 13.49 -17.35 -29.35
C SER G 17 14.30 -16.43 -28.43
N GLU G 18 13.93 -15.15 -28.38
CA GLU G 18 14.74 -14.16 -27.68
C GLU G 18 14.75 -14.42 -26.18
N PHE G 19 15.94 -14.67 -25.63
CA PHE G 19 16.12 -14.89 -24.19
C PHE G 19 17.28 -14.03 -23.70
N PRO G 20 17.10 -12.72 -23.67
CA PRO G 20 18.22 -11.84 -23.27
C PRO G 20 18.26 -11.62 -21.76
N GLU G 21 19.49 -11.57 -21.24
CA GLU G 21 19.67 -11.29 -19.82
C GLU G 21 19.41 -9.83 -19.50
N SER G 22 19.61 -8.93 -20.46
CA SER G 22 19.35 -7.52 -20.27
C SER G 22 18.85 -6.93 -21.58
N TRP G 23 18.11 -5.84 -21.47
CA TRP G 23 17.51 -5.19 -22.63
C TRP G 23 17.15 -3.76 -22.24
N LEU G 24 16.40 -3.08 -23.10
CA LEU G 24 15.95 -1.71 -22.87
C LEU G 24 17.14 -0.79 -22.58
N TRP G 25 18.18 -0.92 -23.40
CA TRP G 25 19.36 -0.05 -23.31
C TRP G 25 19.09 1.23 -24.10
N ASN G 26 18.16 2.03 -23.58
CA ASN G 26 17.65 3.20 -24.26
C ASN G 26 18.00 4.47 -23.50
N VAL G 27 18.14 5.56 -24.24
CA VAL G 27 18.39 6.89 -23.68
C VAL G 27 17.43 7.85 -24.37
N GLU G 28 16.47 8.38 -23.62
CA GLU G 28 15.45 9.27 -24.18
C GLU G 28 15.37 10.56 -23.37
N ASP G 29 14.90 11.61 -24.03
CA ASP G 29 14.79 12.94 -23.45
C ASP G 29 13.35 13.20 -23.01
N LEU G 30 13.21 13.99 -21.95
CA LEU G 30 11.90 14.37 -21.42
C LEU G 30 11.56 15.76 -21.95
N LYS G 31 11.15 15.82 -23.21
CA LYS G 31 10.81 17.08 -23.85
C LYS G 31 9.34 17.45 -23.71
N GLU G 32 8.53 16.58 -23.13
CA GLU G 32 7.11 16.86 -22.97
C GLU G 32 6.94 18.07 -22.05
N PRO G 33 6.05 19.00 -22.37
CA PRO G 33 5.95 20.25 -21.60
C PRO G 33 5.66 19.98 -20.13
N PRO G 34 6.32 20.70 -19.23
CA PRO G 34 6.19 20.38 -17.81
C PRO G 34 4.83 20.74 -17.26
N LYS G 35 4.41 19.98 -16.24
CA LYS G 35 3.23 20.28 -15.44
C LYS G 35 3.65 20.20 -13.99
N ASN G 36 3.72 21.36 -13.33
CA ASN G 36 4.24 21.47 -11.97
C ASN G 36 5.66 20.91 -11.91
N GLY G 37 6.43 21.17 -12.97
CA GLY G 37 7.82 20.74 -13.01
C GLY G 37 8.04 19.25 -13.06
N ILE G 38 7.02 18.47 -13.42
CA ILE G 38 7.11 17.01 -13.48
C ILE G 38 6.62 16.60 -14.87
N SER G 39 7.55 16.43 -15.80
CA SER G 39 7.18 16.00 -17.14
C SER G 39 6.82 14.51 -17.15
N THR G 40 6.01 14.13 -18.13
CA THR G 40 5.55 12.74 -18.27
C THR G 40 5.75 12.29 -19.71
N LYS G 41 6.39 11.13 -19.89
CA LYS G 41 6.63 10.56 -21.20
C LYS G 41 6.22 9.10 -21.19
N LEU G 42 5.54 8.67 -22.25
CA LEU G 42 5.10 7.29 -22.41
C LEU G 42 5.81 6.65 -23.59
N MET G 43 6.37 5.46 -23.36
CA MET G 43 6.99 4.68 -24.41
C MET G 43 6.32 3.32 -24.49
N ASN G 44 6.23 2.79 -25.70
CA ASN G 44 5.61 1.49 -25.96
C ASN G 44 6.72 0.46 -26.10
N ILE G 45 6.95 -0.32 -25.05
CA ILE G 45 7.93 -1.39 -25.08
C ILE G 45 7.19 -2.72 -25.22
N PHE G 46 7.90 -3.71 -25.74
CA PHE G 46 7.37 -5.06 -25.88
C PHE G 46 8.22 -6.00 -25.04
N LEU G 47 7.59 -6.73 -24.12
CA LEU G 47 8.34 -7.53 -23.17
C LEU G 47 9.06 -8.67 -23.86
N LYS G 48 10.28 -8.95 -23.41
CA LYS G 48 11.07 -10.03 -23.99
C LYS G 48 10.46 -11.37 -23.63
N ASP G 49 10.80 -12.38 -24.44
CA ASP G 49 10.12 -13.66 -24.39
C ASP G 49 10.41 -14.46 -23.14
N SER G 50 11.44 -14.11 -22.38
CA SER G 50 11.72 -14.83 -21.14
C SER G 50 10.59 -14.64 -20.15
N ILE G 51 10.27 -15.70 -19.41
CA ILE G 51 9.22 -15.68 -18.41
C ILE G 51 9.88 -15.52 -17.04
N THR G 52 9.81 -14.31 -16.50
CA THR G 52 10.44 -13.97 -15.23
C THR G 52 9.90 -12.61 -14.80
N THR G 53 10.53 -12.02 -13.79
CA THR G 53 10.18 -10.69 -13.32
C THR G 53 11.31 -9.73 -13.68
N TRP G 54 11.08 -8.90 -14.69
CA TRP G 54 12.06 -7.90 -15.07
C TRP G 54 12.13 -6.80 -14.02
N GLU G 55 13.33 -6.33 -13.76
CA GLU G 55 13.57 -5.21 -12.86
C GLU G 55 14.16 -4.07 -13.66
N ILE G 56 13.53 -2.89 -13.56
CA ILE G 56 13.91 -1.73 -14.35
C ILE G 56 14.52 -0.69 -13.42
N LEU G 57 15.75 -0.28 -13.71
CA LEU G 57 16.46 0.72 -12.93
C LEU G 57 16.63 1.97 -13.79
N ALA G 58 16.16 3.11 -13.28
CA ALA G 58 16.12 4.35 -14.03
C ALA G 58 17.06 5.38 -13.40
N VAL G 59 17.89 6.00 -14.23
CA VAL G 59 18.80 7.05 -13.79
C VAL G 59 18.60 8.26 -14.70
N SER G 60 18.40 9.43 -14.10
CA SER G 60 18.15 10.65 -14.84
C SER G 60 19.26 11.65 -14.57
N MET G 61 19.70 12.34 -15.62
CA MET G 61 20.71 13.38 -15.52
C MET G 61 20.03 14.72 -15.75
N SER G 62 19.92 15.52 -14.69
CA SER G 62 19.26 16.82 -14.75
C SER G 62 20.30 17.93 -14.79
N ASP G 63 20.14 18.85 -15.74
CA ASP G 63 21.08 19.95 -15.86
C ASP G 63 20.93 20.97 -14.74
N LYS G 64 19.81 20.95 -14.02
CA LYS G 64 19.56 21.92 -12.96
C LYS G 64 19.50 21.31 -11.58
N LYS G 65 18.82 20.16 -11.42
CA LYS G 65 18.71 19.55 -10.10
C LYS G 65 19.96 18.73 -9.76
N GLY G 66 20.29 17.76 -10.60
CA GLY G 66 21.46 16.93 -10.36
C GLY G 66 21.33 15.54 -10.93
N ILE G 67 21.58 14.53 -10.10
CA ILE G 67 21.50 13.13 -10.50
C ILE G 67 20.58 12.40 -9.52
N CYS G 68 19.68 11.59 -10.06
CA CYS G 68 18.79 10.79 -9.24
C CYS G 68 18.74 9.36 -9.76
N VAL G 69 18.63 8.41 -8.85
CA VAL G 69 18.49 6.99 -9.18
C VAL G 69 17.12 6.55 -8.70
N ALA G 70 16.29 6.10 -9.62
CA ALA G 70 14.93 5.70 -9.26
C ALA G 70 14.95 4.38 -8.49
N ASP G 71 13.91 4.18 -7.69
CA ASP G 71 13.75 2.90 -7.04
C ASP G 71 13.45 1.82 -8.08
N PRO G 72 13.90 0.59 -7.85
CA PRO G 72 13.67 -0.47 -8.83
C PRO G 72 12.19 -0.71 -9.06
N PHE G 73 11.84 -0.98 -10.31
CA PHE G 73 10.47 -1.29 -10.71
C PHE G 73 10.37 -2.75 -11.10
N GLU G 74 9.41 -3.46 -10.53
CA GLU G 74 9.21 -4.88 -10.78
C GLU G 74 8.05 -5.06 -11.74
N VAL G 75 8.30 -5.73 -12.86
CA VAL G 75 7.28 -6.11 -13.82
C VAL G 75 7.26 -7.62 -13.89
N THR G 76 6.13 -8.22 -13.57
CA THR G 76 6.01 -9.67 -13.53
C THR G 76 5.44 -10.17 -14.86
N VAL G 77 6.16 -11.07 -15.50
CA VAL G 77 5.72 -11.65 -16.76
C VAL G 77 5.41 -13.11 -16.55
N MET G 78 4.15 -13.43 -16.26
CA MET G 78 3.75 -14.79 -15.95
C MET G 78 2.64 -15.22 -16.89
N GLN G 79 2.75 -16.44 -17.41
CA GLN G 79 1.75 -17.02 -18.28
C GLN G 79 1.14 -18.24 -17.60
N ASP G 80 -0.07 -18.59 -18.02
CA ASP G 80 -0.78 -19.72 -17.42
C ASP G 80 -0.03 -21.03 -17.65
N PHE G 81 0.48 -21.23 -18.87
CA PHE G 81 1.12 -22.48 -19.25
C PHE G 81 2.38 -22.15 -20.05
N PHE G 82 3.50 -22.80 -19.73
CA PHE G 82 4.77 -22.46 -20.36
C PHE G 82 5.77 -23.59 -20.12
N ILE G 83 6.98 -23.39 -20.63
CA ILE G 83 8.05 -24.36 -20.55
C ILE G 83 9.33 -23.64 -20.13
N ASP G 84 10.10 -24.27 -19.24
CA ASP G 84 11.39 -23.75 -18.79
C ASP G 84 12.45 -24.80 -19.09
N LEU G 85 13.01 -24.75 -20.30
CA LEU G 85 13.94 -25.78 -20.75
C LEU G 85 15.30 -25.50 -20.11
N ARG G 86 15.55 -26.16 -18.99
CA ARG G 86 16.81 -25.99 -18.27
C ARG G 86 17.95 -26.65 -19.03
N LEU G 87 19.11 -25.99 -19.05
CA LEU G 87 20.27 -26.48 -19.76
C LEU G 87 21.52 -26.24 -18.94
N PRO G 88 22.55 -27.06 -19.11
CA PRO G 88 23.86 -26.72 -18.54
C PRO G 88 24.52 -25.64 -19.38
N TYR G 89 25.60 -25.08 -18.85
CA TYR G 89 26.34 -24.07 -19.60
C TYR G 89 26.90 -24.66 -20.89
N SER G 90 27.64 -25.77 -20.78
CA SER G 90 28.28 -26.37 -21.93
C SER G 90 28.44 -27.86 -21.68
N VAL G 91 28.32 -28.64 -22.75
CA VAL G 91 28.43 -30.09 -22.67
C VAL G 91 29.48 -30.55 -23.66
N VAL G 92 30.31 -31.51 -23.24
CA VAL G 92 31.39 -31.97 -24.09
C VAL G 92 30.85 -32.76 -25.27
N ARG G 93 31.70 -32.92 -26.28
CA ARG G 93 31.31 -33.62 -27.50
C ARG G 93 31.38 -35.13 -27.30
N ASN G 94 30.44 -35.84 -27.93
CA ASN G 94 30.42 -37.30 -27.97
C ASN G 94 30.31 -37.91 -26.57
N GLU G 95 29.48 -37.30 -25.71
CA GLU G 95 29.22 -37.84 -24.38
C GLU G 95 27.81 -37.40 -23.98
N GLN G 96 26.88 -38.34 -24.04
CA GLN G 96 25.47 -38.00 -23.91
C GLN G 96 25.15 -37.42 -22.54
N VAL G 97 24.28 -36.42 -22.52
CA VAL G 97 23.84 -35.77 -21.29
C VAL G 97 22.34 -35.58 -21.35
N GLU G 98 21.67 -35.82 -20.23
CA GLU G 98 20.24 -35.62 -20.13
C GLU G 98 19.92 -34.16 -19.90
N ILE G 99 18.82 -33.70 -20.51
CA ILE G 99 18.32 -32.35 -20.29
C ILE G 99 16.87 -32.43 -19.86
N ARG G 100 16.50 -31.61 -18.88
CA ARG G 100 15.18 -31.65 -18.29
C ARG G 100 14.34 -30.51 -18.85
N ALA G 101 13.18 -30.86 -19.40
CA ALA G 101 12.19 -29.89 -19.83
C ALA G 101 10.98 -30.01 -18.93
N VAL G 102 10.60 -28.91 -18.29
CA VAL G 102 9.50 -28.90 -17.34
C VAL G 102 8.30 -28.21 -17.98
N LEU G 103 7.13 -28.81 -17.85
CA LEU G 103 5.90 -28.28 -18.40
C LEU G 103 5.02 -27.81 -17.23
N TYR G 104 5.09 -26.52 -16.93
CA TYR G 104 4.36 -25.98 -15.79
C TYR G 104 2.87 -25.88 -16.10
N ASN G 105 2.12 -25.41 -15.12
CA ASN G 105 0.68 -25.21 -15.20
C ASN G 105 0.24 -24.40 -13.99
N TYR G 106 -0.76 -23.54 -14.18
CA TYR G 106 -1.21 -22.73 -13.07
C TYR G 106 -2.71 -22.49 -13.05
N ARG G 107 -3.49 -23.32 -13.73
CA ARG G 107 -4.94 -23.26 -13.59
C ARG G 107 -5.35 -23.88 -12.26
N GLN G 108 -6.24 -23.19 -11.54
CA GLN G 108 -6.57 -23.57 -10.18
C GLN G 108 -7.41 -24.85 -10.09
N ASN G 109 -8.07 -25.26 -11.17
CA ASN G 109 -8.91 -26.45 -11.11
C ASN G 109 -8.93 -27.29 -12.38
N GLN G 110 -8.13 -26.96 -13.39
CA GLN G 110 -8.14 -27.65 -14.67
C GLN G 110 -6.83 -28.38 -14.88
N GLU G 111 -6.89 -29.58 -15.44
CA GLU G 111 -5.68 -30.30 -15.83
C GLU G 111 -5.57 -30.33 -17.35
N LEU G 112 -4.33 -30.44 -17.83
CA LEU G 112 -4.03 -30.32 -19.25
C LEU G 112 -3.39 -31.60 -19.75
N LYS G 113 -3.79 -32.02 -20.95
CA LYS G 113 -3.18 -33.18 -21.61
C LYS G 113 -2.16 -32.63 -22.62
N VAL G 114 -0.98 -32.30 -22.10
CA VAL G 114 0.03 -31.63 -22.91
C VAL G 114 0.68 -32.63 -23.86
N ARG G 115 0.90 -32.20 -25.10
CA ARG G 115 1.60 -32.99 -26.10
C ARG G 115 2.95 -32.33 -26.35
N VAL G 116 3.98 -32.80 -25.67
CA VAL G 116 5.32 -32.23 -25.75
C VAL G 116 6.17 -33.11 -26.67
N GLU G 117 6.93 -32.48 -27.56
CA GLU G 117 7.73 -33.21 -28.52
C GLU G 117 9.01 -32.45 -28.81
N LEU G 118 10.01 -33.18 -29.30
CA LEU G 118 11.31 -32.64 -29.64
C LEU G 118 11.51 -32.78 -31.13
N LEU G 119 11.74 -31.67 -31.82
CA LEU G 119 11.95 -31.71 -33.26
C LEU G 119 13.41 -32.00 -33.58
N HIS G 120 13.62 -32.66 -34.72
CA HIS G 120 14.96 -33.10 -35.09
C HIS G 120 15.86 -31.91 -35.39
N ASN G 121 17.12 -32.01 -34.99
CA ASN G 121 18.15 -31.06 -35.36
C ASN G 121 19.31 -31.85 -35.93
N PRO G 122 19.77 -31.56 -37.14
CA PRO G 122 20.88 -32.34 -37.72
C PRO G 122 22.16 -32.23 -36.93
N ALA G 123 22.33 -31.19 -36.11
CA ALA G 123 23.53 -31.06 -35.31
C ALA G 123 23.59 -32.13 -34.22
N PHE G 124 22.50 -32.31 -33.49
CA PHE G 124 22.48 -33.24 -32.38
C PHE G 124 22.23 -34.66 -32.87
N CYS G 125 22.14 -35.60 -31.93
CA CYS G 125 21.84 -37.00 -32.22
C CYS G 125 20.95 -37.50 -31.08
N SER G 126 19.64 -37.40 -31.27
CA SER G 126 18.69 -37.92 -30.30
C SER G 126 17.67 -38.80 -31.03
N LEU G 127 16.64 -39.23 -30.32
CA LEU G 127 15.64 -40.10 -30.94
C LEU G 127 14.85 -39.40 -32.04
N ALA G 128 14.92 -38.08 -32.12
CA ALA G 128 14.19 -37.35 -33.14
C ALA G 128 14.81 -37.58 -34.51
N THR G 129 13.97 -37.90 -35.49
CA THR G 129 14.41 -38.14 -36.85
C THR G 129 13.39 -37.52 -37.80
N THR G 130 13.85 -37.11 -38.98
CA THR G 130 12.97 -36.47 -39.96
C THR G 130 11.79 -37.37 -40.30
N LYS G 131 11.96 -38.68 -40.24
CA LYS G 131 10.87 -39.58 -40.56
C LYS G 131 9.82 -39.61 -39.45
N ARG G 132 10.26 -39.63 -38.20
CA ARG G 132 9.35 -39.76 -37.06
C ARG G 132 9.78 -38.80 -35.96
N ARG G 133 8.89 -37.90 -35.57
CA ARG G 133 9.17 -37.01 -34.46
C ARG G 133 9.05 -37.76 -33.14
N HIS G 134 9.87 -37.36 -32.17
CA HIS G 134 9.88 -37.97 -30.84
C HIS G 134 8.87 -37.22 -29.98
N GLN G 135 7.64 -37.73 -29.92
CA GLN G 135 6.57 -37.06 -29.21
C GLN G 135 6.04 -37.94 -28.09
N GLN G 136 5.55 -37.28 -27.04
CA GLN G 136 4.95 -37.97 -25.91
C GLN G 136 3.56 -37.40 -25.65
N THR G 137 2.91 -37.84 -24.57
CA THR G 137 1.60 -37.31 -24.21
C THR G 137 1.48 -37.40 -22.69
N VAL G 138 1.69 -36.27 -22.01
CA VAL G 138 1.74 -36.24 -20.57
C VAL G 138 0.48 -35.55 -20.03
N THR G 139 0.29 -35.67 -18.72
CA THR G 139 -0.83 -35.03 -18.03
C THR G 139 -0.29 -34.25 -16.85
N ILE G 140 -0.70 -32.99 -16.75
CA ILE G 140 -0.20 -32.09 -15.71
C ILE G 140 -1.33 -31.85 -14.72
N PRO G 141 -1.22 -32.33 -13.48
CA PRO G 141 -2.21 -31.98 -12.48
C PRO G 141 -2.18 -30.49 -12.19
N PRO G 142 -3.31 -29.91 -11.81
CA PRO G 142 -3.34 -28.46 -11.61
C PRO G 142 -2.41 -28.02 -10.49
N LYS G 143 -1.85 -26.81 -10.65
CA LYS G 143 -0.94 -26.23 -9.67
C LYS G 143 0.22 -27.17 -9.37
N SER G 144 0.80 -27.75 -10.42
CA SER G 144 1.90 -28.67 -10.25
C SER G 144 2.73 -28.69 -11.53
N SER G 145 3.93 -29.23 -11.42
CA SER G 145 4.87 -29.29 -12.53
C SER G 145 5.11 -30.73 -12.93
N LEU G 146 5.81 -30.89 -14.05
CA LEU G 146 6.19 -32.21 -14.53
C LEU G 146 7.39 -32.05 -15.45
N SER G 147 8.38 -32.93 -15.31
CA SER G 147 9.61 -32.85 -16.06
C SER G 147 9.72 -34.03 -17.00
N VAL G 148 10.08 -33.77 -18.25
CA VAL G 148 10.24 -34.79 -19.28
C VAL G 148 11.72 -34.94 -19.58
N PRO G 149 12.32 -36.11 -19.36
CA PRO G 149 13.75 -36.28 -19.64
C PRO G 149 14.03 -36.59 -21.10
N TYR G 150 15.15 -36.06 -21.58
CA TYR G 150 15.60 -36.29 -22.95
C TYR G 150 17.09 -36.59 -22.94
N VAL G 151 17.53 -37.35 -23.95
CA VAL G 151 18.95 -37.66 -24.13
C VAL G 151 19.40 -37.09 -25.47
N ILE G 152 20.52 -36.36 -25.45
CA ILE G 152 21.04 -35.73 -26.65
C ILE G 152 22.55 -35.87 -26.66
N VAL G 153 23.11 -36.19 -27.82
CA VAL G 153 24.55 -36.31 -28.00
C VAL G 153 25.02 -35.25 -28.99
N PRO G 154 25.79 -34.26 -28.56
CA PRO G 154 26.30 -33.27 -29.52
C PRO G 154 27.29 -33.88 -30.50
N LEU G 155 27.34 -33.29 -31.70
CA LEU G 155 28.24 -33.76 -32.75
C LEU G 155 29.20 -32.71 -33.26
N LYS G 156 28.74 -31.47 -33.48
CA LYS G 156 29.58 -30.44 -34.06
C LYS G 156 29.74 -29.28 -33.08
N THR G 157 30.93 -28.73 -33.02
CA THR G 157 31.24 -27.67 -32.08
C THR G 157 30.57 -26.37 -32.51
N GLY G 158 30.82 -25.31 -31.73
CA GLY G 158 30.22 -24.01 -32.00
C GLY G 158 29.07 -23.73 -31.04
N LEU G 159 27.96 -23.26 -31.58
CA LEU G 159 26.72 -23.07 -30.82
C LEU G 159 25.60 -23.84 -31.50
N GLN G 160 24.92 -24.68 -30.74
CA GLN G 160 23.80 -25.46 -31.26
C GLN G 160 22.55 -25.17 -30.43
N GLU G 161 21.40 -25.34 -31.06
CA GLU G 161 20.13 -25.04 -30.43
C GLU G 161 19.32 -26.33 -30.26
N VAL G 162 18.59 -26.41 -29.16
CA VAL G 162 17.65 -27.49 -28.90
C VAL G 162 16.32 -26.84 -28.52
N GLU G 163 15.22 -27.39 -29.05
CA GLU G 163 13.93 -26.76 -28.85
C GLU G 163 12.83 -27.80 -28.75
N VAL G 164 11.89 -27.57 -27.84
CA VAL G 164 10.73 -28.42 -27.65
C VAL G 164 9.48 -27.60 -27.87
N LYS G 165 8.41 -28.26 -28.31
CA LYS G 165 7.15 -27.60 -28.57
C LYS G 165 6.04 -28.36 -27.88
N ALA G 166 5.12 -27.64 -27.24
CA ALA G 166 4.03 -28.25 -26.49
C ALA G 166 2.72 -27.58 -26.86
N ALA G 167 1.71 -28.39 -27.16
CA ALA G 167 0.37 -27.91 -27.46
C ALA G 167 -0.62 -28.69 -26.62
N VAL G 168 -1.62 -27.99 -26.08
CA VAL G 168 -2.54 -28.56 -25.10
C VAL G 168 -3.84 -28.94 -25.79
N TYR G 169 -4.35 -30.13 -25.47
CA TYR G 169 -5.63 -30.58 -26.01
C TYR G 169 -6.76 -29.84 -25.32
N HIS G 170 -7.93 -29.87 -25.97
CA HIS G 170 -9.17 -29.31 -25.43
C HIS G 170 -9.10 -27.80 -25.25
N HIS G 171 -7.93 -27.23 -25.52
CA HIS G 171 -7.72 -25.79 -25.58
C HIS G 171 -6.84 -25.54 -26.79
N PHE G 172 -6.37 -24.31 -26.97
CA PHE G 172 -5.52 -24.03 -28.11
C PHE G 172 -4.38 -23.10 -27.70
N ILE G 173 -3.74 -23.40 -26.58
CA ILE G 173 -2.56 -22.67 -26.13
C ILE G 173 -1.33 -23.52 -26.38
N SER G 174 -0.37 -22.97 -27.10
CA SER G 174 0.88 -23.66 -27.38
C SER G 174 2.04 -22.78 -27.01
N ASP G 175 3.15 -23.41 -26.61
CA ASP G 175 4.36 -22.67 -26.27
C ASP G 175 5.57 -23.54 -26.53
N GLY G 176 6.58 -22.96 -27.17
CA GLY G 176 7.81 -23.66 -27.44
C GLY G 176 8.99 -22.79 -27.10
N VAL G 177 10.06 -23.44 -26.62
CA VAL G 177 11.26 -22.75 -26.17
C VAL G 177 12.43 -23.23 -27.01
N ARG G 178 13.22 -22.27 -27.51
CA ARG G 178 14.37 -22.56 -28.37
C ARG G 178 15.59 -21.88 -27.77
N LYS G 179 16.28 -22.57 -26.86
CA LYS G 179 17.51 -22.08 -26.28
C LYS G 179 18.71 -22.71 -26.97
N SER G 180 19.86 -22.09 -26.79
CA SER G 180 21.10 -22.54 -27.41
C SER G 180 22.11 -22.86 -26.34
N LEU G 181 22.66 -24.07 -26.39
CA LEU G 181 23.69 -24.52 -25.45
C LEU G 181 25.02 -24.65 -26.19
N LYS G 182 26.09 -24.21 -25.54
CA LYS G 182 27.41 -24.29 -26.14
C LYS G 182 27.96 -25.70 -26.06
N VAL G 183 28.79 -26.05 -27.04
CA VAL G 183 29.47 -27.34 -27.07
C VAL G 183 30.95 -27.10 -27.34
N VAL G 184 31.80 -27.81 -26.62
CA VAL G 184 33.25 -27.63 -26.72
C VAL G 184 33.90 -29.00 -26.87
N PRO G 185 34.94 -29.15 -27.69
CA PRO G 185 35.65 -30.43 -27.73
C PRO G 185 36.29 -30.74 -26.39
N GLU G 186 36.44 -32.05 -26.12
CA GLU G 186 36.90 -32.49 -24.81
C GLU G 186 38.30 -31.96 -24.53
N GLY G 187 38.55 -31.63 -23.27
CA GLY G 187 39.84 -31.12 -22.87
C GLY G 187 39.74 -30.03 -21.82
N ILE G 188 40.88 -29.51 -21.38
CA ILE G 188 40.94 -28.47 -20.36
C ILE G 188 41.88 -27.38 -20.82
N ARG G 189 41.67 -26.18 -20.29
CA ARG G 189 42.50 -25.04 -20.63
C ARG G 189 43.82 -25.12 -19.89
N MET G 190 44.91 -24.88 -20.62
CA MET G 190 46.26 -24.90 -20.06
C MET G 190 46.99 -23.63 -20.47
N ASN G 191 47.71 -23.04 -19.53
CA ASN G 191 48.51 -21.84 -19.76
C ASN G 191 49.97 -22.12 -19.46
N LYS G 192 50.85 -21.70 -20.37
CA LYS G 192 52.29 -21.85 -20.19
C LYS G 192 53.00 -20.70 -20.88
N THR G 193 54.12 -20.27 -20.30
CA THR G 193 54.88 -19.17 -20.87
C THR G 193 55.89 -19.70 -21.88
N VAL G 194 55.80 -19.20 -23.11
CA VAL G 194 56.75 -19.61 -24.14
C VAL G 194 58.16 -19.11 -23.81
N ALA G 195 58.27 -17.82 -23.47
CA ALA G 195 59.56 -17.24 -23.17
C ALA G 195 59.36 -15.88 -22.50
N VAL G 196 60.18 -15.60 -21.49
CA VAL G 196 60.18 -14.31 -20.81
C VAL G 196 61.62 -13.84 -20.68
N ARG G 197 61.87 -12.58 -21.06
CA ARG G 197 63.20 -12.00 -21.01
C ARG G 197 63.09 -10.51 -20.74
N THR G 198 64.20 -9.93 -20.27
CA THR G 198 64.27 -8.51 -20.02
C THR G 198 64.70 -7.77 -21.28
N LEU G 199 64.54 -6.45 -21.25
CA LEU G 199 64.91 -5.58 -22.37
C LEU G 199 65.81 -4.46 -21.84
N ASP G 200 67.11 -4.70 -21.85
CA ASP G 200 68.12 -3.74 -21.42
C ASP G 200 69.16 -3.62 -22.52
N PRO G 201 68.85 -2.93 -23.61
CA PRO G 201 69.80 -2.82 -24.72
C PRO G 201 71.13 -2.19 -24.33
N GLU G 202 71.12 -1.22 -23.40
CA GLU G 202 72.36 -0.59 -22.98
C GLU G 202 73.25 -1.55 -22.20
N ARG G 203 72.65 -2.35 -21.31
CA ARG G 203 73.42 -3.26 -20.46
C ARG G 203 73.49 -4.68 -21.01
N LEU G 204 72.63 -5.05 -21.96
CA LEU G 204 72.63 -6.37 -22.54
C LEU G 204 72.53 -6.27 -24.06
N GLY G 205 73.35 -7.06 -24.75
CA GLY G 205 73.36 -7.08 -26.20
C GLY G 205 74.35 -6.14 -26.84
N ARG G 206 74.95 -5.23 -26.07
CA ARG G 206 75.97 -4.29 -26.55
C ARG G 206 75.43 -3.33 -27.61
N GLU G 207 76.21 -2.30 -27.93
CA GLU G 207 75.88 -1.32 -28.97
C GLU G 207 74.57 -0.59 -28.68
N GLY G 208 74.09 -0.63 -27.44
CA GLY G 208 72.84 0.03 -27.11
C GLY G 208 71.62 -0.57 -27.76
N VAL G 209 71.74 -1.77 -28.32
CA VAL G 209 70.63 -2.43 -29.01
C VAL G 209 70.59 -3.88 -28.54
N GLN G 210 69.39 -4.44 -28.49
CA GLN G 210 69.21 -5.83 -28.08
C GLN G 210 67.99 -6.39 -28.78
N LYS G 211 68.19 -7.46 -29.56
CA LYS G 211 67.12 -8.09 -30.33
C LYS G 211 67.02 -9.55 -29.95
N GLU G 212 65.78 -10.03 -29.81
CA GLU G 212 65.51 -11.42 -29.49
C GLU G 212 64.41 -11.95 -30.40
N ASP G 213 64.44 -13.26 -30.63
CA ASP G 213 63.44 -13.95 -31.43
C ASP G 213 62.79 -15.03 -30.59
N ILE G 214 61.46 -15.10 -30.65
CA ILE G 214 60.68 -16.08 -29.93
C ILE G 214 59.95 -16.96 -30.93
N PRO G 215 60.49 -18.14 -31.25
CA PRO G 215 59.77 -19.05 -32.14
C PRO G 215 58.53 -19.57 -31.47
N PRO G 216 57.49 -19.91 -32.23
CA PRO G 216 56.26 -20.45 -31.63
C PRO G 216 56.52 -21.79 -30.95
N ALA G 217 55.78 -22.03 -29.87
CA ALA G 217 55.91 -23.28 -29.16
C ALA G 217 55.31 -24.42 -29.97
N ASP G 218 55.67 -25.66 -29.59
CA ASP G 218 55.24 -26.82 -30.36
C ASP G 218 53.73 -26.99 -30.33
N LEU G 219 53.11 -26.82 -29.15
CA LEU G 219 51.67 -27.06 -28.97
C LEU G 219 51.28 -28.44 -29.46
N SER G 220 52.08 -29.44 -29.08
CA SER G 220 51.79 -30.81 -29.51
C SER G 220 50.49 -31.32 -28.91
N ASP G 221 50.22 -30.99 -27.65
CA ASP G 221 49.02 -31.47 -26.97
C ASP G 221 47.79 -30.62 -27.24
N GLN G 222 47.91 -29.57 -28.04
CA GLN G 222 46.77 -28.70 -28.32
C GLN G 222 45.70 -29.47 -29.08
N VAL G 223 44.45 -29.27 -28.69
CA VAL G 223 43.32 -29.98 -29.31
C VAL G 223 43.17 -29.49 -30.75
N PRO G 224 42.98 -30.39 -31.71
CA PRO G 224 42.79 -29.95 -33.10
C PRO G 224 41.54 -29.09 -33.26
N ASP G 225 41.59 -28.18 -34.23
CA ASP G 225 40.48 -27.28 -34.54
C ASP G 225 40.08 -26.44 -33.34
N THR G 226 41.07 -25.83 -32.71
CA THR G 226 40.86 -24.93 -31.58
C THR G 226 41.62 -23.64 -31.82
N GLU G 227 41.08 -22.54 -31.31
CA GLU G 227 41.66 -21.22 -31.45
C GLU G 227 42.37 -20.83 -30.16
N SER G 228 43.65 -20.49 -30.26
CA SER G 228 44.45 -20.09 -29.11
C SER G 228 45.07 -18.73 -29.40
N GLU G 229 44.94 -17.82 -28.45
CA GLU G 229 45.47 -16.47 -28.59
C GLU G 229 46.74 -16.31 -27.75
N THR G 230 47.54 -15.32 -28.13
CA THR G 230 48.79 -15.02 -27.45
C THR G 230 48.75 -13.59 -26.93
N ARG G 231 49.04 -13.42 -25.65
CA ARG G 231 49.06 -12.11 -25.01
C ARG G 231 50.50 -11.64 -24.85
N ILE G 232 50.78 -10.41 -25.31
CA ILE G 232 52.09 -9.81 -25.18
C ILE G 232 52.02 -8.74 -24.10
N LEU G 233 52.83 -8.91 -23.06
CA LEU G 233 52.84 -8.01 -21.91
C LEU G 233 54.19 -7.31 -21.84
N LEU G 234 54.15 -5.99 -21.78
CA LEU G 234 55.35 -5.17 -21.62
C LEU G 234 55.27 -4.44 -20.29
N GLN G 235 56.28 -4.61 -19.45
CA GLN G 235 56.32 -4.02 -18.12
C GLN G 235 57.60 -3.23 -17.96
N GLY G 236 57.47 -1.99 -17.49
CA GLY G 236 58.61 -1.14 -17.23
C GLY G 236 59.24 -1.43 -15.88
N THR G 237 60.25 -0.63 -15.55
CA THR G 237 60.95 -0.75 -14.28
C THR G 237 61.54 0.60 -13.89
N PRO G 238 61.23 1.11 -12.70
CA PRO G 238 61.80 2.39 -12.27
C PRO G 238 63.31 2.30 -12.10
N VAL G 239 63.98 3.42 -12.40
CA VAL G 239 65.43 3.49 -12.35
C VAL G 239 65.87 4.63 -11.45
N ALA G 240 64.93 5.14 -10.65
CA ALA G 240 65.22 6.24 -9.73
C ALA G 240 65.82 5.67 -8.44
N GLN G 241 67.06 6.03 -8.15
CA GLN G 241 67.76 5.54 -6.98
C GLN G 241 67.48 6.45 -5.78
N MET G 242 67.91 6.00 -4.61
CA MET G 242 67.70 6.76 -3.39
C MET G 242 68.55 8.02 -3.38
N THR G 243 67.96 9.13 -2.93
CA THR G 243 68.65 10.39 -2.80
C THR G 243 68.87 10.71 -1.32
N GLU G 244 70.06 11.20 -1.00
CA GLU G 244 70.38 11.52 0.38
C GLU G 244 69.44 12.60 0.92
N ASP G 245 68.97 12.40 2.14
CA ASP G 245 68.04 13.35 2.74
C ASP G 245 68.70 14.71 2.93
N ALA G 246 67.93 15.77 2.69
CA ALA G 246 68.43 17.12 2.81
C ALA G 246 68.42 17.55 4.27
N VAL G 247 68.81 18.81 4.51
CA VAL G 247 68.88 19.33 5.87
C VAL G 247 67.48 19.45 6.45
N ASP G 248 67.34 19.04 7.72
CA ASP G 248 66.05 19.16 8.40
C ASP G 248 65.61 20.61 8.48
N ALA G 249 66.53 21.52 8.78
CA ALA G 249 66.29 22.96 8.80
C ALA G 249 65.21 23.37 9.79
N GLU G 250 64.92 22.53 10.78
CA GLU G 250 63.90 22.86 11.75
C GLU G 250 64.35 23.97 12.69
N ARG G 251 65.66 24.07 12.94
CA ARG G 251 66.20 25.08 13.85
C ARG G 251 66.62 26.36 13.15
N LEU G 252 66.40 26.46 11.83
CA LEU G 252 66.78 27.65 11.07
C LEU G 252 65.71 28.74 11.10
N LYS G 253 64.82 28.72 12.10
CA LYS G 253 63.86 29.80 12.26
C LYS G 253 64.44 31.01 12.96
N HIS G 254 65.62 30.89 13.58
CA HIS G 254 66.21 31.98 14.33
C HIS G 254 67.02 32.94 13.47
N LEU G 255 67.31 32.58 12.21
CA LEU G 255 68.09 33.47 11.36
C LEU G 255 67.30 34.66 10.85
N ILE G 256 65.99 34.69 11.08
CA ILE G 256 65.14 35.79 10.63
C ILE G 256 65.41 36.97 11.55
N VAL G 257 66.25 37.90 11.09
CA VAL G 257 66.62 39.08 11.86
C VAL G 257 66.35 40.32 11.02
N THR G 258 65.80 41.35 11.65
CA THR G 258 65.47 42.58 10.93
C THR G 258 66.74 43.29 10.52
N PRO G 259 66.97 43.53 9.23
CA PRO G 259 68.18 44.24 8.80
C PRO G 259 68.17 45.69 9.28
N SER G 260 69.37 46.19 9.58
CA SER G 260 69.54 47.57 10.03
C SER G 260 71.02 47.92 9.88
N GLY G 261 71.40 49.06 10.46
CA GLY G 261 72.80 49.45 10.46
C GLY G 261 73.31 49.87 9.08
N CYS G 262 74.62 49.73 8.92
CA CYS G 262 75.30 50.12 7.68
C CYS G 262 75.12 49.03 6.63
N GLY G 263 75.87 49.13 5.54
CA GLY G 263 75.77 48.14 4.49
C GLY G 263 76.21 46.75 4.92
N GLU G 264 77.26 46.68 5.75
CA GLU G 264 77.74 45.39 6.23
C GLU G 264 76.69 44.70 7.08
N GLN G 265 76.07 45.44 8.01
CA GLN G 265 75.02 44.85 8.83
C GLN G 265 73.81 44.48 7.99
N ASN G 266 73.48 45.30 6.99
CA ASN G 266 72.36 44.98 6.11
C ASN G 266 72.62 43.68 5.35
N MET G 267 73.83 43.51 4.82
CA MET G 267 74.15 42.28 4.10
C MET G 267 74.20 41.09 5.04
N ILE G 268 74.63 41.29 6.28
CA ILE G 268 74.56 40.23 7.28
C ILE G 268 73.11 39.82 7.51
N GLY G 269 72.21 40.80 7.49
CA GLY G 269 70.80 40.48 7.62
C GLY G 269 70.24 39.70 6.44
N MET G 270 70.58 40.13 5.22
CA MET G 270 70.03 39.47 4.04
C MET G 270 70.69 38.13 3.73
N THR G 271 71.88 37.87 4.27
CA THR G 271 72.59 36.65 3.89
C THR G 271 71.83 35.38 4.25
N PRO G 272 71.36 35.16 5.50
CA PRO G 272 70.72 33.88 5.80
C PRO G 272 69.28 33.80 5.32
N THR G 273 68.56 34.91 5.36
CA THR G 273 67.14 34.89 5.01
C THR G 273 66.94 34.50 3.55
N VAL G 274 67.70 35.12 2.65
CA VAL G 274 67.51 34.87 1.22
C VAL G 274 67.84 33.41 0.89
N ILE G 275 68.98 32.92 1.41
CA ILE G 275 69.39 31.56 1.09
C ILE G 275 68.42 30.55 1.70
N ALA G 276 67.93 30.82 2.93
CA ALA G 276 66.97 29.91 3.53
C ALA G 276 65.66 29.89 2.75
N VAL G 277 65.19 31.06 2.31
CA VAL G 277 63.95 31.12 1.55
C VAL G 277 64.10 30.36 0.24
N HIS G 278 65.22 30.58 -0.46
CA HIS G 278 65.43 29.90 -1.73
C HIS G 278 65.54 28.39 -1.54
N TYR G 279 66.30 27.95 -0.53
CA TYR G 279 66.46 26.52 -0.27
C TYR G 279 65.13 25.88 0.09
N LEU G 280 64.33 26.55 0.92
CA LEU G 280 63.05 25.97 1.34
C LEU G 280 62.06 25.95 0.19
N ASP G 281 62.09 26.96 -0.69
CA ASP G 281 61.23 26.96 -1.85
C ASP G 281 61.60 25.85 -2.82
N GLU G 282 62.90 25.66 -3.07
CA GLU G 282 63.31 24.62 -4.02
C GLU G 282 63.06 23.23 -3.47
N THR G 283 63.19 23.04 -2.16
CA THR G 283 63.01 21.73 -1.55
C THR G 283 61.55 21.39 -1.28
N GLU G 284 60.64 22.35 -1.42
CA GLU G 284 59.21 22.13 -1.21
C GLU G 284 58.92 21.57 0.18
N GLN G 285 59.63 22.10 1.19
CA GLN G 285 59.43 21.70 2.58
C GLN G 285 58.71 22.76 3.39
N TRP G 286 58.01 23.70 2.72
CA TRP G 286 57.39 24.81 3.43
C TRP G 286 56.27 24.35 4.37
N GLU G 287 55.67 23.18 4.10
CA GLU G 287 54.51 22.74 4.86
C GLU G 287 54.88 22.38 6.29
N LYS G 288 56.12 21.95 6.53
CA LYS G 288 56.53 21.50 7.85
C LYS G 288 57.00 22.63 8.77
N PHE G 289 57.12 23.85 8.26
CA PHE G 289 57.65 24.95 9.05
C PHE G 289 56.62 26.01 9.42
N GLY G 290 55.50 26.08 8.71
CA GLY G 290 54.53 27.13 8.94
C GLY G 290 54.46 28.07 7.75
N LEU G 291 53.39 27.95 6.96
CA LEU G 291 53.31 28.66 5.69
C LEU G 291 53.19 30.17 5.86
N GLU G 292 52.84 30.64 7.06
CA GLU G 292 52.63 32.07 7.27
C GLU G 292 53.93 32.86 7.28
N LYS G 293 55.09 32.21 7.29
CA LYS G 293 56.36 32.92 7.39
C LYS G 293 56.85 33.45 6.06
N ARG G 294 56.28 33.01 4.94
CA ARG G 294 56.76 33.45 3.64
C ARG G 294 56.50 34.94 3.43
N GLN G 295 55.31 35.42 3.79
CA GLN G 295 55.00 36.84 3.66
C GLN G 295 55.90 37.68 4.57
N GLY G 296 56.14 37.20 5.79
CA GLY G 296 57.04 37.93 6.67
C GLY G 296 58.46 38.00 6.14
N ALA G 297 58.96 36.89 5.59
CA ALA G 297 60.28 36.89 4.99
C ALA G 297 60.35 37.85 3.80
N LEU G 298 59.30 37.86 2.97
CA LEU G 298 59.26 38.78 1.84
C LEU G 298 59.27 40.23 2.31
N GLU G 299 58.48 40.54 3.34
CA GLU G 299 58.45 41.90 3.87
C GLU G 299 59.82 42.30 4.42
N LEU G 300 60.47 41.41 5.16
CA LEU G 300 61.77 41.74 5.72
C LEU G 300 62.83 41.93 4.64
N ILE G 301 62.83 41.08 3.62
CA ILE G 301 63.84 41.23 2.57
C ILE G 301 63.58 42.50 1.75
N LYS G 302 62.31 42.85 1.52
CA LYS G 302 62.01 44.09 0.85
C LYS G 302 62.47 45.29 1.68
N LYS G 303 62.22 45.25 2.99
CA LYS G 303 62.64 46.35 3.86
C LYS G 303 64.16 46.50 3.86
N GLY G 304 64.88 45.37 3.92
CA GLY G 304 66.33 45.44 3.88
C GLY G 304 66.85 45.94 2.54
N TYR G 305 66.27 45.46 1.44
CA TYR G 305 66.66 45.94 0.12
C TYR G 305 66.38 47.42 -0.05
N THR G 306 65.39 47.96 0.67
CA THR G 306 65.15 49.40 0.62
C THR G 306 66.40 50.19 1.02
N GLN G 307 66.97 49.88 2.18
CA GLN G 307 68.18 50.59 2.58
C GLN G 307 69.40 50.13 1.80
N GLN G 308 69.39 48.90 1.29
CA GLN G 308 70.49 48.45 0.43
C GLN G 308 70.59 49.30 -0.82
N LEU G 309 69.44 49.59 -1.46
CA LEU G 309 69.43 50.47 -2.61
C LEU G 309 69.61 51.94 -2.21
N ALA G 310 69.18 52.31 -1.00
CA ALA G 310 69.43 53.67 -0.53
C ALA G 310 70.92 53.93 -0.33
N PHE G 311 71.68 52.89 0.00
CA PHE G 311 73.12 53.04 0.20
C PHE G 311 73.92 52.99 -1.09
N ARG G 312 73.25 52.79 -2.22
CA ARG G 312 73.94 52.74 -3.51
C ARG G 312 74.63 54.08 -3.80
N GLN G 313 75.89 54.00 -4.23
CA GLN G 313 76.63 55.21 -4.53
C GLN G 313 76.13 55.84 -5.84
N PRO G 314 76.28 57.15 -5.99
CA PRO G 314 75.87 57.79 -7.26
C PRO G 314 76.69 57.32 -8.45
N SER G 315 77.87 56.73 -8.23
CA SER G 315 78.71 56.23 -9.30
C SER G 315 78.39 54.79 -9.67
N SER G 316 77.16 54.35 -9.45
CA SER G 316 76.73 52.97 -9.71
C SER G 316 77.57 51.98 -8.91
N ALA G 317 77.78 52.30 -7.63
CA ALA G 317 78.60 51.49 -6.76
C ALA G 317 77.90 51.30 -5.43
N PHE G 318 78.47 50.42 -4.60
CA PHE G 318 77.94 50.12 -3.28
C PHE G 318 79.05 50.21 -2.24
N ALA G 319 78.69 50.68 -1.06
CA ALA G 319 79.64 50.83 0.03
C ALA G 319 78.90 50.78 1.35
N ALA G 320 79.67 50.55 2.43
CA ALA G 320 79.06 50.53 3.76
C ALA G 320 78.50 51.89 4.14
N PHE G 321 79.07 52.96 3.60
CA PHE G 321 78.59 54.31 3.86
C PHE G 321 78.79 55.15 2.61
N VAL G 322 78.03 56.25 2.53
CA VAL G 322 78.14 57.14 1.38
C VAL G 322 79.50 57.84 1.38
N LYS G 323 80.02 58.17 2.56
CA LYS G 323 81.33 58.81 2.66
C LYS G 323 82.47 57.82 2.42
N ARG G 324 82.28 56.56 2.78
CA ARG G 324 83.32 55.57 2.62
C ARG G 324 83.53 55.24 1.14
N ALA G 325 84.73 54.73 0.83
CA ALA G 325 85.05 54.37 -0.54
C ALA G 325 84.22 53.18 -0.99
N PRO G 326 83.84 53.15 -2.27
CA PRO G 326 83.07 52.00 -2.78
C PRO G 326 83.89 50.71 -2.70
N SER G 327 83.19 49.60 -2.48
CA SER G 327 83.81 48.29 -2.36
C SER G 327 83.39 47.42 -3.54
N THR G 328 84.37 46.88 -4.26
CA THR G 328 84.05 45.97 -5.36
C THR G 328 83.44 44.68 -4.84
N TRP G 329 83.93 44.18 -3.71
CA TRP G 329 83.36 42.96 -3.13
C TRP G 329 81.90 43.16 -2.75
N LEU G 330 81.57 44.32 -2.19
CA LEU G 330 80.18 44.58 -1.82
C LEU G 330 79.29 44.63 -3.05
N THR G 331 79.77 45.21 -4.15
CA THR G 331 79.00 45.22 -5.38
C THR G 331 78.82 43.82 -5.93
N ALA G 332 79.87 42.98 -5.86
CA ALA G 332 79.75 41.60 -6.31
C ALA G 332 78.74 40.84 -5.46
N TYR G 333 78.75 41.07 -4.15
CA TYR G 333 77.77 40.45 -3.27
C TYR G 333 76.36 40.93 -3.59
N VAL G 334 76.21 42.23 -3.89
CA VAL G 334 74.91 42.74 -4.30
C VAL G 334 74.42 42.02 -5.55
N VAL G 335 75.31 41.86 -6.53
CA VAL G 335 74.91 41.21 -7.79
C VAL G 335 74.52 39.76 -7.53
N LYS G 336 75.31 39.05 -6.72
CA LYS G 336 75.03 37.64 -6.48
C LYS G 336 73.77 37.44 -5.66
N VAL G 337 73.48 38.36 -4.73
CA VAL G 337 72.24 38.26 -3.96
C VAL G 337 71.03 38.58 -4.83
N PHE G 338 71.14 39.62 -5.67
CA PHE G 338 70.04 39.97 -6.55
C PHE G 338 69.76 38.87 -7.57
N SER G 339 70.81 38.16 -8.00
CA SER G 339 70.63 37.08 -8.99
C SER G 339 69.66 36.02 -8.49
N LEU G 340 69.55 35.86 -7.17
CA LEU G 340 68.59 34.94 -6.58
C LEU G 340 67.34 35.64 -6.06
N ALA G 341 67.44 36.91 -5.68
CA ALA G 341 66.31 37.65 -5.15
C ALA G 341 65.37 38.16 -6.23
N VAL G 342 65.78 38.14 -7.50
CA VAL G 342 64.88 38.55 -8.57
C VAL G 342 63.65 37.67 -8.65
N ASN G 343 63.74 36.42 -8.20
CA ASN G 343 62.59 35.52 -8.20
C ASN G 343 61.56 35.88 -7.13
N LEU G 344 61.90 36.76 -6.19
CA LEU G 344 60.99 37.15 -5.12
C LEU G 344 60.54 38.60 -5.22
N ILE G 345 61.48 39.52 -5.42
CA ILE G 345 61.17 40.94 -5.50
C ILE G 345 61.53 41.45 -6.89
N ALA G 346 61.03 42.64 -7.22
CA ALA G 346 61.29 43.27 -8.50
C ALA G 346 62.55 44.12 -8.37
N ILE G 347 63.64 43.65 -8.99
CA ILE G 347 64.92 44.36 -8.95
C ILE G 347 64.98 45.31 -10.14
N ASP G 348 65.37 46.56 -9.87
CA ASP G 348 65.51 47.56 -10.92
C ASP G 348 66.58 47.14 -11.92
N SER G 349 66.18 46.93 -13.17
CA SER G 349 67.14 46.51 -14.20
C SER G 349 68.18 47.59 -14.46
N GLN G 350 67.78 48.86 -14.36
CA GLN G 350 68.71 49.95 -14.57
C GLN G 350 69.82 49.93 -13.52
N VAL G 351 69.48 49.65 -12.26
CA VAL G 351 70.47 49.60 -11.21
C VAL G 351 71.48 48.48 -11.47
N LEU G 352 70.97 47.30 -11.86
CA LEU G 352 71.85 46.18 -12.15
C LEU G 352 72.76 46.47 -13.33
N CYS G 353 72.21 47.09 -14.39
CA CYS G 353 73.03 47.43 -15.54
C CYS G 353 74.08 48.47 -15.20
N GLY G 354 73.73 49.45 -14.36
CA GLY G 354 74.71 50.44 -13.94
C GLY G 354 75.82 49.84 -13.11
N ALA G 355 75.48 48.93 -12.20
CA ALA G 355 76.50 48.24 -11.42
C ALA G 355 77.39 47.39 -12.32
N VAL G 356 76.80 46.72 -13.31
CA VAL G 356 77.58 45.91 -14.25
C VAL G 356 78.54 46.79 -15.03
N LYS G 357 78.06 47.95 -15.51
CA LYS G 357 78.92 48.85 -16.25
C LYS G 357 80.04 49.39 -15.37
N TRP G 358 79.72 49.72 -14.10
CA TRP G 358 80.75 50.20 -13.18
C TRP G 358 81.83 49.14 -12.96
N LEU G 359 81.43 47.89 -12.78
CA LEU G 359 82.40 46.82 -12.62
C LEU G 359 83.19 46.57 -13.90
N ILE G 360 82.56 46.75 -15.05
CA ILE G 360 83.23 46.52 -16.33
C ILE G 360 84.28 47.59 -16.58
N LEU G 361 83.98 48.85 -16.24
CA LEU G 361 84.87 49.96 -16.56
C LEU G 361 85.77 50.35 -15.38
N GLU G 362 85.17 50.69 -14.25
CA GLU G 362 85.94 51.31 -13.16
C GLU G 362 86.78 50.29 -12.38
N LYS G 363 86.28 49.07 -12.20
CA LYS G 363 86.85 48.13 -11.24
C LYS G 363 87.23 46.82 -11.91
N GLN G 364 87.92 46.89 -13.03
CA GLN G 364 88.51 45.70 -13.64
C GLN G 364 89.70 46.11 -14.49
N LYS G 365 90.60 45.15 -14.69
CA LYS G 365 91.74 45.34 -15.57
C LYS G 365 91.39 44.96 -17.00
N PRO G 366 92.09 45.52 -17.99
CA PRO G 366 91.86 45.10 -19.38
C PRO G 366 92.11 43.62 -19.61
N ASP G 367 93.04 43.02 -18.87
CA ASP G 367 93.29 41.59 -18.99
C ASP G 367 92.18 40.74 -18.40
N GLY G 368 91.21 41.34 -17.70
CA GLY G 368 90.10 40.62 -17.12
C GLY G 368 90.21 40.40 -15.62
N VAL G 369 91.36 40.68 -15.01
CA VAL G 369 91.54 40.48 -13.59
C VAL G 369 90.81 41.58 -12.83
N PHE G 370 89.96 41.18 -11.89
CA PHE G 370 89.21 42.14 -11.07
C PHE G 370 90.04 42.53 -9.85
N GLN G 371 89.79 43.76 -9.37
CA GLN G 371 90.51 44.31 -8.24
C GLN G 371 89.53 44.91 -7.25
N GLU G 372 89.95 44.96 -5.98
CA GLU G 372 89.14 45.51 -4.90
C GLU G 372 89.69 46.88 -4.51
N ASP G 373 88.80 47.86 -4.41
CA ASP G 373 89.21 49.21 -4.05
C ASP G 373 89.36 49.39 -2.54
N ALA G 374 88.38 48.93 -1.76
CA ALA G 374 88.43 49.06 -0.31
C ALA G 374 87.62 47.95 0.34
N PRO G 375 88.26 47.02 1.05
CA PRO G 375 87.50 45.97 1.74
C PRO G 375 86.63 46.53 2.85
N VAL G 376 85.55 45.79 3.16
CA VAL G 376 84.61 46.24 4.18
C VAL G 376 85.28 46.25 5.55
N ILE G 377 84.62 46.92 6.49
CA ILE G 377 85.17 47.06 7.83
C ILE G 377 85.28 45.70 8.52
N HIS G 378 84.23 44.89 8.41
CA HIS G 378 84.21 43.57 9.02
C HIS G 378 84.92 42.59 8.10
N GLN G 379 86.09 42.11 8.51
CA GLN G 379 86.87 41.18 7.72
C GLN G 379 86.46 39.73 7.93
N GLU G 380 85.52 39.46 8.82
CA GLU G 380 85.03 38.10 9.06
C GLU G 380 83.87 37.72 8.16
N MET G 381 83.32 38.67 7.41
CA MET G 381 82.18 38.40 6.53
C MET G 381 82.60 38.08 5.10
N ILE G 382 83.91 38.12 4.79
CA ILE G 382 84.37 37.84 3.43
C ILE G 382 84.75 36.38 3.24
N GLY G 383 84.57 35.54 4.25
CA GLY G 383 84.88 34.13 4.13
C GLY G 383 86.34 33.84 3.91
N GLY G 384 86.66 33.16 2.81
CA GLY G 384 88.04 32.82 2.49
C GLY G 384 88.89 33.99 2.02
N LEU G 385 88.27 35.14 1.75
CA LEU G 385 89.03 36.31 1.34
C LEU G 385 89.79 36.95 2.49
N ARG G 386 89.58 36.50 3.72
CA ARG G 386 90.27 37.08 4.86
C ARG G 386 91.78 36.89 4.75
N ASN G 387 92.22 35.71 4.32
CA ASN G 387 93.64 35.45 4.15
C ASN G 387 94.16 36.19 2.92
N ASN G 388 95.26 36.92 3.11
CA ASN G 388 95.76 37.83 2.07
C ASN G 388 96.42 37.12 0.89
N ASN G 389 96.92 35.90 1.09
CA ASN G 389 97.63 35.20 0.02
C ASN G 389 96.69 34.83 -1.11
N GLU G 390 97.11 35.14 -2.35
CA GLU G 390 96.33 34.84 -3.54
C GLU G 390 94.93 35.44 -3.47
N LYS G 391 94.84 36.64 -2.89
CA LYS G 391 93.55 37.29 -2.72
C LYS G 391 93.02 37.85 -4.05
N ASP G 392 93.91 38.31 -4.92
CA ASP G 392 93.48 38.90 -6.18
C ASP G 392 92.77 37.86 -7.05
N MET G 393 93.31 36.65 -7.13
CA MET G 393 92.68 35.61 -7.94
C MET G 393 91.32 35.22 -7.37
N ALA G 394 91.23 35.09 -6.04
CA ALA G 394 89.95 34.76 -5.43
C ALA G 394 88.91 35.83 -5.67
N LEU G 395 89.30 37.10 -5.53
CA LEU G 395 88.37 38.20 -5.81
C LEU G 395 87.95 38.21 -7.27
N THR G 396 88.89 37.95 -8.18
CA THR G 396 88.56 37.91 -9.60
C THR G 396 87.57 36.79 -9.88
N ALA G 397 87.78 35.60 -9.31
CA ALA G 397 86.86 34.50 -9.52
C ALA G 397 85.48 34.82 -8.95
N PHE G 398 85.43 35.43 -7.76
CA PHE G 398 84.15 35.77 -7.17
C PHE G 398 83.38 36.78 -8.02
N VAL G 399 84.08 37.81 -8.51
CA VAL G 399 83.41 38.83 -9.32
C VAL G 399 82.96 38.24 -10.65
N LEU G 400 83.78 37.36 -11.24
CA LEU G 400 83.38 36.70 -12.48
C LEU G 400 82.16 35.83 -12.27
N ILE G 401 82.10 35.12 -11.15
CA ILE G 401 80.93 34.30 -10.84
C ILE G 401 79.69 35.17 -10.68
N SER G 402 79.83 36.29 -9.97
CA SER G 402 78.70 37.20 -9.80
C SER G 402 78.22 37.75 -11.13
N LEU G 403 79.16 38.15 -12.00
CA LEU G 403 78.79 38.70 -13.30
C LEU G 403 78.10 37.65 -14.17
N GLN G 404 78.62 36.42 -14.18
CA GLN G 404 78.02 35.38 -15.01
C GLN G 404 76.66 34.94 -14.46
N GLU G 405 76.46 35.06 -13.14
CA GLU G 405 75.16 34.72 -12.56
C GLU G 405 74.07 35.66 -13.06
N ALA G 406 74.38 36.95 -13.17
CA ALA G 406 73.42 37.96 -13.61
C ALA G 406 73.75 38.48 -15.01
N LYS G 407 74.43 37.66 -15.81
CA LYS G 407 74.84 38.10 -17.15
C LYS G 407 73.63 38.36 -18.04
N ASP G 408 72.61 37.51 -17.95
CA ASP G 408 71.44 37.65 -18.82
C ASP G 408 70.63 38.91 -18.51
N ILE G 409 70.81 39.50 -17.33
CA ILE G 409 70.03 40.69 -16.97
C ILE G 409 70.39 41.86 -17.88
N CYS G 410 71.68 42.07 -18.13
CA CYS G 410 72.15 43.13 -19.01
C CYS G 410 73.02 42.56 -20.14
N GLU G 411 72.60 41.42 -20.68
CA GLU G 411 73.36 40.79 -21.76
C GLU G 411 73.35 41.64 -23.02
N GLU G 412 72.18 42.14 -23.41
CA GLU G 412 72.07 42.98 -24.60
C GLU G 412 72.23 44.46 -24.27
N GLN G 413 71.90 44.88 -23.05
CA GLN G 413 72.04 46.28 -22.68
C GLN G 413 73.51 46.69 -22.61
N VAL G 414 74.37 45.80 -22.12
CA VAL G 414 75.81 46.03 -22.08
C VAL G 414 76.47 44.88 -22.84
N ASN G 415 77.14 45.21 -23.94
CA ASN G 415 77.76 44.21 -24.79
C ASN G 415 79.23 43.95 -24.47
N SER G 416 79.81 44.71 -23.55
CA SER G 416 81.22 44.52 -23.18
C SER G 416 81.42 43.42 -22.15
N LEU G 417 80.36 42.91 -21.55
CA LEU G 417 80.48 41.85 -20.56
C LEU G 417 81.12 40.57 -21.11
N PRO G 418 80.72 40.05 -22.28
CA PRO G 418 81.34 38.79 -22.74
C PRO G 418 82.85 38.87 -22.92
N GLY G 419 83.37 40.00 -23.41
CA GLY G 419 84.80 40.12 -23.59
C GLY G 419 85.56 40.08 -22.27
N SER G 420 85.08 40.85 -21.29
CA SER G 420 85.70 40.84 -19.97
C SER G 420 85.60 39.47 -19.31
N ILE G 421 84.45 38.80 -19.48
CA ILE G 421 84.28 37.47 -18.91
C ILE G 421 85.26 36.49 -19.54
N THR G 422 85.41 36.53 -20.86
CA THR G 422 86.36 35.65 -21.53
C THR G 422 87.79 35.93 -21.09
N LYS G 423 88.15 37.21 -20.96
CA LYS G 423 89.50 37.55 -20.51
C LYS G 423 89.75 37.05 -19.09
N ALA G 424 88.77 37.23 -18.20
CA ALA G 424 88.91 36.74 -16.83
C ALA G 424 89.04 35.22 -16.79
N GLY G 425 88.24 34.52 -17.60
CA GLY G 425 88.34 33.08 -17.66
C GLY G 425 89.69 32.61 -18.15
N ASP G 426 90.21 33.25 -19.20
CA ASP G 426 91.53 32.90 -19.70
C ASP G 426 92.60 33.15 -18.65
N PHE G 427 92.52 34.29 -17.94
CA PHE G 427 93.49 34.58 -16.90
C PHE G 427 93.42 33.56 -15.77
N LEU G 428 92.21 33.16 -15.38
CA LEU G 428 92.06 32.18 -14.32
C LEU G 428 92.60 30.82 -14.75
N GLU G 429 92.31 30.40 -15.98
CA GLU G 429 92.79 29.10 -16.44
C GLU G 429 94.30 29.07 -16.62
N ALA G 430 94.90 30.21 -17.01
CA ALA G 430 96.34 30.24 -17.25
C ALA G 430 97.13 29.94 -15.99
N ASN G 431 96.72 30.52 -14.86
CA ASN G 431 97.47 30.39 -13.61
C ASN G 431 96.79 29.46 -12.61
N TYR G 432 95.85 28.64 -13.07
CA TYR G 432 95.15 27.73 -12.17
C TYR G 432 96.03 26.58 -11.69
N MET G 433 97.01 26.17 -12.50
CA MET G 433 97.86 25.03 -12.13
C MET G 433 98.69 25.35 -10.89
N ASN G 434 99.27 26.55 -10.82
CA ASN G 434 100.14 26.93 -9.71
C ASN G 434 99.38 27.39 -8.47
N LEU G 435 98.06 27.53 -8.57
CA LEU G 435 97.27 27.98 -7.42
C LEU G 435 97.25 26.90 -6.35
N GLN G 436 97.36 27.32 -5.09
CA GLN G 436 97.53 26.40 -3.97
C GLN G 436 96.37 26.40 -3.00
N ARG G 437 95.75 27.56 -2.74
CA ARG G 437 94.67 27.64 -1.76
C ARG G 437 93.45 26.89 -2.27
N SER G 438 93.01 25.88 -1.51
CA SER G 438 91.89 25.06 -1.95
C SER G 438 90.61 25.88 -2.12
N TYR G 439 90.43 26.91 -1.30
CA TYR G 439 89.28 27.80 -1.49
C TYR G 439 89.39 28.55 -2.80
N THR G 440 90.56 29.14 -3.07
CA THR G 440 90.76 29.83 -4.34
C THR G 440 90.73 28.85 -5.50
N VAL G 441 91.26 27.64 -5.31
CA VAL G 441 91.19 26.62 -6.35
C VAL G 441 89.74 26.30 -6.69
N ALA G 442 88.91 26.11 -5.67
CA ALA G 442 87.50 25.77 -5.89
C ALA G 442 86.76 26.93 -6.56
N ILE G 443 87.01 28.16 -6.13
CA ILE G 443 86.29 29.29 -6.71
C ILE G 443 86.72 29.51 -8.16
N ALA G 444 88.01 29.32 -8.45
CA ALA G 444 88.48 29.43 -9.82
C ALA G 444 87.90 28.32 -10.69
N GLY G 445 87.81 27.10 -10.16
CA GLY G 445 87.19 26.02 -10.89
C GLY G 445 85.72 26.28 -11.19
N TYR G 446 85.00 26.82 -10.23
CA TYR G 446 83.60 27.17 -10.46
C TYR G 446 83.48 28.25 -11.53
N ALA G 447 84.36 29.27 -11.47
CA ALA G 447 84.32 30.33 -12.48
C ALA G 447 84.62 29.77 -13.86
N LEU G 448 85.60 28.86 -13.96
CA LEU G 448 85.94 28.27 -15.25
C LEU G 448 84.79 27.41 -15.78
N ALA G 449 84.18 26.60 -14.91
CA ALA G 449 83.08 25.75 -15.32
C ALA G 449 81.83 26.56 -15.68
N GLN G 450 81.70 27.78 -15.16
CA GLN G 450 80.57 28.62 -15.53
C GLN G 450 80.57 28.91 -17.02
N MET G 451 81.74 29.21 -17.59
CA MET G 451 81.86 29.49 -19.02
C MET G 451 82.12 28.24 -19.85
N GLY G 452 82.26 27.07 -19.21
CA GLY G 452 82.51 25.84 -19.93
C GLY G 452 83.96 25.63 -20.33
N ARG G 453 84.88 26.43 -19.83
CA ARG G 453 86.29 26.32 -20.17
C ARG G 453 87.06 25.37 -19.26
N LEU G 454 86.39 24.70 -18.32
CA LEU G 454 87.04 23.80 -17.38
C LEU G 454 87.13 22.42 -18.01
N LYS G 455 88.30 22.11 -18.57
CA LYS G 455 88.57 20.80 -19.17
C LYS G 455 90.01 20.42 -18.87
N GLY G 456 90.46 19.33 -19.47
CA GLY G 456 91.83 18.89 -19.36
C GLY G 456 92.17 18.35 -17.98
N PRO G 457 93.46 18.32 -17.65
CA PRO G 457 93.89 17.80 -16.35
C PRO G 457 93.41 18.63 -15.16
N LEU G 458 92.86 19.82 -15.40
CA LEU G 458 92.38 20.64 -14.29
C LEU G 458 91.25 19.96 -13.55
N LEU G 459 90.36 19.27 -14.27
CA LEU G 459 89.28 18.53 -13.62
C LEU G 459 89.83 17.42 -12.72
N ASN G 460 90.83 16.68 -13.22
CA ASN G 460 91.42 15.63 -12.41
C ASN G 460 92.12 16.20 -11.18
N LYS G 461 92.82 17.33 -11.35
CA LYS G 461 93.47 17.97 -10.21
C LYS G 461 92.44 18.43 -9.18
N PHE G 462 91.32 18.98 -9.65
CA PHE G 462 90.26 19.40 -8.73
C PHE G 462 89.67 18.20 -7.99
N LEU G 463 89.48 17.09 -8.69
CA LEU G 463 88.97 15.89 -8.04
C LEU G 463 89.95 15.38 -6.99
N THR G 464 91.24 15.42 -7.30
CA THR G 464 92.26 15.03 -6.33
C THR G 464 92.58 16.11 -5.32
N THR G 465 92.12 17.34 -5.54
CA THR G 465 92.36 18.42 -4.59
C THR G 465 91.67 18.15 -3.25
N ALA G 466 90.46 17.60 -3.29
CA ALA G 466 89.74 17.30 -2.06
C ALA G 466 90.48 16.24 -1.26
N LYS G 467 90.64 16.50 0.05
CA LYS G 467 91.34 15.57 0.92
C LYS G 467 90.40 14.47 1.38
N ASP G 468 90.85 13.22 1.26
CA ASP G 468 90.10 12.04 1.67
C ASP G 468 88.78 11.89 0.92
N LYS G 469 88.63 12.62 -0.18
CA LYS G 469 87.44 12.53 -1.04
C LYS G 469 86.15 12.80 -0.26
N ASN G 470 86.20 13.75 0.67
CA ASN G 470 85.00 14.14 1.39
C ASN G 470 84.72 15.64 1.34
N ARG G 471 85.78 16.46 1.40
CA ARG G 471 85.62 17.91 1.36
C ARG G 471 86.97 18.52 0.99
N TRP G 472 86.92 19.78 0.58
CA TRP G 472 88.12 20.55 0.23
C TRP G 472 88.63 21.21 1.51
N GLU G 473 89.65 20.61 2.11
CA GLU G 473 90.19 21.08 3.38
C GLU G 473 91.11 22.27 3.16
N ASP G 474 91.09 23.20 4.10
CA ASP G 474 91.95 24.37 4.11
C ASP G 474 92.57 24.55 5.48
N PRO G 475 93.79 25.09 5.54
CA PRO G 475 94.42 25.34 6.85
C PRO G 475 93.77 26.51 7.59
N GLY G 476 93.07 26.21 8.68
CA GLY G 476 92.40 27.23 9.45
C GLY G 476 91.01 26.84 9.88
N LYS G 477 90.09 27.81 9.91
CA LYS G 477 88.71 27.53 10.29
C LYS G 477 88.04 26.64 9.24
N GLN G 478 87.18 25.74 9.72
CA GLN G 478 86.49 24.82 8.83
C GLN G 478 85.44 25.50 7.95
N LEU G 479 85.07 26.74 8.28
CA LEU G 479 84.09 27.45 7.45
C LEU G 479 84.62 27.67 6.04
N TYR G 480 85.89 28.04 5.91
CA TYR G 480 86.49 28.21 4.60
C TYR G 480 86.51 26.90 3.84
N ASN G 481 86.82 25.79 4.52
CA ASN G 481 86.81 24.48 3.88
C ASN G 481 85.42 24.12 3.39
N VAL G 482 84.39 24.39 4.20
CA VAL G 482 83.03 24.09 3.80
C VAL G 482 82.62 24.94 2.60
N GLU G 483 82.98 26.22 2.60
CA GLU G 483 82.65 27.09 1.47
C GLU G 483 83.36 26.61 0.20
N ALA G 484 84.63 26.21 0.31
CA ALA G 484 85.35 25.70 -0.84
C ALA G 484 84.70 24.41 -1.36
N THR G 485 84.29 23.53 -0.45
CA THR G 485 83.61 22.31 -0.86
C THR G 485 82.30 22.63 -1.57
N SER G 486 81.55 23.60 -1.06
CA SER G 486 80.30 23.98 -1.70
C SER G 486 80.54 24.52 -3.11
N TYR G 487 81.57 25.36 -3.27
CA TYR G 487 81.88 25.87 -4.60
C TYR G 487 82.31 24.74 -5.53
N ALA G 488 83.13 23.82 -5.05
CA ALA G 488 83.57 22.70 -5.87
C ALA G 488 82.40 21.83 -6.29
N LEU G 489 81.46 21.58 -5.38
CA LEU G 489 80.30 20.76 -5.73
C LEU G 489 79.36 21.50 -6.68
N LEU G 490 79.26 22.82 -6.55
CA LEU G 490 78.51 23.59 -7.53
C LEU G 490 79.14 23.45 -8.91
N ALA G 491 80.47 23.53 -8.98
CA ALA G 491 81.16 23.32 -10.25
C ALA G 491 80.92 21.92 -10.80
N LEU G 492 80.95 20.91 -9.92
CA LEU G 492 80.71 19.53 -10.34
C LEU G 492 79.30 19.35 -10.89
N LEU G 493 78.31 19.93 -10.21
CA LEU G 493 76.94 19.86 -10.71
C LEU G 493 76.80 20.62 -12.03
N GLN G 494 77.56 21.70 -12.21
CA GLN G 494 77.65 22.33 -13.52
C GLN G 494 78.19 21.35 -14.56
N LEU G 495 79.21 20.58 -14.19
CA LEU G 495 79.73 19.53 -15.05
C LEU G 495 78.79 18.34 -15.15
N LYS G 496 77.75 18.28 -14.32
CA LYS G 496 76.73 17.24 -14.36
C LYS G 496 77.34 15.85 -14.13
N ASP G 497 78.09 15.73 -13.03
CA ASP G 497 78.67 14.47 -12.59
C ASP G 497 78.19 14.19 -11.17
N PHE G 498 77.25 13.25 -11.04
CA PHE G 498 76.63 12.93 -9.75
C PHE G 498 77.20 11.68 -9.13
N ASP G 499 78.34 11.18 -9.62
CA ASP G 499 78.94 9.98 -9.05
C ASP G 499 79.62 10.28 -7.71
N PHE G 500 79.99 11.54 -7.48
CA PHE G 500 80.71 11.93 -6.28
C PHE G 500 79.92 12.92 -5.41
N VAL G 501 78.86 13.51 -5.93
CA VAL G 501 78.11 14.51 -5.17
C VAL G 501 77.49 13.94 -3.90
N PRO G 502 76.77 12.81 -3.93
CA PRO G 502 76.08 12.33 -2.71
C PRO G 502 77.03 12.09 -1.54
N PRO G 503 78.27 11.63 -1.78
CA PRO G 503 79.25 11.62 -0.67
C PRO G 503 79.36 12.96 0.05
N VAL G 504 79.59 14.05 -0.68
CA VAL G 504 79.66 15.36 -0.06
C VAL G 504 78.32 15.73 0.55
N VAL G 505 77.22 15.30 -0.08
CA VAL G 505 75.89 15.65 0.42
C VAL G 505 75.69 15.12 1.83
N ARG G 506 75.94 13.82 2.04
CA ARG G 506 75.71 13.31 3.39
C ARG G 506 76.86 13.67 4.33
N TRP G 507 78.05 13.96 3.80
CA TRP G 507 79.10 14.50 4.66
C TRP G 507 78.69 15.84 5.26
N LEU G 508 78.13 16.73 4.43
CA LEU G 508 77.65 18.01 4.93
C LEU G 508 76.41 17.85 5.80
N ASN G 509 75.57 16.85 5.50
CA ASN G 509 74.44 16.56 6.38
C ASN G 509 74.91 16.15 7.76
N GLU G 510 75.95 15.31 7.84
CA GLU G 510 76.52 14.93 9.12
C GLU G 510 77.32 16.06 9.75
N GLN G 511 77.74 17.05 8.96
CA GLN G 511 78.45 18.20 9.51
C GLN G 511 77.58 18.99 10.49
N ARG G 512 76.26 19.02 10.26
CA ARG G 512 75.31 19.72 11.11
C ARG G 512 75.66 21.21 11.24
N TYR G 513 76.08 21.80 10.12
CA TYR G 513 76.42 23.23 10.09
C TYR G 513 75.14 24.02 9.88
N TYR G 514 74.53 24.48 10.97
CA TYR G 514 73.32 25.28 10.92
C TYR G 514 73.59 26.77 10.79
N GLY G 515 74.86 27.17 10.74
CA GLY G 515 75.20 28.58 10.64
C GLY G 515 75.13 29.30 11.97
N GLY G 516 75.30 30.62 11.88
CA GLY G 516 75.28 31.47 13.05
C GLY G 516 76.67 31.67 13.64
N GLY G 517 76.80 32.78 14.38
CA GLY G 517 78.06 33.12 15.01
C GLY G 517 78.96 33.95 14.10
N TYR G 518 80.05 34.41 14.69
CA TYR G 518 81.02 35.22 13.95
C TYR G 518 81.72 34.39 12.88
N GLY G 519 81.94 35.00 11.72
CA GLY G 519 82.57 34.32 10.61
C GLY G 519 81.74 33.18 10.04
N SER G 520 80.43 33.37 9.91
CA SER G 520 79.54 32.34 9.37
C SER G 520 78.67 32.87 8.25
N THR G 521 79.02 34.02 7.68
CA THR G 521 78.20 34.63 6.63
C THR G 521 78.42 33.93 5.29
N GLN G 522 79.64 33.99 4.76
CA GLN G 522 79.93 33.41 3.46
C GLN G 522 79.80 31.89 3.48
N ALA G 523 80.22 31.26 4.58
CA ALA G 523 80.14 29.81 4.66
C ALA G 523 78.70 29.33 4.57
N THR G 524 77.80 29.96 5.33
CA THR G 524 76.39 29.59 5.26
C THR G 524 75.79 29.93 3.91
N PHE G 525 76.08 31.12 3.38
CA PHE G 525 75.54 31.52 2.09
C PHE G 525 76.01 30.61 0.97
N MET G 526 77.17 29.96 1.13
CA MET G 526 77.66 29.03 0.13
C MET G 526 77.09 27.63 0.33
N VAL G 527 77.04 27.13 1.56
CA VAL G 527 76.54 25.77 1.78
C VAL G 527 75.05 25.68 1.45
N PHE G 528 74.26 26.68 1.86
CA PHE G 528 72.84 26.66 1.54
C PHE G 528 72.61 26.79 0.05
N GLN G 529 73.40 27.64 -0.62
CA GLN G 529 73.27 27.77 -2.07
C GLN G 529 73.60 26.47 -2.78
N ALA G 530 74.67 25.79 -2.36
CA ALA G 530 75.02 24.52 -2.97
C ALA G 530 73.95 23.48 -2.74
N LEU G 531 73.41 23.41 -1.51
CA LEU G 531 72.34 22.46 -1.23
C LEU G 531 71.10 22.75 -2.07
N ALA G 532 70.75 24.03 -2.20
CA ALA G 532 69.58 24.39 -3.01
C ALA G 532 69.80 24.04 -4.47
N GLN G 533 70.99 24.30 -5.00
CA GLN G 533 71.27 23.94 -6.39
C GLN G 533 71.20 22.44 -6.59
N TYR G 534 71.77 21.66 -5.66
CA TYR G 534 71.73 20.21 -5.79
C TYR G 534 70.30 19.68 -5.71
N GLN G 535 69.48 20.27 -4.83
CA GLN G 535 68.09 19.82 -4.74
C GLN G 535 67.27 20.26 -5.95
N LYS G 536 67.68 21.36 -6.60
CA LYS G 536 66.89 21.87 -7.72
C LYS G 536 67.22 21.15 -9.02
N ASP G 537 68.50 20.85 -9.26
CA ASP G 537 68.90 20.32 -10.57
C ASP G 537 68.66 18.82 -10.67
N ALA G 538 67.42 18.38 -10.42
CA ALA G 538 66.98 17.01 -10.60
C ALA G 538 67.90 16.03 -9.87
N PRO G 539 67.82 15.94 -8.55
CA PRO G 539 68.73 15.06 -7.81
C PRO G 539 68.44 13.59 -8.05
N ASP G 540 69.31 12.93 -8.79
CA ASP G 540 69.20 11.48 -9.07
C ASP G 540 67.84 11.15 -9.68
N HIS G 541 67.49 11.85 -10.75
CA HIS G 541 66.19 11.70 -11.38
C HIS G 541 66.14 10.41 -12.21
N GLN G 542 64.97 10.11 -12.74
CA GLN G 542 64.80 8.92 -13.57
C GLN G 542 65.56 9.06 -14.89
N GLU G 543 66.00 7.93 -15.43
CA GLU G 543 66.71 7.86 -16.69
C GLU G 543 66.06 6.84 -17.62
N LEU G 544 64.74 6.76 -17.57
CA LEU G 544 64.00 5.81 -18.40
C LEU G 544 63.73 6.41 -19.78
N ASN G 545 64.29 5.80 -20.81
CA ASN G 545 64.07 6.23 -22.18
C ASN G 545 63.89 5.04 -23.12
N LEU G 546 63.31 3.96 -22.62
CA LEU G 546 63.19 2.74 -23.41
C LEU G 546 62.20 2.95 -24.55
N ASP G 547 62.59 2.50 -25.75
CA ASP G 547 61.72 2.47 -26.91
C ASP G 547 61.72 1.06 -27.46
N VAL G 548 60.53 0.45 -27.52
CA VAL G 548 60.39 -0.95 -27.91
C VAL G 548 59.46 -1.04 -29.11
N SER G 549 59.91 -1.73 -30.15
CA SER G 549 59.12 -1.99 -31.34
C SER G 549 59.08 -3.47 -31.61
N LEU G 550 57.92 -3.98 -32.04
CA LEU G 550 57.72 -5.40 -32.26
C LEU G 550 57.46 -5.66 -33.74
N GLN G 551 58.01 -6.76 -34.24
CA GLN G 551 57.84 -7.19 -35.62
C GLN G 551 56.81 -8.30 -35.66
N LEU G 552 55.65 -8.01 -36.27
CA LEU G 552 54.56 -8.98 -36.25
C LEU G 552 54.54 -9.81 -37.52
N PRO G 553 54.19 -11.10 -37.41
CA PRO G 553 54.11 -11.94 -38.62
C PRO G 553 53.07 -11.48 -39.60
N SER G 554 51.99 -10.84 -39.13
CA SER G 554 50.94 -10.37 -40.05
C SER G 554 51.44 -9.27 -40.97
N ARG G 555 52.49 -8.56 -40.59
CA ARG G 555 53.12 -7.49 -41.38
C ARG G 555 52.17 -6.33 -41.66
N SER G 556 50.99 -6.31 -41.03
CA SER G 556 50.06 -5.21 -41.24
C SER G 556 50.56 -3.94 -40.56
N SER G 557 51.03 -4.05 -39.32
CA SER G 557 51.55 -2.91 -38.59
C SER G 557 52.48 -3.40 -37.49
N LYS G 558 53.33 -2.50 -37.01
CA LYS G 558 54.27 -2.79 -35.93
C LYS G 558 53.92 -1.94 -34.73
N ILE G 559 53.70 -2.58 -33.59
CA ILE G 559 53.36 -1.87 -32.36
C ILE G 559 54.64 -1.33 -31.72
N THR G 560 54.61 -0.08 -31.28
CA THR G 560 55.73 0.55 -30.61
C THR G 560 55.26 1.14 -29.29
N HIS G 561 55.99 0.85 -28.22
CA HIS G 561 55.69 1.37 -26.89
C HIS G 561 56.93 2.04 -26.32
N ARG G 562 56.70 3.07 -25.52
CA ARG G 562 57.77 3.83 -24.89
C ARG G 562 57.54 3.85 -23.39
N ILE G 563 58.59 3.53 -22.63
CA ILE G 563 58.56 3.55 -21.17
C ILE G 563 59.53 4.63 -20.73
N HIS G 564 58.99 5.79 -20.36
CA HIS G 564 59.76 6.93 -19.91
C HIS G 564 59.30 7.34 -18.51
N TRP G 565 59.93 8.39 -17.99
CA TRP G 565 59.51 8.92 -16.70
C TRP G 565 58.10 9.48 -16.77
N GLU G 566 57.75 10.14 -17.89
CA GLU G 566 56.39 10.61 -18.08
C GLU G 566 55.39 9.46 -18.15
N SER G 567 55.79 8.35 -18.78
CA SER G 567 54.93 7.18 -18.83
C SER G 567 55.04 6.31 -17.59
N ALA G 568 56.05 6.54 -16.76
CA ALA G 568 56.28 5.79 -15.51
C ALA G 568 56.38 4.31 -15.87
N SER G 569 55.73 3.42 -15.11
CA SER G 569 55.73 1.99 -15.38
C SER G 569 54.36 1.51 -15.85
N LEU G 570 53.71 2.31 -16.68
CA LEU G 570 52.37 1.98 -17.16
C LEU G 570 52.43 0.76 -18.07
N LEU G 571 51.72 -0.30 -17.68
CA LEU G 571 51.79 -1.56 -18.41
C LEU G 571 51.10 -1.44 -19.76
N ARG G 572 51.65 -2.12 -20.76
CA ARG G 572 51.10 -2.17 -22.09
C ARG G 572 50.88 -3.62 -22.49
N SER G 573 49.69 -3.93 -22.98
CA SER G 573 49.31 -5.28 -23.34
C SER G 573 48.84 -5.34 -24.79
N GLU G 574 49.29 -6.37 -25.51
CA GLU G 574 48.90 -6.60 -26.89
C GLU G 574 48.49 -8.05 -27.07
N GLU G 575 47.47 -8.29 -27.87
CA GLU G 575 46.92 -9.62 -28.08
C GLU G 575 46.97 -9.99 -29.55
N THR G 576 47.33 -11.24 -29.83
CA THR G 576 47.34 -11.78 -31.18
C THR G 576 46.52 -13.05 -31.19
N LYS G 577 45.66 -13.19 -32.22
CA LYS G 577 44.78 -14.33 -32.33
C LYS G 577 45.41 -15.49 -33.11
N GLU G 578 46.74 -15.55 -33.15
CA GLU G 578 47.44 -16.61 -33.86
C GLU G 578 48.77 -16.87 -33.18
N ASN G 579 49.33 -18.05 -33.46
CA ASN G 579 50.61 -18.47 -32.89
C ASN G 579 51.66 -18.46 -34.00
N GLU G 580 52.63 -17.56 -33.87
CA GLU G 580 53.72 -17.48 -34.84
C GLU G 580 54.90 -16.76 -34.20
N GLY G 581 56.06 -16.90 -34.81
CA GLY G 581 57.27 -16.29 -34.28
C GLY G 581 57.35 -14.81 -34.63
N PHE G 582 57.87 -14.04 -33.67
CA PHE G 582 57.99 -12.59 -33.82
C PHE G 582 59.37 -12.14 -33.34
N THR G 583 59.78 -10.98 -33.84
CA THR G 583 61.10 -10.42 -33.55
C THR G 583 60.94 -9.23 -32.61
N VAL G 584 61.76 -9.19 -31.57
CA VAL G 584 61.72 -8.13 -30.56
C VAL G 584 62.83 -7.13 -30.86
N THR G 585 62.48 -5.86 -30.91
CA THR G 585 63.44 -4.77 -31.12
C THR G 585 63.30 -3.78 -29.98
N ALA G 586 64.40 -3.52 -29.28
CA ALA G 586 64.40 -2.62 -28.14
C ALA G 586 65.58 -1.66 -28.24
N GLU G 587 65.37 -0.45 -27.73
CA GLU G 587 66.40 0.58 -27.75
C GLU G 587 66.09 1.60 -26.66
N GLY G 588 67.09 2.41 -26.34
CA GLY G 588 66.94 3.47 -25.35
C GLY G 588 67.37 3.04 -23.97
N LYS G 589 67.52 4.05 -23.10
CA LYS G 589 67.94 3.79 -21.73
C LYS G 589 66.82 3.17 -20.92
N GLY G 590 67.21 2.46 -19.86
CA GLY G 590 66.27 1.82 -18.97
C GLY G 590 66.11 0.33 -19.28
N GLN G 591 65.53 -0.38 -18.33
CA GLN G 591 65.27 -1.81 -18.44
C GLN G 591 63.78 -2.07 -18.24
N GLY G 592 63.27 -3.07 -18.96
CA GLY G 592 61.87 -3.41 -18.88
C GLY G 592 61.67 -4.91 -18.98
N THR G 593 60.56 -5.37 -18.40
CA THR G 593 60.23 -6.78 -18.37
C THR G 593 59.23 -7.07 -19.48
N LEU G 594 59.61 -7.97 -20.39
CA LEU G 594 58.77 -8.39 -21.50
C LEU G 594 58.43 -9.86 -21.33
N SER G 595 57.14 -10.18 -21.33
CA SER G 595 56.68 -11.54 -21.14
C SER G 595 55.63 -11.88 -22.19
N VAL G 596 55.54 -13.17 -22.52
CA VAL G 596 54.55 -13.67 -23.46
C VAL G 596 53.85 -14.86 -22.81
N VAL G 597 52.53 -14.78 -22.71
CA VAL G 597 51.71 -15.85 -22.14
C VAL G 597 50.72 -16.29 -23.21
N THR G 598 50.69 -17.59 -23.48
CA THR G 598 49.82 -18.17 -24.50
C THR G 598 48.72 -18.96 -23.81
N MET G 599 47.47 -18.61 -24.11
CA MET G 599 46.31 -19.32 -23.58
C MET G 599 45.78 -20.26 -24.66
N TYR G 600 45.78 -21.55 -24.36
CA TYR G 600 45.38 -22.56 -25.34
C TYR G 600 44.58 -23.65 -24.64
N HIS G 601 43.77 -24.34 -25.43
CA HIS G 601 42.92 -25.42 -24.94
C HIS G 601 43.66 -26.74 -25.15
N ALA G 602 44.09 -27.36 -24.06
CA ALA G 602 44.92 -28.54 -24.12
C ALA G 602 44.09 -29.81 -23.97
N LYS G 603 44.58 -30.90 -24.56
CA LYS G 603 43.90 -32.18 -24.47
C LYS G 603 44.08 -32.76 -23.07
N ALA G 604 42.97 -33.22 -22.48
CA ALA G 604 43.03 -33.82 -21.16
C ALA G 604 43.68 -35.20 -21.22
N LYS G 605 44.28 -35.60 -20.09
CA LYS G 605 44.97 -36.87 -19.97
C LYS G 605 44.32 -37.67 -18.85
N ASP G 606 43.80 -38.84 -19.19
CA ASP G 606 43.19 -39.76 -18.22
C ASP G 606 42.08 -39.07 -17.42
N GLN G 607 41.29 -38.26 -18.12
CA GLN G 607 40.18 -37.59 -17.46
C GLN G 607 39.15 -38.61 -17.01
N LEU G 608 38.65 -38.44 -15.79
CA LEU G 608 37.64 -39.32 -15.21
C LEU G 608 36.32 -38.54 -15.14
N THR G 609 35.37 -38.92 -16.00
CA THR G 609 34.07 -38.26 -15.97
C THR G 609 33.36 -38.50 -14.65
N CYS G 610 33.57 -39.65 -14.03
CA CYS G 610 33.02 -39.95 -12.71
C CYS G 610 34.09 -39.74 -11.65
N ASN G 611 34.37 -38.46 -11.39
CA ASN G 611 35.37 -38.08 -10.40
C ASN G 611 34.77 -38.13 -9.00
N LYS G 612 35.48 -38.79 -8.09
CA LYS G 612 35.13 -38.96 -6.68
C LYS G 612 33.86 -39.78 -6.46
N PHE G 613 33.28 -40.38 -7.49
CA PHE G 613 32.06 -41.18 -7.32
C PHE G 613 32.08 -42.32 -8.33
N ASP G 614 32.44 -43.51 -7.85
CA ASP G 614 32.39 -44.72 -8.68
C ASP G 614 30.98 -45.29 -8.58
N LEU G 615 30.27 -45.30 -9.70
CA LEU G 615 28.89 -45.73 -9.76
C LEU G 615 28.76 -46.93 -10.68
N LYS G 616 27.79 -47.80 -10.36
CA LYS G 616 27.57 -49.02 -11.14
C LYS G 616 26.07 -49.30 -11.12
N VAL G 617 25.42 -49.09 -12.26
CA VAL G 617 24.01 -49.40 -12.43
C VAL G 617 23.90 -50.74 -13.12
N THR G 618 23.19 -51.68 -12.49
CA THR G 618 22.90 -52.99 -13.06
C THR G 618 21.40 -53.08 -13.26
N ILE G 619 20.99 -53.37 -14.48
CA ILE G 619 19.58 -53.54 -14.83
C ILE G 619 19.36 -54.97 -15.31
N LYS G 620 18.35 -55.62 -14.75
CA LYS G 620 18.08 -57.02 -15.04
C LYS G 620 16.58 -57.22 -15.21
N PRO G 621 16.17 -58.12 -16.10
CA PRO G 621 14.75 -58.45 -16.21
C PRO G 621 14.25 -59.15 -14.96
N ALA G 622 13.00 -58.90 -14.61
CA ALA G 622 12.41 -59.49 -13.43
C ALA G 622 12.15 -60.99 -13.65
N PRO G 623 12.23 -61.79 -12.58
CA PRO G 623 11.95 -63.23 -12.69
C PRO G 623 10.47 -63.55 -12.58
N LYS G 633 2.17 -58.08 -17.08
CA LYS G 633 2.73 -56.76 -17.39
C LYS G 633 4.26 -56.82 -17.34
N ASN G 634 4.90 -56.11 -18.25
CA ASN G 634 6.36 -56.13 -18.31
C ASN G 634 6.94 -55.36 -17.13
N THR G 635 7.94 -55.95 -16.48
CA THR G 635 8.60 -55.31 -15.35
C THR G 635 10.00 -55.88 -15.23
N MET G 636 10.92 -55.04 -14.74
CA MET G 636 12.29 -55.47 -14.51
C MET G 636 12.76 -54.99 -13.15
N ILE G 637 13.73 -55.71 -12.60
CA ILE G 637 14.33 -55.36 -11.31
C ILE G 637 15.52 -54.45 -11.57
N LEU G 638 15.49 -53.25 -11.00
CA LEU G 638 16.50 -52.23 -11.26
C LEU G 638 17.39 -52.10 -10.05
N GLU G 639 18.71 -52.10 -10.27
CA GLU G 639 19.69 -52.15 -9.19
C GLU G 639 20.69 -51.02 -9.34
N ILE G 640 21.08 -50.45 -8.21
CA ILE G 640 22.13 -49.43 -8.15
C ILE G 640 23.20 -49.90 -7.19
N CYS G 641 24.46 -49.84 -7.62
CA CYS G 641 25.60 -50.08 -6.75
C CYS G 641 26.49 -48.85 -6.81
N THR G 642 26.73 -48.24 -5.65
CA THR G 642 27.45 -46.99 -5.56
C THR G 642 28.60 -47.11 -4.56
N ARG G 643 29.61 -46.29 -4.77
CA ARG G 643 30.77 -46.25 -3.88
C ARG G 643 31.40 -44.87 -3.95
N TYR G 644 32.18 -44.54 -2.93
CA TYR G 644 32.86 -43.26 -2.84
C TYR G 644 34.36 -43.47 -2.98
N ARG G 645 35.01 -42.57 -3.72
CA ARG G 645 36.44 -42.68 -3.98
C ARG G 645 37.30 -42.04 -2.90
N GLY G 646 36.70 -41.38 -1.91
CA GLY G 646 37.46 -40.70 -0.89
C GLY G 646 37.99 -41.64 0.17
N ASP G 647 38.67 -41.05 1.16
CA ASP G 647 39.21 -41.83 2.26
C ASP G 647 38.14 -42.15 3.30
N GLN G 648 37.33 -41.18 3.66
CA GLN G 648 36.28 -41.36 4.64
C GLN G 648 34.94 -41.55 3.96
N ASP G 649 33.96 -42.03 4.72
CA ASP G 649 32.61 -42.14 4.19
C ASP G 649 32.09 -40.77 3.78
N ALA G 650 31.46 -40.71 2.62
CA ALA G 650 31.07 -39.44 2.04
C ALA G 650 29.96 -38.78 2.86
N THR G 651 29.73 -37.50 2.60
CA THR G 651 28.64 -36.76 3.20
C THR G 651 27.35 -37.08 2.45
N MET G 652 26.30 -36.28 2.69
CA MET G 652 24.99 -36.57 2.16
C MET G 652 25.02 -36.59 0.63
N SER G 653 24.41 -37.63 0.07
CA SER G 653 24.44 -37.86 -1.36
C SER G 653 23.02 -37.93 -1.89
N ILE G 654 22.89 -37.68 -3.20
CA ILE G 654 21.60 -37.62 -3.88
C ILE G 654 21.66 -38.53 -5.10
N LEU G 655 20.67 -39.39 -5.24
CA LEU G 655 20.55 -40.30 -6.39
C LEU G 655 19.35 -39.84 -7.22
N ASP G 656 19.60 -38.92 -8.14
CA ASP G 656 18.55 -38.49 -9.05
C ASP G 656 18.32 -39.56 -10.10
N ILE G 657 17.06 -39.97 -10.26
CA ILE G 657 16.69 -41.02 -11.20
C ILE G 657 15.64 -40.47 -12.16
N SER G 658 15.90 -40.61 -13.45
CA SER G 658 14.96 -40.23 -14.50
C SER G 658 14.78 -41.47 -15.37
N MET G 659 13.75 -42.26 -15.07
CA MET G 659 13.60 -43.55 -15.72
C MET G 659 13.21 -43.38 -17.19
N MET G 660 13.02 -44.51 -17.86
CA MET G 660 12.72 -44.52 -19.28
C MET G 660 11.35 -43.88 -19.54
N THR G 661 10.96 -43.85 -20.81
CA THR G 661 9.62 -43.42 -21.15
C THR G 661 8.60 -44.48 -20.75
N GLY G 662 7.48 -44.02 -20.19
CA GLY G 662 6.40 -44.91 -19.84
C GLY G 662 6.74 -45.96 -18.80
N PHE G 663 7.46 -45.58 -17.74
CA PHE G 663 7.81 -46.50 -16.68
C PHE G 663 7.52 -45.86 -15.33
N ALA G 664 7.12 -46.68 -14.37
CA ALA G 664 6.80 -46.22 -13.03
C ALA G 664 7.46 -47.12 -12.00
N PRO G 665 7.88 -46.56 -10.86
CA PRO G 665 8.44 -47.39 -9.80
C PRO G 665 7.36 -48.18 -9.09
N ASP G 666 7.75 -49.33 -8.57
CA ASP G 666 6.83 -50.13 -7.77
C ASP G 666 6.57 -49.44 -6.45
N THR G 667 5.29 -49.32 -6.08
CA THR G 667 4.92 -48.56 -4.89
C THR G 667 5.48 -49.21 -3.63
N ASP G 668 5.30 -50.53 -3.49
CA ASP G 668 5.69 -51.20 -2.25
C ASP G 668 7.20 -51.12 -2.02
N ASP G 669 8.00 -51.24 -3.09
CA ASP G 669 9.45 -51.13 -2.94
C ASP G 669 9.84 -49.77 -2.40
N LEU G 670 9.23 -48.70 -2.93
CA LEU G 670 9.48 -47.38 -2.39
C LEU G 670 9.00 -47.28 -0.96
N LYS G 671 7.94 -48.00 -0.60
CA LYS G 671 7.47 -48.00 0.78
C LYS G 671 8.51 -48.60 1.72
N GLN G 672 9.12 -49.73 1.32
CA GLN G 672 10.19 -50.27 2.16
C GLN G 672 11.41 -49.36 2.17
N LEU G 673 11.72 -48.73 1.05
CA LEU G 673 12.89 -47.85 1.01
C LEU G 673 12.70 -46.56 1.79
N ALA G 674 11.45 -46.15 2.02
CA ALA G 674 11.21 -44.87 2.69
C ALA G 674 11.56 -44.94 4.17
N ASN G 675 11.15 -46.00 4.85
CA ASN G 675 11.33 -46.12 6.29
C ASN G 675 12.62 -46.82 6.68
N GLY G 676 13.44 -47.21 5.72
CA GLY G 676 14.72 -47.83 6.04
C GLY G 676 15.72 -46.82 6.56
N VAL G 677 16.80 -47.35 7.13
CA VAL G 677 17.90 -46.52 7.61
C VAL G 677 18.79 -46.15 6.44
N ASP G 678 19.46 -44.99 6.55
CA ASP G 678 20.43 -44.47 5.59
C ASP G 678 19.79 -44.03 4.28
N ARG G 679 18.48 -44.22 4.09
CA ARG G 679 17.79 -43.83 2.87
C ARG G 679 16.51 -43.10 3.24
N TYR G 680 16.17 -42.07 2.48
CA TYR G 680 15.00 -41.24 2.79
C TYR G 680 14.46 -40.65 1.50
N ILE G 681 13.18 -40.89 1.24
CA ILE G 681 12.50 -40.36 0.07
C ILE G 681 11.35 -39.48 0.55
N SER G 682 11.25 -38.28 -0.01
CA SER G 682 10.23 -37.34 0.42
C SER G 682 8.84 -37.85 0.09
N LYS G 683 7.86 -37.41 0.88
CA LYS G 683 6.49 -37.91 0.75
C LYS G 683 5.87 -37.56 -0.60
N TYR G 684 6.27 -36.42 -1.18
CA TYR G 684 5.68 -36.01 -2.44
C TYR G 684 5.92 -37.02 -3.55
N GLU G 685 7.15 -37.54 -3.64
CA GLU G 685 7.43 -38.58 -4.62
C GLU G 685 6.87 -39.94 -4.20
N LEU G 686 6.37 -40.05 -2.98
CA LEU G 686 5.80 -41.30 -2.49
C LEU G 686 4.30 -41.38 -2.63
N ASP G 687 3.62 -40.25 -2.80
CA ASP G 687 2.15 -40.29 -2.89
C ASP G 687 1.63 -39.75 -4.23
N LYS G 688 2.21 -40.21 -5.33
CA LYS G 688 1.74 -39.83 -6.66
C LYS G 688 1.31 -41.01 -7.53
N ALA G 689 1.45 -42.25 -7.05
CA ALA G 689 1.06 -43.44 -7.80
C ALA G 689 1.78 -43.55 -9.13
N PHE G 690 1.20 -44.29 -10.06
CA PHE G 690 1.80 -44.50 -11.37
C PHE G 690 1.54 -43.35 -12.34
N SER G 691 0.82 -42.31 -11.91
CA SER G 691 0.37 -41.26 -12.79
C SER G 691 1.53 -40.53 -13.47
N ASP G 692 2.38 -39.88 -12.69
CA ASP G 692 3.44 -39.05 -13.24
C ASP G 692 4.74 -39.24 -12.48
N ARG G 693 5.04 -40.47 -12.10
CA ARG G 693 6.30 -40.77 -11.42
C ARG G 693 7.33 -41.32 -12.40
N ASN G 694 7.69 -40.48 -13.38
CA ASN G 694 8.75 -40.83 -14.31
C ASN G 694 10.12 -40.37 -13.83
N THR G 695 10.18 -39.46 -12.86
CA THR G 695 11.43 -39.00 -12.27
C THR G 695 11.36 -39.19 -10.77
N LEU G 696 12.40 -39.79 -10.21
CA LEU G 696 12.45 -40.12 -8.79
C LEU G 696 13.76 -39.63 -8.20
N ILE G 697 13.70 -39.17 -6.96
CA ILE G 697 14.88 -38.66 -6.25
C ILE G 697 15.00 -39.40 -4.93
N ILE G 698 16.21 -39.88 -4.63
CA ILE G 698 16.48 -40.59 -3.39
C ILE G 698 17.62 -39.89 -2.68
N TYR G 699 17.45 -39.61 -1.39
CA TYR G 699 18.48 -38.99 -0.57
C TYR G 699 19.20 -40.08 0.20
N LEU G 700 20.53 -40.10 0.08
CA LEU G 700 21.36 -41.05 0.81
C LEU G 700 22.13 -40.27 1.88
N ASP G 701 21.96 -40.69 3.14
CA ASP G 701 22.68 -40.04 4.23
C ASP G 701 24.18 -40.23 4.09
N LYS G 702 24.61 -41.43 3.71
CA LYS G 702 26.01 -41.71 3.51
C LYS G 702 26.14 -42.91 2.59
N VAL G 703 27.25 -42.96 1.86
CA VAL G 703 27.56 -44.06 0.95
C VAL G 703 28.87 -44.68 1.41
N SER G 704 28.90 -46.01 1.51
CA SER G 704 30.08 -46.68 2.05
C SER G 704 31.26 -46.49 1.11
N HIS G 705 32.42 -46.16 1.69
CA HIS G 705 33.63 -45.93 0.92
C HIS G 705 34.49 -47.18 0.76
N SER G 706 34.14 -48.27 1.44
CA SER G 706 34.90 -49.51 1.36
C SER G 706 34.32 -50.49 0.36
N GLU G 707 33.02 -50.77 0.44
CA GLU G 707 32.33 -51.67 -0.45
C GLU G 707 31.25 -50.90 -1.21
N ASP G 708 30.44 -51.62 -1.97
CA ASP G 708 29.37 -51.02 -2.75
C ASP G 708 28.08 -51.04 -1.94
N ASP G 709 27.50 -49.86 -1.71
CA ASP G 709 26.24 -49.72 -0.99
C ASP G 709 25.10 -49.94 -1.99
N CYS G 710 24.84 -51.22 -2.28
CA CYS G 710 23.92 -51.59 -3.34
C CYS G 710 22.50 -51.61 -2.81
N LEU G 711 21.60 -50.89 -3.48
CA LEU G 711 20.17 -50.92 -3.21
C LEU G 711 19.44 -51.21 -4.51
N ALA G 712 18.28 -51.87 -4.41
CA ALA G 712 17.55 -52.28 -5.60
C ALA G 712 16.06 -52.24 -5.33
N PHE G 713 15.30 -52.12 -6.41
CA PHE G 713 13.84 -52.19 -6.36
C PHE G 713 13.34 -52.54 -7.75
N LYS G 714 12.02 -52.68 -7.86
CA LYS G 714 11.38 -53.12 -9.10
C LYS G 714 10.66 -51.97 -9.77
N VAL G 715 10.65 -51.99 -11.10
CA VAL G 715 9.95 -51.01 -11.91
C VAL G 715 9.08 -51.74 -12.93
N HIS G 716 7.85 -51.29 -13.07
CA HIS G 716 6.90 -51.90 -13.99
C HIS G 716 6.77 -51.06 -15.25
N GLN G 717 6.02 -51.56 -16.23
CA GLN G 717 5.74 -50.84 -17.46
C GLN G 717 4.23 -50.73 -17.63
N TYR G 718 3.77 -49.53 -17.91
CA TYR G 718 2.33 -49.32 -18.07
C TYR G 718 1.96 -48.62 -19.36
N PHE G 719 2.75 -47.65 -19.81
CA PHE G 719 2.36 -46.88 -20.99
C PHE G 719 2.62 -47.67 -22.27
N ASN G 720 3.66 -48.51 -22.27
CA ASN G 720 3.91 -49.50 -23.33
C ASN G 720 4.05 -48.83 -24.70
N VAL G 721 5.11 -48.03 -24.82
CA VAL G 721 5.48 -47.37 -26.06
C VAL G 721 6.82 -47.93 -26.52
N GLU G 722 6.96 -48.15 -27.82
CA GLU G 722 8.22 -48.61 -28.36
C GLU G 722 9.17 -47.44 -28.57
N LEU G 723 10.42 -47.77 -28.93
CA LEU G 723 11.49 -46.79 -29.10
C LEU G 723 11.71 -46.00 -27.82
N ILE G 724 12.10 -46.72 -26.77
CA ILE G 724 12.28 -46.14 -25.45
C ILE G 724 13.66 -45.50 -25.34
N GLN G 725 13.70 -44.25 -24.90
CA GLN G 725 14.98 -43.59 -24.68
C GLN G 725 15.60 -44.06 -23.36
N PRO G 726 16.93 -44.14 -23.29
CA PRO G 726 17.57 -44.59 -22.06
C PRO G 726 17.35 -43.61 -20.93
N GLY G 727 17.27 -44.16 -19.72
CA GLY G 727 17.16 -43.37 -18.50
C GLY G 727 18.48 -43.35 -17.77
N ALA G 728 18.73 -42.27 -17.04
CA ALA G 728 20.03 -42.06 -16.42
C ALA G 728 19.89 -41.78 -14.94
N VAL G 729 20.91 -42.15 -14.19
CA VAL G 729 21.00 -41.89 -12.76
C VAL G 729 22.09 -40.85 -12.56
N LYS G 730 21.96 -40.09 -11.47
CA LYS G 730 22.89 -39.00 -11.20
C LYS G 730 23.21 -38.99 -9.71
N VAL G 731 24.49 -38.81 -9.38
CA VAL G 731 24.94 -38.73 -8.01
C VAL G 731 25.83 -37.52 -7.84
N TYR G 732 25.59 -36.74 -6.77
CA TYR G 732 26.47 -35.64 -6.45
C TYR G 732 26.23 -35.23 -5.01
N ALA G 733 27.27 -34.65 -4.40
CA ALA G 733 27.15 -34.16 -3.03
C ALA G 733 26.30 -32.90 -3.00
N TYR G 734 25.89 -32.52 -1.79
CA TYR G 734 25.05 -31.34 -1.65
C TYR G 734 25.84 -30.04 -1.83
N TYR G 735 27.13 -30.04 -1.48
CA TYR G 735 27.94 -28.82 -1.53
C TYR G 735 28.57 -28.58 -2.90
N ASN G 736 28.45 -29.50 -3.84
CA ASN G 736 29.07 -29.36 -5.13
C ASN G 736 28.15 -29.94 -6.19
N LEU G 737 28.33 -29.49 -7.43
CA LEU G 737 27.50 -29.94 -8.54
C LEU G 737 28.27 -30.38 -9.77
N GLU G 738 29.56 -30.05 -9.90
CA GLU G 738 30.37 -30.50 -11.02
C GLU G 738 30.98 -31.87 -10.79
N GLU G 739 30.86 -32.42 -9.58
CA GLU G 739 31.32 -33.78 -9.31
C GLU G 739 30.15 -34.76 -9.41
N SER G 740 29.55 -34.78 -10.59
CA SER G 740 28.38 -35.60 -10.86
C SER G 740 28.79 -36.77 -11.76
N CYS G 741 28.55 -37.98 -11.29
CA CYS G 741 28.76 -39.19 -12.08
C CYS G 741 27.41 -39.62 -12.65
N THR G 742 27.32 -39.67 -13.97
CA THR G 742 26.08 -40.04 -14.66
C THR G 742 26.28 -41.34 -15.42
N ARG G 743 25.33 -42.25 -15.30
CA ARG G 743 25.36 -43.50 -16.04
C ARG G 743 23.99 -43.75 -16.65
N PHE G 744 23.99 -44.39 -17.82
CA PHE G 744 22.79 -44.64 -18.58
C PHE G 744 22.55 -46.14 -18.64
N TYR G 745 21.30 -46.55 -18.41
CA TYR G 745 20.93 -47.96 -18.41
C TYR G 745 19.74 -48.18 -19.34
N HIS G 746 19.75 -49.32 -20.03
CA HIS G 746 18.71 -49.65 -20.99
C HIS G 746 18.75 -51.14 -21.26
N PRO G 747 17.59 -51.81 -21.30
CA PRO G 747 17.60 -53.28 -21.41
C PRO G 747 18.25 -53.83 -22.66
N GLU G 748 18.22 -53.10 -23.78
CA GLU G 748 18.73 -53.63 -25.04
C GLU G 748 20.09 -53.10 -25.44
N LYS G 749 20.46 -51.88 -25.04
CA LYS G 749 21.67 -51.24 -25.52
C LYS G 749 22.88 -51.51 -24.63
N GLU G 750 22.89 -52.63 -23.91
CA GLU G 750 24.02 -53.06 -23.10
C GLU G 750 24.42 -52.01 -22.07
N ASP G 751 25.43 -51.21 -22.40
CA ASP G 751 25.93 -50.20 -21.46
C ASP G 751 25.11 -48.92 -21.47
N GLY G 752 24.12 -48.80 -22.35
CA GLY G 752 23.19 -47.71 -22.33
C GLY G 752 23.49 -46.58 -23.30
N LYS G 753 24.71 -46.49 -23.80
CA LYS G 753 25.04 -45.42 -24.74
C LYS G 753 24.26 -45.60 -26.03
N LEU G 754 23.78 -44.49 -26.59
CA LEU G 754 23.00 -44.55 -27.81
C LEU G 754 23.87 -45.03 -28.97
N ASN G 755 23.29 -45.87 -29.81
CA ASN G 755 24.03 -46.52 -30.89
C ASN G 755 24.44 -45.47 -31.92
N LYS G 756 25.73 -45.17 -31.97
CA LYS G 756 26.28 -44.23 -32.94
C LYS G 756 27.52 -44.81 -33.58
N LEU G 757 27.84 -44.32 -34.77
CA LEU G 757 29.00 -44.76 -35.53
C LEU G 757 30.00 -43.61 -35.61
N CYS G 758 31.22 -43.85 -35.17
CA CYS G 758 32.25 -42.82 -35.14
C CYS G 758 33.56 -43.39 -35.64
N ARG G 759 34.28 -42.60 -36.44
CA ARG G 759 35.59 -42.96 -36.95
C ARG G 759 36.61 -41.94 -36.47
N ASP G 760 37.66 -42.43 -35.81
CA ASP G 760 38.71 -41.58 -35.24
C ASP G 760 38.12 -40.54 -34.32
N GLU G 761 38.00 -39.29 -34.80
CA GLU G 761 37.47 -38.19 -34.02
C GLU G 761 36.06 -37.79 -34.44
N LEU G 762 35.84 -37.53 -35.72
CA LEU G 762 34.52 -37.14 -36.19
C LEU G 762 33.54 -38.30 -36.08
N CYS G 763 32.36 -38.03 -35.55
CA CYS G 763 31.34 -39.04 -35.32
C CYS G 763 30.09 -38.71 -36.12
N ARG G 764 29.11 -39.61 -36.04
CA ARG G 764 27.85 -39.44 -36.76
C ARG G 764 26.76 -40.22 -36.03
N CYS G 765 25.53 -39.75 -36.19
CA CYS G 765 24.38 -40.39 -35.57
C CYS G 765 23.92 -41.57 -36.39
N ALA G 766 23.58 -42.67 -35.72
CA ALA G 766 23.14 -43.89 -36.38
C ALA G 766 21.95 -44.50 -35.64
N GLU G 767 21.00 -43.67 -35.25
CA GLU G 767 19.82 -44.13 -34.51
C GLU G 767 18.69 -44.47 -35.48
N GLU G 768 18.94 -45.45 -36.34
CA GLU G 768 17.97 -45.86 -37.34
C GLU G 768 17.99 -47.38 -37.46
N ASN G 769 16.93 -47.92 -38.04
CA ASN G 769 16.87 -49.36 -38.30
C ASN G 769 17.82 -49.73 -39.43
N CYS G 770 18.22 -51.00 -39.43
CA CYS G 770 19.19 -51.47 -40.41
C CYS G 770 18.64 -51.42 -41.83
N PHE G 771 17.38 -51.83 -42.01
CA PHE G 771 16.80 -51.88 -43.33
C PHE G 771 15.28 -51.79 -43.20
N ILE G 772 14.61 -51.68 -44.34
CA ILE G 772 13.15 -51.62 -44.41
C ILE G 772 12.67 -52.81 -45.23
N GLN G 773 11.68 -53.52 -44.70
CA GLN G 773 11.08 -54.68 -45.37
C GLN G 773 12.12 -55.73 -45.73
N VAL G 779 6.67 -59.82 -53.95
CA VAL G 779 7.40 -58.71 -54.56
C VAL G 779 6.88 -58.45 -55.97
N THR G 780 6.81 -57.17 -56.34
CA THR G 780 6.37 -56.78 -57.67
C THR G 780 7.32 -55.70 -58.20
N LEU G 781 6.93 -55.07 -59.30
CA LEU G 781 7.82 -54.17 -60.02
C LEU G 781 7.36 -52.72 -60.01
N GLU G 782 6.05 -52.46 -60.04
CA GLU G 782 5.57 -51.09 -60.17
C GLU G 782 5.98 -50.24 -58.97
N GLU G 783 5.87 -50.77 -57.76
CA GLU G 783 6.25 -50.01 -56.58
C GLU G 783 7.75 -49.75 -56.54
N ARG G 784 8.56 -50.62 -57.16
CA ARG G 784 9.99 -50.35 -57.24
C ARG G 784 10.26 -49.07 -58.02
N LEU G 785 9.59 -48.91 -59.16
CA LEU G 785 9.71 -47.66 -59.92
C LEU G 785 9.12 -46.49 -59.14
N ASP G 786 8.01 -46.72 -58.45
CA ASP G 786 7.35 -45.65 -57.70
C ASP G 786 8.28 -45.09 -56.61
N LYS G 787 8.97 -45.98 -55.90
CA LYS G 787 9.93 -45.55 -54.89
C LYS G 787 11.22 -45.01 -55.49
N ALA G 788 11.66 -45.55 -56.63
CA ALA G 788 12.87 -45.03 -57.27
C ALA G 788 12.66 -43.65 -57.87
N CYS G 789 11.42 -43.27 -58.14
CA CYS G 789 11.13 -41.96 -58.70
C CYS G 789 11.13 -40.85 -57.66
N GLU G 790 11.26 -41.17 -56.37
CA GLU G 790 11.19 -40.16 -55.34
C GLU G 790 12.40 -39.21 -55.43
N PRO G 791 12.23 -37.95 -55.01
CA PRO G 791 13.36 -37.01 -55.11
C PRO G 791 14.41 -37.20 -54.05
N GLY G 792 14.10 -37.90 -52.96
CA GLY G 792 15.09 -38.08 -51.91
C GLY G 792 16.27 -38.93 -52.35
N VAL G 793 16.01 -40.00 -53.09
CA VAL G 793 17.08 -40.89 -53.53
C VAL G 793 17.86 -40.22 -54.66
N ASP G 794 19.18 -40.35 -54.62
CA ASP G 794 20.04 -39.78 -55.64
C ASP G 794 20.88 -40.83 -56.36
N TYR G 795 21.53 -41.72 -55.62
CA TYR G 795 22.43 -42.71 -56.21
C TYR G 795 21.80 -44.09 -56.11
N VAL G 796 21.80 -44.81 -57.23
CA VAL G 796 21.33 -46.19 -57.29
C VAL G 796 22.46 -47.02 -57.88
N TYR G 797 23.01 -47.94 -57.08
CA TYR G 797 24.19 -48.70 -57.46
C TYR G 797 23.87 -50.19 -57.46
N LYS G 798 24.26 -50.87 -58.53
CA LYS G 798 24.21 -52.32 -58.62
C LYS G 798 25.66 -52.79 -58.75
N THR G 799 26.27 -53.17 -57.63
CA THR G 799 27.69 -53.45 -57.57
C THR G 799 27.93 -54.91 -57.17
N ARG G 800 29.20 -55.24 -56.95
CA ARG G 800 29.61 -56.57 -56.53
C ARG G 800 30.48 -56.44 -55.29
N LEU G 801 30.16 -57.22 -54.26
CA LEU G 801 30.95 -57.21 -53.04
C LEU G 801 32.24 -57.99 -53.25
N VAL G 802 33.37 -57.38 -52.88
CA VAL G 802 34.67 -58.00 -53.08
C VAL G 802 35.17 -58.59 -51.76
N LYS G 803 35.34 -57.75 -50.75
CA LYS G 803 35.86 -58.17 -49.46
C LYS G 803 35.02 -57.56 -48.33
N VAL G 804 35.01 -58.26 -47.20
CA VAL G 804 34.30 -57.82 -46.01
C VAL G 804 35.31 -57.64 -44.88
N GLN G 805 35.29 -56.47 -44.26
CA GLN G 805 36.17 -56.15 -43.14
C GLN G 805 35.35 -55.74 -41.94
N LEU G 806 35.81 -56.10 -40.75
CA LEU G 806 35.11 -55.80 -39.50
C LEU G 806 36.00 -54.95 -38.61
N SER G 807 35.35 -54.14 -37.78
CA SER G 807 36.07 -53.22 -36.90
C SER G 807 35.50 -53.25 -35.49
N ASN G 808 35.87 -52.28 -34.67
CA ASN G 808 35.42 -52.26 -33.28
C ASN G 808 33.91 -52.08 -33.18
N ASP G 809 33.34 -51.19 -34.00
CA ASP G 809 31.92 -50.87 -33.90
C ASP G 809 31.23 -50.77 -35.25
N PHE G 810 31.87 -51.24 -36.33
CA PHE G 810 31.26 -51.16 -37.64
C PHE G 810 31.91 -52.20 -38.55
N ASP G 811 31.24 -52.48 -39.66
CA ASP G 811 31.73 -53.43 -40.65
C ASP G 811 31.92 -52.73 -42.00
N GLU G 812 32.84 -53.27 -42.79
CA GLU G 812 33.25 -52.67 -44.05
C GLU G 812 32.94 -53.61 -45.20
N TYR G 813 32.41 -53.05 -46.29
CA TYR G 813 32.13 -53.81 -47.50
C TYR G 813 32.76 -53.11 -48.69
N ILE G 814 33.47 -53.88 -49.51
CA ILE G 814 34.17 -53.35 -50.68
C ILE G 814 33.24 -53.51 -51.89
N MET G 815 32.89 -52.39 -52.50
CA MET G 815 31.99 -52.37 -53.65
C MET G 815 32.78 -52.29 -54.95
N ALA G 816 32.44 -53.15 -55.90
CA ALA G 816 33.00 -53.11 -57.24
C ALA G 816 31.95 -52.48 -58.16
N ILE G 817 32.18 -51.22 -58.53
CA ILE G 817 31.21 -50.48 -59.32
C ILE G 817 31.21 -51.03 -60.74
N GLU G 818 30.08 -51.62 -61.15
CA GLU G 818 29.90 -52.10 -62.51
C GLU G 818 29.21 -51.06 -63.39
N GLN G 819 28.00 -50.65 -63.00
CA GLN G 819 27.31 -49.56 -63.67
C GLN G 819 26.43 -48.85 -62.66
N THR G 820 26.14 -47.58 -62.93
CA THR G 820 25.30 -46.76 -62.07
C THR G 820 23.91 -46.64 -62.68
N ILE G 821 22.88 -47.00 -61.91
CA ILE G 821 21.52 -46.89 -62.39
C ILE G 821 21.11 -45.42 -62.49
N LYS G 822 21.46 -44.63 -61.49
CA LYS G 822 21.16 -43.20 -61.46
C LYS G 822 22.25 -42.52 -60.65
N SER G 823 23.09 -41.74 -61.33
CA SER G 823 24.21 -41.09 -60.65
C SER G 823 23.71 -40.14 -59.58
N GLY G 824 24.32 -40.21 -58.40
CA GLY G 824 23.88 -39.42 -57.27
C GLY G 824 24.78 -38.26 -56.93
N SER G 825 24.82 -37.89 -55.64
CA SER G 825 25.66 -36.79 -55.21
C SER G 825 27.13 -37.06 -55.50
N ASP G 826 27.55 -38.31 -55.42
CA ASP G 826 28.90 -38.72 -55.80
C ASP G 826 28.81 -39.62 -57.03
N GLU G 827 29.62 -39.32 -58.02
CA GLU G 827 29.63 -40.09 -59.25
C GLU G 827 30.23 -41.48 -59.00
N VAL G 828 30.07 -42.36 -59.98
CA VAL G 828 30.65 -43.70 -59.89
C VAL G 828 32.15 -43.67 -60.11
N GLN G 829 32.69 -42.59 -60.68
CA GLN G 829 34.12 -42.46 -60.97
C GLN G 829 34.60 -43.62 -61.84
N VAL G 830 33.95 -43.81 -62.98
CA VAL G 830 34.28 -44.84 -63.96
C VAL G 830 33.99 -46.23 -63.41
N GLY G 831 34.22 -46.42 -62.11
CA GLY G 831 34.04 -47.71 -61.47
C GLY G 831 35.31 -48.23 -60.82
N GLN G 832 35.33 -48.21 -59.49
CA GLN G 832 36.49 -48.64 -58.72
C GLN G 832 35.96 -49.22 -57.40
N GLN G 833 36.87 -49.40 -56.44
CA GLN G 833 36.48 -49.96 -55.15
C GLN G 833 35.82 -48.90 -54.29
N ARG G 834 34.65 -49.23 -53.75
CA ARG G 834 33.92 -48.34 -52.85
C ARG G 834 33.68 -49.04 -51.53
N THR G 835 33.73 -48.27 -50.45
CA THR G 835 33.67 -48.81 -49.09
C THR G 835 32.32 -48.50 -48.45
N PHE G 836 31.90 -49.39 -47.55
CA PHE G 836 30.65 -49.24 -46.82
C PHE G 836 30.92 -49.21 -45.32
N ILE G 837 29.97 -48.64 -44.59
CA ILE G 837 29.97 -48.67 -43.13
C ILE G 837 28.54 -48.92 -42.67
N SER G 838 28.41 -49.80 -41.69
CA SER G 838 27.11 -50.15 -41.12
C SER G 838 27.28 -50.41 -39.63
N PRO G 839 26.24 -50.18 -38.83
CA PRO G 839 26.35 -50.47 -37.39
C PRO G 839 26.67 -51.94 -37.15
N ILE G 840 27.48 -52.18 -36.11
CA ILE G 840 27.90 -53.54 -35.79
C ILE G 840 26.72 -54.40 -35.36
N LYS G 841 25.65 -53.77 -34.85
CA LYS G 841 24.45 -54.53 -34.53
C LYS G 841 23.82 -55.12 -35.78
N CYS G 842 23.85 -54.38 -36.89
CA CYS G 842 23.24 -54.81 -38.13
C CYS G 842 23.91 -56.03 -38.74
N ARG G 843 25.10 -56.40 -38.26
CA ARG G 843 25.78 -57.58 -38.81
C ARG G 843 24.97 -58.84 -38.56
N GLU G 844 24.37 -58.96 -37.37
CA GLU G 844 23.53 -60.12 -37.09
C GLU G 844 22.23 -60.09 -37.89
N ALA G 845 21.69 -58.89 -38.16
CA ALA G 845 20.45 -58.79 -38.91
C ALA G 845 20.60 -59.33 -40.33
N LEU G 846 21.70 -59.00 -40.99
CA LEU G 846 21.98 -59.50 -42.33
C LEU G 846 23.48 -59.52 -42.55
N LYS G 847 23.96 -60.57 -43.20
CA LYS G 847 25.39 -60.74 -43.49
C LYS G 847 25.55 -60.72 -45.01
N LEU G 848 26.19 -59.66 -45.52
CA LEU G 848 26.43 -59.55 -46.95
C LEU G 848 27.47 -60.58 -47.39
N GLU G 849 27.28 -61.15 -48.58
CA GLU G 849 28.13 -62.18 -49.12
C GLU G 849 29.03 -61.60 -50.21
N GLU G 850 30.32 -61.89 -50.13
CA GLU G 850 31.26 -61.43 -51.15
C GLU G 850 30.99 -62.15 -52.46
N LYS G 851 31.36 -61.48 -53.55
CA LYS G 851 31.15 -61.93 -54.93
C LYS G 851 29.67 -62.03 -55.29
N LYS G 852 28.79 -61.50 -54.44
CA LYS G 852 27.35 -61.51 -54.71
C LYS G 852 26.92 -60.09 -55.08
N HIS G 853 26.30 -59.96 -56.25
CA HIS G 853 25.81 -58.67 -56.70
C HIS G 853 24.54 -58.29 -55.96
N TYR G 854 24.34 -56.99 -55.77
CA TYR G 854 23.21 -56.48 -55.02
C TYR G 854 22.64 -55.25 -55.72
N LEU G 855 21.34 -55.05 -55.58
CA LEU G 855 20.67 -53.83 -56.04
C LEU G 855 20.29 -53.01 -54.82
N MET G 856 20.68 -51.74 -54.82
CA MET G 856 20.45 -50.90 -53.65
C MET G 856 20.56 -49.43 -54.03
N TRP G 857 19.93 -48.59 -53.23
CA TRP G 857 20.04 -47.14 -53.38
C TRP G 857 19.89 -46.49 -52.00
N GLY G 858 20.33 -45.25 -51.90
CA GLY G 858 20.22 -44.51 -50.67
C GLY G 858 19.89 -43.04 -50.90
N LEU G 859 20.63 -42.14 -50.25
CA LEU G 859 20.40 -40.72 -50.40
C LEU G 859 21.71 -39.99 -50.11
N SER G 860 21.64 -38.65 -50.10
CA SER G 860 22.83 -37.83 -49.88
C SER G 860 23.34 -37.88 -48.44
N SER G 861 22.58 -38.46 -47.53
CA SER G 861 23.02 -38.64 -46.15
C SER G 861 23.78 -39.96 -45.95
N ASP G 862 24.40 -40.48 -47.01
CA ASP G 862 25.07 -41.77 -46.98
C ASP G 862 26.59 -41.65 -47.09
N PHE G 863 27.09 -40.97 -48.12
CA PHE G 863 28.52 -40.84 -48.29
C PHE G 863 29.11 -40.05 -47.14
N TRP G 864 30.24 -40.54 -46.61
CA TRP G 864 30.84 -39.98 -45.41
C TRP G 864 32.36 -40.10 -45.51
N GLY G 865 33.07 -39.04 -45.13
CA GLY G 865 34.51 -39.03 -45.14
C GLY G 865 35.05 -37.97 -46.09
N GLU G 866 36.19 -38.27 -46.70
CA GLU G 866 36.86 -37.37 -47.63
C GLU G 866 37.21 -38.12 -48.90
N LYS G 867 37.30 -37.37 -50.00
CA LYS G 867 37.63 -37.99 -51.28
C LYS G 867 39.04 -38.55 -51.26
N PRO G 868 39.28 -39.72 -51.86
CA PRO G 868 38.25 -40.54 -52.51
C PRO G 868 37.76 -41.69 -51.63
N ASN G 869 37.87 -41.53 -50.31
CA ASN G 869 37.54 -42.59 -49.36
C ASN G 869 36.16 -42.42 -48.75
N LEU G 870 35.19 -41.92 -49.52
CA LEU G 870 33.83 -41.76 -49.02
C LEU G 870 33.24 -43.13 -48.67
N SER G 871 32.58 -43.19 -47.52
CA SER G 871 31.93 -44.40 -47.04
C SER G 871 30.43 -44.20 -47.04
N TYR G 872 29.70 -45.12 -47.66
CA TYR G 872 28.25 -45.05 -47.72
C TYR G 872 27.67 -45.83 -46.55
N ILE G 873 26.80 -45.18 -45.78
CA ILE G 873 26.16 -45.80 -44.63
C ILE G 873 24.85 -46.43 -45.09
N ILE G 874 24.51 -47.57 -44.48
CA ILE G 874 23.30 -48.31 -44.80
C ILE G 874 22.40 -48.31 -43.57
N GLY G 875 21.16 -47.91 -43.75
CA GLY G 875 20.22 -47.87 -42.66
C GLY G 875 18.79 -47.94 -43.12
N LYS G 876 17.90 -47.43 -42.27
CA LYS G 876 16.47 -47.40 -42.60
C LYS G 876 16.22 -46.54 -43.84
N ASP G 877 16.90 -45.40 -43.94
CA ASP G 877 16.72 -44.51 -45.07
C ASP G 877 17.22 -45.10 -46.38
N THR G 878 18.02 -46.15 -46.33
CA THR G 878 18.55 -46.79 -47.52
C THR G 878 17.74 -48.06 -47.82
N TRP G 879 18.17 -48.79 -48.84
CA TRP G 879 17.54 -50.06 -49.18
C TRP G 879 18.63 -51.07 -49.51
N VAL G 880 18.31 -52.35 -49.28
CA VAL G 880 19.20 -53.46 -49.62
C VAL G 880 18.39 -54.54 -50.32
N GLU G 881 18.94 -55.09 -51.39
CA GLU G 881 18.32 -56.20 -52.11
C GLU G 881 19.38 -56.93 -52.92
N HIS G 882 19.33 -58.26 -52.90
CA HIS G 882 20.33 -59.07 -53.56
C HIS G 882 19.92 -59.34 -55.00
N TRP G 883 20.85 -59.08 -55.93
CA TRP G 883 20.67 -59.43 -57.34
C TRP G 883 21.64 -60.54 -57.69
N PRO G 884 21.20 -61.80 -57.74
CA PRO G 884 22.10 -62.87 -58.13
C PRO G 884 22.62 -62.67 -59.55
N GLU G 885 23.85 -63.14 -59.79
CA GLU G 885 24.48 -62.96 -61.08
C GLU G 885 23.68 -63.67 -62.17
N GLU G 886 24.01 -63.35 -63.43
CA GLU G 886 23.27 -63.91 -64.55
C GLU G 886 23.35 -65.43 -64.56
N ASP G 887 24.49 -65.99 -64.16
CA ASP G 887 24.59 -67.44 -64.00
C ASP G 887 23.68 -67.93 -62.89
N GLU G 888 23.58 -67.16 -61.80
CA GLU G 888 22.76 -67.54 -60.66
C GLU G 888 21.27 -67.25 -60.87
N CYS G 889 20.91 -66.56 -61.96
CA CYS G 889 19.51 -66.28 -62.26
C CYS G 889 18.78 -67.48 -62.84
N GLN G 890 19.34 -68.69 -62.72
CA GLN G 890 18.76 -69.86 -63.38
C GLN G 890 17.42 -70.26 -62.76
N ASP G 891 17.29 -70.11 -61.45
CA ASP G 891 16.07 -70.55 -60.76
C ASP G 891 14.87 -69.73 -61.24
N GLU G 892 13.70 -70.38 -61.23
CA GLU G 892 12.48 -69.74 -61.74
C GLU G 892 12.14 -68.49 -60.96
N GLU G 893 12.17 -68.56 -59.63
CA GLU G 893 12.02 -67.36 -58.82
C GLU G 893 13.15 -66.39 -59.07
N ASN G 894 14.38 -66.91 -59.20
CA ASN G 894 15.51 -66.06 -59.55
C ASN G 894 15.33 -65.49 -60.96
N GLN G 895 14.78 -66.28 -61.88
CA GLN G 895 14.49 -65.76 -63.22
C GLN G 895 13.53 -64.58 -63.15
N LYS G 896 12.46 -64.72 -62.36
CA LYS G 896 11.48 -63.64 -62.23
C LYS G 896 12.11 -62.41 -61.61
N GLN G 897 12.90 -62.59 -60.54
CA GLN G 897 13.52 -61.44 -59.89
C GLN G 897 14.49 -60.74 -60.84
N CYS G 898 15.33 -61.51 -61.55
CA CYS G 898 16.31 -60.92 -62.45
C CYS G 898 15.64 -60.20 -63.60
N GLN G 899 14.57 -60.78 -64.17
CA GLN G 899 13.89 -60.11 -65.27
C GLN G 899 13.16 -58.85 -64.79
N ASP G 900 12.61 -58.88 -63.57
CA ASP G 900 11.97 -57.70 -63.03
C ASP G 900 12.99 -56.58 -62.83
N LEU G 901 14.15 -56.90 -62.26
CA LEU G 901 15.18 -55.89 -62.07
C LEU G 901 15.71 -55.38 -63.40
N GLY G 902 15.86 -56.26 -64.39
CA GLY G 902 16.29 -55.83 -65.71
C GLY G 902 15.30 -54.88 -66.36
N ALA G 903 14.00 -55.20 -66.26
CA ALA G 903 12.99 -54.29 -66.78
C ALA G 903 13.03 -52.96 -66.05
N PHE G 904 13.21 -53.00 -64.72
CA PHE G 904 13.28 -51.77 -63.94
C PHE G 904 14.43 -50.89 -64.40
N THR G 905 15.63 -51.46 -64.52
CA THR G 905 16.77 -50.63 -64.92
C THR G 905 16.66 -50.17 -66.36
N GLU G 906 16.10 -51.02 -67.24
CA GLU G 906 15.92 -50.62 -68.63
C GLU G 906 14.96 -49.44 -68.73
N SER G 907 13.87 -49.47 -67.96
CA SER G 907 12.98 -48.31 -67.92
C SER G 907 13.67 -47.10 -67.32
N MET G 908 14.45 -47.31 -66.25
CA MET G 908 15.03 -46.18 -65.53
C MET G 908 16.05 -45.44 -66.40
N VAL G 909 16.88 -46.17 -67.14
CA VAL G 909 18.02 -45.54 -67.82
C VAL G 909 17.54 -44.59 -68.91
N VAL G 910 16.52 -44.97 -69.67
CA VAL G 910 16.09 -44.22 -70.84
C VAL G 910 14.77 -43.50 -70.62
N PHE G 911 13.76 -44.19 -70.07
CA PHE G 911 12.46 -43.55 -69.89
C PHE G 911 12.52 -42.45 -68.84
N GLY G 912 13.33 -42.62 -67.80
CA GLY G 912 13.41 -41.63 -66.75
C GLY G 912 12.13 -41.58 -65.93
N CYS G 913 11.88 -40.40 -65.35
CA CYS G 913 10.68 -40.18 -64.57
C CYS G 913 10.35 -38.71 -64.59
N PRO G 914 9.07 -38.33 -64.76
CA PRO G 914 8.73 -36.90 -64.82
C PRO G 914 8.86 -36.22 -63.48
N ASN G 915 9.87 -35.36 -63.34
CA ASN G 915 10.09 -34.63 -62.09
C ASN G 915 10.41 -33.17 -62.39
N LYS H 1 -47.16 -28.66 23.16
CA LYS H 1 -46.64 -29.97 22.80
C LYS H 1 -47.68 -31.05 23.07
N ILE H 2 -47.72 -31.54 24.31
CA ILE H 2 -48.71 -32.53 24.73
C ILE H 2 -48.88 -32.43 26.23
N VAL H 3 -50.01 -32.93 26.73
CA VAL H 3 -50.33 -32.97 28.15
C VAL H 3 -50.33 -34.42 28.59
N LEU H 4 -49.74 -34.68 29.75
CA LEU H 4 -49.64 -36.04 30.26
C LEU H 4 -49.73 -35.98 31.79
N ASP H 5 -50.81 -36.54 32.33
CA ASP H 5 -51.00 -36.54 33.78
C ASP H 5 -51.91 -37.72 34.14
N PRO H 6 -51.46 -38.60 35.04
CA PRO H 6 -52.35 -39.69 35.47
C PRO H 6 -53.61 -39.22 36.18
N SER H 7 -53.61 -38.00 36.73
CA SER H 7 -54.77 -37.46 37.44
C SER H 7 -55.77 -36.80 36.51
N GLY H 8 -55.80 -37.18 35.23
CA GLY H 8 -56.74 -36.61 34.30
C GLY H 8 -57.29 -37.67 33.35
N SER H 9 -58.43 -37.35 32.75
CA SER H 9 -59.07 -38.23 31.78
C SER H 9 -58.60 -37.81 30.39
N MET H 10 -57.66 -38.57 29.83
CA MET H 10 -57.11 -38.29 28.52
C MET H 10 -57.77 -39.17 27.47
N ASN H 11 -57.84 -38.66 26.25
CA ASN H 11 -58.39 -39.41 25.12
C ASN H 11 -57.39 -39.43 23.98
N ILE H 12 -57.03 -40.63 23.54
CA ILE H 12 -56.14 -40.81 22.39
C ILE H 12 -56.89 -41.64 21.37
N TYR H 13 -57.02 -41.12 20.15
CA TYR H 13 -57.80 -41.76 19.10
C TYR H 13 -56.86 -42.17 17.98
N LEU H 14 -56.87 -43.45 17.61
CA LEU H 14 -55.99 -44.00 16.59
C LEU H 14 -56.80 -44.26 15.33
N VAL H 15 -56.39 -43.63 14.23
CA VAL H 15 -57.03 -43.84 12.93
C VAL H 15 -55.94 -44.07 11.88
N LEU H 16 -56.19 -45.03 11.01
CA LEU H 16 -55.25 -45.37 9.95
C LEU H 16 -56.02 -45.62 8.66
N ASP H 17 -55.34 -45.41 7.53
CA ASP H 17 -55.97 -45.61 6.23
C ASP H 17 -55.95 -47.08 5.85
N GLY H 18 -56.97 -47.49 5.10
CA GLY H 18 -57.06 -48.83 4.56
C GLY H 18 -56.99 -48.92 3.05
N SER H 19 -56.57 -47.87 2.37
CA SER H 19 -56.53 -47.87 0.91
C SER H 19 -55.44 -48.78 0.38
N ASP H 20 -55.61 -49.22 -0.86
CA ASP H 20 -54.57 -50.01 -1.53
C ASP H 20 -53.39 -49.12 -1.91
N SER H 21 -53.59 -47.80 -1.97
CA SER H 21 -52.52 -46.90 -2.38
C SER H 21 -51.34 -46.95 -1.43
N ILE H 22 -51.60 -47.01 -0.12
CA ILE H 22 -50.51 -47.07 0.84
C ILE H 22 -49.75 -48.38 0.73
N GLY H 23 -50.44 -49.48 0.42
CA GLY H 23 -49.79 -50.76 0.27
C GLY H 23 -49.41 -51.41 1.59
N ALA H 24 -49.31 -52.74 1.59
CA ALA H 24 -48.97 -53.48 2.80
C ALA H 24 -47.48 -53.46 3.10
N SER H 25 -46.65 -52.97 2.19
CA SER H 25 -45.21 -52.91 2.44
C SER H 25 -44.90 -52.00 3.61
N ASN H 26 -45.56 -50.85 3.69
CA ASN H 26 -45.38 -49.92 4.80
C ASN H 26 -46.50 -49.97 5.82
N PHE H 27 -47.63 -50.60 5.48
CA PHE H 27 -48.74 -50.70 6.43
C PHE H 27 -48.41 -51.60 7.61
N THR H 28 -47.48 -52.53 7.45
CA THR H 28 -47.06 -53.35 8.58
C THR H 28 -46.42 -52.50 9.68
N GLY H 29 -45.63 -51.50 9.28
CA GLY H 29 -45.02 -50.61 10.24
C GLY H 29 -46.02 -49.76 11.01
N ALA H 30 -47.26 -49.67 10.53
CA ALA H 30 -48.28 -48.91 11.25
C ALA H 30 -48.55 -49.51 12.61
N LYS H 31 -48.64 -50.85 12.69
CA LYS H 31 -48.90 -51.49 13.97
C LYS H 31 -47.74 -51.31 14.93
N LYS H 32 -46.50 -51.41 14.43
CA LYS H 32 -45.34 -51.37 15.31
C LYS H 32 -45.24 -50.04 16.05
N CYS H 33 -45.39 -48.92 15.34
CA CYS H 33 -45.30 -47.62 15.99
C CYS H 33 -46.44 -47.43 16.99
N LEU H 34 -47.64 -47.88 16.63
CA LEU H 34 -48.78 -47.69 17.52
C LEU H 34 -48.66 -48.54 18.78
N VAL H 35 -48.14 -49.77 18.66
CA VAL H 35 -47.96 -50.61 19.83
C VAL H 35 -46.95 -49.98 20.78
N ASN H 36 -45.83 -49.50 20.26
CA ASN H 36 -44.83 -48.85 21.10
C ASN H 36 -45.38 -47.56 21.70
N LEU H 37 -46.11 -46.77 20.90
CA LEU H 37 -46.67 -45.52 21.41
C LEU H 37 -47.68 -45.78 22.52
N ILE H 38 -48.54 -46.78 22.33
CA ILE H 38 -49.54 -47.11 23.36
C ILE H 38 -48.84 -47.61 24.62
N GLU H 39 -47.84 -48.47 24.47
CA GLU H 39 -47.14 -49.00 25.63
C GLU H 39 -46.32 -47.94 26.34
N LYS H 40 -45.76 -47.00 25.57
CA LYS H 40 -44.87 -46.00 26.16
C LYS H 40 -45.64 -45.05 27.08
N VAL H 41 -46.76 -44.51 26.60
CA VAL H 41 -47.51 -43.55 27.41
C VAL H 41 -48.15 -44.25 28.60
N ALA H 42 -48.63 -45.48 28.41
CA ALA H 42 -49.22 -46.23 29.51
C ALA H 42 -48.19 -46.65 30.54
N SER H 43 -46.90 -46.61 30.19
CA SER H 43 -45.85 -46.98 31.13
C SER H 43 -45.69 -45.96 32.25
N TYR H 44 -46.31 -44.80 32.14
CA TYR H 44 -46.26 -43.77 33.17
C TYR H 44 -47.40 -43.87 34.17
N GLY H 45 -48.23 -44.91 34.08
CA GLY H 45 -49.36 -45.08 34.95
C GLY H 45 -50.64 -44.44 34.47
N VAL H 46 -50.61 -43.74 33.33
CA VAL H 46 -51.81 -43.11 32.79
C VAL H 46 -52.62 -44.14 32.03
N LYS H 47 -53.94 -44.05 32.12
CA LYS H 47 -54.85 -44.97 31.44
C LYS H 47 -55.85 -44.14 30.63
N PRO H 48 -55.40 -43.54 29.53
CA PRO H 48 -56.33 -42.76 28.70
C PRO H 48 -57.31 -43.65 27.97
N ARG H 49 -58.47 -43.08 27.64
CA ARG H 49 -59.46 -43.78 26.85
C ARG H 49 -59.03 -43.79 25.39
N TYR H 50 -58.92 -44.98 24.81
CA TYR H 50 -58.36 -45.14 23.47
C TYR H 50 -59.50 -45.32 22.46
N GLY H 51 -59.11 -45.61 21.22
CA GLY H 51 -60.06 -45.84 20.15
C GLY H 51 -59.38 -46.14 18.84
N LEU H 52 -59.85 -47.16 18.12
CA LEU H 52 -59.27 -47.59 16.87
C LEU H 52 -60.31 -47.52 15.78
N VAL H 53 -60.00 -46.82 14.69
CA VAL H 53 -60.88 -46.70 13.54
C VAL H 53 -60.01 -46.79 12.28
N THR H 54 -60.20 -47.84 11.49
CA THR H 54 -59.50 -48.01 10.23
C THR H 54 -60.47 -47.78 9.08
N TYR H 55 -60.04 -47.00 8.09
CA TYR H 55 -60.91 -46.51 7.05
C TYR H 55 -60.29 -46.69 5.68
N ALA H 56 -61.10 -47.11 4.71
CA ALA H 56 -60.78 -46.88 3.30
C ALA H 56 -61.85 -46.03 2.63
N THR H 57 -63.10 -46.48 2.62
CA THR H 57 -64.23 -45.68 2.16
C THR H 57 -65.27 -45.49 3.24
N TYR H 58 -65.74 -46.59 3.85
CA TYR H 58 -66.62 -46.51 5.00
C TYR H 58 -65.82 -46.89 6.25
N PRO H 59 -65.60 -45.98 7.19
CA PRO H 59 -64.71 -46.26 8.32
C PRO H 59 -65.33 -47.29 9.27
N LYS H 60 -64.64 -48.42 9.43
CA LYS H 60 -65.06 -49.42 10.40
C LYS H 60 -64.55 -49.03 11.79
N ILE H 61 -65.42 -49.18 12.79
CA ILE H 61 -65.13 -48.79 14.16
C ILE H 61 -64.84 -50.05 14.97
N TRP H 62 -63.64 -50.14 15.52
CA TRP H 62 -63.26 -51.25 16.39
C TRP H 62 -63.47 -50.91 17.86
N VAL H 63 -62.82 -49.85 18.34
CA VAL H 63 -62.88 -49.44 19.74
C VAL H 63 -63.36 -48.00 19.79
N LYS H 64 -64.35 -47.74 20.63
CA LYS H 64 -64.88 -46.40 20.84
C LYS H 64 -64.69 -46.01 22.31
N VAL H 65 -64.81 -44.71 22.56
CA VAL H 65 -64.62 -44.20 23.92
C VAL H 65 -65.76 -44.59 24.84
N SER H 66 -66.90 -45.00 24.27
CA SER H 66 -68.05 -45.34 25.10
C SER H 66 -67.77 -46.57 25.98
N GLU H 67 -67.09 -47.57 25.43
CA GLU H 67 -66.81 -48.78 26.19
C GLU H 67 -65.89 -48.48 27.36
N ALA H 68 -66.21 -49.08 28.51
CA ALA H 68 -65.39 -48.89 29.70
C ALA H 68 -64.07 -49.65 29.62
N ASP H 69 -63.95 -50.61 28.72
CA ASP H 69 -62.73 -51.38 28.56
C ASP H 69 -61.68 -50.65 27.72
N SER H 70 -62.03 -49.51 27.12
CA SER H 70 -61.08 -48.78 26.29
C SER H 70 -59.89 -48.29 27.10
N SER H 71 -60.08 -48.05 28.40
CA SER H 71 -58.98 -47.59 29.24
C SER H 71 -57.91 -48.65 29.44
N ASN H 72 -58.23 -49.91 29.18
CA ASN H 72 -57.26 -51.00 29.33
C ASN H 72 -56.25 -50.95 28.19
N ALA H 73 -55.00 -50.63 28.52
CA ALA H 73 -53.95 -50.60 27.50
C ALA H 73 -53.70 -51.97 26.92
N ASP H 74 -53.76 -53.02 27.75
CA ASP H 74 -53.54 -54.37 27.26
C ASP H 74 -54.64 -54.79 26.28
N TRP H 75 -55.88 -54.41 26.57
CA TRP H 75 -56.99 -54.79 25.69
C TRP H 75 -56.83 -54.16 24.31
N VAL H 76 -56.42 -52.89 24.25
CA VAL H 76 -56.25 -52.22 22.97
C VAL H 76 -55.10 -52.86 22.19
N THR H 77 -54.05 -53.31 22.88
CA THR H 77 -52.88 -53.85 22.20
C THR H 77 -53.24 -55.07 21.35
N LYS H 78 -54.04 -55.98 21.88
CA LYS H 78 -54.45 -57.15 21.11
C LYS H 78 -55.42 -56.76 20.00
N GLN H 79 -56.16 -55.66 20.19
CA GLN H 79 -57.05 -55.19 19.13
C GLN H 79 -56.27 -54.68 17.93
N LEU H 80 -55.05 -54.17 18.16
CA LEU H 80 -54.24 -53.68 17.05
C LEU H 80 -53.90 -54.78 16.07
N ASN H 81 -53.46 -55.94 16.59
CA ASN H 81 -53.12 -57.06 15.73
C ASN H 81 -54.36 -57.74 15.16
N GLU H 82 -55.54 -57.47 15.73
CA GLU H 82 -56.77 -58.06 15.21
C GLU H 82 -57.05 -57.56 13.80
N ILE H 83 -56.86 -56.26 13.55
CA ILE H 83 -57.10 -55.72 12.22
C ILE H 83 -55.96 -56.11 11.30
N ASN H 84 -56.26 -56.18 10.00
CA ASN H 84 -55.28 -56.57 9.00
C ASN H 84 -55.47 -55.71 7.75
N TYR H 85 -54.43 -55.72 6.91
CA TYR H 85 -54.48 -54.94 5.67
C TYR H 85 -55.54 -55.47 4.72
N GLU H 86 -55.90 -56.74 4.83
CA GLU H 86 -56.88 -57.34 3.93
C GLU H 86 -58.32 -57.11 4.35
N ASP H 87 -58.55 -56.43 5.48
CA ASP H 87 -59.91 -56.16 5.91
C ASP H 87 -60.65 -55.29 4.90
N HIS H 88 -59.98 -54.25 4.38
CA HIS H 88 -60.56 -53.36 3.38
C HIS H 88 -60.10 -53.82 2.00
N LYS H 89 -60.69 -54.91 1.53
CA LYS H 89 -60.36 -55.49 0.25
C LYS H 89 -61.36 -55.13 -0.85
N LEU H 90 -62.66 -55.19 -0.56
CA LEU H 90 -63.64 -54.83 -1.57
C LEU H 90 -63.64 -53.33 -1.85
N LYS H 91 -63.35 -52.51 -0.85
CA LYS H 91 -63.27 -51.07 -1.00
C LYS H 91 -61.82 -50.63 -0.85
N SER H 92 -61.32 -49.87 -1.84
CA SER H 92 -59.96 -49.39 -1.86
C SER H 92 -59.90 -47.87 -1.95
N GLY H 93 -60.93 -47.20 -1.44
CA GLY H 93 -60.96 -45.76 -1.49
C GLY H 93 -60.11 -45.12 -0.41
N THR H 94 -60.06 -43.80 -0.43
CA THR H 94 -59.32 -43.00 0.54
C THR H 94 -60.20 -41.84 1.03
N ASN H 95 -61.44 -42.17 1.40
CA ASN H 95 -62.44 -41.17 1.75
C ASN H 95 -62.11 -40.58 3.11
N THR H 96 -61.30 -39.52 3.10
CA THR H 96 -60.95 -38.84 4.34
C THR H 96 -62.14 -38.10 4.93
N LYS H 97 -63.07 -37.64 4.08
CA LYS H 97 -64.20 -36.87 4.57
C LYS H 97 -65.04 -37.67 5.56
N LYS H 98 -65.44 -38.88 5.19
CA LYS H 98 -66.18 -39.72 6.11
C LYS H 98 -65.28 -40.35 7.17
N ALA H 99 -63.98 -40.38 6.95
CA ALA H 99 -63.06 -40.96 7.93
C ALA H 99 -63.14 -40.21 9.25
N LEU H 100 -63.02 -38.89 9.21
CA LEU H 100 -63.15 -38.09 10.40
C LEU H 100 -64.61 -37.84 10.77
N GLN H 101 -65.54 -38.11 9.86
CA GLN H 101 -66.96 -37.98 10.18
C GLN H 101 -67.35 -38.97 11.28
N ALA H 102 -66.84 -40.20 11.21
CA ALA H 102 -67.04 -41.14 12.30
C ALA H 102 -66.36 -40.65 13.56
N VAL H 103 -65.18 -40.04 13.42
CA VAL H 103 -64.52 -39.44 14.58
C VAL H 103 -65.33 -38.27 15.11
N TYR H 104 -65.99 -37.54 14.21
CA TYR H 104 -66.92 -36.50 14.64
C TYR H 104 -68.04 -37.08 15.50
N SER H 105 -68.52 -38.27 15.14
CA SER H 105 -69.55 -38.93 15.94
C SER H 105 -69.02 -39.32 17.32
N MET H 106 -67.70 -39.52 17.45
CA MET H 106 -67.14 -39.82 18.76
C MET H 106 -67.27 -38.63 19.71
N MET H 107 -67.18 -37.42 19.18
CA MET H 107 -67.35 -36.21 19.99
C MET H 107 -68.79 -36.01 20.47
N SER H 108 -69.74 -36.78 19.94
CA SER H 108 -71.13 -36.61 20.31
C SER H 108 -71.36 -36.98 21.77
N TRP H 109 -72.09 -36.12 22.49
CA TRP H 109 -72.38 -36.34 23.89
C TRP H 109 -73.84 -36.70 24.11
N GLY H 117 -67.70 -32.23 32.98
CA GLY H 117 -66.34 -32.71 32.87
C GLY H 117 -65.83 -32.71 31.44
N TRP H 118 -66.75 -32.54 30.49
CA TRP H 118 -66.35 -32.50 29.09
C TRP H 118 -65.51 -31.27 28.79
N ASN H 119 -65.80 -30.15 29.45
CA ASN H 119 -65.04 -28.92 29.23
C ASN H 119 -63.61 -29.02 29.77
N ARG H 120 -63.35 -29.95 30.69
CA ARG H 120 -62.02 -30.14 31.26
C ARG H 120 -61.33 -31.39 30.73
N THR H 121 -61.86 -32.00 29.68
CA THR H 121 -61.31 -33.23 29.11
C THR H 121 -60.57 -32.87 27.82
N ARG H 122 -59.26 -33.05 27.82
CA ARG H 122 -58.46 -32.73 26.65
C ARG H 122 -58.41 -33.92 25.70
N HIS H 123 -58.39 -33.63 24.41
CA HIS H 123 -58.43 -34.65 23.37
C HIS H 123 -57.20 -34.53 22.46
N VAL H 124 -56.62 -35.67 22.11
CA VAL H 124 -55.50 -35.73 21.19
C VAL H 124 -55.83 -36.76 20.11
N ILE H 125 -55.61 -36.38 18.86
CA ILE H 125 -55.92 -37.23 17.72
C ILE H 125 -54.61 -37.51 16.98
N ILE H 126 -54.37 -38.77 16.67
CA ILE H 126 -53.24 -39.18 15.83
C ILE H 126 -53.81 -39.87 14.60
N LEU H 127 -53.28 -39.50 13.43
CA LEU H 127 -53.80 -39.96 12.15
C LEU H 127 -52.65 -40.39 11.27
N MET H 128 -52.95 -41.31 10.36
CA MET H 128 -51.98 -41.77 9.37
C MET H 128 -52.63 -41.79 8.00
N THR H 129 -52.03 -41.13 7.03
CA THR H 129 -52.49 -41.17 5.66
C THR H 129 -51.37 -40.71 4.75
N ASP H 130 -51.40 -41.19 3.50
CA ASP H 130 -50.44 -40.72 2.50
C ASP H 130 -50.77 -39.33 1.97
N GLY H 131 -51.94 -38.79 2.29
CA GLY H 131 -52.29 -37.44 1.90
C GLY H 131 -53.20 -37.37 0.69
N LEU H 132 -52.92 -38.17 -0.33
CA LEU H 132 -53.76 -38.19 -1.52
C LEU H 132 -55.09 -38.87 -1.20
N HIS H 133 -56.15 -38.37 -1.82
CA HIS H 133 -57.49 -38.90 -1.57
C HIS H 133 -58.40 -38.56 -2.73
N ASN H 134 -58.93 -39.58 -3.41
CA ASN H 134 -59.87 -39.35 -4.49
C ASN H 134 -61.28 -39.12 -3.96
N MET H 135 -61.83 -40.12 -3.27
CA MET H 135 -63.13 -39.94 -2.64
C MET H 135 -63.02 -39.02 -1.44
N GLY H 136 -64.03 -38.19 -1.25
CA GLY H 136 -64.01 -37.21 -0.18
C GLY H 136 -63.25 -35.96 -0.55
N GLY H 137 -63.57 -34.89 0.15
CA GLY H 137 -62.96 -33.60 -0.07
C GLY H 137 -61.88 -33.29 0.95
N ASP H 138 -61.60 -32.01 1.12
CA ASP H 138 -60.60 -31.58 2.09
C ASP H 138 -61.08 -31.91 3.51
N PRO H 139 -60.17 -32.30 4.40
CA PRO H 139 -60.58 -32.59 5.77
C PRO H 139 -60.58 -31.40 6.71
N ILE H 140 -60.28 -30.19 6.21
CA ILE H 140 -60.33 -28.99 7.04
C ILE H 140 -61.77 -28.69 7.44
N THR H 141 -62.74 -29.03 6.58
CA THR H 141 -64.14 -28.80 6.91
C THR H 141 -64.55 -29.58 8.14
N VAL H 142 -64.12 -30.85 8.24
CA VAL H 142 -64.47 -31.66 9.40
C VAL H 142 -63.74 -31.13 10.64
N ILE H 143 -62.51 -30.67 10.48
CA ILE H 143 -61.75 -30.16 11.61
C ILE H 143 -62.44 -28.94 12.22
N ASP H 144 -62.97 -28.06 11.37
CA ASP H 144 -63.66 -26.87 11.88
C ASP H 144 -64.86 -27.24 12.72
N GLU H 145 -65.64 -28.24 12.29
CA GLU H 145 -66.77 -28.69 13.09
C GLU H 145 -66.30 -29.30 14.40
N ILE H 146 -65.21 -30.08 14.35
CA ILE H 146 -64.65 -30.66 15.57
C ILE H 146 -64.09 -29.55 16.47
N ARG H 147 -63.45 -28.55 15.87
CA ARG H 147 -62.87 -27.46 16.65
C ARG H 147 -63.94 -26.69 17.40
N ASP H 148 -65.08 -26.41 16.75
CA ASP H 148 -66.14 -25.66 17.40
C ASP H 148 -66.89 -26.48 18.44
N LEU H 149 -66.78 -27.81 18.39
CA LEU H 149 -67.50 -28.65 19.34
C LEU H 149 -66.94 -28.49 20.76
N LEU H 150 -65.63 -28.28 20.87
CA LEU H 150 -64.98 -28.08 22.16
C LEU H 150 -64.89 -26.62 22.55
N TYR H 151 -65.53 -25.73 21.79
CA TYR H 151 -65.49 -24.29 22.04
C TYR H 151 -64.06 -23.76 21.97
N ILE H 152 -63.42 -24.01 20.82
CA ILE H 152 -62.04 -23.62 20.57
C ILE H 152 -62.05 -22.44 19.61
N GLY H 153 -61.28 -21.41 19.94
CA GLY H 153 -61.26 -20.19 19.15
C GLY H 153 -62.57 -19.43 19.18
N LYS H 154 -63.20 -19.35 20.35
CA LYS H 154 -64.44 -18.62 20.51
C LYS H 154 -64.40 -17.56 21.61
N ASP H 155 -63.43 -17.61 22.51
CA ASP H 155 -63.32 -16.65 23.61
C ASP H 155 -61.96 -15.96 23.53
N ARG H 156 -61.98 -14.63 23.66
CA ARG H 156 -60.74 -13.87 23.58
C ARG H 156 -59.87 -14.04 24.82
N LYS H 157 -60.43 -14.55 25.92
CA LYS H 157 -59.69 -14.76 27.15
C LYS H 157 -59.44 -16.23 27.47
N ASN H 158 -60.26 -17.14 26.96
CA ASN H 158 -60.13 -18.57 27.20
C ASN H 158 -60.17 -19.29 25.86
N PRO H 159 -59.06 -19.30 25.12
CA PRO H 159 -59.07 -19.96 23.80
C PRO H 159 -59.10 -21.47 23.87
N ARG H 160 -58.52 -22.06 24.93
CA ARG H 160 -58.48 -23.51 25.11
C ARG H 160 -57.82 -24.21 23.94
N GLU H 161 -56.79 -23.59 23.35
CA GLU H 161 -56.11 -24.18 22.21
C GLU H 161 -55.35 -25.45 22.57
N ASP H 162 -54.96 -25.61 23.83
CA ASP H 162 -54.22 -26.80 24.25
C ASP H 162 -55.13 -27.99 24.50
N TYR H 163 -56.46 -27.80 24.46
CA TYR H 163 -57.37 -28.92 24.69
C TYR H 163 -57.32 -29.93 23.54
N LEU H 164 -57.18 -29.46 22.30
CA LEU H 164 -57.18 -30.32 21.13
C LEU H 164 -55.82 -30.22 20.44
N ASP H 165 -55.22 -31.38 20.17
CA ASP H 165 -53.94 -31.46 19.46
C ASP H 165 -54.02 -32.63 18.50
N VAL H 166 -53.95 -32.36 17.20
CA VAL H 166 -54.06 -33.36 16.16
C VAL H 166 -52.69 -33.62 15.56
N TYR H 167 -52.36 -34.88 15.34
CA TYR H 167 -51.10 -35.28 14.76
C TYR H 167 -51.36 -36.20 13.57
N VAL H 168 -50.48 -36.11 12.56
CA VAL H 168 -50.58 -36.97 11.39
C VAL H 168 -49.21 -37.55 11.08
N PHE H 169 -49.21 -38.77 10.55
CA PHE H 169 -48.00 -39.46 10.13
C PHE H 169 -48.05 -39.68 8.63
N GLY H 170 -46.97 -39.34 7.93
CA GLY H 170 -46.91 -39.49 6.50
C GLY H 170 -46.39 -40.83 6.05
N VAL H 171 -47.14 -41.89 6.34
CA VAL H 171 -46.74 -43.24 5.98
C VAL H 171 -47.22 -43.54 4.57
N GLY H 172 -46.28 -43.92 3.70
CA GLY H 172 -46.60 -44.22 2.32
C GLY H 172 -45.46 -43.89 1.39
N PRO H 173 -45.48 -44.47 0.19
CA PRO H 173 -44.42 -44.18 -0.79
C PRO H 173 -44.54 -42.85 -1.53
N LEU H 174 -45.73 -42.49 -1.99
CA LEU H 174 -45.97 -41.21 -2.65
C LEU H 174 -46.88 -40.40 -1.74
N VAL H 175 -46.33 -39.35 -1.14
CA VAL H 175 -47.04 -38.54 -0.15
C VAL H 175 -47.21 -37.14 -0.70
N ASN H 176 -48.39 -36.57 -0.49
CA ASN H 176 -48.68 -35.19 -0.91
C ASN H 176 -48.34 -34.26 0.24
N GLN H 177 -47.27 -33.48 0.07
CA GLN H 177 -46.83 -32.58 1.13
C GLN H 177 -47.71 -31.35 1.26
N VAL H 178 -48.58 -31.09 0.29
CA VAL H 178 -49.41 -29.89 0.34
C VAL H 178 -50.47 -30.01 1.44
N ASN H 179 -51.16 -31.14 1.50
CA ASN H 179 -52.30 -31.29 2.38
C ASN H 179 -51.98 -31.95 3.71
N ILE H 180 -50.87 -32.68 3.80
CA ILE H 180 -50.49 -33.29 5.08
C ILE H 180 -50.22 -32.21 6.11
N ASN H 181 -49.48 -31.17 5.72
CA ASN H 181 -49.23 -30.05 6.63
C ASN H 181 -50.50 -29.29 6.94
N ALA H 182 -51.38 -29.14 5.94
CA ALA H 182 -52.63 -28.40 6.16
C ALA H 182 -53.52 -29.12 7.17
N LEU H 183 -53.63 -30.44 7.05
CA LEU H 183 -54.49 -31.21 7.95
C LEU H 183 -54.01 -31.10 9.38
N ALA H 184 -52.70 -31.20 9.59
CA ALA H 184 -52.15 -31.15 10.93
C ALA H 184 -52.26 -29.74 11.50
N SER H 185 -52.44 -29.66 12.81
CA SER H 185 -52.45 -28.37 13.47
C SER H 185 -51.06 -27.73 13.40
N LYS H 186 -51.05 -26.40 13.32
CA LYS H 186 -49.81 -25.63 13.29
C LYS H 186 -49.84 -24.67 14.47
N LYS H 187 -49.43 -25.16 15.63
CA LYS H 187 -49.40 -24.36 16.84
C LYS H 187 -48.04 -23.67 16.97
N ASP H 188 -47.77 -23.11 18.14
CA ASP H 188 -46.50 -22.44 18.40
C ASP H 188 -45.52 -23.42 19.02
N ASN H 189 -44.39 -23.64 18.34
CA ASN H 189 -43.31 -24.49 18.84
C ASN H 189 -43.79 -25.92 19.10
N GLU H 190 -44.29 -26.54 18.03
CA GLU H 190 -44.76 -27.92 18.12
C GLU H 190 -44.71 -28.55 16.73
N GLN H 191 -44.71 -29.88 16.72
CA GLN H 191 -44.70 -30.67 15.50
C GLN H 191 -45.90 -31.61 15.47
N HIS H 192 -46.41 -31.86 14.27
CA HIS H 192 -47.57 -32.73 14.12
C HIS H 192 -47.48 -33.58 12.86
N VAL H 193 -46.32 -33.66 12.23
CA VAL H 193 -46.13 -34.37 10.98
C VAL H 193 -44.84 -35.18 11.06
N PHE H 194 -44.88 -36.41 10.54
CA PHE H 194 -43.74 -37.31 10.61
C PHE H 194 -43.75 -38.25 9.41
N LYS H 195 -42.62 -38.93 9.20
CA LYS H 195 -42.39 -39.76 8.03
C LYS H 195 -42.31 -41.24 8.37
N VAL H 196 -42.15 -42.04 7.32
CA VAL H 196 -41.95 -43.48 7.46
C VAL H 196 -40.61 -43.76 8.12
N LYS H 197 -39.64 -42.86 7.94
CA LYS H 197 -38.32 -43.05 8.53
C LYS H 197 -38.36 -43.12 10.04
N ASP H 198 -39.45 -42.68 10.66
CA ASP H 198 -39.64 -42.85 12.10
C ASP H 198 -39.87 -44.29 12.51
N MET H 199 -40.10 -45.20 11.54
CA MET H 199 -40.35 -46.59 11.87
C MET H 199 -39.14 -47.20 12.59
N GLU H 200 -37.95 -46.96 12.07
CA GLU H 200 -36.73 -47.31 12.80
C GLU H 200 -36.50 -46.26 13.88
N ASN H 201 -35.73 -46.66 14.91
CA ASN H 201 -35.38 -45.81 16.06
C ASN H 201 -36.57 -44.95 16.51
N LEU H 202 -37.65 -45.65 16.87
CA LEU H 202 -38.92 -45.00 17.20
C LEU H 202 -38.80 -44.03 18.35
N GLU H 203 -37.77 -44.16 19.20
CA GLU H 203 -37.64 -43.27 20.35
C GLU H 203 -37.36 -41.83 19.95
N ASP H 204 -36.92 -41.60 18.71
CA ASP H 204 -36.59 -40.24 18.29
C ASP H 204 -37.84 -39.36 18.22
N VAL H 205 -38.89 -39.84 17.55
CA VAL H 205 -40.12 -39.06 17.45
C VAL H 205 -40.81 -38.95 18.80
N PHE H 206 -40.63 -39.96 19.66
CA PHE H 206 -41.34 -39.99 20.93
C PHE H 206 -40.94 -38.84 21.83
N TYR H 207 -39.69 -38.37 21.72
CA TYR H 207 -39.24 -37.29 22.58
C TYR H 207 -40.04 -36.03 22.36
N GLN H 208 -40.29 -35.68 21.10
CA GLN H 208 -41.16 -34.55 20.80
C GLN H 208 -42.63 -34.90 21.02
N MET H 209 -42.98 -36.18 20.93
CA MET H 209 -44.36 -36.60 21.14
C MET H 209 -44.78 -36.44 22.59
N ILE H 210 -43.90 -36.78 23.53
CA ILE H 210 -44.25 -36.83 24.95
C ILE H 210 -43.29 -35.94 25.72
N ASP H 211 -43.83 -35.10 26.59
CA ASP H 211 -43.05 -34.25 27.47
C ASP H 211 -43.41 -34.56 28.93
N GLU H 212 -42.65 -33.97 29.84
CA GLU H 212 -42.86 -34.16 31.28
C GLU H 212 -43.11 -32.79 31.91
N SER H 213 -44.37 -32.35 31.86
CA SER H 213 -44.75 -31.11 32.53
C SER H 213 -44.86 -31.29 34.04
N GLN H 214 -45.37 -32.45 34.47
CA GLN H 214 -45.50 -32.77 35.88
C GLN H 214 -45.08 -34.20 36.20
N SER H 215 -44.47 -34.89 35.24
CA SER H 215 -44.07 -36.29 35.40
C SER H 215 -42.64 -36.44 35.93
N LEU H 216 -41.98 -35.33 36.28
CA LEU H 216 -40.60 -35.42 36.76
C LEU H 216 -40.54 -36.18 38.08
N SER H 217 -41.54 -36.02 38.94
CA SER H 217 -41.57 -36.69 40.23
C SER H 217 -42.09 -38.13 40.16
N LEU H 218 -42.44 -38.61 38.97
CA LEU H 218 -42.94 -39.97 38.81
C LEU H 218 -41.77 -40.95 38.84
N CYS H 219 -42.03 -42.20 38.49
CA CYS H 219 -41.00 -43.24 38.50
C CYS H 219 -41.10 -44.09 37.25
N GLY H 220 -39.96 -44.65 36.84
CA GLY H 220 -39.90 -45.54 35.71
C GLY H 220 -39.87 -44.86 34.35
N MET H 221 -38.84 -44.05 34.11
CA MET H 221 -38.67 -43.39 32.82
C MET H 221 -37.24 -43.56 32.34
N VAL H 222 -37.09 -43.66 31.02
CA VAL H 222 -35.79 -43.77 30.38
C VAL H 222 -35.95 -43.41 28.90
N TRP H 223 -34.97 -42.68 28.38
CA TRP H 223 -34.97 -42.25 26.99
C TRP H 223 -33.87 -42.97 26.22
N GLU H 224 -34.15 -43.31 24.96
CA GLU H 224 -33.16 -44.01 24.15
C GLU H 224 -32.97 -43.38 22.78
N HIS H 225 -33.22 -42.08 22.64
CA HIS H 225 -33.00 -41.43 21.36
C HIS H 225 -31.52 -41.38 21.03
N ARG H 226 -31.20 -41.63 19.75
CA ARG H 226 -29.81 -41.77 19.34
C ARG H 226 -29.02 -40.48 19.55
N LYS H 227 -29.64 -39.33 19.22
CA LYS H 227 -28.91 -38.07 19.26
C LYS H 227 -28.50 -37.69 20.68
N GLY H 228 -29.21 -38.19 21.69
CA GLY H 228 -28.88 -37.88 23.07
C GLY H 228 -27.72 -38.69 23.61
#